data_8XCG
#
_entry.id   8XCG
#
_cell.length_a   1.00
_cell.length_b   1.00
_cell.length_c   1.00
_cell.angle_alpha   90.00
_cell.angle_beta   90.00
_cell.angle_gamma   90.00
#
_symmetry.space_group_name_H-M   'P 1'
#
loop_
_entity.id
_entity.type
_entity.pdbx_description
1 polymer 'Tail tip protein M'
2 polymer 'Tip attachment protein J'
3 polymer 'Tail tip assembly protein I'
4 polymer 'Tail tip protein L'
5 non-polymer 'IRON/SULFUR CLUSTER'
#
loop_
_entity_poly.entity_id
_entity_poly.type
_entity_poly.pdbx_seq_one_letter_code
_entity_poly.pdbx_strand_id
1 'polypeptide(L)'
;MKTFRWKVKPGMDVASVPSVRKVRFGDGYSQRAPAGLNANLKTYSVTLSVPREEATVLESFLEEHGGWKSFLWTPPYEWR
QIKVTCAKWSSRVSMLRVEFSAEFEQVVN
;
E,K,M,Y,e,m
2 'polypeptide(L)'
;MGKGSSKGHTPREAKDNLKSTQLLSVIDAISEGPIEGPVDGLKSVLLNSTPVLDTEGNTNISGVTVVFRAGEQEQTPPEG
FESSGSETVLGTEVKYDTPITRTITSANIDRLRFTFGVQALVETTSKGDRNPSEVRLLVQIQRNGGWVTEKDITIKGKTT
SQYLASVVMGNLPPRPFNIRMRRMTPDSTTDQLQNKTLWSSYTEIIDVKQCYPNTALVGVQVDSEQFGSQQVSRNYHLRG
RILQVPSNYNPQTRQYSGIWDGTFKPAYSNNMAWCLWDMLTHPRYGMGKRLGAADVDKWALYVIGQYCDQSVPDGFGGTE
PRITCNAYLTTQRKAWDVLSDFCSAMRCMPVWNGQTLTFVQDRPSDKTWTYNRSNVVMPDDGAPFRYSFSALKDRHNAVE
VNWIDPNNGWETATELVEDTQAIARYGRNVTKMDAFGCTSRGQAHRAGLWLIKTELLETQTVDFSVGAEGLRHVPGDVIE
ICDDDYAGISTGGRVLAVNSQTRTLTLDREITLPSSGTALISLVDGSGNPVSVEVQSVTDGVKVKVSRVPDGVAEYSVWE
LKLPTLRQRLFRCVSIRENDDGTYAITAVQHVPEKEAIVDNGAHFDGEQSGTVNGVTPPAVQHLTAEVTADSGEYQVLAR
WDTPKVVKGVSFLLRLTVTADDGSERLVSTARTTETTYRFTQLALGNYRLTVRAVNAWGQQGDPASVSFRIAAPAAPSRI
ELTPGYFQITATPHLAVYDPTVQFEFWFSEKQIADIRQVETSTRYLGTALYWIAASINIKPGHDYYFYIRSVNTVGKSAF
VEAVGRASDDAEGYLDFFKGKITESHLGKELLEKVELTEDNASRLEEFSKEWKDASDKWNAMWAVKIEQTKDGKHYVAGI
GLSMEDTEEGKLSQFLVAANRIAFIDPANGNETPMFVAQGNQIFMNDVFLKRLTAPTITSGGNPPAFSLTPDGKLTAKNA
DISGSVNANSGTLSNVTIAENCTINGTLRAEKIVGDIVKAASAAFPRQRESSVDWPSGTRTVTVTDDHPFDRQIVVLPLT
FRGSKRTVSGRTTYSMCYLKVLMNGAVIYDGAANEAVQVFSRIVDMPAGRGNVILTFTLTSTRHSADIPPYTFASDVQVM
VIKKQALGISVV
;
F,J,Z
3 'polypeptide(L)'
;MAATHTLPLASPGMARICLYGDLQRFGRRIDLRVKTGAEAIRALATQLPAFRQKLSDGWYQVRIAGRDVSTSGLTAQLHE
TLPDGAVIHIVPRVAGAKSGGVFQIVLGAAAIAGSFFTAGATLAAWGAAIGAGGMTGILFSLGASMVLGGVAQMLAPKAR
TPRIQTTDNGKQNTYFSSLDNMVAQGNVLPVLYGEMRVGSRVVSQEISTADEGDGGQVVVIGR
;
I,P,h
4 'polypeptide(L)'
;MQDIRQETLNECTRAEQSASVVLWEIDLTEVGGERYFFCNEQNEKGEPVTWQGRQYQPYPIQGSGFELNGKGTSTRPTLT
VSNLYGMVTGMAEDMQSLVGGTVVRRKVYARFLDAVNFVNGNSYADPEQEVISRWRIEQCSELSAVSASFVLSTPTETDG
AVFPGRIMLANTCTWTYRGDECGYSGPAVADEYDQPTSDITKDKCSKCLSGCKFRNNVGNFGGFLSINKLSQ
;
L,N,f
#
# COMPACT_ATOMS: atom_id res chain seq x y z
N MET A 1 40.76 12.18 43.86
CA MET A 1 41.48 11.09 44.58
C MET A 1 40.73 9.76 44.37
N LYS A 2 40.69 8.89 45.40
CA LYS A 2 40.02 7.57 45.34
C LYS A 2 39.07 7.39 46.53
N THR A 3 39.33 8.03 47.68
CA THR A 3 38.57 7.84 48.95
C THR A 3 37.92 9.17 49.39
N PHE A 4 36.66 9.11 49.84
CA PHE A 4 35.88 10.24 50.40
C PHE A 4 36.16 10.31 51.92
N ARG A 5 36.82 11.38 52.37
CA ARG A 5 37.36 11.53 53.77
C ARG A 5 36.43 12.39 54.63
N TRP A 6 35.53 13.18 54.03
CA TRP A 6 34.61 14.12 54.75
C TRP A 6 33.56 13.31 55.52
N LYS A 7 33.15 13.78 56.70
CA LYS A 7 32.21 13.09 57.64
C LYS A 7 30.80 13.66 57.44
N VAL A 8 29.78 12.79 57.41
CA VAL A 8 28.32 13.13 57.46
C VAL A 8 27.89 13.22 58.94
N LYS A 9 27.57 14.43 59.40
CA LYS A 9 27.28 14.69 60.84
C LYS A 9 25.86 14.26 61.21
N PRO A 10 24.79 14.49 60.40
CA PRO A 10 23.43 14.17 60.83
C PRO A 10 22.92 12.79 60.39
N GLY A 11 23.64 12.11 59.49
CA GLY A 11 23.19 10.89 58.79
C GLY A 11 22.68 11.19 57.38
N MET A 12 22.18 10.16 56.67
CA MET A 12 21.57 10.24 55.32
C MET A 12 20.31 9.35 55.29
N ASP A 13 19.69 9.18 54.11
CA ASP A 13 18.58 8.21 53.87
C ASP A 13 19.09 7.14 52.89
N VAL A 14 18.84 5.87 53.21
CA VAL A 14 19.28 4.69 52.40
C VAL A 14 18.06 3.94 51.87
N ALA A 15 17.82 3.97 50.56
CA ALA A 15 16.75 3.22 49.86
C ALA A 15 17.40 2.15 48.97
N SER A 16 16.96 0.90 49.09
CA SER A 16 17.56 -0.28 48.40
C SER A 16 16.79 -0.57 47.10
N VAL A 17 15.47 -0.82 47.20
CA VAL A 17 14.51 -1.09 46.07
C VAL A 17 15.23 -1.78 44.90
N PRO A 18 15.54 -3.10 45.01
CA PRO A 18 16.27 -3.82 43.96
C PRO A 18 15.46 -4.14 42.71
N SER A 19 16.16 -4.36 41.58
CA SER A 19 15.58 -4.72 40.26
C SER A 19 15.12 -6.17 40.28
N VAL A 20 13.81 -6.41 40.14
CA VAL A 20 13.20 -7.77 40.21
C VAL A 20 12.23 -7.94 39.04
N ARG A 21 12.47 -8.96 38.19
CA ARG A 21 11.53 -9.39 37.11
C ARG A 21 10.50 -10.32 37.76
N LYS A 22 9.23 -10.12 37.43
CA LYS A 22 8.10 -10.77 38.13
C LYS A 22 6.91 -10.89 37.18
N VAL A 23 6.21 -12.03 37.24
CA VAL A 23 5.10 -12.41 36.33
C VAL A 23 3.90 -12.73 37.20
N ARG A 24 2.78 -12.03 37.03
CA ARG A 24 1.53 -12.33 37.77
C ARG A 24 0.69 -13.33 36.96
N PHE A 25 0.58 -14.59 37.43
CA PHE A 25 -0.31 -15.64 36.87
C PHE A 25 -1.74 -15.44 37.36
N GLY A 26 -2.59 -16.47 37.24
CA GLY A 26 -4.03 -16.37 37.48
C GLY A 26 -4.39 -16.28 38.95
N ASP A 27 -4.74 -17.42 39.56
CA ASP A 27 -5.47 -17.48 40.86
C ASP A 27 -4.53 -17.13 42.01
N GLY A 28 -4.16 -15.86 42.12
CA GLY A 28 -3.24 -15.35 43.17
C GLY A 28 -1.78 -15.67 42.88
N TYR A 29 -1.45 -16.89 42.43
CA TYR A 29 -0.05 -17.40 42.27
C TYR A 29 0.75 -16.46 41.35
N SER A 30 2.07 -16.50 41.45
CA SER A 30 2.99 -15.60 40.72
C SER A 30 4.36 -16.27 40.54
N GLN A 31 5.37 -15.50 40.12
CA GLN A 31 6.75 -15.99 39.83
C GLN A 31 7.71 -14.80 39.87
N ARG A 32 8.83 -14.92 40.60
CA ARG A 32 9.81 -13.83 40.85
C ARG A 32 11.25 -14.36 40.70
N ALA A 33 12.16 -13.49 40.28
CA ALA A 33 13.59 -13.76 40.02
C ALA A 33 14.37 -12.46 40.17
N PRO A 34 15.67 -12.52 40.52
CA PRO A 34 16.45 -11.31 40.78
C PRO A 34 16.86 -10.44 39.57
N ALA A 35 16.29 -10.69 38.37
CA ALA A 35 16.49 -9.89 37.12
C ALA A 35 17.97 -9.91 36.69
N GLY A 36 18.85 -9.17 37.39
CA GLY A 36 20.30 -9.14 37.14
C GLY A 36 21.09 -9.99 38.12
N LEU A 37 22.42 -10.02 37.99
CA LEU A 37 23.33 -10.66 38.99
C LEU A 37 23.46 -9.74 40.22
N ASN A 38 23.44 -8.41 40.03
CA ASN A 38 23.68 -7.40 41.10
C ASN A 38 22.56 -6.36 41.10
N ALA A 39 21.37 -6.72 41.65
CA ALA A 39 20.11 -5.96 41.60
C ALA A 39 20.17 -4.70 42.51
N ASN A 40 20.21 -4.85 43.83
CA ASN A 40 20.23 -3.71 44.80
C ASN A 40 21.62 -3.05 44.82
N LEU A 41 21.65 -1.72 44.88
CA LEU A 41 22.89 -0.89 44.97
C LEU A 41 22.71 0.34 45.89
N LYS A 42 21.57 0.48 46.58
CA LYS A 42 21.45 1.24 47.85
C LYS A 42 21.84 2.72 47.65
N THR A 43 20.96 3.51 47.01
CA THR A 43 21.09 4.99 46.89
C THR A 43 21.15 5.64 48.29
N TYR A 44 22.09 6.58 48.48
CA TYR A 44 22.31 7.35 49.73
C TYR A 44 22.02 8.84 49.48
N SER A 45 21.05 9.44 50.19
CA SER A 45 20.72 10.89 50.16
C SER A 45 21.60 11.64 51.16
N VAL A 46 22.88 11.81 50.82
CA VAL A 46 23.97 12.33 51.70
C VAL A 46 23.76 13.84 51.88
N THR A 47 23.93 14.33 53.10
CA THR A 47 23.88 15.78 53.46
C THR A 47 25.17 16.14 54.22
N LEU A 48 25.94 17.10 53.69
CA LEU A 48 27.23 17.58 54.28
C LEU A 48 27.08 19.04 54.71
N SER A 49 27.63 19.39 55.88
CA SER A 49 27.80 20.77 56.40
C SER A 49 29.29 21.08 56.52
N VAL A 50 29.77 22.06 55.76
CA VAL A 50 31.23 22.40 55.66
C VAL A 50 31.37 23.91 55.82
N PRO A 51 32.37 24.40 56.61
CA PRO A 51 32.75 25.82 56.59
C PRO A 51 33.13 26.32 55.19
N ARG A 52 32.86 27.61 54.92
CA ARG A 52 32.88 28.23 53.56
C ARG A 52 34.26 28.11 52.90
N GLU A 53 35.34 28.16 53.69
CA GLU A 53 36.75 28.08 53.19
C GLU A 53 37.01 26.69 52.61
N GLU A 54 36.45 25.64 53.22
CA GLU A 54 36.70 24.21 52.90
C GLU A 54 35.72 23.69 51.82
N ALA A 55 34.70 24.49 51.46
CA ALA A 55 33.67 24.13 50.44
C ALA A 55 34.31 23.90 49.06
N THR A 56 35.29 24.73 48.68
CA THR A 56 35.92 24.76 47.33
C THR A 56 36.74 23.49 47.07
N VAL A 57 37.39 22.94 48.10
CA VAL A 57 38.23 21.70 48.01
C VAL A 57 37.33 20.50 47.67
N LEU A 58 36.21 20.35 48.37
CA LEU A 58 35.18 19.30 48.14
C LEU A 58 34.61 19.46 46.72
N GLU A 59 34.35 20.71 46.30
CA GLU A 59 33.86 21.05 44.93
C GLU A 59 34.86 20.53 43.89
N SER A 60 36.16 20.81 44.05
CA SER A 60 37.25 20.42 43.10
C SER A 60 37.29 18.89 42.95
N PHE A 61 37.20 18.15 44.07
CA PHE A 61 37.19 16.66 44.12
C PHE A 61 35.96 16.13 43.36
N LEU A 62 34.75 16.56 43.74
CA LEU A 62 33.46 16.08 43.17
C LEU A 62 33.39 16.39 41.68
N GLU A 63 33.75 17.61 41.28
CA GLU A 63 33.65 18.12 39.88
C GLU A 63 34.73 17.45 39.01
N GLU A 64 35.86 17.04 39.60
CA GLU A 64 36.96 16.35 38.87
C GLU A 64 36.50 14.93 38.51
N HIS A 65 35.81 14.23 39.42
CA HIS A 65 35.20 12.89 39.20
C HIS A 65 34.04 13.02 38.21
N GLY A 66 33.06 13.87 38.53
CA GLY A 66 32.06 14.44 37.60
C GLY A 66 31.19 13.40 36.92
N GLY A 67 30.35 12.69 37.68
CA GLY A 67 29.28 11.82 37.14
C GLY A 67 29.79 10.52 36.51
N TRP A 68 31.10 10.26 36.55
CA TRP A 68 31.72 8.96 36.19
C TRP A 68 32.91 8.68 37.13
N LYS A 69 33.62 7.57 36.89
CA LYS A 69 34.85 7.16 37.62
C LYS A 69 34.58 7.12 39.12
N SER A 70 33.91 6.06 39.60
CA SER A 70 33.51 5.85 41.02
C SER A 70 34.72 5.95 41.97
N PHE A 71 34.46 6.39 43.20
CA PHE A 71 35.45 6.58 44.31
C PHE A 71 35.09 5.66 45.48
N LEU A 72 36.10 5.25 46.25
CA LEU A 72 35.94 4.39 47.46
C LEU A 72 35.36 5.25 48.59
N TRP A 73 34.53 4.64 49.46
CA TRP A 73 33.82 5.32 50.57
C TRP A 73 33.46 4.29 51.65
N THR A 74 33.38 4.73 52.91
CA THR A 74 32.97 3.91 54.07
C THR A 74 31.79 4.59 54.76
N PRO A 75 30.52 4.28 54.37
CA PRO A 75 29.35 4.93 54.98
C PRO A 75 29.18 4.52 56.44
N PRO A 76 28.69 5.42 57.34
CA PRO A 76 28.57 5.09 58.77
C PRO A 76 27.25 4.37 59.09
N TYR A 77 26.89 3.37 58.27
CA TYR A 77 25.64 2.57 58.35
C TYR A 77 25.97 1.07 58.28
N GLU A 78 27.10 0.70 57.66
CA GLU A 78 27.60 -0.70 57.60
C GLU A 78 29.10 -0.75 57.86
N TRP A 79 29.83 0.36 57.68
CA TRP A 79 31.28 0.49 57.97
C TRP A 79 32.10 -0.45 57.07
N ARG A 80 31.99 -0.29 55.76
CA ARG A 80 32.81 -1.06 54.77
C ARG A 80 33.14 -0.19 53.56
N GLN A 81 34.26 -0.50 52.90
CA GLN A 81 34.77 0.21 51.69
C GLN A 81 33.93 -0.22 50.48
N ILE A 82 33.15 0.70 49.90
CA ILE A 82 32.37 0.51 48.64
C ILE A 82 32.75 1.61 47.65
N LYS A 83 32.76 1.26 46.36
CA LYS A 83 32.97 2.22 45.24
C LYS A 83 31.59 2.83 44.92
N VAL A 84 31.49 4.16 44.90
CA VAL A 84 30.20 4.91 44.73
C VAL A 84 30.42 6.05 43.73
N THR A 85 29.34 6.55 43.14
CA THR A 85 29.35 7.71 42.20
C THR A 85 28.34 8.76 42.68
N CYS A 86 28.63 10.04 42.40
CA CYS A 86 27.68 11.15 42.57
C CYS A 86 27.43 11.78 41.20
N ALA A 87 26.20 12.26 40.98
CA ALA A 87 25.73 12.89 39.73
C ALA A 87 25.35 14.37 39.95
N LYS A 88 24.89 14.78 41.15
CA LYS A 88 24.18 16.07 41.38
C LYS A 88 25.02 17.04 42.24
N TRP A 89 25.16 16.74 43.53
CA TRP A 89 25.67 17.67 44.59
C TRP A 89 25.16 19.10 44.32
N SER A 90 23.85 19.30 44.46
CA SER A 90 23.21 20.62 44.67
C SER A 90 23.78 21.24 45.95
N SER A 91 24.15 22.53 45.92
CA SER A 91 24.71 23.27 47.08
C SER A 91 23.64 24.18 47.70
N ARG A 92 23.90 24.70 48.90
CA ARG A 92 22.95 25.50 49.71
C ARG A 92 23.79 26.41 50.63
N VAL A 93 24.15 27.61 50.15
CA VAL A 93 25.13 28.51 50.82
C VAL A 93 24.42 29.22 51.98
N SER A 94 25.14 29.50 53.07
CA SER A 94 24.70 30.32 54.23
C SER A 94 25.82 31.32 54.60
N MET A 95 25.59 32.17 55.61
CA MET A 95 26.55 33.23 56.05
C MET A 95 27.87 32.60 56.54
N LEU A 96 27.80 31.42 57.19
CA LEU A 96 28.96 30.79 57.89
C LEU A 96 29.38 29.46 57.24
N ARG A 97 28.42 28.54 57.00
CA ARG A 97 28.64 27.15 56.51
C ARG A 97 27.78 26.92 55.26
N VAL A 98 28.11 25.90 54.44
CA VAL A 98 27.41 25.57 53.16
C VAL A 98 26.91 24.11 53.22
N GLU A 99 25.67 23.85 52.79
CA GLU A 99 25.07 22.48 52.78
C GLU A 99 25.21 21.88 51.38
N PHE A 100 25.40 20.55 51.30
CA PHE A 100 25.45 19.75 50.04
C PHE A 100 24.38 18.66 50.11
N SER A 101 23.38 18.72 49.22
CA SER A 101 22.40 17.64 48.93
C SER A 101 22.92 16.82 47.75
N ALA A 102 23.56 15.67 48.03
CA ALA A 102 24.22 14.80 47.04
C ALA A 102 23.52 13.44 47.00
N GLU A 103 23.52 12.80 45.83
CA GLU A 103 22.97 11.44 45.59
C GLU A 103 24.14 10.49 45.30
N PHE A 104 24.36 9.49 46.16
CA PHE A 104 25.50 8.53 46.04
C PHE A 104 24.94 7.17 45.62
N GLU A 105 25.37 6.65 44.47
CA GLU A 105 24.89 5.38 43.86
C GLU A 105 26.06 4.38 43.82
N GLN A 106 26.00 3.33 44.65
CA GLN A 106 27.06 2.29 44.74
C GLN A 106 27.13 1.52 43.42
N VAL A 107 28.35 1.17 43.00
CA VAL A 107 28.64 0.50 41.70
C VAL A 107 29.44 -0.78 41.98
N VAL A 108 29.21 -1.84 41.21
CA VAL A 108 29.78 -3.20 41.46
C VAL A 108 31.26 -3.23 41.08
N ASN A 109 31.66 -2.59 39.96
CA ASN A 109 33.09 -2.52 39.53
C ASN A 109 33.88 -1.71 40.55
N PRO B 11 16.98 -24.35 -73.54
CA PRO B 11 15.83 -24.89 -72.79
C PRO B 11 16.23 -25.36 -71.38
N ARG B 12 15.54 -24.86 -70.35
CA ARG B 12 15.72 -25.19 -68.91
C ARG B 12 17.13 -24.78 -68.42
N GLU B 13 17.71 -25.52 -67.49
CA GLU B 13 18.82 -25.09 -66.58
C GLU B 13 20.05 -25.97 -66.77
N ALA B 14 21.10 -25.77 -65.96
CA ALA B 14 22.08 -26.83 -65.61
C ALA B 14 21.40 -27.72 -64.56
N LYS B 15 21.67 -29.03 -64.55
CA LYS B 15 20.86 -30.03 -63.81
C LYS B 15 20.83 -29.70 -62.31
N ASP B 16 21.98 -29.67 -61.65
CA ASP B 16 22.15 -29.37 -60.20
C ASP B 16 23.64 -29.12 -59.95
N ASN B 17 24.00 -28.10 -59.14
CA ASN B 17 25.41 -27.64 -59.06
C ASN B 17 25.79 -27.08 -57.68
N LEU B 18 24.84 -26.43 -56.99
CA LEU B 18 25.04 -25.89 -55.63
C LEU B 18 24.05 -26.58 -54.71
N LYS B 19 24.53 -27.40 -53.78
CA LYS B 19 23.67 -28.22 -52.89
C LYS B 19 23.88 -27.74 -51.46
N SER B 20 24.96 -28.21 -50.84
CA SER B 20 25.35 -27.96 -49.43
C SER B 20 24.29 -28.47 -48.45
N THR B 21 24.73 -28.64 -47.21
CA THR B 21 23.98 -29.27 -46.10
C THR B 21 24.45 -28.67 -44.78
N GLN B 22 23.68 -28.89 -43.73
CA GLN B 22 23.79 -28.19 -42.43
C GLN B 22 23.98 -29.24 -41.34
N LEU B 23 24.97 -29.09 -40.47
CA LEU B 23 24.94 -29.83 -39.18
C LEU B 23 24.73 -28.83 -38.05
N LEU B 24 23.69 -29.03 -37.22
CA LEU B 24 23.40 -28.22 -36.00
C LEU B 24 23.92 -29.00 -34.80
N SER B 25 24.70 -28.37 -33.94
CA SER B 25 25.29 -29.03 -32.74
C SER B 25 24.96 -28.28 -31.44
N VAL B 26 23.91 -28.69 -30.70
CA VAL B 26 23.44 -28.01 -29.44
C VAL B 26 23.99 -28.77 -28.22
N ILE B 27 24.03 -28.16 -27.03
CA ILE B 27 24.31 -28.84 -25.73
C ILE B 27 23.29 -28.35 -24.72
N ASP B 28 22.53 -29.22 -24.09
CA ASP B 28 21.38 -28.78 -23.25
C ASP B 28 21.69 -29.05 -21.78
N ALA B 29 22.17 -28.08 -20.99
CA ALA B 29 22.65 -28.34 -19.61
C ALA B 29 21.43 -28.35 -18.73
N ILE B 30 20.95 -29.52 -18.35
CA ILE B 30 19.71 -29.71 -17.54
C ILE B 30 20.16 -30.12 -16.18
N SER B 31 19.32 -30.06 -15.18
CA SER B 31 19.70 -30.49 -13.81
C SER B 31 21.13 -30.10 -13.33
N GLU B 32 21.86 -30.95 -12.63
CA GLU B 32 22.83 -30.44 -11.66
C GLU B 32 23.21 -31.60 -10.76
N GLY B 33 24.51 -31.85 -10.53
CA GLY B 33 24.99 -32.95 -9.66
C GLY B 33 24.83 -34.28 -10.36
N PRO B 34 25.40 -35.36 -9.85
CA PRO B 34 25.33 -36.63 -10.57
C PRO B 34 23.92 -37.17 -10.66
N ILE B 35 23.24 -37.19 -11.82
CA ILE B 35 21.80 -37.62 -11.91
C ILE B 35 21.72 -38.93 -12.65
N GLU B 36 20.64 -39.70 -12.45
CA GLU B 36 20.46 -41.05 -13.02
C GLU B 36 20.52 -41.02 -14.55
N GLY B 37 19.66 -40.28 -15.25
CA GLY B 37 19.83 -40.09 -16.70
C GLY B 37 18.56 -40.45 -17.47
N PRO B 38 18.66 -40.90 -18.74
CA PRO B 38 17.47 -41.22 -19.53
C PRO B 38 16.85 -42.51 -19.03
N VAL B 39 15.53 -42.52 -19.00
CA VAL B 39 14.69 -43.45 -18.20
C VAL B 39 14.66 -44.76 -18.97
N ASP B 40 14.90 -44.73 -20.28
CA ASP B 40 15.11 -45.98 -21.05
C ASP B 40 16.46 -45.97 -21.75
N GLY B 41 16.85 -44.84 -22.32
CA GLY B 41 18.12 -44.73 -23.07
C GLY B 41 17.83 -43.81 -24.24
N LEU B 42 18.33 -44.11 -25.41
CA LEU B 42 17.92 -43.29 -26.58
C LEU B 42 16.40 -43.31 -26.68
N LYS B 43 15.70 -44.30 -26.10
CA LYS B 43 14.27 -44.56 -26.40
C LYS B 43 13.41 -43.43 -25.85
N SER B 44 13.98 -42.47 -25.12
CA SER B 44 13.21 -41.41 -24.42
C SER B 44 13.89 -40.06 -24.59
N VAL B 45 14.23 -39.68 -25.82
CA VAL B 45 14.91 -38.40 -26.17
C VAL B 45 14.18 -37.80 -27.36
N LEU B 46 12.85 -37.75 -27.32
CA LEU B 46 11.96 -37.23 -28.40
C LEU B 46 12.41 -35.89 -29.02
N LEU B 47 12.83 -35.88 -30.29
CA LEU B 47 13.04 -34.67 -31.15
C LEU B 47 11.73 -34.37 -31.86
N ASN B 48 11.45 -33.09 -32.09
CA ASN B 48 10.12 -32.60 -32.50
C ASN B 48 9.08 -33.13 -31.52
N SER B 49 8.72 -34.41 -31.58
CA SER B 49 7.85 -35.04 -30.55
C SER B 49 7.94 -36.56 -30.59
N THR B 50 8.83 -37.14 -31.42
CA THR B 50 8.86 -38.57 -31.82
C THR B 50 10.13 -39.20 -31.28
N PRO B 51 10.08 -40.29 -30.49
CA PRO B 51 11.28 -40.79 -29.81
C PRO B 51 12.41 -41.15 -30.80
N VAL B 52 13.67 -41.09 -30.38
CA VAL B 52 14.78 -41.39 -31.31
C VAL B 52 14.67 -42.85 -31.73
N LEU B 53 14.61 -43.80 -30.78
CA LEU B 53 14.24 -45.22 -31.11
C LEU B 53 12.86 -45.53 -30.54
N ASP B 54 11.96 -46.07 -31.37
CA ASP B 54 10.59 -46.50 -30.96
C ASP B 54 10.68 -47.68 -30.01
N THR B 55 9.54 -48.01 -29.39
CA THR B 55 9.42 -49.03 -28.32
C THR B 55 10.19 -50.32 -28.73
N GLU B 56 10.35 -50.61 -30.03
CA GLU B 56 11.04 -51.84 -30.53
C GLU B 56 12.56 -51.74 -30.40
N GLY B 57 13.15 -50.58 -30.70
CA GLY B 57 14.60 -50.38 -30.78
C GLY B 57 15.08 -50.11 -32.21
N ASN B 58 14.13 -50.04 -33.15
CA ASN B 58 14.34 -49.54 -34.54
C ASN B 58 14.63 -48.03 -34.48
N THR B 59 15.68 -47.58 -35.16
CA THR B 59 16.15 -46.16 -35.14
C THR B 59 15.24 -45.33 -36.04
N ASN B 60 14.24 -44.69 -35.44
CA ASN B 60 13.11 -43.97 -36.10
C ASN B 60 13.59 -42.70 -36.81
N ILE B 61 14.77 -42.21 -36.43
CA ILE B 61 15.35 -40.92 -36.91
C ILE B 61 16.82 -41.19 -37.30
N SER B 62 17.28 -40.65 -38.43
CA SER B 62 18.63 -40.88 -38.99
C SER B 62 19.44 -39.59 -38.87
N GLY B 63 20.77 -39.71 -38.95
CA GLY B 63 21.72 -38.58 -38.91
C GLY B 63 21.53 -37.72 -37.66
N VAL B 64 21.25 -38.37 -36.54
CA VAL B 64 21.03 -37.76 -35.20
C VAL B 64 21.98 -38.46 -34.26
N THR B 65 22.96 -37.75 -33.74
CA THR B 65 23.73 -38.22 -32.56
C THR B 65 23.03 -37.63 -31.33
N VAL B 66 23.20 -38.32 -30.21
CA VAL B 66 22.99 -37.71 -28.88
C VAL B 66 24.01 -38.34 -27.93
N VAL B 67 24.89 -37.55 -27.35
CA VAL B 67 25.75 -37.96 -26.21
C VAL B 67 25.02 -37.57 -24.93
N PHE B 68 25.61 -37.75 -23.76
CA PHE B 68 24.90 -37.50 -22.50
C PHE B 68 25.91 -37.63 -21.36
N ARG B 69 26.21 -36.57 -20.60
CA ARG B 69 27.03 -36.66 -19.37
C ARG B 69 26.10 -36.61 -18.17
N ALA B 70 26.35 -37.43 -17.15
CA ALA B 70 25.47 -37.49 -15.95
C ALA B 70 25.75 -36.25 -15.12
N GLY B 71 26.79 -36.23 -14.31
CA GLY B 71 27.01 -35.09 -13.40
C GLY B 71 28.35 -35.16 -12.72
N GLU B 72 29.07 -36.28 -12.81
CA GLU B 72 30.21 -36.52 -11.91
C GLU B 72 31.19 -35.36 -12.03
N GLN B 73 31.77 -34.92 -10.91
CA GLN B 73 32.89 -33.94 -10.86
C GLN B 73 33.92 -34.32 -11.93
N GLU B 74 34.17 -35.62 -12.08
CA GLU B 74 35.13 -36.15 -13.09
C GLU B 74 34.37 -36.52 -14.36
N GLN B 75 33.98 -35.55 -15.18
CA GLN B 75 33.37 -35.85 -16.49
C GLN B 75 34.39 -35.63 -17.56
N THR B 76 34.12 -36.19 -18.73
CA THR B 76 34.92 -35.98 -19.97
C THR B 76 34.11 -35.15 -20.94
N PRO B 77 34.78 -34.20 -21.61
CA PRO B 77 34.09 -33.27 -22.50
C PRO B 77 33.13 -34.05 -23.39
N PRO B 78 31.97 -33.52 -23.82
CA PRO B 78 31.05 -34.32 -24.65
C PRO B 78 31.64 -34.48 -26.07
N GLU B 79 31.94 -35.70 -26.50
CA GLU B 79 32.66 -35.96 -27.78
C GLU B 79 31.74 -35.63 -28.97
N GLY B 80 32.30 -35.11 -30.07
CA GLY B 80 31.52 -34.56 -31.20
C GLY B 80 31.30 -33.06 -31.03
N PHE B 81 31.65 -32.48 -29.88
CA PHE B 81 31.73 -31.01 -29.64
C PHE B 81 33.22 -30.70 -29.43
N GLU B 82 33.90 -30.16 -30.44
CA GLU B 82 35.37 -29.95 -30.34
C GLU B 82 35.62 -28.57 -29.76
N SER B 83 34.68 -27.63 -29.88
CA SER B 83 34.90 -26.19 -29.58
C SER B 83 33.56 -25.46 -29.49
N SER B 84 33.09 -25.24 -28.28
CA SER B 84 31.69 -24.82 -28.05
C SER B 84 31.58 -23.31 -28.22
N GLY B 85 30.54 -22.90 -28.93
CA GLY B 85 30.25 -21.54 -29.43
C GLY B 85 28.75 -21.24 -29.54
N SER B 86 28.40 -19.96 -29.35
CA SER B 86 27.06 -19.32 -29.47
C SER B 86 26.74 -19.02 -30.95
N GLU B 87 25.48 -18.83 -31.32
CA GLU B 87 25.15 -18.51 -32.73
C GLU B 87 23.86 -17.76 -32.89
N THR B 88 23.93 -16.51 -33.40
CA THR B 88 22.80 -15.55 -33.57
C THR B 88 22.29 -15.60 -35.00
N VAL B 89 21.05 -16.02 -35.21
CA VAL B 89 20.47 -16.16 -36.57
C VAL B 89 19.73 -14.86 -36.88
N LEU B 90 20.06 -14.21 -37.99
CA LEU B 90 19.50 -12.88 -38.34
C LEU B 90 19.13 -12.82 -39.83
N GLY B 91 18.71 -13.97 -40.41
CA GLY B 91 18.49 -14.17 -41.86
C GLY B 91 17.85 -12.96 -42.51
N THR B 92 18.58 -12.20 -43.30
CA THR B 92 18.18 -10.85 -43.77
C THR B 92 18.88 -10.52 -45.09
N GLU B 93 18.16 -9.91 -46.03
CA GLU B 93 18.69 -9.60 -47.38
C GLU B 93 19.73 -8.50 -47.29
N VAL B 94 20.61 -8.44 -48.29
CA VAL B 94 21.68 -7.42 -48.48
C VAL B 94 21.47 -6.76 -49.87
N LYS B 95 21.49 -5.43 -49.91
CA LYS B 95 21.27 -4.62 -51.15
C LYS B 95 22.62 -4.22 -51.74
N TYR B 96 22.62 -3.46 -52.84
CA TYR B 96 23.87 -2.96 -53.46
C TYR B 96 24.51 -1.91 -52.55
N ASP B 97 23.77 -0.85 -52.20
CA ASP B 97 24.32 0.32 -51.47
C ASP B 97 23.76 0.35 -50.04
N THR B 98 23.69 -0.83 -49.39
CA THR B 98 23.40 -1.01 -47.94
C THR B 98 24.26 -2.15 -47.40
N PRO B 99 25.40 -1.86 -46.73
CA PRO B 99 26.06 -2.83 -45.86
C PRO B 99 25.18 -3.41 -44.73
N ILE B 100 25.76 -4.09 -43.72
CA ILE B 100 25.02 -4.57 -42.50
C ILE B 100 25.72 -4.17 -41.18
N THR B 101 26.87 -4.74 -40.77
CA THR B 101 27.66 -4.34 -39.56
C THR B 101 27.02 -4.82 -38.23
N ARG B 102 27.80 -5.38 -37.29
CA ARG B 102 27.21 -6.06 -36.11
C ARG B 102 27.97 -5.78 -34.81
N THR B 103 29.28 -5.51 -34.86
CA THR B 103 30.14 -5.13 -33.69
C THR B 103 30.12 -6.21 -32.59
N ILE B 104 30.81 -7.33 -32.76
CA ILE B 104 30.40 -8.59 -32.08
C ILE B 104 30.56 -8.50 -30.55
N THR B 105 31.50 -7.70 -30.03
CA THR B 105 31.44 -7.27 -28.61
C THR B 105 31.26 -8.40 -27.56
N SER B 106 31.53 -9.67 -27.86
CA SER B 106 31.76 -10.72 -26.83
C SER B 106 33.10 -10.45 -26.16
N ALA B 107 33.52 -11.26 -25.21
CA ALA B 107 34.76 -11.00 -24.45
C ALA B 107 35.82 -12.04 -24.82
N ASN B 108 35.42 -13.31 -24.80
CA ASN B 108 36.24 -14.45 -25.30
C ASN B 108 35.65 -14.88 -26.64
N ILE B 109 36.45 -14.92 -27.68
CA ILE B 109 35.96 -15.35 -29.01
C ILE B 109 37.22 -15.45 -29.84
N ASP B 110 37.32 -16.53 -30.61
CA ASP B 110 38.62 -17.01 -31.14
C ASP B 110 38.46 -17.14 -32.64
N ARG B 111 37.32 -17.66 -33.06
CA ARG B 111 37.04 -17.79 -34.49
C ARG B 111 35.62 -17.30 -34.68
N LEU B 112 35.27 -16.91 -35.89
CA LEU B 112 33.99 -16.21 -36.17
C LEU B 112 33.47 -16.69 -37.52
N ARG B 113 32.25 -17.20 -37.58
CA ARG B 113 31.76 -17.95 -38.76
C ARG B 113 30.64 -17.15 -39.37
N PHE B 114 30.67 -16.89 -40.66
CA PHE B 114 29.57 -16.21 -41.39
C PHE B 114 28.89 -17.22 -42.29
N THR B 115 27.57 -17.29 -42.25
CA THR B 115 26.77 -18.13 -43.19
C THR B 115 25.95 -17.20 -44.07
N PHE B 116 26.32 -17.09 -45.35
CA PHE B 116 25.66 -16.25 -46.39
C PHE B 116 25.17 -17.17 -47.50
N GLY B 117 24.21 -16.69 -48.30
CA GLY B 117 23.73 -17.41 -49.49
C GLY B 117 22.83 -16.54 -50.33
N VAL B 118 21.96 -17.17 -51.12
CA VAL B 118 21.10 -16.53 -52.14
C VAL B 118 19.73 -17.19 -52.12
N GLN B 119 18.71 -16.45 -52.54
CA GLN B 119 17.32 -16.95 -52.68
C GLN B 119 17.22 -17.79 -53.97
N ALA B 120 18.03 -17.46 -54.99
CA ALA B 120 18.14 -18.18 -56.28
C ALA B 120 19.22 -17.54 -57.15
N LEU B 121 19.90 -18.33 -57.97
CA LEU B 121 21.00 -17.81 -58.83
C LEU B 121 20.78 -18.21 -60.30
N VAL B 122 19.56 -18.01 -60.83
CA VAL B 122 19.19 -18.34 -62.24
C VAL B 122 19.37 -17.10 -63.13
N GLU B 123 19.76 -17.33 -64.39
CA GLU B 123 19.81 -16.29 -65.46
C GLU B 123 19.22 -16.89 -66.74
N THR B 124 18.18 -16.25 -67.32
CA THR B 124 17.39 -16.76 -68.46
C THR B 124 17.61 -15.92 -69.72
N THR B 125 17.64 -16.57 -70.90
CA THR B 125 17.77 -15.94 -72.25
C THR B 125 16.58 -16.41 -73.12
N SER B 126 16.61 -16.16 -74.43
CA SER B 126 15.57 -16.64 -75.39
C SER B 126 15.71 -18.17 -75.58
N LYS B 127 14.58 -18.87 -75.77
CA LYS B 127 14.44 -20.36 -75.90
C LYS B 127 14.79 -21.05 -74.57
N GLY B 128 14.19 -20.61 -73.45
CA GLY B 128 14.51 -21.07 -72.09
C GLY B 128 15.93 -20.67 -71.70
N ASP B 129 16.87 -21.63 -71.78
CA ASP B 129 18.33 -21.41 -71.62
C ASP B 129 18.61 -20.68 -70.30
N ARG B 130 18.03 -21.19 -69.20
CA ARG B 130 18.33 -20.76 -67.81
C ARG B 130 19.80 -21.07 -67.51
N ASN B 131 20.53 -20.14 -66.92
CA ASN B 131 22.01 -20.21 -66.79
C ASN B 131 22.41 -19.96 -65.34
N PRO B 132 23.63 -20.39 -64.96
CA PRO B 132 24.30 -19.88 -63.76
C PRO B 132 24.43 -18.34 -63.78
N SER B 133 24.60 -17.69 -62.62
CA SER B 133 24.56 -16.19 -62.46
C SER B 133 25.86 -15.59 -61.89
N GLU B 134 26.66 -16.34 -61.11
CA GLU B 134 28.01 -15.88 -60.65
C GLU B 134 27.90 -14.54 -59.89
N VAL B 135 27.27 -14.54 -58.71
CA VAL B 135 27.17 -13.34 -57.82
C VAL B 135 28.41 -13.25 -56.91
N ARG B 136 28.67 -12.08 -56.33
CA ARG B 136 29.90 -11.77 -55.55
C ARG B 136 29.57 -10.95 -54.28
N LEU B 137 30.08 -11.33 -53.10
CA LEU B 137 30.02 -10.54 -51.83
C LEU B 137 31.40 -10.40 -51.18
N LEU B 138 31.41 -9.69 -50.05
CA LEU B 138 32.60 -9.14 -49.37
C LEU B 138 32.34 -9.14 -47.85
N VAL B 139 33.21 -9.77 -47.07
CA VAL B 139 33.23 -9.65 -45.57
C VAL B 139 34.40 -8.74 -45.18
N GLN B 140 34.10 -7.77 -44.31
CA GLN B 140 35.08 -6.76 -43.87
C GLN B 140 35.03 -6.62 -42.35
N ILE B 141 36.07 -6.02 -41.80
CA ILE B 141 36.26 -5.75 -40.35
C ILE B 141 36.61 -4.26 -40.25
N GLN B 142 36.28 -3.60 -39.15
CA GLN B 142 36.56 -2.15 -38.94
C GLN B 142 38.08 -1.91 -39.04
N ARG B 143 38.88 -2.67 -38.30
CA ARG B 143 40.37 -2.68 -38.35
C ARG B 143 40.93 -1.26 -38.35
N ASN B 144 41.09 -0.71 -37.15
CA ASN B 144 41.76 0.59 -36.90
C ASN B 144 40.88 1.70 -37.49
N GLY B 145 41.10 2.07 -38.75
CA GLY B 145 40.49 3.29 -39.30
C GLY B 145 39.11 3.01 -39.85
N GLY B 146 39.09 2.41 -41.03
CA GLY B 146 37.90 2.05 -41.81
C GLY B 146 38.04 0.66 -42.37
N TRP B 147 36.94 0.15 -42.93
CA TRP B 147 36.74 -1.27 -43.32
C TRP B 147 37.93 -1.76 -44.16
N VAL B 148 38.36 -3.00 -43.90
CA VAL B 148 39.36 -3.75 -44.72
C VAL B 148 38.77 -5.13 -45.00
N THR B 149 39.14 -5.76 -46.11
CA THR B 149 38.51 -7.03 -46.54
C THR B 149 39.21 -8.19 -45.83
N GLU B 150 38.40 -9.09 -45.26
CA GLU B 150 38.83 -10.37 -44.64
C GLU B 150 38.55 -11.51 -45.62
N LYS B 151 37.35 -11.57 -46.20
CA LYS B 151 36.93 -12.60 -47.21
C LYS B 151 36.16 -11.92 -48.34
N ASP B 152 36.22 -12.51 -49.53
CA ASP B 152 35.58 -12.00 -50.78
C ASP B 152 35.21 -13.22 -51.63
N ILE B 153 33.93 -13.58 -51.58
CA ILE B 153 33.43 -14.87 -52.12
C ILE B 153 32.65 -14.59 -53.39
N THR B 154 32.83 -15.46 -54.39
CA THR B 154 32.09 -15.45 -55.68
C THR B 154 31.56 -16.85 -55.91
N ILE B 155 30.24 -16.98 -55.91
CA ILE B 155 29.54 -18.28 -56.10
C ILE B 155 28.96 -18.30 -57.52
N LYS B 156 29.21 -19.39 -58.26
CA LYS B 156 28.68 -19.70 -59.63
C LYS B 156 27.74 -20.90 -59.55
N GLY B 157 26.70 -20.93 -60.36
CA GLY B 157 25.69 -22.01 -60.37
C GLY B 157 24.29 -21.46 -60.48
N LYS B 158 23.25 -22.23 -60.18
CA LYS B 158 21.86 -21.87 -60.56
C LYS B 158 20.94 -21.92 -59.33
N THR B 159 20.82 -23.07 -58.66
CA THR B 159 19.79 -23.33 -57.61
C THR B 159 18.42 -22.83 -58.08
N THR B 160 17.39 -23.13 -57.32
CA THR B 160 16.03 -22.55 -57.52
C THR B 160 15.51 -22.00 -56.19
N SER B 161 16.16 -22.37 -55.08
CA SER B 161 15.81 -22.00 -53.67
C SER B 161 17.08 -21.52 -52.95
N GLN B 162 17.01 -21.45 -51.62
CA GLN B 162 18.16 -21.07 -50.76
C GLN B 162 19.38 -21.89 -51.16
N TYR B 163 20.56 -21.28 -51.07
CA TYR B 163 21.88 -21.97 -51.03
C TYR B 163 22.78 -21.26 -50.02
N LEU B 164 23.09 -21.88 -48.90
CA LEU B 164 24.00 -21.28 -47.90
C LEU B 164 25.36 -21.97 -47.97
N ALA B 165 26.42 -21.18 -47.89
CA ALA B 165 27.79 -21.67 -47.61
C ALA B 165 28.36 -20.83 -46.46
N SER B 166 29.33 -21.38 -45.76
CA SER B 166 30.01 -20.71 -44.63
C SER B 166 31.44 -20.29 -45.02
N VAL B 167 31.97 -19.32 -44.33
CA VAL B 167 33.42 -19.08 -44.19
C VAL B 167 33.69 -18.84 -42.70
N VAL B 168 34.89 -19.13 -42.19
CA VAL B 168 35.26 -18.76 -40.78
C VAL B 168 36.59 -18.01 -40.85
N MET B 169 36.99 -17.27 -39.80
CA MET B 169 38.35 -16.68 -39.69
C MET B 169 38.78 -16.55 -38.22
N GLY B 170 40.10 -16.37 -38.00
CA GLY B 170 40.76 -16.28 -36.69
C GLY B 170 41.44 -14.93 -36.46
N ASN B 171 42.13 -14.82 -35.31
CA ASN B 171 42.79 -13.59 -34.77
C ASN B 171 41.97 -12.35 -35.17
N LEU B 172 40.81 -12.23 -34.54
CA LEU B 172 39.90 -11.07 -34.59
C LEU B 172 40.55 -9.97 -33.76
N PRO B 173 40.41 -8.68 -34.08
CA PRO B 173 40.89 -7.62 -33.18
C PRO B 173 40.23 -7.60 -31.81
N PRO B 174 40.81 -6.91 -30.79
CA PRO B 174 40.18 -6.68 -29.48
C PRO B 174 38.69 -6.27 -29.56
N ARG B 175 37.89 -6.56 -28.52
CA ARG B 175 36.47 -6.95 -28.76
C ARG B 175 35.43 -5.94 -28.27
N PRO B 176 35.60 -4.62 -28.40
CA PRO B 176 34.44 -3.76 -28.66
C PRO B 176 34.38 -3.63 -30.18
N PHE B 177 34.20 -4.77 -30.85
CA PHE B 177 34.76 -5.13 -32.19
C PHE B 177 33.96 -4.51 -33.31
N ASN B 178 34.20 -4.84 -34.59
CA ASN B 178 33.20 -4.49 -35.63
C ASN B 178 33.34 -5.29 -36.93
N ILE B 179 32.29 -6.01 -37.37
CA ILE B 179 32.28 -6.77 -38.67
C ILE B 179 31.26 -6.14 -39.60
N ARG B 180 31.20 -6.59 -40.85
CA ARG B 180 30.35 -6.01 -41.91
C ARG B 180 30.30 -6.93 -43.15
N MET B 181 29.11 -7.13 -43.74
CA MET B 181 29.02 -7.86 -45.03
C MET B 181 28.24 -7.00 -46.05
N ARG B 182 28.68 -6.97 -47.32
CA ARG B 182 28.15 -6.12 -48.43
C ARG B 182 28.26 -6.83 -49.81
N ARG B 183 27.41 -6.43 -50.76
CA ARG B 183 27.22 -7.07 -52.09
C ARG B 183 27.69 -6.13 -53.20
N MET B 184 28.53 -6.65 -54.11
CA MET B 184 29.31 -5.87 -55.11
C MET B 184 28.60 -5.80 -56.47
N THR B 185 27.85 -6.85 -56.86
CA THR B 185 27.08 -6.90 -58.13
C THR B 185 25.97 -5.84 -58.08
N PRO B 186 25.87 -4.95 -59.09
CA PRO B 186 24.88 -3.88 -59.08
C PRO B 186 23.51 -4.25 -58.47
N ASP B 187 22.72 -5.15 -59.06
CA ASP B 187 21.46 -5.66 -58.44
C ASP B 187 20.66 -6.48 -59.45
N SER B 188 19.42 -6.83 -59.10
CA SER B 188 18.46 -7.55 -59.97
C SER B 188 17.33 -6.59 -60.37
N THR B 189 17.60 -5.73 -61.36
CA THR B 189 16.65 -4.77 -61.98
C THR B 189 15.50 -5.55 -62.67
N THR B 190 15.85 -6.63 -63.39
CA THR B 190 14.94 -7.43 -64.26
C THR B 190 14.65 -8.81 -63.66
N ASP B 191 13.57 -9.45 -64.11
CA ASP B 191 13.11 -10.79 -63.65
C ASP B 191 14.04 -11.88 -64.21
N GLN B 192 14.73 -11.58 -65.32
CA GLN B 192 15.56 -12.56 -66.08
C GLN B 192 16.75 -13.01 -65.23
N LEU B 193 17.39 -12.08 -64.52
CA LEU B 193 18.51 -12.35 -63.58
C LEU B 193 18.08 -11.97 -62.15
N GLN B 194 17.95 -12.97 -61.26
CA GLN B 194 17.78 -12.80 -59.78
C GLN B 194 18.98 -13.46 -59.06
N ASN B 195 19.66 -12.67 -58.23
CA ASN B 195 20.90 -13.08 -57.54
C ASN B 195 20.98 -12.33 -56.21
N LYS B 196 19.82 -12.12 -55.58
CA LYS B 196 19.66 -11.41 -54.28
C LYS B 196 20.33 -12.24 -53.20
N THR B 197 21.12 -11.60 -52.35
CA THR B 197 21.91 -12.31 -51.32
C THR B 197 21.35 -12.02 -49.94
N LEU B 198 21.44 -13.01 -49.04
CA LEU B 198 21.15 -12.85 -47.60
C LEU B 198 22.32 -13.39 -46.76
N TRP B 199 22.45 -12.87 -45.54
CA TRP B 199 23.37 -13.32 -44.48
C TRP B 199 22.54 -14.06 -43.45
N SER B 200 22.49 -15.38 -43.51
CA SER B 200 21.57 -16.18 -42.65
C SER B 200 21.86 -15.91 -41.15
N SER B 201 23.07 -16.22 -40.69
CA SER B 201 23.44 -16.21 -39.26
C SER B 201 24.96 -16.19 -39.16
N TYR B 202 25.49 -15.84 -38.01
CA TYR B 202 26.93 -15.91 -37.77
C TYR B 202 27.05 -16.56 -36.41
N THR B 203 28.18 -17.21 -36.18
CA THR B 203 28.48 -18.03 -35.00
C THR B 203 29.70 -17.41 -34.37
N GLU B 204 29.81 -17.44 -33.05
CA GLU B 204 31.03 -17.03 -32.29
C GLU B 204 31.69 -18.27 -31.69
N ILE B 205 32.87 -18.60 -32.14
CA ILE B 205 33.49 -19.89 -31.81
C ILE B 205 34.48 -19.64 -30.68
N ILE B 206 34.46 -20.47 -29.64
CA ILE B 206 35.29 -20.21 -28.41
C ILE B 206 36.50 -21.15 -28.34
N ASP B 207 36.62 -22.19 -29.16
CA ASP B 207 37.92 -22.92 -29.33
C ASP B 207 38.49 -23.34 -27.97
N VAL B 208 37.62 -23.87 -27.11
CA VAL B 208 37.97 -24.46 -25.79
C VAL B 208 37.04 -25.67 -25.57
N LYS B 209 37.60 -26.75 -25.02
CA LYS B 209 36.81 -27.99 -24.75
C LYS B 209 36.57 -28.03 -23.25
N GLN B 210 35.35 -27.67 -22.82
CA GLN B 210 35.00 -27.51 -21.39
C GLN B 210 33.91 -28.52 -21.03
N CYS B 211 34.03 -29.12 -19.86
CA CYS B 211 33.33 -30.36 -19.50
C CYS B 211 32.09 -30.08 -18.68
N TYR B 212 31.91 -28.88 -18.14
CA TYR B 212 30.77 -28.51 -17.26
C TYR B 212 30.78 -29.40 -16.00
N PRO B 213 31.89 -29.44 -15.24
CA PRO B 213 32.05 -30.26 -14.06
C PRO B 213 30.92 -30.83 -13.20
N ASN B 214 29.77 -30.21 -13.00
CA ASN B 214 28.80 -31.01 -12.21
C ASN B 214 27.42 -30.93 -12.81
N THR B 215 27.28 -30.69 -14.09
CA THR B 215 25.92 -30.52 -14.63
C THR B 215 25.63 -31.73 -15.47
N ALA B 216 24.37 -31.94 -15.80
CA ALA B 216 23.92 -33.09 -16.60
C ALA B 216 23.51 -32.57 -17.94
N LEU B 217 24.47 -32.34 -18.79
CA LEU B 217 24.18 -31.85 -20.16
C LEU B 217 23.73 -33.03 -21.06
N VAL B 218 22.92 -32.82 -22.08
CA VAL B 218 22.62 -33.88 -23.05
C VAL B 218 23.41 -33.58 -24.28
N GLY B 219 22.99 -32.67 -25.14
CA GLY B 219 23.84 -32.41 -26.34
C GLY B 219 23.56 -33.37 -27.49
N VAL B 220 23.06 -32.85 -28.61
CA VAL B 220 22.59 -33.62 -29.78
C VAL B 220 23.17 -32.91 -30.98
N GLN B 221 23.40 -33.67 -32.05
CA GLN B 221 23.72 -33.19 -33.43
C GLN B 221 22.58 -33.62 -34.34
N VAL B 222 22.28 -32.80 -35.31
CA VAL B 222 21.43 -33.24 -36.44
C VAL B 222 22.16 -32.84 -37.72
N ASP B 223 22.04 -33.69 -38.73
CA ASP B 223 22.35 -33.34 -40.14
C ASP B 223 21.01 -33.19 -40.85
N SER B 224 20.78 -32.00 -41.42
CA SER B 224 19.46 -31.55 -41.92
C SER B 224 18.99 -32.37 -43.14
N GLU B 225 19.91 -32.93 -43.93
CA GLU B 225 19.60 -33.73 -45.15
C GLU B 225 18.87 -35.03 -44.74
N GLN B 226 19.22 -35.63 -43.59
CA GLN B 226 18.47 -36.74 -42.95
C GLN B 226 17.62 -36.20 -41.80
N PHE B 227 16.69 -35.29 -42.10
CA PHE B 227 15.89 -34.55 -41.10
C PHE B 227 14.89 -33.61 -41.80
N GLY B 228 14.04 -32.94 -41.03
CA GLY B 228 12.98 -32.03 -41.54
C GLY B 228 12.97 -30.67 -40.84
N SER B 229 14.12 -29.94 -40.78
CA SER B 229 14.28 -28.45 -40.71
C SER B 229 13.86 -27.80 -39.39
N GLN B 230 12.89 -28.39 -38.68
CA GLN B 230 12.02 -27.69 -37.69
C GLN B 230 12.79 -27.53 -36.39
N GLN B 231 13.80 -26.67 -36.42
CA GLN B 231 14.52 -26.16 -35.22
C GLN B 231 14.84 -27.27 -34.20
N VAL B 232 14.46 -28.54 -34.46
CA VAL B 232 14.91 -29.68 -33.62
C VAL B 232 14.51 -29.39 -32.16
N SER B 233 13.21 -29.35 -31.83
CA SER B 233 12.73 -29.05 -30.45
C SER B 233 12.77 -30.31 -29.55
N ARG B 234 13.74 -30.35 -28.63
CA ARG B 234 14.22 -31.54 -27.90
C ARG B 234 13.59 -31.64 -26.51
N ASN B 235 13.08 -32.82 -26.14
CA ASN B 235 12.39 -33.11 -24.85
C ASN B 235 12.84 -34.45 -24.31
N TYR B 236 13.78 -34.45 -23.39
CA TYR B 236 14.30 -35.65 -22.73
C TYR B 236 13.35 -36.12 -21.61
N HIS B 237 12.90 -37.38 -21.61
CA HIS B 237 12.25 -38.06 -20.46
C HIS B 237 13.33 -38.55 -19.51
N LEU B 238 13.88 -37.72 -18.63
CA LEU B 238 15.02 -38.06 -17.72
C LEU B 238 14.56 -38.57 -16.36
N ARG B 239 15.51 -38.88 -15.48
CA ARG B 239 15.27 -39.22 -14.05
C ARG B 239 16.31 -38.52 -13.21
N GLY B 240 16.00 -38.09 -12.00
CA GLY B 240 16.69 -36.94 -11.40
C GLY B 240 17.91 -37.28 -10.57
N ARG B 241 18.18 -36.46 -9.56
CA ARG B 241 19.45 -36.50 -8.80
C ARG B 241 19.46 -37.83 -8.13
N ILE B 242 20.66 -38.27 -7.74
CA ILE B 242 20.97 -39.51 -6.97
C ILE B 242 21.23 -39.06 -5.54
N LEU B 243 20.19 -39.04 -4.69
CA LEU B 243 20.30 -38.49 -3.32
C LEU B 243 21.26 -39.30 -2.46
N GLN B 244 21.42 -38.88 -1.23
CA GLN B 244 21.88 -39.81 -0.17
C GLN B 244 20.65 -40.34 0.52
N VAL B 245 20.27 -41.57 0.32
CA VAL B 245 19.11 -42.09 1.06
C VAL B 245 19.64 -42.98 2.18
N PRO B 246 18.91 -43.29 3.28
CA PRO B 246 19.51 -44.04 4.40
C PRO B 246 19.84 -45.48 4.00
N SER B 247 21.05 -46.02 4.34
CA SER B 247 21.52 -47.40 3.95
C SER B 247 20.66 -48.45 4.64
N ASN B 248 20.20 -49.47 3.98
CA ASN B 248 19.10 -50.26 4.58
C ASN B 248 17.78 -49.74 4.00
N TYR B 249 17.80 -48.78 3.08
CA TYR B 249 16.58 -48.41 2.34
C TYR B 249 16.73 -49.02 0.96
N ASN B 250 15.74 -49.72 0.45
CA ASN B 250 15.80 -50.22 -0.94
C ASN B 250 14.89 -49.33 -1.80
N PRO B 251 15.45 -48.43 -2.64
CA PRO B 251 14.63 -47.57 -3.46
C PRO B 251 13.80 -48.35 -4.47
N GLN B 252 14.24 -49.53 -4.84
CA GLN B 252 13.45 -50.33 -5.80
C GLN B 252 12.11 -50.66 -5.16
N THR B 253 12.13 -51.25 -3.98
CA THR B 253 10.96 -51.90 -3.33
C THR B 253 10.34 -50.97 -2.28
N ARG B 254 11.02 -49.87 -1.93
CA ARG B 254 10.62 -48.95 -0.85
C ARG B 254 10.42 -49.83 0.40
N GLN B 255 11.39 -50.68 0.68
CA GLN B 255 11.40 -51.52 1.90
C GLN B 255 12.59 -51.10 2.73
N TYR B 256 12.37 -50.88 4.01
CA TYR B 256 13.46 -50.53 4.95
C TYR B 256 13.84 -51.80 5.68
N SER B 257 15.12 -52.12 5.83
CA SER B 257 15.59 -53.43 6.34
C SER B 257 15.36 -53.51 7.86
N GLY B 258 16.26 -53.03 8.72
CA GLY B 258 16.18 -53.21 10.19
C GLY B 258 16.26 -51.91 10.96
N ILE B 259 17.13 -51.85 11.95
CA ILE B 259 17.42 -50.59 12.69
C ILE B 259 18.43 -49.76 11.88
N TRP B 260 18.06 -48.53 11.46
CA TRP B 260 18.82 -47.75 10.42
C TRP B 260 20.22 -47.31 10.87
N ASP B 261 20.42 -46.93 12.13
CA ASP B 261 21.77 -46.55 12.61
C ASP B 261 22.42 -45.48 11.71
N GLY B 262 21.67 -44.51 11.19
CA GLY B 262 22.24 -43.37 10.43
C GLY B 262 23.01 -43.84 9.23
N THR B 263 24.02 -43.13 8.77
CA THR B 263 24.88 -43.55 7.63
C THR B 263 24.03 -43.78 6.35
N PHE B 264 23.97 -42.78 5.48
CA PHE B 264 23.28 -42.91 4.16
C PHE B 264 24.19 -43.54 3.12
N LYS B 265 23.59 -44.03 2.05
CA LYS B 265 24.34 -44.47 0.86
C LYS B 265 23.79 -43.84 -0.39
N PRO B 266 24.64 -43.56 -1.41
CA PRO B 266 24.21 -43.01 -2.71
C PRO B 266 23.30 -43.88 -3.60
N ALA B 267 22.15 -43.40 -4.04
CA ALA B 267 21.08 -44.13 -4.78
C ALA B 267 20.03 -43.16 -5.29
N TYR B 268 19.50 -43.39 -6.45
CA TYR B 268 18.52 -42.46 -7.01
C TYR B 268 17.19 -42.79 -6.38
N SER B 269 16.37 -41.88 -5.82
CA SER B 269 14.99 -42.19 -5.29
C SER B 269 14.02 -41.01 -5.38
N ASN B 270 12.75 -41.33 -5.43
CA ASN B 270 11.64 -40.37 -5.36
C ASN B 270 11.26 -40.00 -3.94
N ASN B 271 11.79 -40.69 -2.93
CA ASN B 271 11.29 -40.59 -1.55
C ASN B 271 11.33 -39.14 -1.12
N MET B 272 10.20 -38.51 -0.91
CA MET B 272 10.25 -37.06 -0.93
C MET B 272 10.98 -36.52 0.27
N ALA B 273 10.90 -37.17 1.41
CA ALA B 273 11.68 -36.75 2.61
C ALA B 273 13.18 -36.71 2.28
N TRP B 274 13.71 -37.62 1.49
CA TRP B 274 15.17 -37.63 1.20
C TRP B 274 15.62 -36.63 0.15
N CYS B 275 14.70 -36.24 -0.74
CA CYS B 275 14.83 -35.00 -1.50
C CYS B 275 15.00 -33.81 -0.57
N LEU B 276 14.07 -33.61 0.36
CA LEU B 276 14.24 -32.45 1.26
C LEU B 276 15.61 -32.59 1.98
N TRP B 277 16.09 -33.78 2.33
CA TRP B 277 17.39 -33.90 2.99
C TRP B 277 18.44 -33.37 2.03
N ASP B 278 18.22 -33.58 0.74
CA ASP B 278 19.23 -33.12 -0.23
C ASP B 278 19.24 -31.60 -0.36
N MET B 279 18.06 -31.04 -0.55
CA MET B 279 17.89 -29.59 -0.62
C MET B 279 18.57 -28.94 0.61
N LEU B 280 18.43 -29.48 1.81
CA LEU B 280 18.90 -28.79 3.04
C LEU B 280 20.38 -29.03 3.28
N THR B 281 21.02 -30.07 2.75
CA THR B 281 22.40 -30.37 3.20
C THR B 281 23.44 -30.36 2.12
N HIS B 282 23.06 -30.57 0.85
CA HIS B 282 24.00 -30.59 -0.30
C HIS B 282 24.91 -29.38 -0.26
N PRO B 283 26.22 -29.51 -0.37
CA PRO B 283 27.10 -28.40 -0.04
C PRO B 283 27.21 -27.44 -1.23
N ARG B 284 26.97 -27.91 -2.46
CA ARG B 284 27.29 -27.10 -3.67
C ARG B 284 26.08 -26.25 -4.04
N TYR B 285 24.98 -26.84 -4.43
CA TYR B 285 23.81 -26.09 -4.90
C TYR B 285 22.68 -26.09 -3.89
N GLY B 286 22.94 -26.47 -2.66
CA GLY B 286 21.85 -26.58 -1.68
C GLY B 286 21.97 -25.56 -0.58
N MET B 287 22.02 -26.05 0.66
CA MET B 287 22.06 -25.24 1.87
C MET B 287 23.24 -25.70 2.71
N GLY B 288 24.22 -26.35 2.09
CA GLY B 288 25.28 -27.04 2.83
C GLY B 288 26.36 -26.11 3.37
N LYS B 289 26.32 -24.82 3.03
CA LYS B 289 27.31 -23.86 3.60
C LYS B 289 26.70 -23.28 4.88
N ARG B 290 25.36 -23.19 4.93
CA ARG B 290 24.63 -22.31 5.88
C ARG B 290 24.06 -23.15 7.02
N LEU B 291 23.69 -24.40 6.74
CA LEU B 291 23.41 -25.43 7.76
C LEU B 291 24.65 -26.31 7.92
N GLY B 292 24.41 -27.62 8.06
CA GLY B 292 25.38 -28.71 8.07
C GLY B 292 24.62 -29.97 8.34
N ALA B 293 25.09 -31.15 7.96
CA ALA B 293 24.40 -32.39 8.38
C ALA B 293 24.73 -32.56 9.84
N ALA B 294 23.76 -32.22 10.67
CA ALA B 294 23.93 -32.01 12.11
C ALA B 294 22.77 -31.15 12.57
N ASP B 295 22.43 -30.21 11.72
CA ASP B 295 21.44 -29.19 12.05
C ASP B 295 20.16 -29.58 11.32
N VAL B 296 20.13 -30.73 10.70
CA VAL B 296 18.84 -31.30 10.27
C VAL B 296 18.60 -32.60 11.06
N ASP B 297 17.42 -32.73 11.65
CA ASP B 297 17.04 -33.90 12.49
C ASP B 297 16.73 -35.06 11.57
N LYS B 298 17.78 -35.72 11.05
CA LYS B 298 17.68 -36.76 9.98
C LYS B 298 16.77 -37.89 10.48
N TRP B 299 16.68 -38.09 11.80
CA TRP B 299 15.85 -39.14 12.42
C TRP B 299 14.39 -38.84 12.11
N ALA B 300 13.90 -37.66 12.48
CA ALA B 300 12.53 -37.22 12.14
C ALA B 300 12.32 -37.32 10.60
N LEU B 301 13.32 -37.02 9.81
CA LEU B 301 13.14 -37.25 8.38
C LEU B 301 12.94 -38.73 8.25
N TYR B 302 13.76 -39.54 8.91
CA TYR B 302 13.77 -40.98 8.62
C TYR B 302 12.37 -41.47 8.81
N VAL B 303 11.74 -41.13 9.94
CA VAL B 303 10.32 -41.39 10.25
C VAL B 303 9.39 -40.88 9.16
N ILE B 304 9.57 -39.63 8.74
CA ILE B 304 8.71 -39.02 7.70
C ILE B 304 8.85 -39.77 6.37
N GLY B 305 10.04 -40.14 5.95
CA GLY B 305 10.18 -40.84 4.67
C GLY B 305 9.46 -42.19 4.67
N GLN B 306 9.53 -42.90 5.79
CA GLN B 306 8.81 -44.16 5.99
C GLN B 306 7.34 -43.88 5.79
N TYR B 307 6.86 -42.78 6.39
CA TYR B 307 5.44 -42.33 6.24
C TYR B 307 5.09 -42.11 4.77
N CYS B 308 5.97 -41.50 4.01
CA CYS B 308 5.78 -41.28 2.57
C CYS B 308 5.57 -42.60 1.85
N ASP B 309 6.26 -43.66 2.25
CA ASP B 309 6.38 -44.85 1.37
C ASP B 309 5.23 -45.80 1.63
N GLN B 310 4.44 -45.67 2.70
CA GLN B 310 3.20 -46.49 2.87
C GLN B 310 2.39 -46.60 1.56
N SER B 311 1.74 -47.73 1.30
CA SER B 311 0.91 -47.92 0.09
C SER B 311 -0.49 -47.47 0.40
N VAL B 312 -1.11 -46.76 -0.54
CA VAL B 312 -2.47 -46.20 -0.37
C VAL B 312 -3.28 -46.47 -1.63
N PRO B 313 -4.62 -46.55 -1.52
CA PRO B 313 -5.47 -46.63 -2.70
C PRO B 313 -5.02 -45.61 -3.75
N ASP B 314 -5.08 -45.96 -5.02
CA ASP B 314 -4.58 -45.07 -6.09
C ASP B 314 -5.74 -44.34 -6.77
N GLY B 315 -6.95 -44.46 -6.25
CA GLY B 315 -8.14 -43.84 -6.87
C GLY B 315 -8.69 -44.67 -8.02
N PHE B 316 -7.84 -45.16 -8.94
CA PHE B 316 -8.26 -45.98 -10.11
C PHE B 316 -8.51 -47.43 -9.67
N GLY B 317 -7.72 -47.94 -8.71
CA GLY B 317 -7.84 -49.32 -8.22
C GLY B 317 -6.51 -49.91 -7.81
N GLY B 318 -5.38 -49.41 -8.33
CA GLY B 318 -4.02 -49.83 -7.94
C GLY B 318 -3.66 -49.33 -6.55
N THR B 319 -2.40 -49.48 -6.13
CA THR B 319 -1.82 -48.78 -4.96
C THR B 319 -0.45 -48.19 -5.33
N GLU B 320 -0.03 -47.13 -4.63
CA GLU B 320 1.18 -46.32 -4.92
C GLU B 320 1.76 -45.80 -3.61
N PRO B 321 3.02 -45.29 -3.60
CA PRO B 321 3.59 -44.72 -2.39
C PRO B 321 2.76 -43.47 -2.08
N ARG B 322 2.64 -43.13 -0.82
CA ARG B 322 1.70 -42.11 -0.29
C ARG B 322 2.09 -40.80 -0.91
N ILE B 323 3.37 -40.46 -0.83
CA ILE B 323 3.96 -39.23 -1.40
C ILE B 323 5.26 -39.56 -2.13
N THR B 324 5.45 -39.03 -3.33
CA THR B 324 6.77 -39.07 -4.01
C THR B 324 7.14 -37.67 -4.45
N CYS B 325 8.39 -37.40 -4.81
CA CYS B 325 8.70 -36.07 -5.37
C CYS B 325 8.38 -36.02 -6.86
N ASN B 326 9.20 -35.40 -7.68
CA ASN B 326 9.06 -35.47 -9.15
C ASN B 326 9.01 -34.04 -9.66
N ALA B 327 9.52 -33.08 -8.90
CA ALA B 327 9.65 -31.67 -9.36
C ALA B 327 10.92 -31.53 -10.17
N TYR B 328 10.91 -30.59 -11.11
CA TYR B 328 12.09 -30.10 -11.84
C TYR B 328 12.28 -28.64 -11.48
N LEU B 329 12.75 -28.37 -10.27
CA LEU B 329 12.87 -27.01 -9.70
C LEU B 329 13.79 -26.17 -10.58
N THR B 330 13.19 -25.24 -11.33
CA THR B 330 13.85 -24.48 -12.43
C THR B 330 14.12 -23.03 -12.01
N THR B 331 13.20 -22.39 -11.31
CA THR B 331 13.29 -20.95 -10.99
C THR B 331 13.87 -20.76 -9.58
N GLN B 332 14.93 -19.97 -9.41
CA GLN B 332 15.53 -19.69 -8.07
C GLN B 332 14.52 -19.00 -7.15
N ARG B 333 14.17 -19.59 -5.99
CA ARG B 333 13.16 -19.05 -5.03
C ARG B 333 13.82 -18.86 -3.67
N LYS B 334 13.15 -18.28 -2.68
CA LYS B 334 13.81 -18.10 -1.36
C LYS B 334 13.92 -19.46 -0.69
N ALA B 335 15.03 -19.76 -0.03
CA ALA B 335 15.32 -21.10 0.53
C ALA B 335 14.18 -21.54 1.43
N TRP B 336 13.84 -20.73 2.44
CA TRP B 336 12.70 -20.99 3.37
C TRP B 336 11.42 -21.32 2.60
N ASP B 337 11.08 -20.62 1.52
CA ASP B 337 9.82 -20.87 0.78
C ASP B 337 9.86 -22.26 0.17
N VAL B 338 11.03 -22.68 -0.32
CA VAL B 338 11.19 -24.03 -0.92
C VAL B 338 11.01 -25.04 0.18
N LEU B 339 11.76 -24.87 1.27
CA LEU B 339 11.73 -25.75 2.47
C LEU B 339 10.28 -26.00 2.81
N SER B 340 9.49 -24.94 2.89
CA SER B 340 8.10 -24.99 3.42
C SER B 340 7.15 -25.57 2.36
N ASP B 341 7.41 -25.43 1.07
CA ASP B 341 6.56 -26.08 0.04
C ASP B 341 6.79 -27.59 0.01
N PHE B 342 8.04 -28.04 0.20
CA PHE B 342 8.40 -29.44 0.54
C PHE B 342 7.61 -29.90 1.76
N CYS B 343 7.69 -29.13 2.82
CA CYS B 343 7.11 -29.52 4.10
C CYS B 343 5.62 -29.32 4.06
N SER B 344 5.01 -29.05 2.93
CA SER B 344 3.54 -28.89 2.91
C SER B 344 2.94 -30.00 2.09
N ALA B 345 3.73 -30.50 1.16
CA ALA B 345 3.44 -31.67 0.31
C ALA B 345 3.21 -32.90 1.17
N MET B 346 4.06 -33.12 2.19
CA MET B 346 3.73 -33.96 3.39
C MET B 346 3.05 -33.08 4.44
N ARG B 347 2.48 -33.63 5.49
CA ARG B 347 1.97 -32.74 6.56
C ARG B 347 3.06 -32.52 7.65
N CYS B 348 4.37 -32.50 7.32
CA CYS B 348 5.43 -31.74 8.05
C CYS B 348 4.86 -30.49 8.69
N MET B 349 5.65 -29.83 9.53
CA MET B 349 5.76 -28.36 9.65
C MET B 349 7.20 -28.11 10.05
N PRO B 350 8.00 -27.35 9.29
CA PRO B 350 9.41 -27.19 9.62
C PRO B 350 9.55 -26.19 10.76
N VAL B 351 9.97 -26.67 11.92
CA VAL B 351 10.19 -25.85 13.15
C VAL B 351 11.66 -25.60 13.28
N TRP B 352 12.07 -24.58 14.01
CA TRP B 352 13.54 -24.40 14.12
C TRP B 352 13.86 -24.01 15.54
N ASN B 353 14.14 -24.91 16.46
CA ASN B 353 14.62 -24.43 17.78
C ASN B 353 15.97 -23.78 17.53
N GLY B 354 16.08 -22.47 17.65
CA GLY B 354 17.25 -21.72 17.14
C GLY B 354 18.54 -22.44 17.45
N GLN B 355 18.99 -23.33 16.54
CA GLN B 355 20.16 -24.25 16.66
C GLN B 355 20.04 -25.46 15.76
N THR B 356 18.86 -26.03 15.61
CA THR B 356 18.57 -27.21 14.75
C THR B 356 17.24 -27.07 14.00
N LEU B 357 17.15 -27.43 12.73
CA LEU B 357 15.85 -27.51 12.02
C LEU B 357 15.34 -28.93 12.18
N THR B 358 14.10 -29.15 12.53
CA THR B 358 13.48 -30.49 12.58
C THR B 358 12.09 -30.43 11.96
N PHE B 359 11.39 -31.54 11.81
CA PHE B 359 10.05 -31.51 11.20
C PHE B 359 9.08 -32.17 12.15
N VAL B 360 7.97 -31.55 12.50
CA VAL B 360 6.94 -32.19 13.35
C VAL B 360 5.82 -32.56 12.40
N GLN B 361 5.37 -33.81 12.33
CA GLN B 361 4.18 -34.15 11.48
C GLN B 361 2.91 -33.58 12.10
N ASP B 362 1.78 -33.72 11.42
CA ASP B 362 0.49 -33.17 11.91
C ASP B 362 -0.45 -34.30 12.37
N ARG B 363 -0.03 -35.09 13.34
CA ARG B 363 -0.73 -36.33 13.74
C ARG B 363 -1.09 -36.21 15.20
N PRO B 364 -1.89 -37.13 15.75
CA PRO B 364 -2.32 -37.08 17.13
C PRO B 364 -1.28 -36.59 18.13
N SER B 365 -0.06 -37.11 18.06
CA SER B 365 0.96 -36.80 19.10
C SER B 365 0.58 -37.52 20.41
N ASP B 366 1.52 -37.54 21.35
CA ASP B 366 1.39 -38.23 22.66
C ASP B 366 1.49 -37.20 23.79
N LYS B 367 2.53 -36.37 23.77
CA LYS B 367 2.88 -35.39 24.85
C LYS B 367 2.14 -34.06 24.61
N THR B 368 1.15 -33.72 25.44
CA THR B 368 0.40 -32.43 25.38
C THR B 368 0.53 -31.72 26.73
N TRP B 369 1.15 -30.53 26.77
CA TRP B 369 1.30 -29.69 28.01
C TRP B 369 -0.06 -29.11 28.36
N THR B 370 -0.26 -28.68 29.62
CA THR B 370 -1.56 -28.12 30.07
C THR B 370 -1.32 -26.73 30.65
N TYR B 371 -1.99 -25.75 30.08
CA TYR B 371 -1.98 -24.31 30.47
C TYR B 371 -3.40 -24.00 30.87
N ASN B 372 -3.60 -23.43 32.04
CA ASN B 372 -4.98 -23.08 32.44
C ASN B 372 -4.87 -21.79 33.20
N ARG B 373 -5.94 -21.39 33.91
CA ARG B 373 -6.03 -20.00 34.39
C ARG B 373 -4.87 -19.78 35.37
N SER B 374 -4.33 -20.84 36.00
CA SER B 374 -3.33 -20.78 37.11
C SER B 374 -1.87 -20.68 36.63
N ASN B 375 -1.63 -20.92 35.34
CA ASN B 375 -0.28 -21.03 34.74
C ASN B 375 0.01 -19.77 33.93
N VAL B 376 -1.00 -19.25 33.20
CA VAL B 376 -0.86 -18.17 32.18
C VAL B 376 -0.99 -16.80 32.85
N VAL B 377 -0.29 -15.80 32.30
CA VAL B 377 -0.25 -14.40 32.81
C VAL B 377 -1.66 -13.81 32.84
N MET B 378 -2.06 -13.25 33.98
CA MET B 378 -3.30 -12.46 34.16
C MET B 378 -2.98 -11.01 33.80
N PRO B 379 -3.61 -10.42 32.75
CA PRO B 379 -3.40 -9.00 32.46
C PRO B 379 -4.28 -8.14 33.39
N ASP B 380 -4.33 -6.82 33.14
CA ASP B 380 -5.07 -5.84 34.00
C ASP B 380 -6.57 -6.00 33.76
N ASP B 381 -6.99 -6.27 32.52
CA ASP B 381 -8.34 -6.83 32.18
C ASP B 381 -8.33 -8.33 32.52
N GLY B 382 -9.47 -8.91 32.88
CA GLY B 382 -9.54 -10.32 33.29
C GLY B 382 -9.60 -11.29 32.11
N ALA B 383 -8.69 -11.15 31.13
CA ALA B 383 -8.71 -11.89 29.83
C ALA B 383 -7.39 -12.63 29.64
N PRO B 384 -7.20 -13.80 30.30
CA PRO B 384 -5.97 -14.57 30.18
C PRO B 384 -5.91 -15.17 28.78
N PHE B 385 -7.00 -15.75 28.28
CA PHE B 385 -7.03 -16.33 26.92
C PHE B 385 -7.89 -15.47 26.01
N ARG B 386 -7.40 -15.23 24.80
CA ARG B 386 -8.04 -14.37 23.78
C ARG B 386 -8.29 -15.21 22.53
N TYR B 387 -9.56 -15.48 22.19
CA TYR B 387 -9.93 -16.33 21.02
C TYR B 387 -10.30 -15.45 19.84
N SER B 388 -9.91 -15.93 18.69
CA SER B 388 -10.14 -15.33 17.37
C SER B 388 -10.64 -16.47 16.46
N PHE B 389 -11.52 -16.27 15.50
CA PHE B 389 -12.05 -17.39 14.67
C PHE B 389 -11.86 -17.13 13.19
N SER B 390 -11.81 -18.18 12.40
CA SER B 390 -11.60 -18.12 10.94
C SER B 390 -12.85 -17.56 10.28
N ALA B 391 -12.74 -16.49 9.48
CA ALA B 391 -13.88 -15.75 8.86
C ALA B 391 -14.64 -16.67 7.89
N LEU B 392 -15.96 -16.79 7.94
CA LEU B 392 -16.66 -17.93 7.30
C LEU B 392 -16.34 -18.04 5.82
N LYS B 393 -16.11 -16.91 5.14
CA LYS B 393 -15.69 -16.83 3.71
C LYS B 393 -14.31 -17.45 3.46
N ASP B 394 -13.53 -17.80 4.50
CA ASP B 394 -12.11 -18.21 4.38
C ASP B 394 -11.98 -19.72 4.50
N ARG B 395 -13.07 -20.37 4.93
CA ARG B 395 -13.06 -21.81 5.19
C ARG B 395 -13.42 -22.52 3.90
N HIS B 396 -12.58 -22.42 2.86
CA HIS B 396 -12.93 -23.01 1.55
C HIS B 396 -13.44 -24.44 1.76
N ASN B 397 -14.36 -24.90 0.94
CA ASN B 397 -14.81 -26.31 1.08
C ASN B 397 -14.63 -27.02 -0.27
N ALA B 398 -13.73 -26.58 -1.13
CA ALA B 398 -13.64 -27.23 -2.45
C ALA B 398 -12.53 -26.64 -3.23
N VAL B 399 -11.52 -27.45 -3.48
CA VAL B 399 -10.17 -27.01 -3.93
C VAL B 399 -10.01 -27.33 -5.41
N GLU B 400 -9.22 -26.56 -6.12
CA GLU B 400 -8.65 -27.01 -7.43
C GLU B 400 -7.14 -27.22 -7.24
N VAL B 401 -6.71 -28.46 -7.13
CA VAL B 401 -5.29 -28.81 -6.93
C VAL B 401 -4.60 -28.93 -8.27
N ASN B 402 -3.44 -28.29 -8.52
CA ASN B 402 -2.73 -28.43 -9.80
C ASN B 402 -1.60 -29.43 -9.67
N TRP B 403 -1.41 -30.31 -10.65
CA TRP B 403 -0.34 -31.34 -10.67
C TRP B 403 0.12 -31.51 -12.11
N ILE B 404 1.25 -32.20 -12.34
CA ILE B 404 1.79 -32.41 -13.72
C ILE B 404 1.50 -33.85 -14.11
N ASP B 405 0.73 -34.07 -15.18
CA ASP B 405 0.21 -35.41 -15.55
C ASP B 405 1.04 -36.02 -16.69
N PRO B 406 1.78 -37.10 -16.45
CA PRO B 406 2.63 -37.65 -17.49
C PRO B 406 1.83 -38.44 -18.55
N ASN B 407 0.59 -38.06 -18.81
CA ASN B 407 -0.32 -38.91 -19.62
C ASN B 407 -1.22 -38.04 -20.49
N ASN B 408 -1.05 -36.74 -20.46
CA ASN B 408 -1.52 -35.89 -21.57
C ASN B 408 -0.27 -35.16 -22.06
N GLY B 409 0.87 -35.87 -22.01
CA GLY B 409 2.23 -35.28 -22.09
C GLY B 409 2.42 -34.36 -20.92
N TRP B 410 3.62 -34.28 -20.39
CA TRP B 410 3.81 -33.75 -19.02
C TRP B 410 3.39 -32.28 -18.95
N GLU B 411 2.12 -32.00 -18.64
CA GLU B 411 1.60 -30.60 -18.52
C GLU B 411 0.57 -30.50 -17.39
N THR B 412 0.08 -29.30 -17.14
CA THR B 412 -0.74 -28.99 -15.96
C THR B 412 -2.11 -29.61 -16.09
N ALA B 413 -2.54 -30.34 -15.06
CA ALA B 413 -3.93 -30.82 -14.88
C ALA B 413 -4.41 -30.34 -13.52
N THR B 414 -5.67 -29.96 -13.41
CA THR B 414 -6.33 -29.59 -12.14
C THR B 414 -7.26 -30.71 -11.70
N GLU B 415 -6.99 -31.32 -10.56
CA GLU B 415 -7.94 -32.26 -9.93
C GLU B 415 -8.83 -31.46 -9.00
N LEU B 416 -10.14 -31.44 -9.20
CA LEU B 416 -11.03 -30.72 -8.27
C LEU B 416 -11.30 -31.62 -7.06
N VAL B 417 -11.36 -31.12 -5.84
CA VAL B 417 -11.86 -31.91 -4.68
C VAL B 417 -12.94 -31.14 -3.95
N GLU B 418 -14.05 -31.78 -3.55
CA GLU B 418 -15.17 -31.07 -2.90
C GLU B 418 -15.61 -31.82 -1.68
N ASP B 419 -16.04 -31.13 -0.62
CA ASP B 419 -16.65 -31.77 0.57
C ASP B 419 -18.14 -31.53 0.49
N THR B 420 -18.89 -32.50 0.01
CA THR B 420 -20.24 -32.20 -0.53
C THR B 420 -21.15 -31.88 0.61
N GLN B 421 -20.84 -32.44 1.78
CA GLN B 421 -21.63 -32.30 3.02
C GLN B 421 -21.69 -30.83 3.41
N ALA B 422 -20.52 -30.20 3.51
CA ALA B 422 -20.36 -28.77 3.90
C ALA B 422 -20.92 -27.89 2.79
N ILE B 423 -20.66 -28.23 1.53
CA ILE B 423 -21.16 -27.49 0.33
C ILE B 423 -22.67 -27.30 0.46
N ALA B 424 -23.38 -28.39 0.69
CA ALA B 424 -24.86 -28.37 0.75
C ALA B 424 -25.38 -27.34 1.78
N ARG B 425 -24.58 -26.87 2.74
CA ARG B 425 -25.17 -26.04 3.82
C ARG B 425 -24.28 -24.86 4.26
N TYR B 426 -23.24 -24.50 3.50
CA TYR B 426 -22.63 -23.14 3.60
C TYR B 426 -22.44 -22.58 2.18
N GLY B 427 -22.81 -23.32 1.16
CA GLY B 427 -22.72 -22.82 -0.23
C GLY B 427 -21.63 -23.53 -1.02
N ARG B 428 -20.56 -22.83 -1.36
CA ARG B 428 -19.49 -23.44 -2.17
C ARG B 428 -18.36 -22.42 -2.26
N ASN B 429 -17.27 -22.67 -1.55
CA ASN B 429 -16.02 -21.87 -1.65
C ASN B 429 -14.96 -22.64 -2.42
N VAL B 430 -14.68 -22.23 -3.63
CA VAL B 430 -13.63 -22.95 -4.39
C VAL B 430 -12.35 -22.13 -4.23
N THR B 431 -11.22 -22.79 -4.10
CA THR B 431 -9.89 -22.17 -3.97
C THR B 431 -8.86 -22.97 -4.78
N LYS B 432 -7.79 -22.31 -5.22
CA LYS B 432 -6.66 -22.89 -5.96
C LYS B 432 -5.67 -23.52 -4.98
N MET B 433 -4.60 -24.10 -5.50
CA MET B 433 -3.46 -24.71 -4.74
C MET B 433 -2.70 -25.63 -5.67
N ASP B 434 -1.37 -25.72 -5.50
CA ASP B 434 -0.50 -26.53 -6.39
C ASP B 434 0.26 -27.50 -5.50
N ALA B 435 -0.02 -28.80 -5.61
CA ALA B 435 0.67 -29.88 -4.87
C ALA B 435 2.13 -29.92 -5.33
N PHE B 436 3.08 -29.92 -4.41
CA PHE B 436 4.45 -29.42 -4.67
C PHE B 436 5.17 -30.34 -5.64
N GLY B 437 5.35 -31.61 -5.31
CA GLY B 437 6.14 -32.50 -6.17
C GLY B 437 5.21 -33.42 -6.93
N CYS B 438 3.92 -33.20 -6.84
CA CYS B 438 2.89 -34.15 -7.29
C CYS B 438 3.03 -34.48 -8.76
N THR B 439 2.95 -35.76 -9.14
CA THR B 439 2.80 -36.23 -10.55
C THR B 439 1.69 -37.30 -10.65
N SER B 440 1.05 -37.66 -9.55
CA SER B 440 0.02 -38.72 -9.51
C SER B 440 -1.35 -38.12 -9.19
N ARG B 441 -2.38 -38.34 -10.03
CA ARG B 441 -3.78 -37.86 -9.83
C ARG B 441 -4.23 -38.23 -8.39
N GLY B 442 -4.00 -39.46 -7.94
CA GLY B 442 -4.26 -39.87 -6.55
C GLY B 442 -3.64 -38.91 -5.54
N GLN B 443 -2.34 -38.66 -5.66
CA GLN B 443 -1.56 -37.86 -4.71
C GLN B 443 -2.12 -36.45 -4.71
N ALA B 444 -2.53 -35.95 -5.86
CA ALA B 444 -3.10 -34.58 -6.02
C ALA B 444 -4.40 -34.47 -5.24
N HIS B 445 -5.36 -35.32 -5.58
CA HIS B 445 -6.67 -35.42 -4.92
C HIS B 445 -6.45 -35.44 -3.42
N ARG B 446 -5.46 -36.19 -2.93
CA ARG B 446 -5.28 -36.45 -1.48
C ARG B 446 -4.87 -35.17 -0.79
N ALA B 447 -3.90 -34.46 -1.35
CA ALA B 447 -3.38 -33.18 -0.79
C ALA B 447 -4.53 -32.18 -0.71
N GLY B 448 -5.35 -32.11 -1.76
CA GLY B 448 -6.57 -31.30 -1.83
C GLY B 448 -7.49 -31.62 -0.69
N LEU B 449 -7.79 -32.87 -0.43
CA LEU B 449 -8.76 -33.18 0.64
C LEU B 449 -8.20 -32.69 1.97
N TRP B 450 -6.89 -32.82 2.18
CA TRP B 450 -6.21 -32.43 3.44
C TRP B 450 -6.32 -30.93 3.66
N LEU B 451 -6.18 -30.12 2.60
CA LEU B 451 -6.38 -28.65 2.72
C LEU B 451 -7.85 -28.32 3.04
N ILE B 452 -8.83 -28.83 2.32
CA ILE B 452 -10.22 -28.54 2.72
C ILE B 452 -10.39 -28.82 4.22
N LYS B 453 -10.03 -30.01 4.71
CA LYS B 453 -10.41 -30.40 6.08
C LYS B 453 -9.69 -29.55 7.12
N THR B 454 -8.44 -29.17 6.87
CA THR B 454 -7.70 -28.27 7.80
C THR B 454 -8.53 -27.01 7.93
N GLU B 455 -8.99 -26.46 6.78
CA GLU B 455 -9.68 -25.16 6.69
C GLU B 455 -11.03 -25.25 7.38
N LEU B 456 -11.65 -26.44 7.38
CA LEU B 456 -13.04 -26.66 7.87
C LEU B 456 -13.08 -26.98 9.36
N LEU B 457 -12.10 -27.70 9.92
CA LEU B 457 -12.20 -28.23 11.32
C LEU B 457 -11.37 -27.39 12.27
N GLU B 458 -10.17 -26.98 11.88
CA GLU B 458 -9.32 -26.11 12.70
C GLU B 458 -9.72 -24.67 12.39
N THR B 459 -10.53 -24.05 13.22
CA THR B 459 -11.05 -22.69 12.94
C THR B 459 -10.51 -21.67 13.95
N GLN B 460 -10.42 -22.02 15.23
CA GLN B 460 -10.20 -20.98 16.24
C GLN B 460 -8.78 -20.99 16.79
N THR B 461 -8.27 -19.83 17.14
CA THR B 461 -6.86 -19.64 17.56
C THR B 461 -6.91 -18.91 18.90
N VAL B 462 -5.94 -19.20 19.72
CA VAL B 462 -5.93 -18.76 21.13
C VAL B 462 -4.59 -18.04 21.34
N ASP B 463 -4.58 -16.86 21.94
CA ASP B 463 -3.33 -16.11 22.22
C ASP B 463 -3.24 -15.85 23.70
N PHE B 464 -2.11 -16.05 24.35
CA PHE B 464 -2.12 -15.99 25.81
C PHE B 464 -0.69 -15.97 26.30
N SER B 465 -0.12 -14.82 26.51
CA SER B 465 1.28 -14.74 27.03
C SER B 465 1.39 -15.55 28.34
N VAL B 466 2.45 -16.38 28.47
CA VAL B 466 2.79 -17.19 29.68
C VAL B 466 4.09 -16.65 30.27
N GLY B 467 4.48 -17.22 31.42
CA GLY B 467 5.68 -16.86 32.19
C GLY B 467 6.93 -17.49 31.60
N ALA B 468 7.94 -17.74 32.45
CA ALA B 468 9.33 -18.10 32.03
C ALA B 468 9.40 -19.53 31.50
N GLU B 469 8.33 -20.35 31.70
CA GLU B 469 8.14 -21.72 31.15
C GLU B 469 8.15 -21.67 29.62
N GLY B 470 8.02 -20.48 29.05
CA GLY B 470 8.00 -20.23 27.59
C GLY B 470 9.15 -20.90 26.88
N LEU B 471 10.37 -20.85 27.44
CA LEU B 471 11.61 -21.22 26.70
C LEU B 471 11.71 -22.74 26.53
N ARG B 472 10.71 -23.50 27.01
CA ARG B 472 10.57 -24.95 26.73
C ARG B 472 9.67 -25.23 25.50
N HIS B 473 9.15 -24.21 24.82
CA HIS B 473 8.22 -24.38 23.67
C HIS B 473 8.86 -23.94 22.35
N VAL B 474 8.71 -24.76 21.31
CA VAL B 474 8.96 -24.48 19.86
C VAL B 474 7.62 -24.60 19.11
N PRO B 475 7.50 -24.08 17.90
CA PRO B 475 6.27 -24.30 17.14
C PRO B 475 6.08 -25.79 16.98
N GLY B 476 4.88 -26.21 16.70
CA GLY B 476 4.58 -27.64 16.51
C GLY B 476 4.12 -28.34 17.77
N ASP B 477 4.55 -27.88 18.96
CA ASP B 477 4.11 -28.42 20.28
C ASP B 477 2.59 -28.38 20.35
N VAL B 478 1.95 -29.31 21.08
CA VAL B 478 0.46 -29.30 21.30
C VAL B 478 0.20 -28.88 22.76
N ILE B 479 -0.82 -28.07 23.02
CA ILE B 479 -1.12 -27.61 24.39
C ILE B 479 -2.57 -27.88 24.69
N GLU B 480 -2.98 -27.91 25.94
CA GLU B 480 -4.41 -27.98 26.29
C GLU B 480 -4.79 -26.79 27.15
N ILE B 481 -5.64 -25.94 26.62
CA ILE B 481 -6.16 -24.73 27.27
C ILE B 481 -7.39 -25.14 28.09
N CYS B 482 -7.28 -25.11 29.41
CA CYS B 482 -8.43 -25.41 30.31
C CYS B 482 -8.97 -24.12 30.88
N ASP B 483 -9.43 -23.22 30.03
CA ASP B 483 -10.07 -21.96 30.48
C ASP B 483 -11.37 -22.34 31.20
N ASP B 484 -11.41 -22.13 32.52
CA ASP B 484 -12.58 -22.44 33.39
C ASP B 484 -13.83 -21.69 32.88
N ASP B 485 -13.64 -20.41 32.50
CA ASP B 485 -14.70 -19.46 32.06
C ASP B 485 -15.36 -19.98 30.76
N TYR B 486 -14.55 -20.52 29.85
CA TYR B 486 -14.99 -21.22 28.61
C TYR B 486 -15.80 -22.45 29.02
N ALA B 487 -15.26 -23.26 29.94
CA ALA B 487 -15.76 -24.61 30.32
C ALA B 487 -17.12 -24.52 31.00
N GLY B 488 -17.32 -23.48 31.82
CA GLY B 488 -18.55 -23.27 32.61
C GLY B 488 -18.42 -23.81 34.03
N ILE B 489 -17.28 -24.44 34.37
CA ILE B 489 -16.96 -25.04 35.71
C ILE B 489 -15.44 -24.97 35.93
N SER B 490 -15.00 -24.82 37.20
CA SER B 490 -13.54 -24.77 37.56
C SER B 490 -12.97 -26.18 37.55
N THR B 491 -11.82 -26.39 36.90
CA THR B 491 -11.30 -27.73 36.54
C THR B 491 -10.01 -28.00 37.29
N GLY B 492 -9.02 -27.09 37.20
CA GLY B 492 -7.62 -27.36 37.62
C GLY B 492 -6.90 -26.14 38.17
N GLY B 493 -5.69 -26.33 38.71
CA GLY B 493 -4.81 -25.28 39.29
C GLY B 493 -3.42 -25.77 39.63
N ARG B 494 -2.91 -25.44 40.83
CA ARG B 494 -1.57 -25.88 41.30
C ARG B 494 -1.73 -26.67 42.60
N VAL B 495 -0.87 -27.68 42.80
CA VAL B 495 -0.88 -28.62 43.97
C VAL B 495 -0.24 -27.93 45.18
N LEU B 496 -0.55 -28.37 46.42
CA LEU B 496 -0.14 -27.70 47.69
C LEU B 496 0.88 -28.54 48.45
N ALA B 497 0.67 -29.86 48.56
CA ALA B 497 1.54 -30.81 49.29
C ALA B 497 1.41 -32.21 48.68
N VAL B 498 2.51 -32.97 48.69
CA VAL B 498 2.61 -34.33 48.09
C VAL B 498 2.98 -35.35 49.19
N ASN B 499 2.50 -36.59 49.05
CA ASN B 499 2.61 -37.68 50.06
C ASN B 499 2.90 -38.99 49.33
N SER B 500 4.15 -39.46 49.38
CA SER B 500 4.66 -40.67 48.68
C SER B 500 3.98 -41.94 49.20
N GLN B 501 4.22 -42.32 50.46
CA GLN B 501 3.44 -43.39 51.17
C GLN B 501 2.00 -42.87 51.34
N THR B 502 1.02 -43.79 51.32
CA THR B 502 -0.43 -43.52 51.12
C THR B 502 -0.58 -42.45 50.03
N ARG B 503 0.01 -42.72 48.85
CA ARG B 503 0.01 -41.86 47.63
C ARG B 503 -1.22 -40.91 47.63
N THR B 504 -1.02 -39.63 47.92
CA THR B 504 -2.09 -38.61 48.08
C THR B 504 -1.56 -37.20 47.72
N LEU B 505 -2.40 -36.42 47.04
CA LEU B 505 -2.14 -35.01 46.62
C LEU B 505 -3.09 -34.09 47.41
N THR B 506 -2.53 -33.12 48.13
CA THR B 506 -3.26 -31.94 48.69
C THR B 506 -3.15 -30.82 47.67
N LEU B 507 -4.28 -30.40 47.10
CA LEU B 507 -4.34 -29.36 46.04
C LEU B 507 -5.35 -28.28 46.43
N ASP B 508 -5.16 -27.05 45.95
CA ASP B 508 -6.13 -25.96 46.18
C ASP B 508 -7.32 -26.19 45.26
N ARG B 509 -8.51 -25.65 45.59
CA ARG B 509 -9.78 -25.85 44.84
C ARG B 509 -10.35 -27.23 45.19
N GLU B 510 -11.66 -27.31 45.44
CA GLU B 510 -12.38 -28.58 45.71
C GLU B 510 -12.67 -29.30 44.38
N ILE B 511 -12.65 -30.63 44.39
CA ILE B 511 -12.94 -31.51 43.20
C ILE B 511 -14.12 -32.41 43.54
N THR B 512 -15.13 -32.49 42.66
CA THR B 512 -16.22 -33.50 42.71
C THR B 512 -15.96 -34.55 41.62
N LEU B 513 -15.58 -35.77 42.01
CA LEU B 513 -15.43 -36.95 41.12
C LEU B 513 -16.74 -37.18 40.37
N PRO B 514 -16.72 -37.67 39.12
CA PRO B 514 -17.97 -37.93 38.38
C PRO B 514 -18.67 -39.14 39.03
N SER B 515 -20.01 -39.17 38.99
CA SER B 515 -20.83 -40.29 39.53
C SER B 515 -20.50 -41.58 38.74
N SER B 516 -20.41 -41.47 37.41
CA SER B 516 -20.16 -42.60 36.46
C SER B 516 -18.74 -42.52 35.89
N GLY B 517 -18.16 -43.68 35.56
CA GLY B 517 -16.84 -43.81 34.92
C GLY B 517 -15.72 -43.33 35.83
N THR B 518 -14.50 -43.22 35.27
CA THR B 518 -13.26 -42.80 35.97
C THR B 518 -12.74 -41.50 35.35
N ALA B 519 -12.23 -40.58 36.18
CA ALA B 519 -11.56 -39.34 35.76
C ALA B 519 -10.03 -39.58 35.68
N LEU B 520 -9.32 -38.65 35.02
CA LEU B 520 -7.83 -38.58 34.96
C LEU B 520 -7.36 -37.25 35.56
N ILE B 521 -6.06 -37.16 35.85
CA ILE B 521 -5.41 -35.93 36.37
C ILE B 521 -4.00 -35.81 35.76
N SER B 522 -3.73 -34.67 35.12
CA SER B 522 -2.46 -34.37 34.40
C SER B 522 -1.52 -33.59 35.34
N LEU B 523 -0.28 -34.06 35.54
CA LEU B 523 0.77 -33.39 36.38
C LEU B 523 2.05 -33.25 35.56
N VAL B 524 3.02 -32.47 36.05
CA VAL B 524 4.38 -32.34 35.45
C VAL B 524 5.30 -33.38 36.12
N ASP B 525 5.92 -34.23 35.31
CA ASP B 525 6.81 -35.35 35.72
C ASP B 525 8.02 -34.78 36.47
N GLY B 526 8.81 -35.65 37.10
CA GLY B 526 10.10 -35.33 37.74
C GLY B 526 11.09 -34.71 36.78
N SER B 527 11.05 -35.09 35.49
CA SER B 527 11.92 -34.56 34.41
C SER B 527 11.21 -33.43 33.65
N GLY B 528 10.11 -32.90 34.20
CA GLY B 528 9.36 -31.71 33.71
C GLY B 528 8.60 -31.98 32.42
N ASN B 529 7.88 -33.11 32.35
CA ASN B 529 7.15 -33.57 31.14
C ASN B 529 5.69 -33.86 31.52
N PRO B 530 4.72 -33.53 30.65
CA PRO B 530 3.31 -33.67 31.02
C PRO B 530 2.86 -35.13 31.09
N VAL B 531 3.08 -35.77 32.24
CA VAL B 531 2.58 -37.15 32.52
C VAL B 531 1.15 -37.04 33.02
N SER B 532 0.36 -38.10 32.81
CA SER B 532 -1.05 -38.22 33.21
C SER B 532 -1.22 -39.51 34.01
N VAL B 533 -2.06 -39.48 35.05
CA VAL B 533 -2.43 -40.66 35.89
C VAL B 533 -3.94 -40.60 36.13
N GLU B 534 -4.51 -41.54 36.90
CA GLU B 534 -5.97 -41.54 37.21
C GLU B 534 -6.17 -41.26 38.71
N VAL B 535 -7.44 -41.11 39.12
CA VAL B 535 -7.84 -40.76 40.52
C VAL B 535 -8.78 -41.86 41.03
N GLN B 536 -8.58 -42.29 42.29
CA GLN B 536 -9.42 -43.30 43.00
C GLN B 536 -10.55 -42.56 43.73
N SER B 537 -10.18 -41.68 44.67
CA SER B 537 -11.10 -41.12 45.69
C SER B 537 -10.64 -39.73 46.15
N VAL B 538 -11.58 -38.99 46.77
CA VAL B 538 -11.40 -37.61 47.28
C VAL B 538 -11.84 -37.57 48.76
N THR B 539 -10.93 -37.22 49.66
CA THR B 539 -11.21 -36.92 51.09
C THR B 539 -11.44 -35.40 51.23
N ASP B 540 -12.48 -35.01 51.97
CA ASP B 540 -12.98 -33.61 52.02
C ASP B 540 -13.33 -33.20 50.59
N GLY B 541 -12.92 -31.99 50.16
CA GLY B 541 -12.88 -31.58 48.75
C GLY B 541 -11.45 -31.46 48.23
N VAL B 542 -10.44 -31.77 49.06
CA VAL B 542 -9.02 -31.40 48.79
C VAL B 542 -8.16 -32.66 48.55
N LYS B 543 -8.05 -33.57 49.53
CA LYS B 543 -7.16 -34.76 49.45
C LYS B 543 -7.61 -35.67 48.30
N VAL B 544 -6.67 -36.14 47.49
CA VAL B 544 -6.94 -37.03 46.32
C VAL B 544 -5.97 -38.22 46.39
N LYS B 545 -6.50 -39.44 46.41
CA LYS B 545 -5.72 -40.69 46.30
C LYS B 545 -5.53 -41.04 44.82
N VAL B 546 -4.28 -41.10 44.35
CA VAL B 546 -3.89 -41.34 42.93
C VAL B 546 -3.45 -42.81 42.78
N SER B 547 -3.48 -43.32 41.54
CA SER B 547 -3.08 -44.71 41.16
C SER B 547 -1.59 -44.93 41.50
N ARG B 548 -0.75 -43.94 41.18
CA ARG B 548 0.70 -43.91 41.47
C ARG B 548 1.21 -42.47 41.30
N VAL B 549 1.93 -41.92 42.27
CA VAL B 549 2.60 -40.59 42.19
C VAL B 549 3.89 -40.74 41.40
N PRO B 550 4.01 -40.12 40.20
CA PRO B 550 5.29 -40.11 39.47
C PRO B 550 6.40 -39.50 40.32
N ASP B 551 7.61 -40.06 40.21
CA ASP B 551 8.81 -39.69 41.02
C ASP B 551 9.13 -38.21 40.84
N GLY B 552 9.29 -37.47 41.95
CA GLY B 552 9.72 -36.06 41.96
C GLY B 552 8.69 -35.12 41.38
N VAL B 553 7.39 -35.37 41.61
CA VAL B 553 6.30 -34.38 41.38
C VAL B 553 6.40 -33.32 42.48
N ALA B 554 6.94 -32.15 42.18
CA ALA B 554 7.23 -31.07 43.15
C ALA B 554 5.92 -30.46 43.65
N GLU B 555 6.00 -29.81 44.82
CA GLU B 555 4.95 -28.94 45.41
C GLU B 555 4.79 -27.71 44.51
N TYR B 556 3.55 -27.21 44.38
CA TYR B 556 3.15 -26.01 43.59
C TYR B 556 3.45 -26.22 42.10
N SER B 557 3.00 -27.35 41.56
CA SER B 557 3.02 -27.70 40.11
C SER B 557 1.57 -27.75 39.62
N VAL B 558 1.36 -27.66 38.30
CA VAL B 558 0.01 -27.64 37.69
C VAL B 558 -0.55 -29.06 37.72
N TRP B 559 -1.80 -29.13 38.17
CA TRP B 559 -2.68 -30.32 38.11
C TRP B 559 -3.92 -29.92 37.31
N GLU B 560 -4.43 -30.82 36.47
CA GLU B 560 -5.70 -30.59 35.72
C GLU B 560 -6.58 -31.82 35.87
N LEU B 561 -7.89 -31.62 36.00
CA LEU B 561 -8.86 -32.74 36.03
C LEU B 561 -9.52 -32.88 34.65
N LYS B 562 -9.54 -34.10 34.10
CA LYS B 562 -10.05 -34.43 32.73
C LYS B 562 -11.21 -35.41 32.87
N LEU B 563 -12.43 -34.93 32.65
CA LEU B 563 -13.67 -35.72 32.82
C LEU B 563 -14.01 -36.36 31.48
N PRO B 564 -14.49 -37.63 31.46
CA PRO B 564 -14.77 -38.31 30.20
C PRO B 564 -15.95 -37.69 29.44
N THR B 565 -16.59 -36.65 30.00
CA THR B 565 -17.76 -35.93 29.41
C THR B 565 -17.42 -34.45 29.21
N LEU B 566 -16.28 -34.18 28.57
CA LEU B 566 -15.94 -32.86 27.98
C LEU B 566 -14.94 -33.06 26.84
N ARG B 567 -14.99 -32.16 25.87
CA ARG B 567 -14.04 -32.12 24.73
C ARG B 567 -12.62 -31.94 25.30
N GLN B 568 -11.56 -32.30 24.58
CA GLN B 568 -10.16 -32.08 25.04
C GLN B 568 -9.73 -30.61 24.92
N ARG B 569 -10.02 -29.88 23.82
CA ARG B 569 -9.63 -28.45 23.57
C ARG B 569 -8.11 -28.33 23.36
N LEU B 570 -7.51 -29.10 22.46
CA LEU B 570 -6.06 -29.00 22.20
C LEU B 570 -5.82 -27.86 21.24
N PHE B 571 -4.57 -27.49 21.04
CA PHE B 571 -4.10 -26.42 20.14
C PHE B 571 -2.64 -26.60 19.90
N ARG B 572 -2.23 -26.68 18.65
CA ARG B 572 -0.81 -26.70 18.24
C ARG B 572 -0.28 -25.27 18.16
N CYS B 573 0.75 -24.91 18.91
CA CYS B 573 1.38 -23.55 18.86
C CYS B 573 1.89 -23.28 17.46
N VAL B 574 1.88 -22.04 17.01
CA VAL B 574 2.59 -21.70 15.76
C VAL B 574 3.66 -20.66 16.06
N SER B 575 3.63 -19.95 17.18
CA SER B 575 4.67 -18.92 17.45
C SER B 575 4.83 -18.62 18.94
N ILE B 576 6.10 -18.47 19.37
CA ILE B 576 6.54 -18.04 20.73
C ILE B 576 7.52 -16.86 20.62
N ARG B 577 7.08 -15.66 21.02
CA ARG B 577 7.84 -14.38 21.07
C ARG B 577 8.25 -14.09 22.51
N GLU B 578 9.38 -13.39 22.71
CA GLU B 578 9.91 -13.00 24.05
C GLU B 578 9.71 -11.49 24.21
N ASN B 579 9.03 -11.04 25.28
CA ASN B 579 8.58 -9.62 25.46
C ASN B 579 9.55 -8.85 26.37
N ASP B 580 10.81 -9.32 26.49
CA ASP B 580 11.95 -8.76 27.29
C ASP B 580 11.55 -8.46 28.75
N ASP B 581 10.52 -9.14 29.27
CA ASP B 581 10.11 -9.15 30.69
C ASP B 581 10.25 -10.59 31.21
N GLY B 582 10.94 -11.44 30.43
CA GLY B 582 10.99 -12.90 30.61
C GLY B 582 9.64 -13.57 30.40
N THR B 583 8.67 -12.87 29.80
CA THR B 583 7.33 -13.42 29.45
C THR B 583 7.35 -13.74 27.95
N TYR B 584 6.57 -14.73 27.52
CA TYR B 584 6.53 -15.25 26.13
C TYR B 584 5.10 -15.23 25.65
N ALA B 585 4.75 -14.35 24.71
CA ALA B 585 3.40 -14.33 24.08
C ALA B 585 3.32 -15.54 23.15
N ILE B 586 2.30 -16.36 23.34
CA ILE B 586 2.06 -17.56 22.49
C ILE B 586 0.96 -17.22 21.53
N THR B 587 0.89 -17.96 20.43
CA THR B 587 -0.35 -18.10 19.66
C THR B 587 -0.40 -19.53 19.14
N ALA B 588 -1.51 -20.25 19.38
CA ALA B 588 -1.69 -21.63 18.88
C ALA B 588 -2.94 -21.66 18.06
N VAL B 589 -3.06 -22.55 17.09
CA VAL B 589 -4.30 -22.70 16.29
C VAL B 589 -4.98 -23.98 16.76
N GLN B 590 -6.22 -24.27 16.38
CA GLN B 590 -6.94 -25.45 16.93
C GLN B 590 -6.18 -26.70 16.53
N HIS B 591 -6.30 -27.81 17.25
CA HIS B 591 -5.56 -29.05 16.90
C HIS B 591 -6.46 -30.17 16.33
N VAL B 592 -7.58 -30.54 16.98
CA VAL B 592 -8.52 -31.63 16.55
C VAL B 592 -7.73 -32.85 16.03
N PRO B 593 -7.26 -33.74 16.91
CA PRO B 593 -6.33 -34.80 16.50
C PRO B 593 -6.97 -35.90 15.61
N GLU B 594 -8.30 -35.95 15.59
CA GLU B 594 -9.06 -36.87 14.71
C GLU B 594 -8.68 -36.63 13.24
N LYS B 595 -8.07 -35.50 12.88
CA LYS B 595 -8.07 -35.06 11.45
C LYS B 595 -7.29 -36.04 10.58
N GLU B 596 -6.25 -36.69 11.09
CA GLU B 596 -5.52 -37.69 10.28
C GLU B 596 -6.50 -38.76 9.79
N ALA B 597 -7.24 -39.38 10.71
CA ALA B 597 -8.22 -40.45 10.42
C ALA B 597 -9.38 -39.96 9.52
N ILE B 598 -9.85 -38.74 9.75
CA ILE B 598 -10.96 -38.13 8.99
C ILE B 598 -10.53 -37.95 7.54
N VAL B 599 -9.27 -37.66 7.30
CA VAL B 599 -8.84 -37.44 5.90
C VAL B 599 -8.52 -38.78 5.24
N ASP B 600 -7.83 -39.70 5.91
CA ASP B 600 -7.38 -40.97 5.24
C ASP B 600 -8.56 -41.93 5.00
N ASN B 601 -9.49 -42.09 5.94
CA ASN B 601 -10.54 -43.14 5.85
C ASN B 601 -11.89 -42.46 5.59
N GLY B 602 -12.32 -41.57 6.52
CA GLY B 602 -13.66 -40.93 6.62
C GLY B 602 -14.29 -41.33 7.95
N ALA B 603 -14.77 -40.40 8.77
CA ALA B 603 -15.19 -40.71 10.17
C ALA B 603 -16.35 -39.78 10.62
N HIS B 604 -16.14 -38.90 11.63
CA HIS B 604 -17.05 -37.85 12.20
C HIS B 604 -18.51 -38.06 11.77
N THR C 167 -16.13 -39.95 -60.97
CA THR C 167 -15.22 -39.21 -60.03
C THR C 167 -15.78 -39.33 -58.59
N ASP C 168 -15.36 -38.45 -57.67
CA ASP C 168 -15.63 -38.51 -56.21
C ASP C 168 -17.11 -38.21 -55.91
N ASN C 169 -17.60 -37.04 -56.34
CA ASN C 169 -19.03 -36.64 -56.33
C ASN C 169 -19.50 -36.39 -54.88
N GLY C 170 -20.75 -35.95 -54.71
CA GLY C 170 -21.43 -35.69 -53.43
C GLY C 170 -20.88 -34.48 -52.69
N LYS C 171 -21.48 -34.13 -51.55
CA LYS C 171 -20.98 -33.05 -50.65
C LYS C 171 -19.61 -33.48 -50.11
N GLN C 172 -18.87 -32.56 -49.47
CA GLN C 172 -17.49 -32.78 -48.95
C GLN C 172 -17.55 -33.44 -47.56
N ASN C 173 -17.78 -32.67 -46.49
CA ASN C 173 -17.70 -33.15 -45.09
C ASN C 173 -18.59 -32.30 -44.17
N THR C 174 -18.29 -31.00 -44.02
CA THR C 174 -19.03 -30.03 -43.15
C THR C 174 -19.12 -30.57 -41.71
N TYR C 175 -18.06 -30.43 -40.91
CA TYR C 175 -17.91 -31.13 -39.59
C TYR C 175 -17.70 -30.20 -38.38
N PHE C 176 -18.54 -29.19 -38.24
CA PHE C 176 -18.68 -28.39 -36.99
C PHE C 176 -17.36 -28.02 -36.28
N SER C 177 -16.17 -28.36 -36.80
CA SER C 177 -14.96 -27.52 -36.59
C SER C 177 -14.66 -27.35 -35.09
N SER C 178 -14.73 -26.11 -34.60
CA SER C 178 -14.58 -25.70 -33.18
C SER C 178 -15.94 -25.24 -32.64
N LEU C 179 -16.21 -25.56 -31.38
CA LEU C 179 -17.40 -25.10 -30.63
C LEU C 179 -16.93 -24.09 -29.60
N ASP C 180 -17.74 -23.07 -29.33
CA ASP C 180 -17.49 -22.16 -28.18
C ASP C 180 -17.68 -23.00 -26.93
N ASN C 181 -17.01 -22.71 -25.82
CA ASN C 181 -16.83 -23.74 -24.76
C ASN C 181 -17.94 -23.53 -23.75
N MET C 182 -18.12 -24.56 -22.90
CA MET C 182 -19.07 -24.63 -21.78
C MET C 182 -18.77 -23.54 -20.73
N VAL C 183 -19.68 -23.33 -19.78
CA VAL C 183 -19.86 -21.99 -19.17
C VAL C 183 -18.94 -21.87 -17.95
N ALA C 184 -18.47 -22.99 -17.37
CA ALA C 184 -17.65 -23.04 -16.12
C ALA C 184 -18.50 -22.81 -14.85
N GLN C 185 -18.29 -23.61 -13.81
CA GLN C 185 -19.03 -23.49 -12.53
C GLN C 185 -18.73 -22.15 -11.95
N GLY C 186 -19.65 -21.69 -11.11
CA GLY C 186 -19.60 -20.40 -10.40
C GLY C 186 -19.63 -19.19 -11.33
N ASN C 187 -20.37 -19.15 -12.44
CA ASN C 187 -20.24 -17.99 -13.35
C ASN C 187 -21.40 -16.98 -13.24
N VAL C 188 -22.40 -17.26 -12.41
CA VAL C 188 -23.61 -16.40 -12.24
C VAL C 188 -24.42 -16.38 -13.51
N LEU C 189 -25.72 -16.48 -13.34
CA LEU C 189 -26.68 -16.52 -14.43
C LEU C 189 -27.16 -15.10 -14.67
N PRO C 190 -26.81 -14.48 -15.82
CA PRO C 190 -27.08 -13.07 -16.08
C PRO C 190 -28.52 -12.64 -15.90
N VAL C 191 -28.78 -11.36 -15.67
CA VAL C 191 -30.14 -10.78 -15.69
C VAL C 191 -30.15 -9.78 -16.82
N LEU C 192 -31.11 -9.86 -17.72
CA LEU C 192 -31.25 -8.96 -18.88
C LEU C 192 -32.41 -8.01 -18.61
N TYR C 193 -32.13 -6.73 -18.39
CA TYR C 193 -33.19 -5.71 -18.15
C TYR C 193 -33.54 -5.05 -19.50
N GLY C 194 -34.68 -5.31 -20.13
CA GLY C 194 -35.19 -4.64 -21.35
C GLY C 194 -34.34 -4.70 -22.65
N GLU C 195 -34.85 -5.16 -23.80
CA GLU C 195 -34.19 -4.92 -25.13
C GLU C 195 -32.74 -5.38 -25.02
N MET C 196 -31.70 -4.77 -25.62
CA MET C 196 -30.32 -5.38 -25.77
C MET C 196 -30.28 -6.62 -26.68
N ARG C 197 -29.10 -7.00 -27.13
CA ARG C 197 -28.86 -8.18 -27.98
C ARG C 197 -27.78 -8.94 -27.26
N VAL C 198 -27.91 -10.23 -26.96
CA VAL C 198 -26.91 -10.98 -26.12
C VAL C 198 -26.01 -11.89 -26.97
N GLY C 199 -24.93 -12.43 -26.40
CA GLY C 199 -24.20 -13.58 -26.97
C GLY C 199 -24.70 -14.92 -26.44
N SER C 200 -23.88 -15.96 -26.46
CA SER C 200 -24.28 -17.36 -26.18
C SER C 200 -23.50 -17.89 -24.97
N ARG C 201 -24.19 -18.24 -23.89
CA ARG C 201 -23.57 -18.92 -22.72
C ARG C 201 -23.95 -20.39 -22.78
N VAL C 202 -22.98 -21.25 -23.13
CA VAL C 202 -23.33 -22.65 -23.45
C VAL C 202 -23.48 -23.41 -22.15
N VAL C 203 -24.57 -24.16 -22.01
CA VAL C 203 -24.96 -24.94 -20.82
C VAL C 203 -24.90 -26.42 -21.18
N SER C 204 -25.41 -26.79 -22.35
CA SER C 204 -25.40 -28.19 -22.85
C SER C 204 -25.05 -28.22 -24.33
N GLN C 205 -24.00 -28.92 -24.72
CA GLN C 205 -23.53 -28.99 -26.11
C GLN C 205 -23.25 -30.45 -26.36
N GLU C 206 -23.77 -31.01 -27.44
CA GLU C 206 -23.63 -32.46 -27.79
C GLU C 206 -23.58 -32.55 -29.32
N ILE C 207 -22.54 -33.08 -29.93
CA ILE C 207 -22.65 -33.28 -31.42
C ILE C 207 -22.90 -34.77 -31.66
N SER C 208 -23.91 -35.05 -32.47
CA SER C 208 -24.46 -36.41 -32.62
C SER C 208 -24.28 -36.80 -34.08
N THR C 209 -23.15 -37.41 -34.45
CA THR C 209 -22.93 -37.81 -35.86
C THR C 209 -23.82 -39.01 -36.19
N ALA C 210 -24.57 -38.91 -37.30
CA ALA C 210 -25.40 -39.99 -37.87
C ALA C 210 -24.61 -40.69 -38.98
N ASP C 211 -25.30 -41.20 -40.01
CA ASP C 211 -24.68 -41.92 -41.16
C ASP C 211 -25.52 -41.66 -42.43
N GLU C 212 -25.18 -40.60 -43.17
CA GLU C 212 -25.78 -40.25 -44.48
C GLU C 212 -25.30 -41.25 -45.54
N GLY C 213 -24.09 -41.80 -45.39
CA GLY C 213 -23.49 -42.76 -46.33
C GLY C 213 -24.24 -44.08 -46.37
N ASP C 214 -24.03 -44.86 -47.43
CA ASP C 214 -24.70 -46.17 -47.67
C ASP C 214 -23.81 -47.31 -47.17
N GLY C 215 -24.41 -48.48 -46.92
CA GLY C 215 -23.72 -49.77 -46.72
C GLY C 215 -23.06 -49.91 -45.35
N GLY C 216 -22.42 -51.07 -45.13
CA GLY C 216 -21.65 -51.39 -43.91
C GLY C 216 -20.14 -51.38 -44.18
N GLN C 217 -19.51 -50.22 -43.97
CA GLN C 217 -18.03 -50.05 -44.00
C GLN C 217 -17.58 -49.43 -42.67
N VAL C 218 -18.54 -49.19 -41.77
CA VAL C 218 -18.32 -48.99 -40.31
C VAL C 218 -18.96 -50.20 -39.61
N VAL C 219 -18.13 -51.11 -39.12
CA VAL C 219 -18.57 -52.27 -38.29
C VAL C 219 -18.07 -52.07 -36.85
N VAL C 220 -18.96 -52.22 -35.87
CA VAL C 220 -18.66 -52.10 -34.42
C VAL C 220 -18.87 -53.48 -33.80
N ILE C 221 -17.93 -53.94 -32.98
CA ILE C 221 -17.93 -55.29 -32.36
C ILE C 221 -17.87 -55.12 -30.83
N GLY C 222 -18.94 -55.49 -30.12
CA GLY C 222 -18.96 -55.48 -28.64
C GLY C 222 -20.27 -54.96 -28.10
N THR D 10 -4.94 -44.75 -66.09
CA THR D 10 -5.68 -45.62 -65.12
C THR D 10 -6.97 -46.14 -65.77
N PRO D 11 -7.29 -47.45 -65.67
CA PRO D 11 -8.56 -47.99 -66.19
C PRO D 11 -9.80 -47.34 -65.56
N ARG D 12 -9.88 -47.28 -64.22
CA ARG D 12 -10.93 -46.54 -63.44
C ARG D 12 -10.38 -46.16 -62.06
N GLU D 13 -10.51 -44.89 -61.67
CA GLU D 13 -9.91 -44.34 -60.41
C GLU D 13 -10.67 -44.88 -59.19
N ALA D 14 -11.88 -44.37 -58.93
CA ALA D 14 -12.63 -44.65 -57.69
C ALA D 14 -14.01 -43.96 -57.71
N LYS D 15 -14.80 -44.20 -56.67
CA LYS D 15 -16.10 -43.55 -56.37
C LYS D 15 -16.23 -43.46 -54.85
N ASP D 16 -16.33 -42.25 -54.28
CA ASP D 16 -16.37 -42.04 -52.81
C ASP D 16 -17.60 -42.74 -52.23
N ASN D 17 -17.37 -43.58 -51.23
CA ASN D 17 -18.37 -44.55 -50.74
C ASN D 17 -19.03 -44.02 -49.47
N LEU D 18 -18.31 -43.19 -48.69
CA LEU D 18 -18.78 -42.72 -47.37
C LEU D 18 -18.95 -41.20 -47.35
N LYS D 19 -20.12 -40.77 -46.87
CA LYS D 19 -20.32 -39.46 -46.24
C LYS D 19 -21.13 -39.77 -44.99
N SER D 20 -21.00 -38.95 -43.94
CA SER D 20 -22.01 -38.81 -42.88
C SER D 20 -22.16 -37.33 -42.51
N THR D 21 -23.28 -36.99 -41.88
CA THR D 21 -23.60 -35.61 -41.42
C THR D 21 -23.54 -35.59 -39.87
N GLN D 22 -23.55 -34.41 -39.27
CA GLN D 22 -23.80 -34.29 -37.81
C GLN D 22 -24.93 -33.28 -37.53
N LEU D 23 -25.32 -33.18 -36.26
CA LEU D 23 -26.37 -32.28 -35.73
C LEU D 23 -25.92 -31.81 -34.34
N LEU D 24 -25.41 -30.59 -34.28
CA LEU D 24 -25.03 -29.83 -33.05
C LEU D 24 -26.25 -29.63 -32.17
N SER D 25 -26.14 -29.82 -30.86
CA SER D 25 -27.26 -29.53 -29.91
C SER D 25 -26.73 -28.71 -28.73
N VAL D 26 -26.96 -27.39 -28.77
CA VAL D 26 -26.58 -26.44 -27.67
C VAL D 26 -27.86 -25.90 -27.01
N ILE D 27 -27.80 -25.52 -25.74
CA ILE D 27 -28.90 -24.85 -25.01
C ILE D 27 -28.33 -23.69 -24.24
N ASP D 28 -28.56 -22.45 -24.65
CA ASP D 28 -27.78 -21.28 -24.12
C ASP D 28 -28.63 -20.52 -23.13
N ALA D 29 -28.18 -20.51 -21.88
CA ALA D 29 -28.97 -20.04 -20.71
C ALA D 29 -28.77 -18.53 -20.58
N ILE D 30 -29.79 -17.74 -20.85
CA ILE D 30 -29.70 -16.26 -20.78
C ILE D 30 -30.42 -15.82 -19.55
N SER D 31 -30.35 -14.58 -19.23
CA SER D 31 -31.22 -14.04 -18.14
C SER D 31 -31.86 -15.12 -17.24
N GLU D 32 -33.11 -14.95 -16.93
CA GLU D 32 -33.56 -15.32 -15.59
C GLU D 32 -34.97 -14.73 -15.35
N GLY D 33 -35.85 -15.53 -14.73
CA GLY D 33 -37.23 -15.13 -14.41
C GLY D 33 -37.97 -14.91 -15.72
N PRO D 34 -39.26 -14.59 -15.71
CA PRO D 34 -40.00 -14.54 -16.95
C PRO D 34 -39.47 -13.39 -17.81
N ILE D 35 -38.95 -13.62 -19.02
CA ILE D 35 -38.38 -12.52 -19.87
C ILE D 35 -39.35 -12.31 -21.02
N GLU D 36 -39.34 -11.17 -21.68
CA GLU D 36 -40.24 -11.00 -22.85
C GLU D 36 -39.79 -11.95 -23.97
N GLY D 37 -38.47 -12.18 -24.12
CA GLY D 37 -37.91 -13.16 -25.07
C GLY D 37 -37.67 -12.51 -26.42
N PRO D 38 -37.67 -13.23 -27.56
CA PRO D 38 -37.29 -12.61 -28.82
C PRO D 38 -38.33 -11.55 -29.22
N VAL D 39 -37.82 -10.52 -29.90
CA VAL D 39 -38.56 -9.26 -30.20
C VAL D 39 -39.53 -9.56 -31.33
N ASP D 40 -39.10 -10.36 -32.32
CA ASP D 40 -39.76 -10.45 -33.65
C ASP D 40 -39.93 -11.91 -34.11
N GLY D 41 -39.84 -12.88 -33.20
CA GLY D 41 -39.88 -14.32 -33.53
C GLY D 41 -38.55 -14.79 -34.06
N LEU D 42 -38.58 -15.79 -34.93
CA LEU D 42 -37.35 -16.45 -35.46
C LEU D 42 -36.45 -15.46 -36.19
N LYS D 43 -36.93 -14.23 -36.47
CA LYS D 43 -36.21 -13.24 -37.33
C LYS D 43 -35.27 -12.40 -36.48
N SER D 44 -35.35 -12.52 -35.15
CA SER D 44 -34.42 -11.84 -34.22
C SER D 44 -33.50 -12.89 -33.59
N VAL D 45 -32.82 -13.71 -34.41
CA VAL D 45 -31.85 -14.76 -33.96
C VAL D 45 -30.79 -14.98 -35.03
N LEU D 46 -29.72 -14.21 -34.99
CA LEU D 46 -28.70 -14.17 -36.05
C LEU D 46 -27.69 -15.29 -35.80
N LEU D 47 -27.28 -16.07 -36.83
CA LEU D 47 -26.57 -17.36 -36.60
C LEU D 47 -25.09 -17.25 -36.95
N ASN D 48 -24.72 -16.60 -38.04
CA ASN D 48 -23.34 -16.04 -38.08
C ASN D 48 -23.49 -14.53 -37.92
N SER D 49 -24.18 -13.93 -38.86
CA SER D 49 -24.48 -12.49 -38.83
C SER D 49 -25.88 -12.32 -39.41
N THR D 50 -26.42 -13.41 -39.94
CA THR D 50 -27.53 -13.45 -40.92
C THR D 50 -28.74 -13.98 -40.16
N PRO D 51 -29.85 -13.20 -40.02
CA PRO D 51 -31.01 -13.67 -39.25
C PRO D 51 -31.53 -15.04 -39.70
N VAL D 52 -32.21 -15.82 -38.86
CA VAL D 52 -32.84 -17.10 -39.30
C VAL D 52 -33.94 -16.78 -40.33
N LEU D 53 -34.80 -15.81 -40.00
CA LEU D 53 -35.88 -15.29 -40.89
C LEU D 53 -35.55 -13.85 -41.35
N ASP D 54 -35.90 -13.55 -42.60
CA ASP D 54 -35.80 -12.21 -43.26
C ASP D 54 -36.92 -11.31 -42.71
N THR D 55 -36.86 -10.01 -43.02
CA THR D 55 -37.91 -9.00 -42.70
C THR D 55 -39.25 -9.42 -43.31
N GLU D 56 -39.24 -10.22 -44.39
CA GLU D 56 -40.45 -10.64 -45.16
C GLU D 56 -40.88 -12.07 -44.81
N GLY D 57 -40.17 -12.77 -43.91
CA GLY D 57 -40.46 -14.18 -43.54
C GLY D 57 -39.74 -15.21 -44.42
N ASN D 58 -38.74 -14.77 -45.20
CA ASN D 58 -37.86 -15.66 -46.00
C ASN D 58 -36.90 -16.39 -45.06
N THR D 59 -36.72 -17.70 -45.25
CA THR D 59 -35.75 -18.58 -44.54
C THR D 59 -34.33 -18.31 -45.10
N ASN D 60 -33.53 -17.46 -44.43
CA ASN D 60 -32.17 -17.06 -44.86
C ASN D 60 -31.17 -18.20 -44.67
N ILE D 61 -31.45 -19.10 -43.73
CA ILE D 61 -30.63 -20.31 -43.40
C ILE D 61 -31.59 -21.50 -43.20
N SER D 62 -31.21 -22.70 -43.65
CA SER D 62 -32.03 -23.93 -43.56
C SER D 62 -31.38 -24.94 -42.60
N GLY D 63 -32.18 -25.57 -41.74
CA GLY D 63 -31.78 -26.75 -40.95
C GLY D 63 -31.71 -26.49 -39.46
N VAL D 64 -31.65 -25.24 -39.04
CA VAL D 64 -31.63 -24.88 -37.60
C VAL D 64 -33.07 -24.97 -37.12
N THR D 65 -33.27 -25.28 -35.84
CA THR D 65 -34.61 -25.35 -35.21
C THR D 65 -34.52 -24.75 -33.81
N VAL D 66 -34.32 -23.45 -33.71
CA VAL D 66 -34.30 -22.78 -32.38
C VAL D 66 -35.70 -22.86 -31.75
N VAL D 67 -35.75 -23.48 -30.57
CA VAL D 67 -36.87 -23.47 -29.58
C VAL D 67 -36.49 -22.53 -28.44
N PHE D 68 -37.44 -21.78 -27.93
CA PHE D 68 -37.10 -20.70 -27.00
C PHE D 68 -37.82 -21.02 -25.67
N ARG D 69 -37.21 -20.79 -24.50
CA ARG D 69 -37.97 -20.84 -23.23
C ARG D 69 -37.77 -19.56 -22.46
N ALA D 70 -38.86 -18.90 -21.99
CA ALA D 70 -38.88 -17.74 -21.04
C ALA D 70 -38.46 -18.29 -19.69
N GLY D 71 -38.49 -17.50 -18.61
CA GLY D 71 -38.05 -18.01 -17.30
C GLY D 71 -39.16 -18.57 -16.41
N GLU D 72 -40.34 -18.91 -16.96
CA GLU D 72 -41.53 -19.26 -16.15
C GLU D 72 -41.18 -20.45 -15.24
N GLN D 73 -41.68 -20.47 -14.01
CA GLN D 73 -41.37 -21.49 -12.99
C GLN D 73 -41.64 -22.91 -13.50
N GLU D 74 -42.79 -23.19 -14.14
CA GLU D 74 -43.13 -24.53 -14.72
C GLU D 74 -42.88 -24.53 -16.23
N GLN D 75 -41.64 -24.77 -16.62
CA GLN D 75 -41.24 -24.89 -18.03
C GLN D 75 -41.07 -26.36 -18.32
N THR D 76 -41.38 -26.77 -19.54
CA THR D 76 -41.18 -28.14 -20.08
C THR D 76 -39.81 -28.16 -20.73
N PRO D 77 -39.08 -29.31 -20.70
CA PRO D 77 -37.74 -29.41 -21.28
C PRO D 77 -37.84 -28.95 -22.72
N PRO D 78 -36.82 -28.35 -23.30
CA PRO D 78 -36.92 -27.93 -24.69
C PRO D 78 -37.02 -29.18 -25.57
N GLU D 79 -38.13 -29.34 -26.33
CA GLU D 79 -38.41 -30.51 -27.20
C GLU D 79 -37.29 -30.64 -28.25
N GLY D 80 -36.91 -31.87 -28.53
CA GLY D 80 -35.75 -32.14 -29.40
C GLY D 80 -34.48 -32.28 -28.59
N PHE D 81 -34.49 -31.90 -27.30
CA PHE D 81 -33.36 -32.11 -26.34
C PHE D 81 -33.78 -33.07 -25.23
N GLU D 82 -33.06 -34.19 -25.07
CA GLU D 82 -33.51 -35.37 -24.28
C GLU D 82 -32.44 -35.78 -23.25
N SER D 83 -31.26 -35.18 -23.28
CA SER D 83 -30.12 -35.45 -22.36
C SER D 83 -29.35 -34.14 -22.14
N SER D 84 -28.49 -34.07 -21.15
CA SER D 84 -27.62 -32.89 -21.07
C SER D 84 -26.51 -33.09 -22.09
N GLY D 85 -25.54 -33.96 -21.85
CA GLY D 85 -24.38 -34.06 -22.75
C GLY D 85 -23.45 -32.86 -22.63
N SER D 86 -22.21 -33.01 -23.09
CA SER D 86 -21.09 -32.05 -22.94
C SER D 86 -19.94 -32.49 -23.86
N GLU D 87 -19.63 -31.72 -24.89
CA GLU D 87 -18.70 -32.17 -25.95
C GLU D 87 -17.33 -31.53 -25.71
N THR D 88 -16.28 -32.33 -25.85
CA THR D 88 -14.88 -31.88 -25.78
C THR D 88 -14.23 -32.28 -27.09
N VAL D 89 -13.68 -31.33 -27.83
CA VAL D 89 -12.97 -31.59 -29.12
C VAL D 89 -11.51 -31.76 -28.74
N LEU D 90 -10.82 -32.82 -29.17
CA LEU D 90 -9.35 -32.91 -28.96
C LEU D 90 -8.64 -33.30 -30.26
N GLY D 91 -9.16 -32.82 -31.41
CA GLY D 91 -8.99 -33.37 -32.77
C GLY D 91 -7.59 -33.82 -33.08
N THR D 92 -7.12 -34.89 -32.43
CA THR D 92 -5.75 -35.47 -32.55
C THR D 92 -5.82 -36.74 -33.41
N GLU D 93 -4.66 -37.22 -33.88
CA GLU D 93 -4.48 -38.41 -34.75
C GLU D 93 -3.99 -39.59 -33.89
N VAL D 94 -4.07 -40.81 -34.40
CA VAL D 94 -3.73 -42.06 -33.66
C VAL D 94 -2.81 -42.94 -34.52
N LYS D 95 -1.55 -43.16 -34.07
CA LYS D 95 -0.52 -43.96 -34.81
C LYS D 95 -0.54 -45.40 -34.30
N TYR D 96 0.49 -46.20 -34.59
CA TYR D 96 0.47 -47.65 -34.25
C TYR D 96 0.75 -47.83 -32.76
N ASP D 97 1.94 -47.43 -32.32
CA ASP D 97 2.53 -47.70 -30.98
C ASP D 97 2.45 -46.45 -30.09
N THR D 98 1.47 -45.57 -30.35
CA THR D 98 1.09 -44.43 -29.49
C THR D 98 -0.42 -44.47 -29.31
N PRO D 99 -0.95 -45.32 -28.41
CA PRO D 99 -2.31 -45.16 -27.91
C PRO D 99 -2.51 -43.74 -27.35
N ILE D 100 -3.68 -43.40 -26.80
CA ILE D 100 -4.00 -42.02 -26.34
C ILE D 100 -4.27 -41.96 -24.83
N THR D 101 -5.47 -42.36 -24.37
CA THR D 101 -5.95 -42.28 -22.96
C THR D 101 -6.46 -40.86 -22.64
N ARG D 102 -7.54 -40.76 -21.86
CA ARG D 102 -8.30 -39.50 -21.70
C ARG D 102 -8.70 -39.31 -20.24
N THR D 103 -9.21 -40.34 -19.57
CA THR D 103 -9.45 -40.32 -18.10
C THR D 103 -10.68 -39.49 -17.75
N ILE D 104 -11.92 -40.01 -17.81
CA ILE D 104 -13.09 -39.13 -18.07
C ILE D 104 -13.64 -38.55 -16.77
N THR D 105 -13.39 -39.16 -15.62
CA THR D 105 -13.54 -38.43 -14.31
C THR D 105 -14.59 -37.31 -14.23
N SER D 106 -15.77 -37.40 -14.84
CA SER D 106 -16.90 -36.48 -14.48
C SER D 106 -17.49 -37.04 -13.18
N ALA D 107 -18.61 -36.52 -12.69
CA ALA D 107 -19.25 -37.03 -11.45
C ALA D 107 -20.55 -37.72 -11.84
N ASN D 108 -21.01 -37.53 -13.06
CA ASN D 108 -22.43 -37.74 -13.35
C ASN D 108 -22.65 -38.36 -14.72
N ILE D 109 -21.61 -38.72 -15.45
CA ILE D 109 -21.78 -39.16 -16.86
C ILE D 109 -22.34 -40.55 -16.78
N ASP D 110 -23.24 -40.92 -17.71
CA ASP D 110 -23.93 -42.23 -17.78
C ASP D 110 -23.68 -42.91 -19.11
N ARG D 111 -23.77 -42.21 -20.22
CA ARG D 111 -23.35 -42.76 -21.54
C ARG D 111 -22.27 -41.86 -22.13
N LEU D 112 -21.37 -42.41 -22.91
CA LEU D 112 -20.15 -41.70 -23.31
C LEU D 112 -20.02 -41.94 -24.78
N ARG D 113 -19.98 -40.93 -25.63
CA ARG D 113 -19.93 -41.15 -27.10
C ARG D 113 -18.55 -40.79 -27.61
N PHE D 114 -17.91 -41.56 -28.49
CA PHE D 114 -16.61 -41.16 -29.09
C PHE D 114 -16.91 -40.84 -30.53
N THR D 115 -16.21 -39.87 -31.10
CA THR D 115 -16.32 -39.47 -32.53
C THR D 115 -14.89 -39.44 -33.11
N PHE D 116 -14.47 -40.60 -33.59
CA PHE D 116 -13.19 -40.88 -34.29
C PHE D 116 -13.44 -40.76 -35.79
N GLY D 117 -12.39 -40.89 -36.57
CA GLY D 117 -12.57 -40.75 -38.02
C GLY D 117 -11.36 -41.18 -38.81
N VAL D 118 -11.48 -41.04 -40.13
CA VAL D 118 -10.41 -41.29 -41.14
C VAL D 118 -10.15 -39.95 -41.84
N GLN D 119 -8.95 -39.42 -41.68
CA GLN D 119 -8.51 -38.19 -42.37
C GLN D 119 -8.72 -38.40 -43.86
N ALA D 120 -8.34 -39.60 -44.32
CA ALA D 120 -8.48 -40.08 -45.72
C ALA D 120 -8.50 -41.62 -45.72
N LEU D 121 -9.19 -42.25 -46.68
CA LEU D 121 -9.09 -43.72 -46.93
C LEU D 121 -8.81 -44.02 -48.42
N VAL D 122 -7.79 -43.36 -48.97
CA VAL D 122 -7.32 -43.55 -50.38
C VAL D 122 -6.18 -44.58 -50.38
N GLU D 123 -6.22 -45.50 -51.35
CA GLU D 123 -5.18 -46.51 -51.62
C GLU D 123 -5.09 -46.74 -53.13
N THR D 124 -3.89 -46.73 -53.70
CA THR D 124 -3.62 -47.04 -55.14
C THR D 124 -2.66 -48.23 -55.23
N THR D 125 -2.85 -49.10 -56.23
CA THR D 125 -2.02 -50.31 -56.52
C THR D 125 -1.38 -50.14 -57.90
N SER D 126 -0.05 -50.25 -57.95
CA SER D 126 0.78 -50.04 -59.18
C SER D 126 0.48 -48.64 -59.76
N LYS D 127 -0.41 -48.53 -60.75
CA LYS D 127 -0.88 -47.24 -61.33
C LYS D 127 -2.41 -47.14 -61.13
N GLY D 128 -2.89 -45.98 -60.65
CA GLY D 128 -4.31 -45.67 -60.41
C GLY D 128 -5.00 -46.76 -59.61
N ASP D 129 -6.25 -47.09 -59.97
CA ASP D 129 -7.10 -48.13 -59.32
C ASP D 129 -7.17 -47.85 -57.81
N ARG D 130 -7.70 -46.68 -57.45
CA ARG D 130 -8.02 -46.32 -56.04
C ARG D 130 -9.16 -47.23 -55.56
N ASN D 131 -9.15 -47.60 -54.29
CA ASN D 131 -10.13 -48.57 -53.73
C ASN D 131 -10.23 -48.35 -52.22
N PRO D 132 -11.31 -48.85 -51.58
CA PRO D 132 -11.41 -48.87 -50.12
C PRO D 132 -10.18 -49.51 -49.45
N SER D 133 -9.73 -49.00 -48.30
CA SER D 133 -8.42 -49.38 -47.68
C SER D 133 -8.60 -50.22 -46.41
N GLU D 134 -9.74 -50.16 -45.74
CA GLU D 134 -10.06 -50.99 -44.55
C GLU D 134 -9.06 -50.71 -43.42
N VAL D 135 -9.23 -49.61 -42.66
CA VAL D 135 -8.45 -49.34 -41.40
C VAL D 135 -9.21 -49.93 -40.18
N ARG D 136 -8.56 -50.07 -39.00
CA ARG D 136 -9.14 -50.63 -37.73
C ARG D 136 -8.78 -49.78 -36.47
N LEU D 137 -9.70 -49.68 -35.48
CA LEU D 137 -9.58 -48.83 -34.24
C LEU D 137 -10.21 -49.50 -33.01
N LEU D 138 -9.65 -49.24 -31.82
CA LEU D 138 -10.14 -49.81 -30.52
C LEU D 138 -10.56 -48.70 -29.56
N VAL D 139 -11.63 -48.95 -28.80
CA VAL D 139 -12.07 -48.17 -27.62
C VAL D 139 -11.90 -49.12 -26.46
N GLN D 140 -11.04 -48.77 -25.50
CA GLN D 140 -10.79 -49.60 -24.28
C GLN D 140 -11.20 -48.76 -23.07
N ILE D 141 -11.53 -49.46 -21.99
CA ILE D 141 -11.79 -48.84 -20.67
C ILE D 141 -10.99 -49.64 -19.63
N GLN D 142 -10.30 -48.93 -18.72
CA GLN D 142 -9.29 -49.47 -17.77
C GLN D 142 -9.90 -50.63 -16.97
N ARG D 143 -11.12 -50.46 -16.45
CA ARG D 143 -11.93 -51.52 -15.76
C ARG D 143 -11.07 -52.43 -14.85
N ASN D 144 -10.63 -51.91 -13.72
CA ASN D 144 -9.83 -52.68 -12.72
C ASN D 144 -8.40 -52.83 -13.25
N GLY D 145 -7.96 -54.04 -13.57
CA GLY D 145 -6.54 -54.33 -13.82
C GLY D 145 -6.03 -53.52 -15.00
N GLY D 146 -6.49 -53.86 -16.21
CA GLY D 146 -6.11 -53.25 -17.48
C GLY D 146 -7.26 -53.30 -18.46
N TRP D 147 -6.97 -53.02 -19.73
CA TRP D 147 -7.93 -52.58 -20.77
C TRP D 147 -8.85 -53.73 -21.22
N VAL D 148 -10.16 -53.50 -21.18
CA VAL D 148 -11.16 -54.35 -21.88
C VAL D 148 -11.68 -53.53 -23.06
N THR D 149 -11.73 -54.17 -24.23
CA THR D 149 -12.19 -53.52 -25.48
C THR D 149 -13.72 -53.46 -25.43
N GLU D 150 -14.26 -52.31 -25.05
CA GLU D 150 -15.71 -51.99 -25.09
C GLU D 150 -16.20 -51.99 -26.54
N LYS D 151 -15.40 -51.46 -27.47
CA LYS D 151 -15.75 -51.35 -28.90
C LYS D 151 -14.51 -51.48 -29.78
N ASP D 152 -14.62 -52.31 -30.82
CA ASP D 152 -13.60 -52.49 -31.87
C ASP D 152 -14.24 -52.03 -33.17
N ILE D 153 -13.58 -51.11 -33.87
CA ILE D 153 -14.12 -50.47 -35.11
C ILE D 153 -13.19 -50.80 -36.27
N THR D 154 -13.78 -51.17 -37.42
CA THR D 154 -13.08 -51.44 -38.71
C THR D 154 -13.83 -50.73 -39.87
N ILE D 155 -13.11 -49.90 -40.63
CA ILE D 155 -13.70 -48.97 -41.64
C ILE D 155 -13.20 -49.38 -43.04
N LYS D 156 -14.10 -49.52 -44.03
CA LYS D 156 -13.80 -49.64 -45.50
C LYS D 156 -14.52 -48.50 -46.24
N GLY D 157 -14.60 -48.52 -47.58
CA GLY D 157 -15.16 -47.42 -48.40
C GLY D 157 -14.11 -46.40 -48.81
N LYS D 158 -14.32 -45.66 -49.90
CA LYS D 158 -13.26 -44.85 -50.57
C LYS D 158 -12.96 -43.60 -49.74
N THR D 159 -13.83 -42.58 -49.79
CA THR D 159 -13.77 -41.37 -48.94
C THR D 159 -12.41 -40.64 -49.08
N THR D 160 -12.30 -39.81 -50.12
CA THR D 160 -11.17 -38.89 -50.44
C THR D 160 -10.85 -37.95 -49.28
N SER D 161 -11.85 -37.62 -48.47
CA SER D 161 -11.77 -36.56 -47.44
C SER D 161 -12.05 -37.12 -46.04
N GLN D 162 -12.17 -36.23 -45.06
CA GLN D 162 -12.49 -36.55 -43.66
C GLN D 162 -13.82 -37.31 -43.62
N TYR D 163 -13.88 -38.32 -42.75
CA TYR D 163 -15.09 -39.14 -42.47
C TYR D 163 -15.14 -39.48 -40.97
N LEU D 164 -16.30 -39.26 -40.34
CA LEU D 164 -16.49 -39.39 -38.87
C LEU D 164 -17.59 -40.42 -38.58
N ALA D 165 -17.27 -41.46 -37.82
CA ALA D 165 -18.33 -42.24 -37.15
C ALA D 165 -18.27 -42.03 -35.63
N SER D 166 -19.42 -42.16 -35.02
CA SER D 166 -19.60 -42.14 -33.55
C SER D 166 -19.87 -43.57 -33.06
N VAL D 167 -19.86 -43.73 -31.75
CA VAL D 167 -20.31 -44.96 -31.03
C VAL D 167 -20.50 -44.53 -29.58
N VAL D 168 -21.62 -44.87 -28.96
CA VAL D 168 -21.88 -44.59 -27.52
C VAL D 168 -21.63 -45.90 -26.76
N MET D 169 -21.64 -45.88 -25.42
CA MET D 169 -21.73 -47.08 -24.55
C MET D 169 -22.32 -46.67 -23.22
N GLY D 170 -22.71 -47.65 -22.40
CA GLY D 170 -23.43 -47.48 -21.12
C GLY D 170 -22.70 -48.18 -19.99
N ASN D 171 -23.37 -48.30 -18.83
CA ASN D 171 -22.88 -48.97 -17.59
C ASN D 171 -21.39 -48.64 -17.46
N LEU D 172 -21.09 -47.34 -17.43
CA LEU D 172 -19.73 -46.82 -17.20
C LEU D 172 -19.29 -47.17 -15.80
N PRO D 173 -18.03 -47.58 -15.57
CA PRO D 173 -17.51 -47.79 -14.21
C PRO D 173 -17.77 -46.70 -13.18
N PRO D 174 -17.41 -46.86 -11.88
CA PRO D 174 -17.10 -45.72 -10.99
C PRO D 174 -16.03 -44.76 -11.56
N ARG D 175 -16.04 -43.46 -11.19
CA ARG D 175 -15.68 -42.43 -12.20
C ARG D 175 -14.49 -41.56 -11.89
N PRO D 176 -13.31 -42.06 -11.48
CA PRO D 176 -12.10 -41.79 -12.28
C PRO D 176 -11.83 -43.02 -13.16
N PHE D 177 -12.32 -43.03 -14.40
CA PHE D 177 -12.04 -44.07 -15.43
C PHE D 177 -10.66 -43.98 -16.09
N ASN D 178 -10.54 -44.64 -17.23
CA ASN D 178 -9.52 -44.31 -18.23
C ASN D 178 -10.01 -44.83 -19.57
N ILE D 179 -10.28 -43.97 -20.54
CA ILE D 179 -10.71 -44.47 -21.87
C ILE D 179 -9.54 -44.26 -22.81
N ARG D 180 -9.44 -45.06 -23.86
CA ARG D 180 -8.24 -45.14 -24.74
C ARG D 180 -8.69 -45.40 -26.19
N MET D 181 -7.91 -44.94 -27.18
CA MET D 181 -8.15 -45.23 -28.62
C MET D 181 -6.89 -45.89 -29.20
N ARG D 182 -7.00 -47.06 -29.83
CA ARG D 182 -5.84 -47.81 -30.38
C ARG D 182 -6.09 -48.17 -31.86
N ARG D 183 -5.05 -48.03 -32.69
CA ARG D 183 -5.05 -48.31 -34.16
C ARG D 183 -3.99 -49.36 -34.49
N MET D 184 -4.39 -50.50 -35.08
CA MET D 184 -3.50 -51.67 -35.23
C MET D 184 -3.30 -52.08 -36.69
N THR D 185 -3.93 -51.39 -37.65
CA THR D 185 -3.45 -51.39 -39.04
C THR D 185 -2.05 -50.76 -39.04
N PRO D 186 -1.02 -51.48 -39.51
CA PRO D 186 0.37 -51.12 -39.24
C PRO D 186 0.60 -49.60 -39.38
N ASP D 187 0.56 -49.07 -40.60
CA ASP D 187 1.05 -47.68 -40.85
C ASP D 187 0.87 -47.25 -42.31
N SER D 188 1.24 -45.99 -42.58
CA SER D 188 1.32 -45.34 -43.92
C SER D 188 2.76 -45.36 -44.43
N THR D 189 3.39 -46.54 -44.48
CA THR D 189 4.76 -46.75 -45.01
C THR D 189 4.78 -46.36 -46.50
N THR D 190 3.73 -46.69 -47.26
CA THR D 190 3.59 -46.40 -48.71
C THR D 190 2.81 -45.09 -48.89
N ASP D 191 3.33 -44.20 -49.76
CA ASP D 191 2.71 -42.90 -50.13
C ASP D 191 1.31 -43.15 -50.71
N GLN D 192 1.12 -44.30 -51.36
CA GLN D 192 -0.11 -44.67 -52.10
C GLN D 192 -1.14 -45.33 -51.17
N LEU D 193 -0.98 -45.21 -49.84
CA LEU D 193 -1.88 -45.84 -48.83
C LEU D 193 -2.20 -44.84 -47.70
N GLN D 194 -2.69 -43.64 -48.04
CA GLN D 194 -3.13 -42.61 -47.06
C GLN D 194 -4.39 -43.11 -46.35
N ASN D 195 -4.22 -43.72 -45.17
CA ASN D 195 -5.32 -44.29 -44.35
C ASN D 195 -5.12 -43.84 -42.90
N LYS D 196 -4.64 -42.60 -42.73
CA LYS D 196 -4.46 -41.97 -41.40
C LYS D 196 -5.81 -41.98 -40.66
N THR D 197 -5.77 -42.26 -39.35
CA THR D 197 -6.94 -42.23 -38.43
C THR D 197 -6.78 -41.11 -37.40
N LEU D 198 -7.88 -40.59 -36.86
CA LEU D 198 -7.91 -39.48 -35.89
C LEU D 198 -9.10 -39.63 -34.94
N TRP D 199 -9.03 -38.94 -33.80
CA TRP D 199 -10.05 -38.89 -32.74
C TRP D 199 -10.49 -37.43 -32.62
N SER D 200 -11.53 -37.02 -33.36
CA SER D 200 -12.04 -35.62 -33.36
C SER D 200 -12.38 -35.21 -31.92
N SER D 201 -13.16 -36.01 -31.19
CA SER D 201 -13.84 -35.53 -29.96
C SER D 201 -14.49 -36.67 -29.18
N TYR D 202 -15.20 -36.38 -28.08
CA TYR D 202 -16.13 -37.30 -27.40
C TYR D 202 -17.05 -36.54 -26.49
N THR D 203 -18.22 -37.12 -26.22
CA THR D 203 -19.36 -36.57 -25.43
C THR D 203 -19.51 -37.33 -24.10
N GLU D 204 -19.54 -36.65 -22.98
CA GLU D 204 -20.10 -37.21 -21.74
C GLU D 204 -21.59 -36.92 -21.85
N ILE D 205 -22.50 -37.89 -21.71
CA ILE D 205 -23.97 -37.67 -21.79
C ILE D 205 -24.66 -38.02 -20.49
N ILE D 206 -25.31 -37.08 -19.84
CA ILE D 206 -26.11 -37.29 -18.60
C ILE D 206 -27.56 -37.30 -19.06
N ASP D 207 -28.26 -38.40 -18.91
CA ASP D 207 -29.57 -38.53 -19.60
C ASP D 207 -30.65 -38.24 -18.58
N VAL D 208 -30.75 -36.98 -18.12
CA VAL D 208 -31.98 -36.51 -17.43
C VAL D 208 -32.65 -35.48 -18.36
N LYS D 209 -33.89 -35.15 -18.10
CA LYS D 209 -34.71 -34.39 -19.06
C LYS D 209 -34.96 -33.01 -18.46
N GLN D 210 -33.93 -32.29 -17.98
CA GLN D 210 -34.19 -31.22 -16.98
C GLN D 210 -34.66 -29.92 -17.64
N CYS D 211 -35.62 -29.24 -17.02
CA CYS D 211 -36.27 -28.01 -17.51
C CYS D 211 -35.45 -26.72 -17.31
N TYR D 212 -34.46 -26.70 -16.39
CA TYR D 212 -33.78 -25.48 -15.89
C TYR D 212 -34.87 -24.55 -15.41
N PRO D 213 -35.61 -24.91 -14.37
CA PRO D 213 -36.94 -24.35 -14.20
C PRO D 213 -37.04 -22.86 -13.86
N ASN D 214 -35.99 -22.06 -13.88
CA ASN D 214 -36.29 -20.61 -13.91
C ASN D 214 -35.51 -19.83 -14.97
N THR D 215 -34.30 -20.26 -15.28
CA THR D 215 -33.46 -19.70 -16.36
C THR D 215 -34.31 -19.49 -17.60
N ALA D 216 -33.94 -18.56 -18.48
CA ALA D 216 -34.64 -18.38 -19.77
C ALA D 216 -33.67 -18.77 -20.88
N LEU D 217 -33.52 -20.05 -21.12
CA LEU D 217 -32.55 -20.54 -22.14
C LEU D 217 -33.11 -20.46 -23.57
N VAL D 218 -32.34 -20.92 -24.57
CA VAL D 218 -32.80 -21.01 -26.00
C VAL D 218 -32.41 -22.35 -26.60
N GLY D 219 -31.22 -22.45 -27.20
CA GLY D 219 -30.79 -23.68 -27.89
C GLY D 219 -31.45 -23.92 -29.24
N VAL D 220 -30.66 -24.41 -30.18
CA VAL D 220 -30.91 -24.20 -31.62
C VAL D 220 -30.98 -25.55 -32.32
N GLN D 221 -30.01 -26.44 -32.06
CA GLN D 221 -29.96 -27.78 -32.71
C GLN D 221 -29.82 -27.61 -34.22
N VAL D 222 -28.67 -27.15 -34.70
CA VAL D 222 -28.44 -26.81 -36.13
C VAL D 222 -27.85 -28.03 -36.86
N ASP D 223 -28.39 -28.36 -38.03
CA ASP D 223 -27.88 -29.44 -38.91
C ASP D 223 -26.66 -28.91 -39.65
N SER D 224 -25.83 -29.81 -40.18
CA SER D 224 -24.45 -29.53 -40.62
C SER D 224 -24.38 -29.27 -42.12
N GLU D 225 -24.90 -30.23 -42.91
CA GLU D 225 -24.72 -30.26 -44.39
C GLU D 225 -25.56 -29.17 -45.06
N GLN D 226 -26.60 -28.66 -44.37
CA GLN D 226 -27.45 -27.52 -44.78
C GLN D 226 -26.98 -26.25 -44.07
N PHE D 227 -25.66 -25.98 -44.12
CA PHE D 227 -24.92 -24.92 -43.36
C PHE D 227 -23.45 -24.87 -43.84
N GLY D 228 -22.57 -24.22 -43.07
CA GLY D 228 -21.11 -24.19 -43.29
C GLY D 228 -20.30 -24.81 -42.15
N SER D 229 -19.07 -25.25 -42.46
CA SER D 229 -18.05 -25.93 -41.58
C SER D 229 -17.63 -25.01 -40.43
N GLN D 230 -17.75 -23.71 -40.64
CA GLN D 230 -17.34 -22.67 -39.65
C GLN D 230 -18.06 -22.89 -38.32
N GLN D 231 -17.72 -22.02 -37.37
CA GLN D 231 -18.36 -21.92 -36.04
C GLN D 231 -19.79 -21.43 -36.24
N VAL D 232 -20.68 -21.86 -35.36
CA VAL D 232 -22.09 -21.41 -35.30
C VAL D 232 -22.19 -20.44 -34.13
N SER D 233 -21.99 -19.15 -34.37
CA SER D 233 -21.90 -18.14 -33.28
C SER D 233 -23.26 -17.47 -33.05
N ARG D 234 -24.07 -18.03 -32.15
CA ARG D 234 -25.48 -17.58 -32.03
C ARG D 234 -25.55 -16.19 -31.37
N ASN D 235 -26.57 -15.37 -31.67
CA ASN D 235 -26.83 -14.07 -31.03
C ASN D 235 -28.29 -13.71 -31.08
N TYR D 236 -28.97 -13.73 -29.96
CA TYR D 236 -30.41 -13.43 -29.96
C TYR D 236 -30.65 -11.96 -29.67
N HIS D 237 -31.42 -11.23 -30.45
CA HIS D 237 -31.87 -9.86 -30.09
C HIS D 237 -33.03 -10.02 -29.09
N LEU D 238 -32.79 -10.54 -27.90
CA LEU D 238 -33.88 -10.72 -26.91
C LEU D 238 -34.51 -9.40 -26.60
N ARG D 239 -35.66 -9.43 -25.96
CA ARG D 239 -36.19 -8.26 -25.18
C ARG D 239 -35.96 -8.65 -23.72
N GLY D 240 -36.62 -8.05 -22.74
CA GLY D 240 -35.98 -8.08 -21.42
C GLY D 240 -36.47 -9.15 -20.46
N ARG D 241 -36.83 -8.69 -19.27
CA ARG D 241 -37.40 -9.43 -18.14
C ARG D 241 -38.62 -8.71 -17.57
N ILE D 242 -39.80 -9.28 -17.86
CA ILE D 242 -41.19 -8.95 -17.38
C ILE D 242 -41.18 -8.72 -15.87
N LEU D 243 -40.95 -7.50 -15.45
CA LEU D 243 -40.64 -7.14 -14.05
C LEU D 243 -41.80 -6.36 -13.50
N GLN D 244 -41.97 -6.35 -12.19
CA GLN D 244 -43.25 -5.98 -11.54
C GLN D 244 -43.62 -4.49 -11.58
N VAL D 245 -43.89 -3.86 -12.73
CA VAL D 245 -44.19 -2.39 -12.83
C VAL D 245 -45.42 -2.05 -11.99
N PRO D 246 -45.73 -0.76 -11.74
CA PRO D 246 -46.95 -0.40 -10.99
C PRO D 246 -48.23 -0.61 -11.86
N SER D 247 -49.39 -0.85 -11.22
CA SER D 247 -50.72 -0.78 -11.90
C SER D 247 -50.94 0.67 -12.31
N ASN D 248 -51.81 0.94 -13.28
CA ASN D 248 -52.09 2.33 -13.78
C ASN D 248 -51.03 2.75 -14.81
N TYR D 249 -49.88 2.07 -14.88
CA TYR D 249 -48.78 2.36 -15.84
C TYR D 249 -48.97 1.46 -17.07
N ASN D 250 -49.14 2.08 -18.26
CA ASN D 250 -49.11 1.35 -19.55
C ASN D 250 -47.68 1.44 -20.10
N PRO D 251 -46.91 0.32 -20.17
CA PRO D 251 -45.52 0.35 -20.61
C PRO D 251 -45.30 0.72 -22.08
N GLN D 252 -46.10 0.20 -23.01
CA GLN D 252 -45.86 0.44 -24.46
C GLN D 252 -46.03 1.93 -24.78
N THR D 253 -46.93 2.64 -24.09
CA THR D 253 -47.14 4.11 -24.28
C THR D 253 -46.38 4.92 -23.21
N ARG D 254 -45.80 4.27 -22.19
CA ARG D 254 -44.98 4.90 -21.12
C ARG D 254 -45.85 5.93 -20.37
N GLN D 255 -47.10 5.56 -20.04
CA GLN D 255 -48.18 6.47 -19.56
C GLN D 255 -48.65 6.08 -18.14
N TYR D 256 -49.19 7.05 -17.41
CA TYR D 256 -49.76 6.89 -16.04
C TYR D 256 -51.23 7.34 -16.02
N SER D 257 -52.14 6.45 -15.64
CA SER D 257 -53.62 6.66 -15.62
C SER D 257 -54.01 7.75 -14.61
N GLY D 258 -53.77 7.52 -13.31
CA GLY D 258 -54.28 8.34 -12.21
C GLY D 258 -53.50 8.12 -10.92
N ILE D 259 -54.13 8.35 -9.75
CA ILE D 259 -53.49 8.13 -8.41
C ILE D 259 -53.19 6.63 -8.26
N TRP D 260 -51.91 6.26 -8.02
CA TRP D 260 -51.33 4.90 -8.26
C TRP D 260 -52.11 3.84 -7.47
N ASP D 261 -52.44 4.08 -6.21
CA ASP D 261 -53.18 3.08 -5.39
C ASP D 261 -52.18 2.11 -4.75
N GLY D 262 -50.94 2.07 -5.26
CA GLY D 262 -49.81 1.39 -4.61
C GLY D 262 -49.73 -0.11 -4.90
N THR D 263 -50.43 -0.61 -5.93
CA THR D 263 -50.40 -2.05 -6.29
C THR D 263 -49.28 -2.25 -7.33
N PHE D 264 -49.08 -3.50 -7.76
CA PHE D 264 -48.00 -3.93 -8.67
C PHE D 264 -48.55 -4.99 -9.63
N LYS D 265 -48.07 -5.02 -10.86
CA LYS D 265 -48.56 -5.98 -11.88
C LYS D 265 -47.37 -6.42 -12.70
N PRO D 266 -47.49 -7.54 -13.45
CA PRO D 266 -46.42 -8.00 -14.33
C PRO D 266 -46.58 -7.33 -15.69
N ALA D 267 -45.47 -7.10 -16.36
CA ALA D 267 -45.38 -6.69 -17.78
C ALA D 267 -43.90 -6.53 -18.05
N TYR D 268 -43.49 -6.53 -19.31
CA TYR D 268 -42.14 -6.07 -19.68
C TYR D 268 -42.20 -4.56 -19.83
N SER D 269 -41.15 -3.87 -19.36
CA SER D 269 -40.88 -2.42 -19.57
C SER D 269 -39.38 -2.15 -19.47
N ASN D 270 -39.00 -0.93 -19.83
CA ASN D 270 -37.60 -0.47 -19.92
C ASN D 270 -37.34 0.48 -18.79
N ASN D 271 -38.36 0.78 -18.01
CA ASN D 271 -38.25 1.82 -16.96
C ASN D 271 -37.20 1.37 -15.96
N MET D 272 -36.24 2.27 -15.78
CA MET D 272 -35.02 2.01 -15.00
C MET D 272 -35.44 2.02 -13.54
N ALA D 273 -36.35 2.91 -13.17
CA ALA D 273 -36.91 2.95 -11.80
C ALA D 273 -37.38 1.54 -11.47
N TRP D 274 -38.21 0.92 -12.32
CA TRP D 274 -38.84 -0.38 -11.99
C TRP D 274 -37.83 -1.47 -12.07
N CYS D 275 -36.82 -1.36 -12.94
CA CYS D 275 -35.68 -2.32 -12.97
C CYS D 275 -34.99 -2.35 -11.61
N LEU D 276 -34.78 -1.16 -11.03
CA LEU D 276 -34.10 -0.97 -9.72
C LEU D 276 -34.91 -1.68 -8.65
N TRP D 277 -36.17 -1.30 -8.53
CA TRP D 277 -37.16 -1.98 -7.66
C TRP D 277 -37.02 -3.48 -7.85
N ASP D 278 -37.03 -3.96 -9.07
CA ASP D 278 -37.00 -5.40 -9.28
C ASP D 278 -35.72 -5.88 -8.63
N MET D 279 -34.57 -5.31 -8.92
CA MET D 279 -33.27 -5.94 -8.51
C MET D 279 -33.15 -5.98 -6.98
N LEU D 280 -33.58 -4.93 -6.26
CA LEU D 280 -33.65 -4.84 -4.78
C LEU D 280 -34.58 -5.91 -4.21
N THR D 281 -35.73 -6.21 -4.83
CA THR D 281 -36.79 -7.02 -4.16
C THR D 281 -37.27 -8.17 -5.02
N HIS D 282 -36.40 -8.91 -5.68
CA HIS D 282 -36.80 -10.18 -6.30
C HIS D 282 -36.32 -11.29 -5.40
N PRO D 283 -37.23 -12.12 -4.86
CA PRO D 283 -36.81 -13.17 -3.95
C PRO D 283 -35.68 -14.05 -4.54
N ARG D 284 -35.77 -14.47 -5.79
CA ARG D 284 -34.93 -15.61 -6.26
C ARG D 284 -33.48 -15.15 -6.46
N TYR D 285 -33.25 -14.08 -7.22
CA TYR D 285 -31.90 -13.64 -7.70
C TYR D 285 -31.56 -12.22 -7.24
N GLY D 286 -32.52 -11.52 -6.64
CA GLY D 286 -32.31 -10.19 -6.03
C GLY D 286 -31.95 -10.19 -4.53
N MET D 287 -32.15 -9.03 -3.89
CA MET D 287 -31.98 -8.82 -2.43
C MET D 287 -33.31 -9.17 -1.77
N GLY D 288 -34.19 -9.88 -2.46
CA GLY D 288 -35.51 -10.27 -1.89
C GLY D 288 -35.34 -11.06 -0.60
N LYS D 289 -34.37 -11.99 -0.57
CA LYS D 289 -34.05 -12.88 0.57
C LYS D 289 -33.92 -12.04 1.86
N ARG D 290 -32.97 -11.10 1.85
CA ARG D 290 -32.77 -10.06 2.90
C ARG D 290 -33.62 -8.85 2.54
N LEU D 291 -33.39 -7.66 3.13
CA LEU D 291 -34.17 -6.43 2.82
C LEU D 291 -35.68 -6.72 2.91
N GLY D 292 -36.36 -7.00 1.79
CA GLY D 292 -37.82 -7.21 1.68
C GLY D 292 -38.56 -5.95 1.23
N ALA D 293 -39.78 -6.10 0.67
CA ALA D 293 -40.65 -4.96 0.30
C ALA D 293 -41.12 -4.27 1.59
N ALA D 294 -41.62 -3.04 1.50
CA ALA D 294 -41.99 -2.18 2.64
C ALA D 294 -40.73 -1.69 3.39
N ASP D 295 -39.55 -2.28 3.12
CA ASP D 295 -38.23 -1.72 3.51
C ASP D 295 -37.62 -0.96 2.33
N VAL D 296 -38.35 -0.82 1.21
CA VAL D 296 -37.95 -0.03 0.01
C VAL D 296 -39.08 0.95 -0.31
N ASP D 297 -38.76 2.25 -0.40
CA ASP D 297 -39.77 3.34 -0.55
C ASP D 297 -40.33 3.31 -1.97
N LYS D 298 -41.42 2.56 -2.18
CA LYS D 298 -42.09 2.38 -3.50
C LYS D 298 -42.55 3.75 -4.04
N TRP D 299 -42.93 4.68 -3.15
CA TRP D 299 -43.48 6.02 -3.52
C TRP D 299 -42.38 6.91 -4.11
N ALA D 300 -41.20 6.94 -3.48
CA ALA D 300 -40.01 7.68 -3.97
C ALA D 300 -39.63 7.16 -5.36
N LEU D 301 -39.54 5.84 -5.51
CA LEU D 301 -39.28 5.16 -6.80
C LEU D 301 -40.39 5.49 -7.82
N TYR D 302 -41.64 5.65 -7.38
CA TYR D 302 -42.79 5.98 -8.28
C TYR D 302 -42.59 7.35 -8.94
N VAL D 303 -42.26 8.37 -8.14
CA VAL D 303 -41.99 9.76 -8.61
C VAL D 303 -40.81 9.77 -9.58
N ILE D 304 -39.72 9.06 -9.23
CA ILE D 304 -38.49 8.90 -10.05
C ILE D 304 -38.84 8.18 -11.35
N GLY D 305 -39.73 7.19 -11.31
CA GLY D 305 -40.27 6.48 -12.49
C GLY D 305 -40.91 7.44 -13.49
N GLN D 306 -41.87 8.23 -13.01
CA GLN D 306 -42.53 9.29 -13.81
C GLN D 306 -41.49 10.24 -14.39
N TYR D 307 -40.42 10.56 -13.65
CA TYR D 307 -39.33 11.46 -14.10
C TYR D 307 -38.51 10.78 -15.22
N CYS D 308 -38.19 9.49 -15.06
CA CYS D 308 -37.46 8.70 -16.08
C CYS D 308 -38.32 8.60 -17.33
N ASP D 309 -39.64 8.62 -17.18
CA ASP D 309 -40.60 8.48 -18.29
C ASP D 309 -41.04 9.88 -18.79
N GLN D 310 -40.17 10.89 -18.77
CA GLN D 310 -40.45 12.20 -19.40
C GLN D 310 -40.05 12.12 -20.88
N SER D 311 -40.21 13.20 -21.64
CA SER D 311 -39.86 13.28 -23.09
C SER D 311 -38.81 14.39 -23.31
N VAL D 312 -37.66 14.01 -23.87
CA VAL D 312 -36.43 14.87 -24.00
C VAL D 312 -36.01 14.85 -25.47
N PRO D 313 -35.32 15.90 -26.00
CA PRO D 313 -34.76 15.80 -27.35
C PRO D 313 -33.88 14.54 -27.56
N ASP D 314 -34.06 13.90 -28.71
CA ASP D 314 -33.22 12.76 -29.16
C ASP D 314 -31.78 13.25 -29.30
N GLY D 315 -31.61 14.55 -29.57
CA GLY D 315 -30.38 15.13 -30.15
C GLY D 315 -30.43 15.08 -31.67
N PHE D 316 -31.10 14.06 -32.25
CA PHE D 316 -31.24 13.80 -33.70
C PHE D 316 -32.46 14.52 -34.28
N GLY D 317 -33.09 15.41 -33.49
CA GLY D 317 -34.27 16.20 -33.87
C GLY D 317 -35.54 15.68 -33.21
N GLY D 318 -35.59 14.38 -32.88
CA GLY D 318 -36.79 13.66 -32.40
C GLY D 318 -37.03 13.82 -30.90
N THR D 319 -37.90 12.99 -30.32
CA THR D 319 -38.26 12.99 -28.88
C THR D 319 -38.06 11.58 -28.32
N GLU D 320 -37.86 11.43 -27.01
CA GLU D 320 -37.23 10.23 -26.37
C GLU D 320 -37.56 10.21 -24.87
N PRO D 321 -37.72 9.02 -24.27
CA PRO D 321 -37.81 8.90 -22.82
C PRO D 321 -36.52 9.39 -22.14
N ARG D 322 -36.63 10.08 -21.00
CA ARG D 322 -35.48 10.69 -20.29
C ARG D 322 -34.38 9.64 -20.20
N ILE D 323 -34.65 8.57 -19.47
CA ILE D 323 -33.62 7.58 -19.08
C ILE D 323 -34.27 6.23 -19.08
N THR D 324 -33.69 5.29 -19.80
CA THR D 324 -34.22 3.91 -19.88
C THR D 324 -33.11 2.95 -19.45
N CYS D 325 -33.45 1.71 -19.12
CA CYS D 325 -32.45 0.71 -18.75
C CYS D 325 -31.88 0.07 -20.02
N ASN D 326 -31.65 -1.21 -20.00
CA ASN D 326 -31.05 -1.98 -21.11
C ASN D 326 -29.65 -2.28 -20.65
N ALA D 327 -29.55 -3.00 -19.56
CA ALA D 327 -28.31 -3.73 -19.23
C ALA D 327 -28.48 -5.18 -19.63
N TYR D 328 -27.37 -5.82 -19.92
CA TYR D 328 -27.29 -7.27 -19.72
C TYR D 328 -26.18 -7.51 -18.71
N LEU D 329 -26.43 -7.32 -17.39
CA LEU D 329 -25.42 -7.45 -16.29
C LEU D 329 -25.03 -8.91 -16.18
N THR D 330 -23.77 -9.27 -16.45
CA THR D 330 -23.31 -10.68 -16.49
C THR D 330 -22.41 -10.95 -15.28
N THR D 331 -21.31 -10.22 -15.09
CA THR D 331 -20.43 -10.51 -13.94
C THR D 331 -21.13 -10.12 -12.66
N GLN D 332 -21.17 -11.01 -11.66
CA GLN D 332 -21.59 -10.72 -10.27
C GLN D 332 -20.76 -9.59 -9.66
N ARG D 333 -21.41 -8.58 -9.05
CA ARG D 333 -20.77 -7.44 -8.34
C ARG D 333 -21.26 -7.42 -6.90
N LYS D 334 -20.92 -6.42 -6.12
CA LYS D 334 -21.58 -6.20 -4.80
C LYS D 334 -22.97 -5.61 -5.07
N ALA D 335 -23.96 -5.99 -4.27
CA ALA D 335 -25.36 -5.48 -4.35
C ALA D 335 -25.39 -3.96 -4.19
N TRP D 336 -24.67 -3.40 -3.23
CA TRP D 336 -24.57 -1.92 -3.08
C TRP D 336 -23.93 -1.30 -4.32
N ASP D 337 -22.94 -1.97 -4.91
CA ASP D 337 -22.22 -1.37 -6.05
C ASP D 337 -23.25 -1.19 -7.15
N VAL D 338 -24.05 -2.21 -7.45
CA VAL D 338 -24.96 -2.10 -8.62
C VAL D 338 -26.03 -1.11 -8.27
N LEU D 339 -26.52 -1.16 -7.05
CA LEU D 339 -27.64 -0.32 -6.63
C LEU D 339 -27.15 1.11 -6.75
N SER D 340 -25.85 1.33 -6.56
CA SER D 340 -25.27 2.68 -6.66
C SER D 340 -25.22 3.06 -8.12
N ASP D 341 -24.88 2.13 -9.00
CA ASP D 341 -24.82 2.37 -10.47
C ASP D 341 -26.21 2.73 -11.01
N PHE D 342 -27.25 1.99 -10.66
CA PHE D 342 -28.65 2.42 -10.91
C PHE D 342 -28.80 3.85 -10.45
N CYS D 343 -28.64 4.13 -9.15
CA CYS D 343 -29.11 5.41 -8.58
C CYS D 343 -28.18 6.50 -9.08
N SER D 344 -27.02 6.17 -9.59
CA SER D 344 -26.12 7.13 -10.27
C SER D 344 -26.70 7.50 -11.64
N ALA D 345 -27.16 6.53 -12.45
CA ALA D 345 -27.66 6.74 -13.83
C ALA D 345 -28.89 7.64 -13.80
N MET D 346 -29.96 7.24 -13.09
CA MET D 346 -31.03 8.19 -12.64
C MET D 346 -30.34 9.24 -11.75
N ARG D 347 -30.79 10.47 -11.71
CA ARG D 347 -30.11 11.46 -10.83
C ARG D 347 -30.78 11.34 -9.47
N CYS D 348 -30.14 10.60 -8.57
CA CYS D 348 -30.51 10.42 -7.13
C CYS D 348 -29.27 9.97 -6.33
N MET D 349 -29.38 9.85 -5.01
CA MET D 349 -28.42 9.08 -4.17
C MET D 349 -29.22 8.11 -3.31
N PRO D 350 -28.72 6.87 -3.09
CA PRO D 350 -29.43 5.89 -2.26
C PRO D 350 -29.13 6.20 -0.78
N VAL D 351 -30.18 6.35 0.03
CA VAL D 351 -30.05 6.66 1.49
C VAL D 351 -30.66 5.51 2.30
N TRP D 352 -29.79 4.73 2.95
CA TRP D 352 -30.18 3.77 4.01
C TRP D 352 -30.56 4.60 5.23
N ASN D 353 -31.86 4.69 5.47
CA ASN D 353 -32.51 5.41 6.59
C ASN D 353 -32.01 4.85 7.92
N GLY D 354 -31.58 3.58 7.92
CA GLY D 354 -31.34 2.77 9.13
C GLY D 354 -32.42 1.73 9.29
N GLN D 355 -33.60 1.99 8.74
CA GLN D 355 -34.75 1.07 8.78
C GLN D 355 -35.09 0.61 7.36
N THR D 356 -35.21 1.57 6.44
CA THR D 356 -35.61 1.37 5.03
C THR D 356 -34.57 1.99 4.10
N LEU D 357 -34.47 1.49 2.87
CA LEU D 357 -33.74 2.14 1.75
C LEU D 357 -34.72 3.03 0.98
N THR D 358 -34.36 4.28 0.75
CA THR D 358 -35.12 5.25 -0.09
C THR D 358 -34.13 5.96 -1.05
N PHE D 359 -34.66 6.76 -1.98
CA PHE D 359 -33.87 7.51 -2.98
C PHE D 359 -34.33 8.97 -2.96
N VAL D 360 -33.38 9.87 -2.75
CA VAL D 360 -33.56 11.36 -2.84
C VAL D 360 -32.94 11.81 -4.17
N GLN D 361 -33.73 12.47 -5.01
CA GLN D 361 -33.26 13.03 -6.31
C GLN D 361 -32.34 14.23 -6.05
N ASP D 362 -31.51 14.62 -7.03
CA ASP D 362 -30.57 15.78 -6.92
C ASP D 362 -31.26 17.06 -7.43
N ARG D 363 -32.41 17.41 -6.84
CA ARG D 363 -33.26 18.55 -7.28
C ARG D 363 -33.13 19.69 -6.29
N PRO D 364 -33.49 20.94 -6.67
CA PRO D 364 -33.75 21.99 -5.69
C PRO D 364 -34.99 21.56 -4.88
N SER D 365 -34.77 21.06 -3.66
CA SER D 365 -35.84 20.56 -2.76
C SER D 365 -36.20 21.66 -1.74
N ASP D 366 -37.44 21.62 -1.24
CA ASP D 366 -37.94 22.47 -0.14
C ASP D 366 -37.47 21.85 1.19
N LYS D 367 -37.97 22.36 2.32
CA LYS D 367 -37.68 21.81 3.68
C LYS D 367 -36.17 21.76 3.88
N THR D 368 -35.51 22.93 3.87
CA THR D 368 -34.05 23.06 4.07
C THR D 368 -33.81 23.45 5.53
N TRP D 369 -32.99 22.66 6.23
CA TRP D 369 -32.61 22.87 7.65
C TRP D 369 -31.60 24.02 7.72
N THR D 370 -31.41 24.59 8.91
CA THR D 370 -30.64 25.84 9.12
C THR D 370 -29.69 25.64 10.31
N TYR D 371 -28.48 26.21 10.23
CA TYR D 371 -27.40 26.07 11.24
C TYR D 371 -26.59 27.37 11.28
N ASN D 372 -26.01 27.66 12.45
CA ASN D 372 -25.13 28.83 12.67
C ASN D 372 -24.25 28.52 13.88
N ARG D 373 -23.44 29.49 14.29
CA ARG D 373 -22.52 29.38 15.46
C ARG D 373 -23.31 28.93 16.70
N SER D 374 -24.58 29.36 16.84
CA SER D 374 -25.44 29.13 18.03
C SER D 374 -25.98 27.69 18.05
N ASN D 375 -25.87 26.97 16.94
CA ASN D 375 -26.59 25.69 16.71
C ASN D 375 -25.64 24.49 16.72
N VAL D 376 -24.41 24.67 16.25
CA VAL D 376 -23.38 23.60 16.07
C VAL D 376 -22.44 23.60 17.28
N VAL D 377 -21.65 22.54 17.43
CA VAL D 377 -20.73 22.41 18.61
C VAL D 377 -19.64 23.48 18.50
N MET D 378 -18.85 23.64 19.54
CA MET D 378 -17.64 24.51 19.54
C MET D 378 -16.45 23.65 19.96
N PRO D 379 -15.37 23.58 19.15
CA PRO D 379 -14.10 23.03 19.64
C PRO D 379 -13.34 24.03 20.55
N ASP D 380 -12.18 23.62 21.09
CA ASP D 380 -11.30 24.46 21.95
C ASP D 380 -10.74 25.65 21.12
N ASP D 381 -10.40 25.41 19.85
CA ASP D 381 -10.21 26.46 18.81
C ASP D 381 -11.60 26.80 18.23
N GLY D 382 -11.90 28.08 18.05
CA GLY D 382 -13.22 28.51 17.56
C GLY D 382 -13.39 28.23 16.07
N ALA D 383 -13.59 26.96 15.68
CA ALA D 383 -13.74 26.53 14.27
C ALA D 383 -15.05 25.77 14.09
N PRO D 384 -16.21 26.46 14.08
CA PRO D 384 -17.50 25.79 14.01
C PRO D 384 -17.64 24.94 12.74
N PHE D 385 -17.07 25.43 11.64
CA PHE D 385 -17.13 24.81 10.28
C PHE D 385 -15.73 24.76 9.68
N ARG D 386 -15.33 23.59 9.16
CA ARG D 386 -14.06 23.37 8.41
C ARG D 386 -14.42 23.18 6.94
N TYR D 387 -13.95 24.05 6.06
CA TYR D 387 -14.17 23.99 4.58
C TYR D 387 -12.94 23.42 3.89
N SER D 388 -13.16 22.47 3.00
CA SER D 388 -12.16 21.92 2.05
C SER D 388 -12.76 22.04 0.65
N PHE D 389 -11.91 22.11 -0.37
CA PHE D 389 -12.29 22.42 -1.77
C PHE D 389 -11.77 21.33 -2.70
N SER D 390 -12.55 20.92 -3.70
CA SER D 390 -12.12 19.95 -4.75
C SER D 390 -10.94 20.58 -5.51
N ALA D 391 -9.88 19.81 -5.75
CA ALA D 391 -8.64 20.27 -6.43
C ALA D 391 -9.02 20.81 -7.80
N LEU D 392 -8.39 21.90 -8.24
CA LEU D 392 -8.56 22.46 -9.61
C LEU D 392 -8.47 21.32 -10.62
N LYS D 393 -7.42 20.50 -10.53
CA LYS D 393 -7.08 19.42 -11.50
C LYS D 393 -8.12 18.29 -11.48
N ASP D 394 -9.08 18.30 -10.56
CA ASP D 394 -10.09 17.20 -10.45
C ASP D 394 -11.46 17.70 -10.90
N ARG D 395 -11.54 18.88 -11.48
CA ARG D 395 -12.82 19.40 -12.04
C ARG D 395 -12.79 19.20 -13.55
N HIS D 396 -12.98 17.96 -13.98
CA HIS D 396 -13.00 17.60 -15.42
C HIS D 396 -14.02 18.50 -16.10
N ASN D 397 -13.68 19.06 -17.27
CA ASN D 397 -14.59 19.87 -18.10
C ASN D 397 -14.87 19.13 -19.41
N ALA D 398 -14.59 17.84 -19.46
CA ALA D 398 -14.87 17.01 -20.65
C ALA D 398 -14.79 15.55 -20.29
N VAL D 399 -15.60 14.72 -20.90
CA VAL D 399 -15.80 13.31 -20.51
C VAL D 399 -15.79 12.46 -21.76
N GLU D 400 -15.28 11.24 -21.76
CA GLU D 400 -15.65 10.25 -22.80
C GLU D 400 -16.66 9.25 -22.21
N VAL D 401 -17.97 9.36 -22.47
CA VAL D 401 -19.04 8.54 -21.80
C VAL D 401 -19.29 7.25 -22.57
N ASN D 402 -19.32 6.08 -21.94
CA ASN D 402 -19.51 4.79 -22.64
C ASN D 402 -20.97 4.36 -22.65
N TRP D 403 -21.37 3.71 -23.73
CA TRP D 403 -22.73 3.10 -23.90
C TRP D 403 -22.64 2.05 -24.99
N ILE D 404 -23.69 1.26 -25.14
CA ILE D 404 -23.72 0.22 -26.18
C ILE D 404 -24.57 0.77 -27.31
N ASP D 405 -24.06 0.83 -28.55
CA ASP D 405 -24.80 1.41 -29.71
C ASP D 405 -25.43 0.31 -30.56
N PRO D 406 -26.78 0.13 -30.56
CA PRO D 406 -27.44 -0.85 -31.42
C PRO D 406 -27.18 -0.62 -32.92
N ASN D 407 -27.29 0.63 -33.40
CA ASN D 407 -27.24 0.98 -34.85
C ASN D 407 -25.86 0.67 -35.42
N ASN D 408 -24.81 0.91 -34.66
CA ASN D 408 -23.40 0.59 -35.02
C ASN D 408 -23.18 -0.94 -34.99
N GLY D 409 -24.02 -1.69 -34.27
CA GLY D 409 -23.79 -3.11 -33.94
C GLY D 409 -23.49 -3.21 -32.47
N TRP D 410 -24.26 -3.98 -31.68
CA TRP D 410 -24.36 -3.73 -30.22
C TRP D 410 -22.96 -3.77 -29.57
N GLU D 411 -22.09 -2.79 -29.83
CA GLU D 411 -20.72 -2.79 -29.25
C GLU D 411 -20.45 -1.42 -28.66
N THR D 412 -19.51 -1.36 -27.72
CA THR D 412 -19.12 -0.13 -26.97
C THR D 412 -18.81 0.99 -27.95
N ALA D 413 -19.49 2.12 -27.81
CA ALA D 413 -19.18 3.38 -28.49
C ALA D 413 -19.15 4.44 -27.40
N THR D 414 -18.21 5.39 -27.48
CA THR D 414 -18.08 6.50 -26.49
C THR D 414 -18.55 7.78 -27.16
N GLU D 415 -19.46 8.50 -26.53
CA GLU D 415 -19.89 9.86 -26.87
C GLU D 415 -18.94 10.78 -26.11
N LEU D 416 -18.55 11.92 -26.68
CA LEU D 416 -17.62 12.87 -26.02
C LEU D 416 -18.35 14.18 -25.65
N VAL D 417 -18.33 14.60 -24.39
CA VAL D 417 -19.05 15.83 -23.94
C VAL D 417 -18.06 16.87 -23.39
N GLU D 418 -18.03 18.05 -24.00
CA GLU D 418 -17.12 19.14 -23.61
C GLU D 418 -17.92 20.34 -23.11
N ASP D 419 -17.44 21.05 -22.09
CA ASP D 419 -17.94 22.40 -21.71
C ASP D 419 -16.98 23.47 -22.25
N THR D 420 -17.39 24.10 -23.34
CA THR D 420 -16.54 24.93 -24.21
C THR D 420 -15.96 26.09 -23.40
N GLN D 421 -16.79 26.85 -22.68
CA GLN D 421 -16.35 28.11 -21.99
C GLN D 421 -15.32 27.78 -20.91
N ALA D 422 -15.48 26.64 -20.23
CA ALA D 422 -14.61 26.18 -19.12
C ALA D 422 -13.26 25.74 -19.67
N ILE D 423 -13.26 25.03 -20.80
CA ILE D 423 -12.02 24.59 -21.50
C ILE D 423 -11.33 25.82 -22.05
N ALA D 424 -12.09 26.81 -22.49
CA ALA D 424 -11.54 28.04 -23.06
C ALA D 424 -10.79 28.87 -22.00
N ARG D 425 -10.87 28.56 -20.70
CA ARG D 425 -10.20 29.39 -19.65
C ARG D 425 -9.32 28.58 -18.69
N TYR D 426 -9.72 27.39 -18.25
CA TYR D 426 -8.92 26.58 -17.29
C TYR D 426 -8.35 25.37 -18.00
N GLY D 427 -7.62 25.52 -19.10
CA GLY D 427 -7.07 24.34 -19.81
C GLY D 427 -8.17 23.37 -20.26
N ARG D 428 -7.99 22.04 -20.12
CA ARG D 428 -8.94 21.04 -20.66
C ARG D 428 -8.66 19.67 -20.05
N ASN D 429 -9.50 19.26 -19.10
CA ASN D 429 -9.42 17.98 -18.35
C ASN D 429 -10.41 17.01 -18.94
N VAL D 430 -9.99 15.78 -19.07
CA VAL D 430 -10.84 14.75 -19.71
C VAL D 430 -10.98 13.66 -18.65
N THR D 431 -12.16 13.07 -18.53
CA THR D 431 -12.40 11.89 -17.68
C THR D 431 -13.22 10.87 -18.48
N LYS D 432 -13.43 9.67 -17.93
CA LYS D 432 -14.20 8.60 -18.59
C LYS D 432 -15.31 8.17 -17.65
N MET D 433 -16.50 8.01 -18.19
CA MET D 433 -17.67 7.56 -17.40
C MET D 433 -18.23 6.35 -18.14
N ASP D 434 -19.11 5.57 -17.50
CA ASP D 434 -19.94 4.55 -18.18
C ASP D 434 -21.37 4.73 -17.71
N ALA D 435 -22.21 5.49 -18.42
CA ALA D 435 -23.67 5.58 -18.12
C ALA D 435 -24.19 4.16 -18.04
N PHE D 436 -25.07 3.87 -17.05
CA PHE D 436 -25.26 2.48 -16.55
C PHE D 436 -26.08 1.66 -17.54
N GLY D 437 -27.36 1.97 -17.67
CA GLY D 437 -28.18 1.17 -18.59
C GLY D 437 -28.13 1.75 -19.98
N CYS D 438 -27.53 2.93 -20.17
CA CYS D 438 -27.73 3.80 -21.36
C CYS D 438 -27.38 3.06 -22.65
N THR D 439 -28.19 3.30 -23.66
CA THR D 439 -28.17 2.59 -24.96
C THR D 439 -28.42 3.53 -26.16
N SER D 440 -29.02 4.71 -25.99
CA SER D 440 -29.18 5.71 -27.07
C SER D 440 -28.29 6.91 -26.77
N ARG D 441 -27.54 7.39 -27.76
CA ARG D 441 -26.49 8.41 -27.60
C ARG D 441 -27.07 9.64 -26.84
N GLY D 442 -28.35 10.00 -27.00
CA GLY D 442 -28.95 11.13 -26.25
C GLY D 442 -28.79 10.94 -24.74
N GLN D 443 -29.10 9.74 -24.26
CA GLN D 443 -29.02 9.37 -22.83
C GLN D 443 -27.58 9.57 -22.38
N ALA D 444 -26.60 9.06 -23.12
CA ALA D 444 -25.15 9.12 -22.80
C ALA D 444 -24.71 10.59 -22.70
N HIS D 445 -25.02 11.38 -23.72
CA HIS D 445 -24.69 12.81 -23.75
C HIS D 445 -25.31 13.42 -22.50
N ARG D 446 -26.55 13.12 -22.14
CA ARG D 446 -27.17 13.81 -20.97
C ARG D 446 -26.37 13.49 -19.69
N ALA D 447 -26.04 12.23 -19.44
CA ALA D 447 -25.26 11.77 -18.27
C ALA D 447 -23.91 12.47 -18.26
N GLY D 448 -23.24 12.48 -19.42
CA GLY D 448 -21.93 13.15 -19.57
C GLY D 448 -22.02 14.58 -19.09
N LEU D 449 -23.00 15.33 -19.56
CA LEU D 449 -23.19 16.77 -19.25
C LEU D 449 -23.51 16.93 -17.76
N TRP D 450 -24.29 16.03 -17.18
CA TRP D 450 -24.59 16.04 -15.74
C TRP D 450 -23.30 15.89 -14.95
N LEU D 451 -22.45 14.91 -15.25
CA LEU D 451 -21.18 14.71 -14.50
C LEU D 451 -20.30 15.97 -14.52
N ILE D 452 -20.06 16.51 -15.71
CA ILE D 452 -19.32 17.78 -15.93
C ILE D 452 -19.86 18.87 -15.02
N LYS D 453 -21.16 19.18 -15.07
CA LYS D 453 -21.68 20.37 -14.36
C LYS D 453 -21.55 20.16 -12.85
N THR D 454 -21.73 18.92 -12.40
CA THR D 454 -21.55 18.54 -10.98
C THR D 454 -20.11 18.89 -10.58
N GLU D 455 -19.10 18.34 -11.28
CA GLU D 455 -17.68 18.56 -10.94
C GLU D 455 -17.36 20.05 -10.96
N LEU D 456 -17.90 20.78 -11.94
CA LEU D 456 -17.54 22.20 -12.20
C LEU D 456 -18.10 23.11 -11.13
N LEU D 457 -19.32 22.85 -10.63
CA LEU D 457 -20.02 23.79 -9.73
C LEU D 457 -19.81 23.41 -8.25
N GLU D 458 -20.20 22.19 -7.85
CA GLU D 458 -20.18 21.70 -6.44
C GLU D 458 -18.73 21.46 -6.01
N THR D 459 -18.11 22.43 -5.35
CA THR D 459 -16.65 22.52 -5.13
C THR D 459 -16.30 22.29 -3.67
N GLN D 460 -17.05 22.90 -2.74
CA GLN D 460 -16.65 23.04 -1.30
C GLN D 460 -17.51 22.13 -0.43
N THR D 461 -16.85 21.41 0.48
CA THR D 461 -17.47 20.54 1.50
C THR D 461 -17.26 21.22 2.85
N VAL D 462 -18.12 20.92 3.82
CA VAL D 462 -18.04 21.44 5.21
C VAL D 462 -18.26 20.29 6.20
N ASP D 463 -17.40 20.21 7.22
CA ASP D 463 -17.54 19.31 8.41
C ASP D 463 -17.73 20.21 9.63
N PHE D 464 -18.86 20.04 10.33
CA PHE D 464 -19.39 20.99 11.34
C PHE D 464 -20.08 20.19 12.43
N SER D 465 -19.48 19.08 12.88
CA SER D 465 -20.06 18.14 13.86
C SER D 465 -21.06 18.89 14.77
N VAL D 466 -22.31 18.43 14.82
CA VAL D 466 -23.46 19.10 15.52
C VAL D 466 -23.82 18.29 16.76
N GLY D 467 -24.70 18.84 17.61
CA GLY D 467 -25.09 18.26 18.91
C GLY D 467 -26.11 17.14 18.77
N ALA D 468 -27.07 17.07 19.69
CA ALA D 468 -28.06 15.96 19.82
C ALA D 468 -29.02 15.94 18.62
N GLU D 469 -29.17 17.04 17.87
CA GLU D 469 -30.14 17.18 16.77
C GLU D 469 -29.74 16.28 15.60
N GLY D 470 -28.59 15.59 15.70
CA GLY D 470 -28.03 14.76 14.64
C GLY D 470 -29.01 13.72 14.13
N LEU D 471 -29.85 13.13 15.01
CA LEU D 471 -30.59 11.89 14.66
C LEU D 471 -31.75 12.18 13.70
N ARG D 472 -32.16 13.45 13.55
CA ARG D 472 -33.24 13.82 12.60
C ARG D 472 -32.72 13.85 11.14
N HIS D 473 -31.39 13.72 10.91
CA HIS D 473 -30.73 13.92 9.58
C HIS D 473 -30.25 12.60 8.99
N VAL D 474 -30.67 12.32 7.74
CA VAL D 474 -30.18 11.18 6.91
C VAL D 474 -29.40 11.78 5.74
N PRO D 475 -28.54 11.01 5.01
CA PRO D 475 -27.84 11.56 3.85
C PRO D 475 -28.85 12.18 2.88
N GLY D 476 -28.44 13.24 2.17
CA GLY D 476 -29.24 13.90 1.13
C GLY D 476 -30.11 15.02 1.67
N ASP D 477 -30.11 15.24 2.99
CA ASP D 477 -30.80 16.39 3.64
C ASP D 477 -30.09 17.68 3.23
N VAL D 478 -30.85 18.68 2.77
CA VAL D 478 -30.33 20.00 2.35
C VAL D 478 -30.32 20.90 3.58
N ILE D 479 -29.17 21.52 3.85
CA ILE D 479 -28.95 22.41 5.03
C ILE D 479 -28.51 23.79 4.51
N GLU D 480 -28.65 24.83 5.33
CA GLU D 480 -28.09 26.18 5.06
C GLU D 480 -27.11 26.51 6.18
N ILE D 481 -26.00 27.17 5.86
CA ILE D 481 -24.94 27.54 6.85
C ILE D 481 -24.82 29.06 6.91
N CYS D 482 -24.86 29.62 8.13
CA CYS D 482 -24.60 31.04 8.44
C CYS D 482 -23.27 31.14 9.22
N ASP D 483 -22.31 31.89 8.68
CA ASP D 483 -21.01 32.21 9.33
C ASP D 483 -20.88 33.73 9.41
N ASP D 484 -20.78 34.28 10.64
CA ASP D 484 -20.64 35.72 10.94
C ASP D 484 -19.36 36.28 10.31
N ASP D 485 -18.25 35.53 10.41
CA ASP D 485 -16.91 35.94 9.88
C ASP D 485 -16.86 35.73 8.36
N TYR D 486 -17.93 35.21 7.76
CA TYR D 486 -18.10 35.04 6.29
C TYR D 486 -19.10 36.07 5.75
N ALA D 487 -20.01 36.60 6.58
CA ALA D 487 -21.14 37.49 6.18
C ALA D 487 -21.00 38.90 6.77
N GLY D 488 -19.91 39.21 7.49
CA GLY D 488 -19.71 40.51 8.17
C GLY D 488 -20.29 40.52 9.58
N ILE D 489 -21.57 40.90 9.73
CA ILE D 489 -22.32 40.95 11.03
C ILE D 489 -23.07 39.63 11.24
N SER D 490 -23.46 39.33 12.49
CA SER D 490 -24.19 38.11 12.92
C SER D 490 -25.70 38.32 12.68
N THR D 491 -26.36 37.34 12.02
CA THR D 491 -27.78 37.42 11.55
C THR D 491 -28.59 36.17 11.91
N GLY D 492 -28.10 35.29 12.79
CA GLY D 492 -28.80 34.06 13.22
C GLY D 492 -28.60 33.82 14.71
N GLY D 493 -29.43 32.97 15.34
CA GLY D 493 -29.31 32.63 16.78
C GLY D 493 -30.53 31.89 17.31
N ARG D 494 -30.91 32.14 18.57
CA ARG D 494 -32.04 31.48 19.28
C ARG D 494 -33.05 32.54 19.74
N VAL D 495 -34.35 32.25 19.69
CA VAL D 495 -35.46 33.18 20.11
C VAL D 495 -35.43 33.31 21.65
N LEU D 496 -36.03 34.37 22.21
CA LEU D 496 -36.02 34.66 23.67
C LEU D 496 -37.45 34.73 24.23
N ALA D 497 -38.38 35.32 23.48
CA ALA D 497 -39.83 35.36 23.81
C ALA D 497 -40.66 35.26 22.52
N VAL D 498 -41.79 34.56 22.59
CA VAL D 498 -42.78 34.46 21.47
C VAL D 498 -44.11 35.04 21.96
N ASN D 499 -44.71 35.92 21.17
CA ASN D 499 -46.07 36.49 21.38
C ASN D 499 -46.91 36.17 20.14
N SER D 500 -47.93 35.32 20.30
CA SER D 500 -48.79 34.83 19.19
C SER D 500 -49.76 35.93 18.73
N GLN D 501 -50.67 36.37 19.61
CA GLN D 501 -51.57 37.54 19.38
C GLN D 501 -50.69 38.81 19.33
N THR D 502 -50.99 39.74 18.42
CA THR D 502 -50.12 40.91 18.08
C THR D 502 -48.70 40.38 17.87
N ARG D 503 -48.56 39.45 16.91
CA ARG D 503 -47.39 38.55 16.73
C ARG D 503 -46.08 39.37 16.78
N THR D 504 -45.14 38.93 17.64
CA THR D 504 -43.83 39.59 17.88
C THR D 504 -42.88 38.57 18.52
N LEU D 505 -41.70 38.41 17.92
CA LEU D 505 -40.60 37.55 18.44
C LEU D 505 -39.53 38.46 19.08
N THR D 506 -39.22 38.22 20.36
CA THR D 506 -38.07 38.83 21.09
C THR D 506 -36.85 37.93 20.88
N LEU D 507 -35.81 38.44 20.20
CA LEU D 507 -34.58 37.69 19.85
C LEU D 507 -33.38 38.27 20.62
N ASP D 508 -32.19 37.74 20.34
CA ASP D 508 -30.88 38.30 20.77
C ASP D 508 -30.30 39.05 19.57
N ARG D 509 -29.33 39.94 19.81
CA ARG D 509 -28.71 40.83 18.79
C ARG D 509 -29.72 41.86 18.27
N GLU D 510 -29.22 42.94 17.66
CA GLU D 510 -30.02 43.91 16.88
C GLU D 510 -29.95 43.51 15.40
N ILE D 511 -31.10 43.23 14.79
CA ILE D 511 -31.26 43.08 13.31
C ILE D 511 -31.82 44.41 12.79
N THR D 512 -31.36 44.85 11.63
CA THR D 512 -31.88 46.05 10.92
C THR D 512 -32.45 45.56 9.57
N LEU D 513 -33.70 45.92 9.28
CA LEU D 513 -34.42 45.53 8.03
C LEU D 513 -33.71 46.18 6.85
N PRO D 514 -33.77 45.60 5.63
CA PRO D 514 -33.25 46.28 4.45
C PRO D 514 -34.08 47.54 4.16
N SER D 515 -33.46 48.60 3.66
CA SER D 515 -34.14 49.89 3.35
C SER D 515 -35.15 49.67 2.21
N SER D 516 -34.83 48.79 1.25
CA SER D 516 -35.67 48.43 0.07
C SER D 516 -35.93 46.92 0.00
N GLY D 517 -36.96 46.51 -0.75
CA GLY D 517 -37.40 45.11 -0.89
C GLY D 517 -38.05 44.60 0.39
N THR D 518 -37.94 43.29 0.66
CA THR D 518 -38.43 42.61 1.89
C THR D 518 -37.39 41.57 2.34
N ALA D 519 -37.33 41.29 3.65
CA ALA D 519 -36.47 40.24 4.27
C ALA D 519 -37.32 39.08 4.80
N LEU D 520 -36.77 37.86 4.77
CA LEU D 520 -37.41 36.63 5.31
C LEU D 520 -36.75 36.26 6.65
N ILE D 521 -37.46 35.50 7.48
CA ILE D 521 -36.95 34.91 8.76
C ILE D 521 -37.38 33.43 8.79
N SER D 522 -36.45 32.51 9.11
CA SER D 522 -36.69 31.04 9.15
C SER D 522 -36.67 30.55 10.61
N LEU D 523 -37.71 29.78 10.98
CA LEU D 523 -37.91 29.22 12.35
C LEU D 523 -38.14 27.71 12.25
N VAL D 524 -38.32 27.04 13.41
CA VAL D 524 -38.76 25.63 13.52
C VAL D 524 -40.13 25.62 14.23
N ASP D 525 -41.16 25.09 13.57
CA ASP D 525 -42.60 25.20 13.98
C ASP D 525 -42.93 24.15 15.06
N GLY D 526 -44.22 24.01 15.39
CA GLY D 526 -44.76 22.99 16.31
C GLY D 526 -44.56 21.57 15.80
N SER D 527 -44.50 21.37 14.46
CA SER D 527 -44.26 20.07 13.77
C SER D 527 -42.78 19.65 13.88
N GLY D 528 -41.87 20.58 14.21
CA GLY D 528 -40.41 20.33 14.31
C GLY D 528 -39.71 20.45 12.96
N ASN D 529 -40.43 20.84 11.90
CA ASN D 529 -39.88 21.01 10.52
C ASN D 529 -39.51 22.48 10.31
N PRO D 530 -38.54 22.79 9.41
CA PRO D 530 -38.21 24.18 9.11
C PRO D 530 -39.36 24.89 8.37
N VAL D 531 -39.59 26.17 8.70
CA VAL D 531 -40.58 27.08 8.04
C VAL D 531 -39.92 28.45 7.85
N SER D 532 -40.40 29.23 6.89
CA SER D 532 -39.94 30.61 6.59
C SER D 532 -41.16 31.53 6.44
N VAL D 533 -41.11 32.72 7.06
CA VAL D 533 -42.18 33.75 6.99
C VAL D 533 -41.53 35.12 6.72
N GLU D 534 -42.36 36.15 6.53
CA GLU D 534 -41.92 37.50 6.12
C GLU D 534 -42.07 38.48 7.30
N VAL D 535 -41.08 39.36 7.50
CA VAL D 535 -41.06 40.41 8.56
C VAL D 535 -41.62 41.73 7.98
N GLN D 536 -42.24 42.57 8.81
CA GLN D 536 -42.76 43.91 8.42
C GLN D 536 -41.97 45.01 9.13
N SER D 537 -42.00 45.02 10.47
CA SER D 537 -41.38 46.08 11.31
C SER D 537 -40.52 45.44 12.40
N VAL D 538 -39.48 46.18 12.83
CA VAL D 538 -38.61 45.82 14.00
C VAL D 538 -38.60 47.02 14.96
N THR D 539 -39.44 46.96 16.01
CA THR D 539 -39.45 47.93 17.14
C THR D 539 -38.22 47.65 18.02
N ASP D 540 -37.56 48.71 18.50
CA ASP D 540 -36.24 48.63 19.19
C ASP D 540 -35.27 47.93 18.23
N GLY D 541 -34.62 46.84 18.65
CA GLY D 541 -33.73 45.99 17.83
C GLY D 541 -33.89 44.50 18.12
N VAL D 542 -34.75 44.13 19.07
CA VAL D 542 -34.91 42.71 19.53
C VAL D 542 -36.34 42.21 19.24
N LYS D 543 -37.36 43.08 19.24
CA LYS D 543 -38.78 42.72 18.98
C LYS D 543 -39.09 42.89 17.49
N VAL D 544 -39.49 41.82 16.82
CA VAL D 544 -39.74 41.76 15.35
C VAL D 544 -41.18 41.30 15.09
N LYS D 545 -41.95 42.09 14.33
CA LYS D 545 -43.32 41.75 13.86
C LYS D 545 -43.22 40.98 12.55
N VAL D 546 -43.86 39.82 12.47
CA VAL D 546 -43.85 38.90 11.28
C VAL D 546 -45.25 38.90 10.65
N SER D 547 -45.39 38.29 9.46
CA SER D 547 -46.67 38.17 8.70
C SER D 547 -47.65 37.29 9.50
N ARG D 548 -47.20 36.11 9.93
CA ARG D 548 -47.93 35.18 10.83
C ARG D 548 -46.91 34.33 11.59
N VAL D 549 -47.16 34.03 12.87
CA VAL D 549 -46.27 33.19 13.73
C VAL D 549 -46.75 31.73 13.62
N PRO D 550 -45.93 30.82 13.06
CA PRO D 550 -46.25 29.39 13.10
C PRO D 550 -46.43 28.93 14.56
N ASP D 551 -47.42 28.07 14.81
CA ASP D 551 -47.75 27.61 16.18
C ASP D 551 -46.61 26.74 16.71
N GLY D 552 -46.46 26.67 18.04
CA GLY D 552 -45.50 25.80 18.74
C GLY D 552 -44.04 26.15 18.47
N VAL D 553 -43.73 27.40 18.14
CA VAL D 553 -42.31 27.90 18.03
C VAL D 553 -41.74 27.99 19.44
N ALA D 554 -41.03 26.93 19.85
CA ALA D 554 -40.45 26.76 21.20
C ALA D 554 -39.57 27.97 21.56
N GLU D 555 -39.56 28.34 22.85
CA GLU D 555 -38.59 29.28 23.43
C GLU D 555 -37.18 28.72 23.23
N TYR D 556 -36.20 29.58 22.94
CA TYR D 556 -34.78 29.21 22.72
C TYR D 556 -34.66 28.23 21.54
N SER D 557 -35.50 28.43 20.50
CA SER D 557 -35.45 27.73 19.19
C SER D 557 -34.60 28.56 18.21
N VAL D 558 -34.08 27.92 17.17
CA VAL D 558 -33.12 28.52 16.18
C VAL D 558 -33.90 29.46 15.24
N TRP D 559 -33.43 30.71 15.10
CA TRP D 559 -33.98 31.74 14.18
C TRP D 559 -32.88 32.15 13.19
N GLU D 560 -33.27 32.49 11.96
CA GLU D 560 -32.34 32.95 10.89
C GLU D 560 -32.99 34.11 10.11
N LEU D 561 -32.19 35.08 9.65
CA LEU D 561 -32.63 36.21 8.80
C LEU D 561 -31.97 36.11 7.42
N LYS D 562 -32.75 36.25 6.34
CA LYS D 562 -32.29 36.17 4.93
C LYS D 562 -32.74 37.43 4.17
N LEU D 563 -31.78 38.23 3.68
CA LEU D 563 -32.03 39.40 2.81
C LEU D 563 -32.21 38.90 1.37
N PRO D 564 -32.90 39.67 0.48
CA PRO D 564 -33.00 39.28 -0.94
C PRO D 564 -31.61 39.37 -1.59
N THR D 565 -30.79 40.30 -1.10
CA THR D 565 -29.42 40.63 -1.58
C THR D 565 -28.37 39.80 -0.83
N LEU D 566 -28.43 38.47 -0.94
CA LEU D 566 -27.33 37.56 -0.52
C LEU D 566 -27.40 36.23 -1.29
N ARG D 567 -26.29 35.49 -1.25
CA ARG D 567 -26.14 34.11 -1.76
C ARG D 567 -26.48 33.14 -0.61
N GLN D 568 -27.10 32.00 -0.92
CA GLN D 568 -27.72 31.10 0.09
C GLN D 568 -26.70 30.06 0.60
N ARG D 569 -25.71 29.66 -0.22
CA ARG D 569 -24.69 28.61 0.05
C ARG D 569 -25.29 27.42 0.83
N LEU D 570 -26.28 26.74 0.21
CA LEU D 570 -26.87 25.46 0.67
C LEU D 570 -25.84 24.33 0.47
N PHE D 571 -25.90 23.31 1.34
CA PHE D 571 -25.15 22.03 1.25
C PHE D 571 -26.11 20.85 1.31
N ARG D 572 -25.68 19.69 0.82
CA ARG D 572 -26.44 18.41 0.88
C ARG D 572 -25.60 17.42 1.70
N CYS D 573 -26.14 16.90 2.80
CA CYS D 573 -25.44 16.00 3.77
C CYS D 573 -25.05 14.70 3.08
N VAL D 574 -23.77 14.34 3.07
CA VAL D 574 -23.27 13.07 2.45
C VAL D 574 -23.09 12.01 3.53
N SER D 575 -22.56 12.39 4.71
CA SER D 575 -22.23 11.47 5.84
C SER D 575 -22.73 12.08 7.14
N ILE D 576 -23.32 11.26 8.02
CA ILE D 576 -23.67 11.62 9.44
C ILE D 576 -23.16 10.52 10.38
N ARG D 577 -21.96 10.73 10.94
CA ARG D 577 -21.31 9.88 11.99
C ARG D 577 -21.99 10.13 13.34
N GLU D 578 -21.89 9.16 14.27
CA GLU D 578 -22.06 9.35 15.75
C GLU D 578 -20.68 9.38 16.39
N ASN D 579 -20.47 10.23 17.41
CA ASN D 579 -19.15 10.43 18.06
C ASN D 579 -19.20 9.87 19.48
N ASP D 580 -20.21 9.04 19.79
CA ASP D 580 -20.41 8.33 21.09
C ASP D 580 -20.38 9.33 22.27
N ASP D 581 -20.54 10.63 22.00
CA ASP D 581 -20.63 11.71 23.03
C ASP D 581 -21.99 12.41 22.88
N GLY D 582 -22.97 11.71 22.30
CA GLY D 582 -24.29 12.25 21.92
C GLY D 582 -24.15 13.40 20.93
N THR D 583 -23.02 13.44 20.21
CA THR D 583 -22.73 14.41 19.11
C THR D 583 -22.62 13.61 17.81
N TYR D 584 -23.04 14.21 16.71
CA TYR D 584 -23.04 13.60 15.35
C TYR D 584 -22.18 14.49 14.45
N ALA D 585 -21.10 13.96 13.88
CA ALA D 585 -20.23 14.66 12.90
C ALA D 585 -20.89 14.60 11.53
N ILE D 586 -21.32 15.75 10.99
CA ILE D 586 -22.00 15.82 9.66
C ILE D 586 -20.99 16.36 8.65
N THR D 587 -20.85 15.68 7.51
CA THR D 587 -20.14 16.17 6.30
C THR D 587 -21.16 16.42 5.19
N ALA D 588 -21.16 17.62 4.62
CA ALA D 588 -22.01 18.01 3.47
C ALA D 588 -21.14 18.62 2.37
N VAL D 589 -21.61 18.56 1.12
CA VAL D 589 -20.97 19.16 -0.09
C VAL D 589 -21.90 20.30 -0.58
N GLN D 590 -21.37 21.27 -1.34
CA GLN D 590 -22.11 22.46 -1.87
C GLN D 590 -23.34 21.98 -2.66
N HIS D 591 -24.39 22.80 -2.80
CA HIS D 591 -25.69 22.35 -3.36
C HIS D 591 -25.99 22.98 -4.73
N VAL D 592 -25.82 24.30 -4.90
CA VAL D 592 -26.12 25.06 -6.16
C VAL D 592 -27.41 24.55 -6.81
N PRO D 593 -28.60 24.96 -6.31
CA PRO D 593 -29.90 24.48 -6.83
C PRO D 593 -30.14 24.65 -8.34
N GLU D 594 -29.69 25.77 -8.94
CA GLU D 594 -29.94 26.11 -10.37
C GLU D 594 -29.14 25.18 -11.31
N LYS D 595 -28.36 24.23 -10.77
CA LYS D 595 -27.62 23.22 -11.57
C LYS D 595 -28.59 22.45 -12.47
N GLU D 596 -29.80 22.10 -11.98
CA GLU D 596 -30.77 21.27 -12.75
C GLU D 596 -31.16 22.00 -14.04
N ALA D 597 -31.63 23.25 -13.92
CA ALA D 597 -32.03 24.15 -15.04
C ALA D 597 -30.84 24.36 -16.01
N ILE D 598 -29.64 24.63 -15.49
CA ILE D 598 -28.39 24.77 -16.28
C ILE D 598 -28.14 23.49 -17.09
N VAL D 599 -28.18 22.31 -16.48
CA VAL D 599 -27.80 21.04 -17.16
C VAL D 599 -28.78 20.82 -18.31
N ASP D 600 -30.09 20.91 -18.05
CA ASP D 600 -31.15 20.77 -19.10
C ASP D 600 -31.95 22.09 -19.19
N ASN D 601 -31.49 22.99 -20.08
CA ASN D 601 -32.09 24.32 -20.37
C ASN D 601 -33.61 24.17 -20.45
N GLY D 602 -34.35 24.73 -19.48
CA GLY D 602 -35.82 24.52 -19.32
C GLY D 602 -36.15 23.08 -18.95
N ALA D 603 -36.88 22.37 -19.83
CA ALA D 603 -37.23 20.93 -19.74
C ALA D 603 -37.85 20.63 -18.36
N HIS D 604 -38.83 21.44 -17.94
CA HIS D 604 -39.47 21.42 -16.60
C HIS D 604 -40.95 21.01 -16.74
N PHE D 605 -41.25 19.72 -16.54
CA PHE D 605 -42.62 19.12 -16.60
C PHE D 605 -42.92 18.34 -15.31
N ASP D 606 -42.35 18.77 -14.18
CA ASP D 606 -42.57 18.20 -12.82
C ASP D 606 -43.99 18.59 -12.36
N GLY D 607 -44.26 19.88 -12.23
CA GLY D 607 -45.54 20.43 -11.71
C GLY D 607 -45.60 20.33 -10.20
N MET E 1 27.75 47.85 29.60
CA MET E 1 27.62 46.91 30.76
C MET E 1 27.96 45.48 30.31
N LYS E 2 28.78 44.77 31.09
CA LYS E 2 29.16 43.35 30.83
C LYS E 2 29.34 42.58 32.15
N THR E 3 29.06 43.19 33.32
CA THR E 3 29.27 42.58 34.66
C THR E 3 28.02 42.80 35.54
N PHE E 4 27.92 42.06 36.66
CA PHE E 4 26.86 42.18 37.69
C PHE E 4 27.47 42.71 39.00
N ARG E 5 26.97 43.84 39.51
CA ARG E 5 27.51 44.60 40.68
C ARG E 5 26.43 44.78 41.75
N TRP E 6 25.80 43.70 42.24
CA TRP E 6 24.69 43.74 43.26
C TRP E 6 24.97 42.78 44.42
N LYS E 7 24.40 43.05 45.60
CA LYS E 7 24.57 42.27 46.87
C LYS E 7 23.54 41.14 46.91
N VAL E 8 23.98 39.91 47.18
CA VAL E 8 23.12 38.66 47.23
C VAL E 8 22.71 38.40 48.69
N LYS E 9 21.64 37.61 48.85
CA LYS E 9 21.15 37.08 50.14
C LYS E 9 22.15 36.05 50.68
N PRO E 10 21.95 35.54 51.92
CA PRO E 10 22.76 34.43 52.42
C PRO E 10 22.35 33.08 51.81
N GLY E 11 21.13 33.00 51.25
CA GLY E 11 20.52 31.75 50.80
C GLY E 11 20.35 31.68 49.29
N MET E 12 21.33 31.10 48.57
CA MET E 12 21.24 30.75 47.13
C MET E 12 21.66 29.28 46.93
N ASP E 13 21.09 28.62 45.91
CA ASP E 13 21.38 27.22 45.51
C ASP E 13 22.34 27.23 44.31
N VAL E 14 23.26 26.26 44.23
CA VAL E 14 24.21 26.07 43.09
C VAL E 14 24.17 24.58 42.67
N ALA E 15 23.25 24.21 41.77
CA ALA E 15 23.12 22.87 41.15
C ALA E 15 24.28 22.65 40.16
N SER E 16 24.82 21.43 40.06
CA SER E 16 26.05 21.10 39.28
C SER E 16 25.69 20.22 38.08
N VAL E 17 25.12 19.03 38.34
CA VAL E 17 24.64 18.02 37.34
C VAL E 17 25.54 18.04 36.09
N PRO E 18 26.81 17.53 36.17
CA PRO E 18 27.69 17.49 35.00
C PRO E 18 27.13 16.63 33.86
N SER E 19 27.38 17.05 32.62
CA SER E 19 27.04 16.30 31.38
C SER E 19 27.88 15.01 31.36
N VAL E 20 27.20 13.87 31.23
CA VAL E 20 27.79 12.51 31.18
C VAL E 20 27.17 11.75 30.00
N ARG E 21 28.01 11.29 29.08
CA ARG E 21 27.60 10.41 27.95
C ARG E 21 27.71 8.96 28.43
N LYS E 22 26.58 8.36 28.79
CA LYS E 22 26.53 7.03 29.45
C LYS E 22 25.59 6.12 28.64
N VAL E 23 26.05 4.89 28.36
CA VAL E 23 25.28 3.83 27.68
C VAL E 23 25.00 2.69 28.68
N ARG E 24 23.78 2.18 28.68
CA ARG E 24 23.28 1.11 29.58
C ARG E 24 21.95 0.60 29.05
N PHE E 25 21.86 -0.69 28.72
CA PHE E 25 20.60 -1.32 28.28
C PHE E 25 20.05 -2.10 29.47
N GLY E 26 18.71 -2.09 29.63
CA GLY E 26 17.99 -2.59 30.81
C GLY E 26 18.58 -2.00 32.08
N ASP E 27 19.17 -2.86 32.93
CA ASP E 27 19.83 -2.46 34.20
C ASP E 27 21.17 -3.20 34.34
N GLY E 28 21.74 -3.69 33.24
CA GLY E 28 23.02 -4.43 33.23
C GLY E 28 24.21 -3.52 33.48
N TYR E 29 25.38 -3.88 32.94
CA TYR E 29 26.62 -3.07 32.97
C TYR E 29 26.33 -1.69 32.37
N SER E 30 27.00 -0.65 32.87
CA SER E 30 26.97 0.72 32.29
C SER E 30 28.41 1.24 32.11
N GLN E 31 28.73 1.76 30.92
CA GLN E 31 29.93 2.57 30.64
C GLN E 31 29.55 4.05 30.74
N ARG E 32 30.44 4.87 31.32
CA ARG E 32 30.23 6.34 31.48
C ARG E 32 31.45 7.08 30.93
N ALA E 33 31.21 8.27 30.34
CA ALA E 33 32.22 9.13 29.69
C ALA E 33 31.97 10.59 30.08
N PRO E 34 33.00 11.46 30.01
CA PRO E 34 32.85 12.86 30.41
C PRO E 34 31.98 13.71 29.44
N ALA E 35 31.70 13.22 28.23
CA ALA E 35 30.98 13.93 27.13
C ALA E 35 31.74 15.22 26.74
N GLY E 36 31.21 16.41 27.04
CA GLY E 36 31.82 17.70 26.68
C GLY E 36 33.10 17.99 27.46
N LEU E 37 33.94 18.89 26.94
CA LEU E 37 35.18 19.39 27.59
C LEU E 37 34.81 20.19 28.85
N ASN E 38 33.77 21.03 28.73
CA ASN E 38 33.20 21.82 29.85
C ASN E 38 32.08 21.00 30.50
N ALA E 39 32.45 20.05 31.36
CA ALA E 39 31.57 18.96 31.88
C ALA E 39 30.47 19.52 32.81
N ASN E 40 30.83 20.24 33.89
CA ASN E 40 29.85 20.84 34.83
C ASN E 40 29.80 22.35 34.59
N LEU E 41 28.60 22.89 34.37
CA LEU E 41 28.35 24.30 33.95
C LEU E 41 27.43 25.01 34.97
N LYS E 42 27.09 24.37 36.09
CA LYS E 42 26.54 25.03 37.31
C LYS E 42 25.29 25.88 36.99
N THR E 43 24.44 26.11 38.00
CA THR E 43 23.16 26.87 37.90
C THR E 43 22.86 27.48 39.27
N TYR E 44 22.85 28.82 39.34
CA TYR E 44 22.69 29.61 40.59
C TYR E 44 21.24 30.11 40.66
N SER E 45 20.51 29.75 41.73
CA SER E 45 19.17 30.28 42.08
C SER E 45 19.33 31.43 43.09
N VAL E 46 19.65 32.61 42.55
CA VAL E 46 20.06 33.84 43.31
C VAL E 46 18.80 34.58 43.76
N THR E 47 18.74 34.97 45.04
CA THR E 47 17.73 35.89 45.61
C THR E 47 18.40 37.24 45.90
N LEU E 48 17.81 38.35 45.40
CA LEU E 48 18.26 39.75 45.65
C LEU E 48 17.14 40.54 46.33
N SER E 49 17.52 41.49 47.19
CA SER E 49 16.65 42.55 47.77
C SER E 49 17.20 43.92 47.40
N VAL E 50 16.34 44.83 46.90
CA VAL E 50 16.74 46.16 46.35
C VAL E 50 15.69 47.20 46.77
N PRO E 51 16.10 48.46 47.08
CA PRO E 51 15.15 49.55 47.32
C PRO E 51 14.34 49.90 46.04
N ARG E 52 13.14 50.44 46.23
CA ARG E 52 12.13 50.63 45.15
C ARG E 52 12.64 51.56 44.04
N GLU E 53 13.62 52.42 44.32
CA GLU E 53 14.20 53.38 43.33
C GLU E 53 15.16 52.64 42.38
N GLU E 54 16.01 51.75 42.92
CA GLU E 54 17.08 51.02 42.17
C GLU E 54 16.52 49.75 41.49
N ALA E 55 15.27 49.37 41.80
CA ALA E 55 14.54 48.26 41.15
C ALA E 55 14.49 48.50 39.62
N THR E 56 14.27 49.74 39.20
CA THR E 56 14.23 50.18 37.77
C THR E 56 15.59 49.92 37.10
N VAL E 57 16.70 50.28 37.77
CA VAL E 57 18.10 50.10 37.25
C VAL E 57 18.34 48.61 36.97
N LEU E 58 18.07 47.75 37.97
CA LEU E 58 18.33 46.29 37.91
C LEU E 58 17.40 45.62 36.87
N GLU E 59 16.11 45.98 36.85
CA GLU E 59 15.08 45.45 35.90
C GLU E 59 15.49 45.74 34.46
N SER E 60 15.87 47.00 34.19
CA SER E 60 16.34 47.47 32.86
C SER E 60 17.61 46.68 32.46
N PHE E 61 18.57 46.52 33.38
CA PHE E 61 19.85 45.79 33.15
C PHE E 61 19.58 44.37 32.65
N LEU E 62 18.69 43.62 33.33
CA LEU E 62 18.33 42.22 32.97
C LEU E 62 17.56 42.18 31.65
N GLU E 63 16.78 43.22 31.33
CA GLU E 63 15.93 43.31 30.11
C GLU E 63 16.78 43.39 28.83
N GLU E 64 17.86 44.19 28.80
CA GLU E 64 18.72 44.35 27.59
C GLU E 64 19.54 43.06 27.35
N HIS E 65 19.51 42.10 28.28
CA HIS E 65 20.03 40.72 28.06
C HIS E 65 18.90 39.83 27.55
N GLY E 66 17.81 39.68 28.32
CA GLY E 66 16.57 39.02 27.87
C GLY E 66 16.78 37.57 27.45
N GLY E 67 17.51 36.79 28.27
CA GLY E 67 17.81 35.37 28.06
C GLY E 67 19.20 35.16 27.44
N TRP E 68 19.38 35.66 26.21
CA TRP E 68 20.68 35.69 25.48
C TRP E 68 21.58 36.78 26.07
N LYS E 69 22.67 37.14 25.39
CA LYS E 69 23.63 38.19 25.84
C LYS E 69 24.20 37.81 27.21
N SER E 70 25.15 36.88 27.23
CA SER E 70 25.91 36.49 28.45
C SER E 70 26.70 37.70 28.98
N PHE E 71 26.72 37.86 30.30
CA PHE E 71 27.49 38.89 31.05
C PHE E 71 28.40 38.20 32.06
N LEU E 72 29.58 38.79 32.32
CA LEU E 72 30.55 38.34 33.36
C LEU E 72 29.89 38.46 34.75
N TRP E 73 30.30 37.62 35.70
CA TRP E 73 29.81 37.65 37.11
C TRP E 73 30.87 37.02 38.03
N THR E 74 30.96 37.53 39.28
CA THR E 74 31.85 36.98 40.35
C THR E 74 30.96 36.49 41.50
N PRO E 75 30.55 35.19 41.52
CA PRO E 75 29.74 34.66 42.61
C PRO E 75 30.58 34.57 43.90
N PRO E 76 30.00 34.77 45.11
CA PRO E 76 30.76 34.66 46.35
C PRO E 76 31.12 33.20 46.68
N TYR E 77 30.48 32.24 45.99
CA TYR E 77 30.65 30.77 46.13
C TYR E 77 32.13 30.36 45.94
N GLU E 78 32.82 30.95 44.97
CA GLU E 78 34.23 30.59 44.61
C GLU E 78 35.08 31.84 44.34
N TRP E 79 34.47 33.03 44.22
CA TRP E 79 35.15 34.33 43.93
C TRP E 79 35.94 34.26 42.62
N ARG E 80 35.37 33.65 41.57
CA ARG E 80 35.97 33.62 40.20
C ARG E 80 35.08 34.40 39.24
N GLN E 81 35.68 34.97 38.19
CA GLN E 81 34.99 35.65 37.06
C GLN E 81 34.56 34.58 36.05
N ILE E 82 33.25 34.38 35.91
CA ILE E 82 32.63 33.41 34.95
C ILE E 82 31.53 34.14 34.17
N LYS E 83 31.31 33.74 32.92
CA LYS E 83 30.26 34.28 32.03
C LYS E 83 28.94 33.56 32.36
N VAL E 84 27.82 34.29 32.51
CA VAL E 84 26.49 33.72 32.89
C VAL E 84 25.40 34.39 32.04
N THR E 85 24.21 33.79 32.00
CA THR E 85 22.97 34.32 31.36
C THR E 85 21.80 34.21 32.34
N CYS E 86 20.80 35.10 32.23
CA CYS E 86 19.58 35.07 33.09
C CYS E 86 18.38 34.59 32.26
N ALA E 87 17.49 33.82 32.89
CA ALA E 87 16.39 33.06 32.23
C ALA E 87 15.03 33.72 32.54
N LYS E 88 14.67 33.89 33.83
CA LYS E 88 13.28 34.25 34.28
C LYS E 88 13.25 35.53 35.13
N TRP E 89 14.04 35.60 36.21
CA TRP E 89 14.12 36.74 37.18
C TRP E 89 12.70 37.19 37.60
N SER E 90 11.89 36.28 38.12
CA SER E 90 10.58 36.59 38.74
C SER E 90 10.77 37.50 39.96
N SER E 91 10.09 38.66 40.00
CA SER E 91 10.30 39.75 41.01
C SER E 91 9.01 40.02 41.81
N ARG E 92 9.13 40.22 43.13
CA ARG E 92 8.03 40.59 44.05
C ARG E 92 8.31 41.98 44.65
N VAL E 93 7.44 42.98 44.42
CA VAL E 93 7.59 44.35 44.98
C VAL E 93 6.71 44.46 46.25
N SER E 94 7.31 44.89 47.36
CA SER E 94 6.63 45.21 48.65
C SER E 94 6.56 46.73 48.81
N MET E 95 6.23 47.23 50.01
CA MET E 95 6.04 48.69 50.31
C MET E 95 7.35 49.45 50.06
N LEU E 96 8.46 48.94 50.61
CA LEU E 96 9.81 49.58 50.56
C LEU E 96 10.85 48.63 49.94
N ARG E 97 10.52 47.35 49.76
CA ARG E 97 11.45 46.26 49.36
C ARG E 97 11.02 45.65 48.01
N VAL E 98 11.98 45.17 47.20
CA VAL E 98 11.73 44.36 45.97
C VAL E 98 12.63 43.11 46.01
N GLU E 99 12.05 41.94 45.74
CA GLU E 99 12.71 40.60 45.83
C GLU E 99 12.85 40.01 44.42
N PHE E 100 14.07 39.63 44.03
CA PHE E 100 14.38 38.96 42.73
C PHE E 100 14.71 37.48 42.98
N SER E 101 14.08 36.58 42.23
CA SER E 101 14.39 35.13 42.13
C SER E 101 14.81 34.81 40.69
N ALA E 102 16.11 34.66 40.46
CA ALA E 102 16.72 34.46 39.12
C ALA E 102 17.47 33.12 39.08
N GLU E 103 17.62 32.53 37.89
CA GLU E 103 18.42 31.31 37.63
C GLU E 103 19.53 31.68 36.63
N PHE E 104 20.71 32.04 37.13
CA PHE E 104 21.92 32.31 36.31
C PHE E 104 22.51 30.96 35.90
N GLU E 105 22.76 30.79 34.60
CA GLU E 105 23.30 29.54 33.99
C GLU E 105 24.58 29.92 33.23
N GLN E 106 25.75 29.62 33.82
CA GLN E 106 27.06 30.03 33.26
C GLN E 106 27.24 29.32 31.90
N VAL E 107 27.91 29.99 30.96
CA VAL E 107 28.08 29.56 29.53
C VAL E 107 29.55 29.72 29.17
N VAL E 108 30.05 28.96 28.18
CA VAL E 108 31.46 29.09 27.71
C VAL E 108 31.56 30.32 26.81
N ASN E 109 30.54 30.57 25.98
CA ASN E 109 30.42 31.73 25.06
C ASN E 109 30.27 33.02 25.87
N MET F 1 -34.59 13.48 6.10
CA MET F 1 -35.36 13.41 7.38
C MET F 1 -35.54 11.95 7.77
N GLN F 2 -35.14 11.58 8.99
CA GLN F 2 -35.55 10.31 9.66
C GLN F 2 -37.06 10.26 9.82
N ASP F 3 -37.67 9.07 9.85
CA ASP F 3 -39.13 8.92 10.11
C ASP F 3 -39.37 8.92 11.64
N ILE F 4 -39.00 10.03 12.29
CA ILE F 4 -39.23 10.29 13.75
C ILE F 4 -40.51 11.13 13.90
N ARG F 5 -41.09 11.16 15.10
CA ARG F 5 -42.37 11.87 15.34
C ARG F 5 -42.10 13.28 15.88
N GLN F 6 -43.09 14.15 15.74
CA GLN F 6 -43.08 15.57 16.17
C GLN F 6 -42.56 15.66 17.62
N GLU F 7 -42.95 14.73 18.50
CA GLU F 7 -42.50 14.66 19.93
C GLU F 7 -40.97 14.50 20.01
N THR F 8 -40.44 13.56 19.23
CA THR F 8 -38.99 13.22 19.18
C THR F 8 -38.21 14.42 18.63
N LEU F 9 -38.72 15.11 17.59
CA LEU F 9 -38.11 16.35 17.02
C LEU F 9 -37.99 17.43 18.12
N ASN F 10 -39.08 17.70 18.84
CA ASN F 10 -39.16 18.73 19.92
C ASN F 10 -38.15 18.38 21.03
N GLU F 11 -38.10 17.10 21.44
CA GLU F 11 -37.17 16.60 22.50
C GLU F 11 -35.72 16.64 22.01
N CYS F 12 -35.47 16.37 20.72
CA CYS F 12 -34.13 16.39 20.07
C CYS F 12 -33.52 17.79 20.19
N THR F 13 -34.29 18.83 19.84
CA THR F 13 -33.86 20.25 19.81
C THR F 13 -33.89 20.86 21.22
N ARG F 14 -34.56 20.20 22.18
CA ARG F 14 -34.86 20.76 23.53
C ARG F 14 -33.55 21.20 24.20
N ALA F 15 -33.60 22.30 24.97
CA ALA F 15 -32.48 22.85 25.77
C ALA F 15 -31.90 21.75 26.69
N GLU F 16 -32.76 21.13 27.51
CA GLU F 16 -32.40 20.06 28.47
C GLU F 16 -33.33 18.87 28.26
N GLN F 17 -32.79 17.74 27.79
CA GLN F 17 -33.57 16.50 27.50
C GLN F 17 -33.32 15.49 28.61
N SER F 18 -34.23 14.52 28.73
CA SER F 18 -34.05 13.23 29.46
C SER F 18 -32.92 12.45 28.77
N ALA F 19 -32.27 11.53 29.51
CA ALA F 19 -31.16 10.67 29.01
C ALA F 19 -31.68 9.78 27.88
N SER F 20 -31.01 9.83 26.72
CA SER F 20 -31.28 8.93 25.57
C SER F 20 -30.98 7.49 25.97
N VAL F 21 -31.82 6.54 25.54
CA VAL F 21 -31.73 5.09 25.92
C VAL F 21 -31.60 4.25 24.65
N VAL F 22 -30.70 3.26 24.67
CA VAL F 22 -30.42 2.31 23.55
C VAL F 22 -30.90 0.92 23.98
N LEU F 23 -31.80 0.29 23.21
CA LEU F 23 -32.41 -1.03 23.52
C LEU F 23 -32.10 -2.00 22.38
N TRP F 24 -31.30 -3.03 22.64
CA TRP F 24 -30.78 -3.99 21.65
C TRP F 24 -31.65 -5.23 21.63
N GLU F 25 -31.85 -5.81 20.46
CA GLU F 25 -32.49 -7.13 20.28
C GLU F 25 -31.57 -7.94 19.37
N ILE F 26 -30.88 -8.94 19.92
CA ILE F 26 -30.03 -9.88 19.14
C ILE F 26 -30.90 -11.07 18.73
N ASP F 27 -31.41 -11.06 17.49
CA ASP F 27 -32.34 -12.08 16.95
C ASP F 27 -31.54 -13.12 16.15
N LEU F 28 -31.71 -14.41 16.48
CA LEU F 28 -30.94 -15.52 15.87
C LEU F 28 -31.92 -16.60 15.34
N THR F 29 -33.20 -16.25 15.23
CA THR F 29 -34.27 -17.17 14.76
C THR F 29 -33.93 -17.62 13.34
N GLU F 30 -33.02 -16.91 12.66
CA GLU F 30 -32.69 -17.11 11.23
C GLU F 30 -31.43 -17.98 11.12
N VAL F 31 -30.94 -18.47 12.23
CA VAL F 31 -29.60 -19.13 12.21
C VAL F 31 -29.54 -20.29 13.21
N GLY F 32 -30.62 -20.55 13.95
CA GLY F 32 -30.73 -21.66 14.90
C GLY F 32 -30.46 -21.27 16.35
N GLY F 33 -30.26 -19.98 16.64
CA GLY F 33 -30.44 -19.42 18.00
C GLY F 33 -31.88 -18.97 18.20
N GLU F 34 -32.11 -18.14 19.23
CA GLU F 34 -33.43 -17.53 19.58
C GLU F 34 -33.21 -16.07 20.00
N ARG F 35 -34.27 -15.26 20.04
CA ARG F 35 -34.20 -13.79 20.27
C ARG F 35 -33.82 -13.51 21.72
N TYR F 36 -32.85 -12.61 21.94
CA TYR F 36 -32.52 -12.05 23.27
C TYR F 36 -32.76 -10.54 23.26
N PHE F 37 -33.10 -9.98 24.41
CA PHE F 37 -33.35 -8.54 24.61
C PHE F 37 -32.40 -8.04 25.69
N PHE F 38 -31.59 -7.03 25.36
CA PHE F 38 -30.54 -6.48 26.24
C PHE F 38 -30.65 -4.96 26.26
N CYS F 39 -30.03 -4.35 27.27
CA CYS F 39 -30.07 -2.89 27.49
C CYS F 39 -28.95 -2.58 28.47
N ASN F 40 -28.14 -1.55 28.22
CA ASN F 40 -26.92 -1.32 29.02
C ASN F 40 -27.32 -1.00 30.47
N GLU F 41 -28.50 -0.40 30.67
CA GLU F 41 -28.92 0.17 31.99
C GLU F 41 -30.14 -0.56 32.56
N GLN F 42 -30.48 -0.22 33.80
CA GLN F 42 -31.71 -0.67 34.51
C GLN F 42 -32.39 0.57 35.13
N ASN F 43 -33.73 0.54 35.21
CA ASN F 43 -34.58 1.70 35.63
C ASN F 43 -34.28 2.04 37.10
N GLU F 44 -34.84 3.15 37.59
CA GLU F 44 -34.61 3.70 38.96
C GLU F 44 -35.01 2.68 40.05
N LYS F 45 -35.90 1.74 39.74
CA LYS F 45 -36.41 0.68 40.68
C LYS F 45 -35.48 -0.53 40.70
N GLY F 46 -34.35 -0.48 39.97
CA GLY F 46 -33.35 -1.57 39.91
C GLY F 46 -33.90 -2.83 39.28
N GLU F 47 -34.72 -2.69 38.22
CA GLU F 47 -35.40 -3.79 37.48
C GLU F 47 -35.11 -3.67 35.99
N PRO F 48 -35.23 -4.75 35.21
CA PRO F 48 -35.04 -4.69 33.75
C PRO F 48 -35.95 -3.65 33.09
N VAL F 49 -35.45 -2.91 32.09
CA VAL F 49 -36.16 -1.76 31.45
C VAL F 49 -37.31 -2.27 30.57
N THR F 50 -38.51 -1.76 30.78
CA THR F 50 -39.73 -2.14 30.01
C THR F 50 -40.00 -1.06 28.97
N TRP F 51 -40.11 -1.46 27.71
CA TRP F 51 -40.42 -0.58 26.54
C TRP F 51 -41.42 -1.27 25.60
N GLN F 52 -42.50 -0.57 25.25
CA GLN F 52 -43.66 -1.09 24.45
C GLN F 52 -44.25 -2.34 25.13
N GLY F 53 -44.20 -2.40 26.46
CA GLY F 53 -44.61 -3.56 27.28
C GLY F 53 -43.74 -4.79 27.03
N ARG F 54 -42.42 -4.61 26.84
CA ARG F 54 -41.43 -5.70 26.66
C ARG F 54 -40.22 -5.46 27.56
N GLN F 55 -39.63 -6.52 28.10
CA GLN F 55 -38.50 -6.47 29.06
C GLN F 55 -37.15 -6.54 28.32
N TYR F 56 -36.23 -5.61 28.61
CA TYR F 56 -34.79 -5.68 28.21
C TYR F 56 -33.93 -5.86 29.46
N GLN F 57 -33.33 -7.06 29.60
CA GLN F 57 -32.51 -7.46 30.78
C GLN F 57 -31.28 -6.58 30.84
N PRO F 58 -30.93 -6.06 32.03
CA PRO F 58 -29.67 -5.32 32.19
C PRO F 58 -28.56 -6.29 31.78
N TYR F 59 -27.60 -5.78 31.00
CA TYR F 59 -26.46 -6.57 30.48
C TYR F 59 -25.42 -5.59 29.93
N PRO F 60 -24.12 -5.68 30.32
CA PRO F 60 -23.10 -4.77 29.78
C PRO F 60 -22.97 -5.03 28.27
N ILE F 61 -23.49 -4.09 27.47
CA ILE F 61 -23.51 -4.12 25.97
C ILE F 61 -23.26 -2.70 25.46
N GLN F 62 -22.50 -2.56 24.38
CA GLN F 62 -22.21 -1.24 23.79
C GLN F 62 -21.81 -1.44 22.32
N GLY F 63 -22.43 -0.65 21.43
CA GLY F 63 -22.01 -0.51 20.02
C GLY F 63 -21.33 0.82 19.77
N SER F 64 -20.35 0.87 18.88
CA SER F 64 -19.61 2.12 18.52
C SER F 64 -19.27 2.13 17.03
N GLY F 65 -19.32 3.31 16.41
CA GLY F 65 -18.94 3.55 15.01
C GLY F 65 -20.14 3.48 14.06
N PHE F 66 -21.36 3.63 14.59
CA PHE F 66 -22.59 3.69 13.77
C PHE F 66 -22.62 5.00 12.99
N GLU F 67 -22.95 4.96 11.69
CA GLU F 67 -23.10 6.17 10.83
C GLU F 67 -23.96 5.86 9.60
N LEU F 68 -24.51 6.92 9.00
CA LEU F 68 -25.32 6.83 7.75
C LEU F 68 -24.56 7.55 6.64
N ASN F 69 -24.28 6.85 5.52
CA ASN F 69 -23.48 7.37 4.38
C ASN F 69 -24.34 7.41 3.11
N GLY F 70 -24.10 8.41 2.27
CA GLY F 70 -24.57 8.43 0.88
C GLY F 70 -23.79 7.44 0.03
N LYS F 71 -22.59 7.06 0.46
CA LYS F 71 -21.53 6.42 -0.38
C LYS F 71 -21.44 4.92 -0.11
N GLY F 72 -21.26 4.55 1.16
CA GLY F 72 -21.18 3.16 1.63
C GLY F 72 -21.38 3.11 3.13
N THR F 73 -20.47 2.45 3.86
CA THR F 73 -20.27 2.61 5.33
C THR F 73 -18.80 2.94 5.56
N SER F 74 -17.89 2.11 5.05
CA SER F 74 -16.42 2.31 5.08
C SER F 74 -15.88 2.27 6.53
N THR F 75 -16.68 1.74 7.46
CA THR F 75 -16.40 1.68 8.93
C THR F 75 -16.65 0.26 9.44
N ARG F 76 -17.85 -0.30 9.23
CA ARG F 76 -18.35 -1.56 9.83
C ARG F 76 -18.44 -1.38 11.34
N PRO F 77 -19.58 -0.91 11.90
CA PRO F 77 -19.71 -0.69 13.34
C PRO F 77 -19.66 -1.98 14.18
N THR F 78 -18.96 -1.91 15.31
CA THR F 78 -18.62 -3.04 16.22
C THR F 78 -19.61 -3.04 17.40
N LEU F 79 -20.23 -4.20 17.68
CA LEU F 79 -21.07 -4.46 18.87
C LEU F 79 -20.33 -5.38 19.87
N THR F 80 -20.00 -4.89 21.08
CA THR F 80 -19.20 -5.59 22.14
C THR F 80 -20.11 -5.94 23.32
N VAL F 81 -20.11 -7.21 23.76
CA VAL F 81 -21.09 -7.78 24.73
C VAL F 81 -20.29 -8.46 25.84
N SER F 82 -20.72 -8.32 27.10
CA SER F 82 -20.04 -8.95 28.26
C SER F 82 -20.16 -10.47 28.17
N ASN F 83 -19.03 -11.16 28.35
CA ASN F 83 -18.90 -12.64 28.26
C ASN F 83 -18.44 -13.23 29.59
N LEU F 84 -18.53 -12.48 30.68
CA LEU F 84 -18.55 -13.05 32.04
C LEU F 84 -19.75 -13.99 32.13
N TYR F 85 -19.65 -15.03 32.95
CA TYR F 85 -20.72 -16.06 33.12
C TYR F 85 -20.95 -16.75 31.76
N GLY F 86 -19.99 -16.63 30.85
CA GLY F 86 -19.90 -17.37 29.58
C GLY F 86 -21.19 -17.36 28.78
N MET F 87 -22.02 -16.32 28.90
CA MET F 87 -23.25 -16.23 28.08
C MET F 87 -22.85 -16.48 26.63
N VAL F 88 -21.81 -15.81 26.13
CA VAL F 88 -21.53 -15.78 24.67
C VAL F 88 -20.78 -17.05 24.28
N THR F 89 -19.90 -17.56 25.12
CA THR F 89 -19.24 -18.83 24.79
C THR F 89 -20.34 -19.84 24.49
N GLY F 90 -21.27 -19.97 25.44
CA GLY F 90 -22.39 -20.94 25.41
C GLY F 90 -23.36 -20.63 24.29
N MET F 91 -23.47 -19.36 23.89
CA MET F 91 -24.42 -18.89 22.86
C MET F 91 -24.17 -19.68 21.58
N ALA F 92 -22.91 -19.77 21.14
CA ALA F 92 -22.59 -20.37 19.84
C ALA F 92 -21.53 -21.47 19.96
N GLU F 93 -20.46 -21.23 20.73
CA GLU F 93 -19.28 -22.13 20.91
C GLU F 93 -18.63 -22.48 19.55
N ASP F 94 -19.00 -21.77 18.47
CA ASP F 94 -18.50 -21.99 17.08
C ASP F 94 -18.37 -20.67 16.29
N MET F 95 -19.11 -19.61 16.64
CA MET F 95 -19.13 -18.25 15.99
C MET F 95 -19.36 -18.36 14.48
N GLN F 96 -19.95 -19.48 14.06
CA GLN F 96 -20.43 -19.72 12.68
C GLN F 96 -21.95 -19.62 12.74
N SER F 97 -22.55 -20.10 13.83
CA SER F 97 -24.01 -20.06 14.03
C SER F 97 -24.37 -18.67 14.59
N LEU F 98 -23.40 -17.81 14.86
CA LEU F 98 -23.76 -16.44 15.29
C LEU F 98 -23.83 -15.50 14.08
N VAL F 99 -23.19 -15.85 12.97
CA VAL F 99 -23.05 -14.97 11.76
C VAL F 99 -24.34 -14.95 10.96
N GLY F 100 -24.84 -13.78 10.62
CA GLY F 100 -26.08 -13.69 9.83
C GLY F 100 -27.29 -13.48 10.73
N GLY F 101 -27.19 -13.73 12.04
CA GLY F 101 -28.21 -13.24 12.98
C GLY F 101 -28.37 -11.75 12.80
N THR F 102 -29.59 -11.20 12.98
CA THR F 102 -29.89 -9.74 12.86
C THR F 102 -29.72 -9.07 14.24
N VAL F 103 -29.45 -7.77 14.26
CA VAL F 103 -29.40 -6.97 15.52
C VAL F 103 -30.19 -5.68 15.28
N VAL F 104 -31.22 -5.43 16.08
CA VAL F 104 -32.06 -4.18 16.02
C VAL F 104 -31.71 -3.31 17.22
N ARG F 105 -31.14 -2.12 17.01
CA ARG F 105 -31.00 -1.07 18.06
C ARG F 105 -32.20 -0.11 17.97
N ARG F 106 -32.70 0.36 19.10
CA ARG F 106 -33.77 1.39 19.17
C ARG F 106 -33.26 2.51 20.08
N LYS F 107 -33.19 3.73 19.56
CA LYS F 107 -32.88 4.95 20.35
C LYS F 107 -34.21 5.61 20.70
N VAL F 108 -34.46 5.77 22.00
CA VAL F 108 -35.71 6.37 22.56
C VAL F 108 -35.33 7.23 23.77
N TYR F 109 -35.91 8.44 23.84
CA TYR F 109 -35.71 9.37 24.97
C TYR F 109 -36.46 8.84 26.18
N ALA F 110 -35.89 8.97 27.38
CA ALA F 110 -36.45 8.44 28.65
C ALA F 110 -37.88 8.96 28.88
N ARG F 111 -38.17 10.19 28.43
CA ARG F 111 -39.48 10.86 28.66
C ARG F 111 -40.63 10.06 28.03
N PHE F 112 -40.37 9.17 27.06
CA PHE F 112 -41.42 8.39 26.34
C PHE F 112 -41.46 6.94 26.84
N LEU F 113 -40.67 6.56 27.83
CA LEU F 113 -40.66 5.18 28.38
C LEU F 113 -41.95 4.95 29.20
N ASP F 114 -42.36 3.69 29.38
CA ASP F 114 -43.62 3.29 30.04
C ASP F 114 -43.61 3.67 31.52
N ALA F 115 -44.78 3.86 32.12
CA ALA F 115 -44.97 4.34 33.51
C ALA F 115 -44.41 3.32 34.53
N VAL F 116 -44.33 2.03 34.16
CA VAL F 116 -43.82 0.94 35.04
C VAL F 116 -42.33 1.17 35.38
N ASN F 117 -41.55 1.81 34.49
CA ASN F 117 -40.07 2.02 34.68
C ASN F 117 -39.80 3.10 35.74
N PHE F 118 -40.82 3.89 36.11
CA PHE F 118 -40.70 5.04 37.05
C PHE F 118 -41.58 4.81 38.30
N VAL F 119 -41.11 5.33 39.44
CA VAL F 119 -41.78 5.23 40.78
C VAL F 119 -43.06 6.06 40.79
N ASN F 120 -43.06 7.25 40.17
CA ASN F 120 -44.20 8.21 40.17
C ASN F 120 -45.05 8.07 38.89
N GLY F 121 -44.78 7.05 38.07
CA GLY F 121 -45.41 6.86 36.74
C GLY F 121 -44.84 7.82 35.72
N ASN F 122 -45.56 8.07 34.63
CA ASN F 122 -45.15 9.04 33.58
C ASN F 122 -46.37 9.40 32.70
N SER F 123 -46.75 10.68 32.70
CA SER F 123 -47.86 11.26 31.90
C SER F 123 -47.49 11.32 30.40
N TYR F 124 -46.19 11.29 30.09
CA TYR F 124 -45.63 11.46 28.71
C TYR F 124 -45.27 10.10 28.09
N ALA F 125 -45.65 8.99 28.73
CA ALA F 125 -45.43 7.61 28.22
C ALA F 125 -46.05 7.49 26.83
N ASP F 126 -45.32 6.92 25.88
CA ASP F 126 -45.74 6.74 24.47
C ASP F 126 -44.94 5.60 23.85
N PRO F 127 -45.60 4.51 23.37
CA PRO F 127 -44.88 3.37 22.80
C PRO F 127 -44.50 3.53 21.31
N GLU F 128 -44.56 4.76 20.78
CA GLU F 128 -44.50 5.04 19.32
C GLU F 128 -43.25 5.88 18.97
N GLN F 129 -42.61 6.54 19.94
CA GLN F 129 -41.45 7.46 19.71
C GLN F 129 -40.14 6.67 19.78
N GLU F 130 -39.54 6.34 18.64
CA GLU F 130 -38.20 5.67 18.58
C GLU F 130 -37.58 5.78 17.19
N VAL F 131 -36.25 5.59 17.14
CA VAL F 131 -35.42 5.52 15.91
C VAL F 131 -34.84 4.12 15.83
N ILE F 132 -35.23 3.35 14.82
CA ILE F 132 -34.85 1.92 14.67
C ILE F 132 -33.68 1.83 13.69
N SER F 133 -32.79 0.85 13.86
CA SER F 133 -31.68 0.52 12.92
C SER F 133 -31.44 -0.99 12.94
N ARG F 134 -31.55 -1.67 11.80
CA ARG F 134 -31.21 -3.11 11.64
C ARG F 134 -29.77 -3.24 11.15
N TRP F 135 -29.08 -4.29 11.63
CA TRP F 135 -27.69 -4.68 11.30
C TRP F 135 -27.67 -6.21 11.22
N ARG F 136 -26.70 -6.81 10.55
CA ARG F 136 -26.54 -8.30 10.54
C ARG F 136 -25.15 -8.57 11.10
N ILE F 137 -25.06 -9.40 12.15
CA ILE F 137 -23.76 -9.90 12.71
C ILE F 137 -23.02 -10.54 11.56
N GLU F 138 -21.78 -10.21 11.32
CA GLU F 138 -21.11 -10.53 10.03
C GLU F 138 -19.89 -11.38 10.29
N GLN F 139 -19.24 -11.19 11.43
CA GLN F 139 -18.11 -12.04 11.88
C GLN F 139 -17.78 -11.70 13.32
N CYS F 140 -17.74 -12.69 14.19
CA CYS F 140 -17.27 -12.51 15.59
C CYS F 140 -15.77 -12.23 15.60
N SER F 141 -15.42 -10.96 15.84
CA SER F 141 -14.04 -10.46 15.71
C SER F 141 -13.15 -11.14 16.74
N GLU F 142 -13.60 -11.25 18.00
CA GLU F 142 -12.72 -11.64 19.15
C GLU F 142 -13.59 -11.96 20.35
N LEU F 143 -13.16 -12.90 21.20
CA LEU F 143 -14.01 -13.47 22.27
C LEU F 143 -13.14 -13.86 23.44
N SER F 144 -13.07 -13.05 24.48
CA SER F 144 -12.19 -13.36 25.64
C SER F 144 -13.07 -14.01 26.69
N ALA F 145 -12.59 -14.05 27.92
CA ALA F 145 -13.37 -14.44 29.11
C ALA F 145 -13.87 -13.18 29.85
N VAL F 146 -13.88 -12.03 29.18
CA VAL F 146 -14.54 -10.79 29.69
C VAL F 146 -15.73 -10.50 28.77
N SER F 147 -15.50 -10.40 27.46
CA SER F 147 -16.47 -9.92 26.44
C SER F 147 -16.16 -10.54 25.08
N ALA F 148 -17.11 -10.47 24.17
CA ALA F 148 -16.95 -10.85 22.77
C ALA F 148 -17.36 -9.67 21.92
N SER F 149 -16.55 -9.29 20.96
CA SER F 149 -16.86 -8.18 20.04
C SER F 149 -17.28 -8.73 18.66
N PHE F 150 -18.46 -8.34 18.12
CA PHE F 150 -18.93 -8.67 16.76
C PHE F 150 -18.77 -7.47 15.81
N VAL F 151 -18.90 -7.73 14.50
CA VAL F 151 -18.88 -6.72 13.39
C VAL F 151 -20.24 -6.66 12.69
N LEU F 152 -20.89 -5.51 12.67
CA LEU F 152 -22.25 -5.41 12.08
C LEU F 152 -22.17 -4.71 10.73
N SER F 153 -23.07 -5.06 9.82
CA SER F 153 -23.21 -4.39 8.51
C SER F 153 -24.69 -4.20 8.23
N THR F 154 -25.04 -3.16 7.47
CA THR F 154 -26.39 -2.90 6.91
C THR F 154 -26.86 -4.15 6.17
N PRO F 155 -28.16 -4.53 6.23
CA PRO F 155 -28.66 -5.73 5.56
C PRO F 155 -28.24 -5.81 4.08
N THR F 156 -28.27 -4.67 3.36
CA THR F 156 -28.05 -4.58 1.89
C THR F 156 -26.55 -4.48 1.57
N GLU F 157 -25.68 -4.55 2.58
CA GLU F 157 -24.25 -4.19 2.46
C GLU F 157 -23.37 -5.19 3.25
N THR F 158 -23.37 -6.45 2.84
CA THR F 158 -22.62 -7.56 3.48
C THR F 158 -21.83 -8.29 2.40
N ASP F 159 -21.12 -9.37 2.75
CA ASP F 159 -20.32 -10.14 1.77
C ASP F 159 -21.25 -10.98 0.90
N GLY F 160 -22.34 -11.49 1.49
CA GLY F 160 -23.33 -12.34 0.79
C GLY F 160 -24.31 -11.54 -0.07
N ALA F 161 -24.26 -10.21 0.06
CA ALA F 161 -25.05 -9.26 -0.77
C ALA F 161 -24.27 -9.08 -2.08
N VAL F 162 -24.78 -9.70 -3.12
CA VAL F 162 -24.20 -9.61 -4.48
C VAL F 162 -25.36 -9.63 -5.45
N PHE F 163 -25.28 -8.82 -6.50
CA PHE F 163 -26.27 -8.92 -7.60
C PHE F 163 -25.81 -9.97 -8.58
N PRO F 164 -26.33 -9.99 -9.80
CA PRO F 164 -27.14 -11.14 -10.22
C PRO F 164 -26.93 -12.29 -9.24
N GLY F 165 -27.94 -12.68 -8.45
CA GLY F 165 -27.82 -13.54 -7.25
C GLY F 165 -27.45 -15.01 -7.50
N ARG F 166 -28.05 -15.72 -8.47
CA ARG F 166 -27.92 -17.20 -8.64
C ARG F 166 -26.58 -17.54 -9.29
N ILE F 167 -25.78 -18.46 -8.74
CA ILE F 167 -24.45 -18.90 -9.30
C ILE F 167 -24.57 -20.25 -10.02
N MET F 168 -24.28 -20.29 -11.32
CA MET F 168 -24.57 -21.46 -12.18
C MET F 168 -23.60 -22.62 -11.89
N LEU F 169 -24.01 -23.65 -11.12
CA LEU F 169 -23.14 -24.82 -10.77
C LEU F 169 -23.42 -26.10 -11.57
N ALA F 170 -22.43 -26.96 -11.62
CA ALA F 170 -22.56 -28.34 -12.14
C ALA F 170 -22.79 -29.19 -10.93
N ASN F 171 -23.70 -30.14 -11.00
CA ASN F 171 -23.81 -31.05 -9.84
C ASN F 171 -23.89 -30.26 -8.51
N THR F 172 -24.67 -29.18 -8.37
CA THR F 172 -25.09 -28.70 -7.02
C THR F 172 -26.29 -27.78 -7.08
N CYS F 173 -27.46 -28.28 -6.72
CA CYS F 173 -28.69 -27.51 -6.84
C CYS F 173 -28.69 -26.45 -5.78
N THR F 174 -29.08 -25.25 -6.09
CA THR F 174 -29.05 -24.12 -5.14
C THR F 174 -30.41 -23.95 -4.46
N TRP F 175 -31.53 -24.31 -5.12
CA TRP F 175 -32.96 -24.22 -4.65
C TRP F 175 -33.01 -24.69 -3.21
N THR F 176 -33.85 -24.13 -2.36
CA THR F 176 -33.90 -24.64 -0.96
C THR F 176 -34.81 -25.88 -0.91
N TYR F 177 -34.48 -26.93 -0.15
CA TYR F 177 -35.22 -28.22 -0.18
C TYR F 177 -36.69 -27.99 0.21
N ARG F 178 -37.61 -28.65 -0.52
CA ARG F 178 -39.07 -28.62 -0.27
C ARG F 178 -39.58 -27.18 -0.34
N GLY F 179 -38.73 -26.22 -0.74
CA GLY F 179 -39.10 -24.82 -1.01
C GLY F 179 -40.10 -24.75 -2.15
N ASP F 180 -39.95 -23.82 -3.08
CA ASP F 180 -40.97 -23.58 -4.14
C ASP F 180 -40.42 -23.92 -5.53
N GLU F 181 -39.14 -23.69 -5.80
CA GLU F 181 -38.53 -24.10 -7.08
C GLU F 181 -38.22 -25.57 -7.00
N CYS F 182 -37.84 -26.04 -5.84
CA CYS F 182 -37.56 -27.47 -5.59
C CYS F 182 -38.85 -28.22 -5.76
N GLY F 183 -39.88 -27.71 -5.09
CA GLY F 183 -41.28 -28.02 -5.40
C GLY F 183 -41.71 -29.35 -4.83
N TYR F 184 -40.76 -30.25 -4.55
CA TYR F 184 -41.04 -31.61 -4.01
C TYR F 184 -41.87 -31.49 -2.74
N SER F 185 -42.96 -32.26 -2.64
CA SER F 185 -43.89 -32.25 -1.49
C SER F 185 -44.32 -33.68 -1.16
N GLY F 186 -43.50 -34.66 -1.53
CA GLY F 186 -43.79 -36.10 -1.31
C GLY F 186 -43.44 -36.53 0.11
N PRO F 187 -43.43 -37.86 0.38
CA PRO F 187 -43.00 -38.38 1.69
C PRO F 187 -41.47 -38.42 1.81
N ALA F 188 -40.93 -38.32 3.03
CA ALA F 188 -39.47 -38.23 3.28
C ALA F 188 -38.78 -39.40 2.56
N VAL F 189 -37.50 -39.27 2.11
CA VAL F 189 -36.84 -40.32 1.28
C VAL F 189 -35.47 -40.70 1.79
N ALA F 190 -34.52 -39.74 1.88
CA ALA F 190 -33.10 -40.04 2.27
C ALA F 190 -32.50 -38.88 3.06
N ASP F 191 -31.37 -39.13 3.71
CA ASP F 191 -30.53 -38.10 4.37
C ASP F 191 -29.57 -37.52 3.33
N GLU F 192 -28.61 -36.70 3.78
CA GLU F 192 -27.75 -35.86 2.91
C GLU F 192 -26.50 -36.64 2.50
N TYR F 193 -26.30 -37.88 2.97
CA TYR F 193 -25.22 -38.76 2.47
C TYR F 193 -25.81 -39.76 1.48
N ASP F 194 -27.11 -39.63 1.17
CA ASP F 194 -27.90 -40.44 0.20
C ASP F 194 -28.03 -41.88 0.75
N GLN F 195 -28.33 -42.02 2.05
CA GLN F 195 -28.65 -43.30 2.74
C GLN F 195 -30.17 -43.35 2.88
N PRO F 196 -30.86 -44.32 2.27
CA PRO F 196 -32.32 -44.20 2.18
C PRO F 196 -32.91 -44.29 3.58
N THR F 197 -33.74 -43.32 4.01
CA THR F 197 -34.40 -43.28 5.36
C THR F 197 -35.86 -42.83 5.22
N SER F 198 -36.80 -43.53 5.82
CA SER F 198 -38.24 -43.21 5.73
C SER F 198 -38.63 -42.22 6.84
N ASP F 199 -37.68 -41.50 7.44
CA ASP F 199 -37.98 -40.62 8.60
C ASP F 199 -38.17 -39.16 8.16
N ILE F 200 -39.23 -38.51 8.65
CA ILE F 200 -39.63 -37.10 8.36
C ILE F 200 -38.49 -36.17 8.74
N THR F 201 -37.97 -36.31 9.97
CA THR F 201 -37.00 -35.37 10.62
C THR F 201 -35.56 -35.65 10.19
N LYS F 202 -35.28 -36.79 9.56
CA LYS F 202 -33.89 -37.20 9.26
C LYS F 202 -33.59 -36.92 7.78
N ASP F 203 -34.60 -36.89 6.91
CA ASP F 203 -34.43 -36.62 5.45
C ASP F 203 -33.98 -35.17 5.26
N LYS F 204 -32.94 -34.96 4.45
CA LYS F 204 -32.61 -33.68 3.79
C LYS F 204 -32.05 -34.04 2.42
N CYS F 205 -32.07 -33.09 1.48
CA CYS F 205 -31.58 -33.30 0.09
C CYS F 205 -30.08 -32.98 0.00
N SER F 206 -29.39 -33.84 -0.68
CA SER F 206 -27.92 -33.77 -0.75
C SER F 206 -27.46 -32.60 -1.61
N LYS F 207 -28.32 -32.13 -2.52
CA LYS F 207 -28.05 -31.13 -3.59
C LYS F 207 -27.05 -31.62 -4.65
N CYS F 208 -26.49 -32.84 -4.59
CA CYS F 208 -25.98 -33.57 -5.78
C CYS F 208 -27.10 -34.04 -6.69
N LEU F 209 -26.79 -34.38 -7.92
CA LEU F 209 -27.79 -34.97 -8.84
C LEU F 209 -28.39 -36.23 -8.24
N SER F 210 -27.56 -37.10 -7.63
CA SER F 210 -28.02 -38.35 -6.96
C SER F 210 -29.10 -38.04 -5.92
N GLY F 211 -28.81 -37.14 -4.99
CA GLY F 211 -29.78 -36.70 -3.98
C GLY F 211 -31.10 -36.38 -4.61
N CYS F 212 -31.06 -35.57 -5.65
CA CYS F 212 -32.26 -35.14 -6.37
C CYS F 212 -33.09 -36.37 -6.72
N LYS F 213 -32.42 -37.35 -7.37
CA LYS F 213 -33.03 -38.55 -8.02
C LYS F 213 -33.78 -39.36 -6.98
N PHE F 214 -33.30 -39.44 -5.75
CA PHE F 214 -34.00 -40.07 -4.60
C PHE F 214 -35.44 -39.56 -4.53
N ARG F 215 -35.67 -38.29 -4.83
CA ARG F 215 -37.01 -37.73 -4.78
C ARG F 215 -37.51 -37.63 -6.20
N ASN F 216 -36.78 -38.25 -7.11
CA ASN F 216 -36.97 -38.31 -8.59
C ASN F 216 -37.35 -36.92 -9.10
N ASN F 217 -36.89 -35.87 -8.41
CA ASN F 217 -37.15 -34.47 -8.85
C ASN F 217 -35.95 -33.98 -9.67
N VAL F 218 -35.37 -34.82 -10.53
CA VAL F 218 -34.42 -34.36 -11.55
C VAL F 218 -35.13 -33.36 -12.42
N GLY F 219 -36.44 -33.32 -12.44
CA GLY F 219 -37.09 -32.31 -13.30
C GLY F 219 -36.44 -30.96 -13.07
N ASN F 220 -36.41 -30.58 -11.81
CA ASN F 220 -36.27 -29.19 -11.37
C ASN F 220 -34.96 -29.04 -10.65
N PHE F 221 -33.97 -29.84 -10.97
CA PHE F 221 -32.67 -29.70 -10.30
C PHE F 221 -32.11 -28.34 -10.66
N GLY F 222 -31.95 -27.46 -9.67
CA GLY F 222 -31.58 -26.07 -9.93
C GLY F 222 -30.15 -25.98 -10.44
N GLY F 223 -29.41 -27.10 -10.59
CA GLY F 223 -28.02 -27.10 -11.10
C GLY F 223 -27.97 -27.00 -12.61
N PHE F 224 -26.81 -27.19 -13.23
CA PHE F 224 -26.70 -27.26 -14.71
C PHE F 224 -25.78 -28.40 -15.12
N LEU F 225 -25.98 -29.62 -14.58
CA LEU F 225 -25.22 -30.84 -14.98
C LEU F 225 -24.52 -30.51 -16.29
N SER F 226 -23.26 -30.85 -16.43
CA SER F 226 -22.59 -30.78 -17.75
C SER F 226 -21.83 -29.45 -17.99
N ILE F 227 -22.15 -28.32 -17.36
CA ILE F 227 -21.27 -27.12 -17.54
C ILE F 227 -19.87 -27.48 -17.04
N ASN F 228 -18.82 -26.68 -17.23
CA ASN F 228 -17.43 -27.09 -16.82
C ASN F 228 -17.19 -27.15 -15.31
N LYS F 229 -16.45 -28.17 -14.84
CA LYS F 229 -16.23 -28.37 -13.39
C LYS F 229 -15.20 -27.34 -12.92
N LEU F 230 -14.21 -27.05 -13.75
CA LEU F 230 -13.10 -26.12 -13.39
C LEU F 230 -13.57 -24.68 -13.52
N SER F 231 -13.24 -23.83 -12.54
CA SER F 231 -13.73 -22.43 -12.38
C SER F 231 -13.23 -21.54 -13.52
N GLN F 232 -11.92 -21.50 -13.72
CA GLN F 232 -11.22 -20.72 -14.80
C GLN F 232 -11.85 -19.32 -14.90
N MET G 1 -23.97 -12.58 55.46
CA MET G 1 -24.18 -11.21 56.05
C MET G 1 -24.73 -10.27 54.96
N LYS G 2 -25.67 -9.40 55.32
CA LYS G 2 -26.43 -8.53 54.36
C LYS G 2 -26.30 -7.06 54.77
N THR G 3 -26.35 -6.74 56.07
CA THR G 3 -26.46 -5.34 56.59
C THR G 3 -25.23 -5.00 57.43
N PHE G 4 -24.66 -3.81 57.18
CA PHE G 4 -23.60 -3.18 58.00
C PHE G 4 -24.22 -2.76 59.33
N ARG G 5 -23.49 -2.97 60.44
CA ARG G 5 -24.01 -2.82 61.81
C ARG G 5 -23.14 -1.88 62.67
N TRP G 6 -22.07 -1.30 62.14
CA TRP G 6 -21.15 -0.41 62.91
C TRP G 6 -21.66 1.03 62.81
N LYS G 7 -21.07 1.94 63.59
CA LYS G 7 -21.32 3.41 63.53
C LYS G 7 -20.01 4.11 63.19
N VAL G 8 -20.07 5.20 62.41
CA VAL G 8 -18.91 6.08 62.06
C VAL G 8 -18.98 7.31 62.97
N LYS G 9 -18.12 7.36 64.00
CA LYS G 9 -18.21 8.34 65.12
C LYS G 9 -17.87 9.75 64.63
N PRO G 10 -16.67 10.00 64.06
CA PRO G 10 -16.18 11.38 63.91
C PRO G 10 -16.95 12.24 62.89
N GLY G 11 -17.15 11.73 61.67
CA GLY G 11 -17.69 12.53 60.55
C GLY G 11 -17.00 12.21 59.23
N MET G 12 -17.72 11.52 58.34
CA MET G 12 -17.29 11.04 56.99
C MET G 12 -17.43 12.19 55.98
N ASP G 13 -17.30 11.88 54.68
CA ASP G 13 -17.62 12.79 53.54
C ASP G 13 -18.50 12.06 52.53
N VAL G 14 -19.40 12.80 51.87
CA VAL G 14 -20.28 12.35 50.75
C VAL G 14 -19.86 13.12 49.50
N ALA G 15 -19.49 12.41 48.42
CA ALA G 15 -19.17 13.00 47.10
C ALA G 15 -20.21 12.51 46.08
N SER G 16 -21.00 13.41 45.49
CA SER G 16 -22.17 13.08 44.62
C SER G 16 -21.75 13.02 43.14
N VAL G 17 -21.24 14.12 42.59
CA VAL G 17 -20.73 14.27 41.19
C VAL G 17 -21.54 13.38 40.22
N PRO G 18 -22.79 13.77 39.86
CA PRO G 18 -23.57 13.04 38.87
C PRO G 18 -22.84 12.93 37.54
N SER G 19 -23.08 11.88 36.78
CA SER G 19 -22.68 11.76 35.36
C SER G 19 -23.76 12.38 34.48
N VAL G 20 -23.46 13.51 33.82
CA VAL G 20 -24.34 14.15 32.81
C VAL G 20 -23.53 14.29 31.51
N ARG G 21 -24.20 14.14 30.36
CA ARG G 21 -23.63 14.45 29.03
C ARG G 21 -24.05 15.88 28.66
N LYS G 22 -23.09 16.69 28.21
CA LYS G 22 -23.25 18.16 28.02
C LYS G 22 -22.46 18.57 26.76
N VAL G 23 -23.17 19.05 25.74
CA VAL G 23 -22.58 19.46 24.43
C VAL G 23 -22.67 20.98 24.32
N ARG G 24 -21.52 21.66 24.21
CA ARG G 24 -21.41 23.14 24.25
C ARG G 24 -21.50 23.70 22.83
N PHE G 25 -22.56 24.46 22.51
CA PHE G 25 -22.74 25.17 21.21
C PHE G 25 -21.92 26.46 21.24
N GLY G 26 -22.17 27.38 20.30
CA GLY G 26 -21.35 28.58 20.08
C GLY G 26 -21.53 29.63 21.18
N ASP G 27 -22.30 30.68 20.89
CA ASP G 27 -22.41 31.91 21.72
C ASP G 27 -23.23 31.61 22.99
N GLY G 28 -22.63 30.91 23.96
CA GLY G 28 -23.20 30.70 25.31
C GLY G 28 -24.11 29.47 25.41
N TYR G 29 -24.99 29.24 24.43
CA TYR G 29 -26.03 28.17 24.41
C TYR G 29 -25.36 26.79 24.47
N SER G 30 -26.05 25.82 25.07
CA SER G 30 -25.58 24.42 25.24
C SER G 30 -26.78 23.48 25.34
N GLN G 31 -26.52 22.17 25.40
CA GLN G 31 -27.57 21.12 25.48
C GLN G 31 -27.13 20.07 26.51
N ARG G 32 -27.89 19.93 27.61
CA ARG G 32 -27.51 19.11 28.79
C ARG G 32 -28.58 18.04 29.04
N ALA G 33 -28.12 16.82 29.31
CA ALA G 33 -28.94 15.61 29.54
C ALA G 33 -28.31 14.80 30.67
N PRO G 34 -29.10 13.98 31.39
CA PRO G 34 -28.60 13.25 32.56
C PRO G 34 -27.73 12.01 32.31
N ALA G 35 -27.27 11.75 31.08
CA ALA G 35 -26.35 10.66 30.68
C ALA G 35 -26.98 9.28 30.90
N GLY G 36 -27.16 8.86 32.16
CA GLY G 36 -27.83 7.61 32.55
C GLY G 36 -29.26 7.85 33.03
N LEU G 37 -30.08 6.79 33.14
CA LEU G 37 -31.43 6.86 33.76
C LEU G 37 -31.29 7.24 35.24
N ASN G 38 -30.35 6.59 35.93
CA ASN G 38 -29.99 6.85 37.35
C ASN G 38 -28.50 7.25 37.38
N ALA G 39 -28.25 8.55 37.17
CA ALA G 39 -26.91 9.14 36.97
C ALA G 39 -26.09 9.06 38.25
N ASN G 40 -26.42 9.88 39.25
CA ASN G 40 -25.66 10.01 40.52
C ASN G 40 -26.09 8.88 41.46
N LEU G 41 -25.15 8.44 42.30
CA LEU G 41 -25.34 7.36 43.30
C LEU G 41 -24.65 7.71 44.64
N LYS G 42 -23.64 8.60 44.65
CA LYS G 42 -22.94 9.10 45.87
C LYS G 42 -21.97 8.04 46.39
N THR G 43 -20.75 8.47 46.78
CA THR G 43 -19.73 7.64 47.48
C THR G 43 -19.48 8.23 48.87
N TYR G 44 -19.26 7.36 49.86
CA TYR G 44 -19.01 7.72 51.28
C TYR G 44 -17.59 7.31 51.64
N SER G 45 -16.76 8.27 52.06
CA SER G 45 -15.41 8.06 52.65
C SER G 45 -15.57 7.87 54.16
N VAL G 46 -16.11 6.70 54.54
CA VAL G 46 -16.42 6.33 55.95
C VAL G 46 -15.10 6.10 56.70
N THR G 47 -15.04 6.56 57.96
CA THR G 47 -13.89 6.39 58.88
C THR G 47 -14.41 5.72 60.18
N LEU G 48 -13.82 4.59 60.58
CA LEU G 48 -14.27 3.72 61.71
C LEU G 48 -13.14 3.50 62.71
N SER G 49 -13.35 3.90 63.98
CA SER G 49 -12.47 3.63 65.15
C SER G 49 -13.06 2.46 65.96
N VAL G 50 -12.32 1.35 66.09
CA VAL G 50 -12.76 0.10 66.79
C VAL G 50 -11.61 -0.46 67.62
N PRO G 51 -11.86 -1.08 68.80
CA PRO G 51 -10.81 -1.81 69.53
C PRO G 51 -10.19 -2.96 68.71
N ARG G 52 -8.89 -3.20 68.89
CA ARG G 52 -8.07 -4.16 68.09
C ARG G 52 -8.68 -5.58 68.12
N GLU G 53 -9.37 -5.93 69.20
CA GLU G 53 -9.88 -7.30 69.48
C GLU G 53 -11.15 -7.55 68.62
N GLU G 54 -11.87 -6.48 68.27
CA GLU G 54 -13.12 -6.54 67.43
C GLU G 54 -12.75 -6.34 65.96
N ALA G 55 -11.66 -5.62 65.65
CA ALA G 55 -11.21 -5.26 64.28
C ALA G 55 -11.26 -6.47 63.33
N THR G 56 -10.92 -7.67 63.81
CA THR G 56 -10.80 -8.92 63.02
C THR G 56 -12.15 -9.33 62.41
N VAL G 57 -13.25 -9.18 63.16
CA VAL G 57 -14.63 -9.59 62.75
C VAL G 57 -15.10 -8.70 61.58
N LEU G 58 -14.88 -7.39 61.68
CA LEU G 58 -15.25 -6.38 60.65
C LEU G 58 -14.39 -6.59 59.39
N GLU G 59 -13.09 -6.89 59.55
CA GLU G 59 -12.17 -7.24 58.44
C GLU G 59 -12.73 -8.45 57.68
N SER G 60 -13.17 -9.47 58.40
CA SER G 60 -13.81 -10.71 57.88
C SER G 60 -15.13 -10.36 57.17
N PHE G 61 -15.93 -9.42 57.71
CA PHE G 61 -17.20 -8.97 57.10
C PHE G 61 -16.94 -8.40 55.70
N LEU G 62 -16.01 -7.47 55.58
CA LEU G 62 -15.58 -6.84 54.30
C LEU G 62 -14.91 -7.89 53.40
N GLU G 63 -14.11 -8.79 53.98
CA GLU G 63 -13.41 -9.90 53.28
C GLU G 63 -14.44 -10.77 52.53
N GLU G 64 -15.52 -11.17 53.20
CA GLU G 64 -16.57 -12.07 52.65
C GLU G 64 -17.11 -11.45 51.34
N HIS G 65 -17.42 -10.14 51.33
CA HIS G 65 -17.95 -9.40 50.15
C HIS G 65 -16.85 -9.27 49.09
N GLY G 66 -15.63 -8.91 49.51
CA GLY G 66 -14.38 -9.04 48.72
C GLY G 66 -14.37 -8.24 47.44
N GLY G 67 -14.83 -6.98 47.50
CA GLY G 67 -14.79 -6.04 46.36
C GLY G 67 -16.09 -6.04 45.56
N TRP G 68 -16.84 -7.14 45.58
CA TRP G 68 -18.12 -7.33 44.83
C TRP G 68 -19.25 -7.63 45.82
N LYS G 69 -20.45 -7.90 45.30
CA LYS G 69 -21.67 -8.25 46.10
C LYS G 69 -22.12 -7.03 46.93
N SER G 70 -23.40 -6.68 46.82
CA SER G 70 -24.02 -5.45 47.40
C SER G 70 -24.66 -5.80 48.75
N PHE G 71 -24.18 -5.14 49.80
CA PHE G 71 -24.65 -5.33 51.19
C PHE G 71 -25.41 -4.06 51.60
N LEU G 72 -26.58 -4.22 52.23
CA LEU G 72 -27.47 -3.12 52.69
C LEU G 72 -26.76 -2.29 53.76
N TRP G 73 -27.07 -0.99 53.83
CA TRP G 73 -26.52 -0.04 54.82
C TRP G 73 -27.42 1.20 54.90
N THR G 74 -27.57 1.77 56.09
CA THR G 74 -28.27 3.05 56.35
C THR G 74 -27.24 4.06 56.84
N PRO G 75 -26.78 5.02 56.00
CA PRO G 75 -25.75 5.97 56.41
C PRO G 75 -26.26 6.86 57.54
N PRO G 76 -25.43 7.17 58.57
CA PRO G 76 -25.89 7.89 59.75
C PRO G 76 -25.94 9.40 59.51
N TYR G 77 -26.46 9.79 58.35
CA TYR G 77 -26.42 11.16 57.78
C TYR G 77 -27.78 11.56 57.21
N GLU G 78 -28.51 10.61 56.63
CA GLU G 78 -29.79 10.87 55.94
C GLU G 78 -30.88 9.93 56.46
N TRP G 79 -30.53 8.71 56.91
CA TRP G 79 -31.41 7.76 57.64
C TRP G 79 -32.40 7.09 56.67
N ARG G 80 -31.92 6.52 55.57
CA ARG G 80 -32.68 5.55 54.72
C ARG G 80 -31.74 4.41 54.32
N GLN G 81 -32.29 3.20 54.13
CA GLN G 81 -31.52 1.98 53.78
C GLN G 81 -31.20 2.00 52.28
N ILE G 82 -29.92 1.82 51.92
CA ILE G 82 -29.39 1.73 50.53
C ILE G 82 -28.55 0.45 50.42
N LYS G 83 -28.07 0.10 49.21
CA LYS G 83 -27.04 -0.95 48.97
C LYS G 83 -25.76 -0.27 48.47
N VAL G 84 -24.62 -0.59 49.06
CA VAL G 84 -23.30 -0.02 48.68
C VAL G 84 -22.35 -1.19 48.38
N THR G 85 -21.17 -0.87 47.84
CA THR G 85 -20.04 -1.83 47.64
C THR G 85 -18.75 -1.16 48.11
N CYS G 86 -17.89 -1.89 48.84
CA CYS G 86 -16.55 -1.41 49.22
C CYS G 86 -15.50 -2.18 48.43
N ALA G 87 -14.52 -1.44 47.90
CA ALA G 87 -13.48 -1.92 46.98
C ALA G 87 -12.09 -1.85 47.63
N LYS G 88 -11.88 -1.05 48.68
CA LYS G 88 -10.54 -0.67 49.20
C LYS G 88 -10.36 -1.05 50.69
N TRP G 89 -11.00 -0.32 51.60
CA TRP G 89 -10.84 -0.40 53.08
C TRP G 89 -9.35 -0.50 53.47
N SER G 90 -8.62 0.60 53.33
CA SER G 90 -7.30 0.82 53.97
C SER G 90 -7.45 0.70 55.49
N SER G 91 -6.45 0.14 56.16
CA SER G 91 -6.42 -0.01 57.64
C SER G 91 -5.24 0.79 58.22
N ARG G 92 -5.38 1.21 59.48
CA ARG G 92 -4.32 1.79 60.34
C ARG G 92 -4.44 1.13 61.72
N VAL G 93 -3.34 0.59 62.25
CA VAL G 93 -3.29 -0.04 63.60
C VAL G 93 -2.60 0.94 64.56
N SER G 94 -2.84 0.79 65.88
CA SER G 94 -2.21 1.55 66.99
C SER G 94 -1.88 0.58 68.14
N MET G 95 -1.47 1.08 69.32
CA MET G 95 -1.17 0.21 70.49
C MET G 95 -2.48 -0.36 71.08
N LEU G 96 -3.64 0.27 70.87
CA LEU G 96 -4.93 -0.16 71.51
C LEU G 96 -6.11 -0.24 70.52
N ARG G 97 -6.10 0.51 69.40
CA ARG G 97 -7.29 0.72 68.52
C ARG G 97 -6.91 0.57 67.04
N VAL G 98 -7.89 0.61 66.13
CA VAL G 98 -7.72 0.41 64.66
C VAL G 98 -8.63 1.39 63.90
N GLU G 99 -8.05 2.16 62.97
CA GLU G 99 -8.75 3.17 62.12
C GLU G 99 -8.91 2.62 60.69
N PHE G 100 -10.15 2.45 60.22
CA PHE G 100 -10.49 1.99 58.84
C PHE G 100 -10.97 3.16 57.99
N SER G 101 -10.23 3.47 56.92
CA SER G 101 -10.60 4.40 55.83
C SER G 101 -11.14 3.58 54.65
N ALA G 102 -12.46 3.55 54.46
CA ALA G 102 -13.14 2.70 53.46
C ALA G 102 -13.96 3.56 52.50
N GLU G 103 -14.07 3.11 51.24
CA GLU G 103 -14.87 3.73 50.16
C GLU G 103 -16.17 2.94 49.96
N PHE G 104 -17.31 3.54 50.25
CA PHE G 104 -18.64 2.95 49.97
C PHE G 104 -19.26 3.65 48.77
N GLU G 105 -19.39 2.92 47.65
CA GLU G 105 -20.08 3.40 46.42
C GLU G 105 -21.49 2.79 46.43
N GLN G 106 -22.53 3.64 46.46
CA GLN G 106 -23.94 3.18 46.37
C GLN G 106 -24.16 2.51 45.00
N VAL G 107 -24.87 1.39 44.99
CA VAL G 107 -25.22 0.58 43.78
C VAL G 107 -26.73 0.48 43.67
N VAL G 108 -27.31 0.82 42.51
CA VAL G 108 -28.79 0.92 42.32
C VAL G 108 -29.41 -0.49 42.26
N ASN G 109 -28.59 -1.53 42.02
CA ASN G 109 -29.04 -2.95 41.82
C ASN G 109 -30.02 -3.35 42.93
N MET H 1 9.35 -29.97 21.23
CA MET H 1 9.94 -29.45 22.50
C MET H 1 11.32 -28.83 22.22
N GLN H 2 11.58 -27.63 22.74
CA GLN H 2 12.94 -27.05 22.79
C GLN H 2 13.85 -28.05 23.50
N ASP H 3 15.12 -28.15 23.11
CA ASP H 3 16.02 -29.20 23.62
C ASP H 3 16.69 -28.74 24.93
N ILE H 4 15.91 -28.38 25.95
CA ILE H 4 16.41 -28.04 27.34
C ILE H 4 16.63 -29.34 28.12
N ARG H 5 17.28 -29.24 29.29
CA ARG H 5 17.62 -30.39 30.18
C ARG H 5 16.67 -30.39 31.39
N GLN H 6 16.73 -31.46 32.20
CA GLN H 6 15.77 -31.70 33.33
C GLN H 6 15.84 -30.55 34.34
N GLU H 7 17.04 -30.13 34.72
CA GLU H 7 17.28 -29.14 35.81
C GLU H 7 16.67 -27.80 35.38
N THR H 8 16.95 -27.40 34.14
CA THR H 8 16.52 -26.11 33.55
C THR H 8 15.00 -26.11 33.43
N LEU H 9 14.39 -27.24 33.04
CA LEU H 9 12.91 -27.40 32.94
C LEU H 9 12.25 -27.15 34.30
N ASN H 10 12.78 -27.79 35.36
CA ASN H 10 12.25 -27.65 36.75
C ASN H 10 12.51 -26.23 37.26
N GLU H 11 13.68 -25.65 36.94
CA GLU H 11 14.08 -24.27 37.34
C GLU H 11 13.10 -23.25 36.71
N CYS H 12 12.73 -23.41 35.44
CA CYS H 12 11.80 -22.49 34.74
C CYS H 12 10.36 -22.59 35.32
N THR H 13 9.86 -23.80 35.62
CA THR H 13 8.51 -24.05 36.21
C THR H 13 8.41 -23.51 37.65
N ARG H 14 9.54 -23.56 38.37
CA ARG H 14 9.69 -23.19 39.80
C ARG H 14 9.16 -21.76 40.01
N ALA H 15 8.43 -21.53 41.10
CA ALA H 15 7.78 -20.23 41.41
C ALA H 15 8.83 -19.22 41.92
N GLU H 16 10.03 -19.67 42.29
CA GLU H 16 11.18 -18.79 42.65
C GLU H 16 12.41 -19.22 41.84
N GLN H 17 13.10 -18.28 41.18
CA GLN H 17 14.19 -18.60 40.22
C GLN H 17 15.40 -17.70 40.41
N SER H 18 16.55 -18.13 39.87
CA SER H 18 17.81 -17.34 39.74
C SER H 18 17.68 -16.42 38.52
N ALA H 19 18.60 -15.46 38.42
CA ALA H 19 18.70 -14.52 37.28
C ALA H 19 18.82 -15.33 35.99
N SER H 20 17.95 -15.06 35.00
CA SER H 20 18.10 -15.53 33.60
C SER H 20 19.19 -14.67 32.92
N VAL H 21 20.41 -15.21 32.84
CA VAL H 21 21.61 -14.56 32.24
C VAL H 21 21.67 -14.93 30.76
N VAL H 22 22.05 -13.97 29.90
CA VAL H 22 22.18 -14.17 28.43
C VAL H 22 23.61 -13.79 28.02
N LEU H 23 24.32 -14.73 27.37
CA LEU H 23 25.76 -14.61 26.99
C LEU H 23 25.88 -14.62 25.47
N TRP H 24 26.30 -13.49 24.91
CA TRP H 24 26.43 -13.24 23.45
C TRP H 24 27.84 -13.62 23.00
N GLU H 25 27.94 -14.19 21.82
CA GLU H 25 29.25 -14.40 21.15
C GLU H 25 29.04 -14.19 19.64
N ILE H 26 29.81 -13.25 19.10
CA ILE H 26 29.70 -12.71 17.71
C ILE H 26 30.95 -13.14 16.94
N ASP H 27 30.76 -14.03 15.95
CA ASP H 27 31.84 -14.75 15.24
C ASP H 27 31.88 -14.26 13.80
N LEU H 28 32.98 -13.61 13.43
CA LEU H 28 33.18 -13.05 12.09
C LEU H 28 34.31 -13.81 11.40
N THR H 29 34.68 -15.00 11.91
CA THR H 29 35.74 -15.83 11.29
C THR H 29 35.29 -16.15 9.86
N GLU H 30 33.99 -16.40 9.68
CA GLU H 30 33.42 -16.72 8.37
C GLU H 30 33.77 -15.59 7.38
N VAL H 31 33.74 -14.33 7.82
CA VAL H 31 33.95 -13.13 6.96
C VAL H 31 35.24 -12.41 7.37
N GLY H 32 36.28 -13.18 7.75
CA GLY H 32 37.63 -12.68 8.09
C GLY H 32 37.60 -11.60 9.16
N GLY H 33 36.99 -11.90 10.31
CA GLY H 33 36.90 -11.03 11.49
C GLY H 33 37.46 -11.71 12.72
N GLU H 34 36.73 -11.71 13.83
CA GLU H 34 37.23 -12.25 15.12
C GLU H 34 36.10 -12.85 15.97
N ARG H 35 36.47 -13.38 17.13
CA ARG H 35 35.56 -13.90 18.19
C ARG H 35 35.37 -12.83 19.26
N TYR H 36 34.14 -12.42 19.54
CA TYR H 36 33.84 -11.47 20.64
C TYR H 36 32.77 -12.05 21.55
N PHE H 37 33.11 -12.24 22.83
CA PHE H 37 32.20 -12.71 23.91
C PHE H 37 31.83 -11.50 24.77
N PHE H 38 30.53 -11.24 24.88
CA PHE H 38 29.96 -10.09 25.63
C PHE H 38 28.84 -10.60 26.53
N CYS H 39 28.68 -9.92 27.67
CA CYS H 39 27.52 -10.11 28.58
C CYS H 39 27.05 -8.74 29.05
N ASN H 40 25.75 -8.62 29.33
CA ASN H 40 25.10 -7.35 29.70
C ASN H 40 25.62 -6.87 31.07
N GLU H 41 26.12 -7.76 31.93
CA GLU H 41 26.56 -7.43 33.31
C GLU H 41 27.77 -8.25 33.75
N GLN H 42 28.32 -7.89 34.92
CA GLN H 42 29.48 -8.53 35.58
C GLN H 42 28.96 -9.49 36.65
N ASN H 43 29.82 -10.39 37.13
CA ASN H 43 29.50 -11.40 38.18
C ASN H 43 29.35 -10.68 39.53
N GLU H 44 29.18 -11.43 40.62
CA GLU H 44 29.01 -10.89 42.00
C GLU H 44 30.22 -10.01 42.37
N LYS H 45 31.43 -10.45 42.00
CA LYS H 45 32.73 -9.87 42.45
C LYS H 45 33.18 -8.76 41.49
N GLY H 46 32.34 -8.35 40.55
CA GLY H 46 32.62 -7.27 39.58
C GLY H 46 33.73 -7.64 38.60
N GLU H 47 33.64 -8.83 37.99
CA GLU H 47 34.61 -9.37 37.00
C GLU H 47 33.86 -9.93 35.79
N PRO H 48 34.54 -10.15 34.64
CA PRO H 48 33.90 -10.82 33.51
C PRO H 48 33.27 -12.16 33.93
N VAL H 49 32.00 -12.39 33.56
CA VAL H 49 31.24 -13.65 33.84
C VAL H 49 31.97 -14.83 33.17
N THR H 50 32.29 -15.88 33.94
CA THR H 50 32.91 -17.14 33.46
C THR H 50 31.80 -18.19 33.30
N TRP H 51 31.67 -18.73 32.09
CA TRP H 51 30.73 -19.85 31.79
C TRP H 51 31.42 -20.84 30.85
N GLN H 52 31.36 -22.14 31.17
CA GLN H 52 32.11 -23.20 30.44
C GLN H 52 33.59 -22.81 30.33
N GLY H 53 34.14 -22.12 31.34
CA GLY H 53 35.56 -21.71 31.44
C GLY H 53 35.93 -20.55 30.52
N ARG H 54 34.93 -19.88 29.91
CA ARG H 54 35.13 -18.76 28.95
C ARG H 54 34.76 -17.43 29.62
N GLN H 55 35.48 -16.36 29.29
CA GLN H 55 35.35 -15.01 29.91
C GLN H 55 34.51 -14.07 29.04
N TYR H 56 33.18 -14.08 29.19
CA TYR H 56 32.26 -13.10 28.52
C TYR H 56 32.40 -11.73 29.19
N GLN H 57 32.96 -10.75 28.47
CA GLN H 57 33.28 -9.39 28.99
C GLN H 57 31.99 -8.71 29.40
N PRO H 58 32.03 -7.74 30.33
CA PRO H 58 30.87 -6.90 30.60
C PRO H 58 30.85 -5.85 29.47
N TYR H 59 29.76 -5.80 28.71
CA TYR H 59 29.54 -4.80 27.63
C TYR H 59 28.05 -4.51 27.52
N PRO H 60 27.64 -3.23 27.41
CA PRO H 60 26.22 -2.93 27.22
C PRO H 60 25.79 -3.49 25.84
N ILE H 61 25.09 -4.62 25.83
CA ILE H 61 24.67 -5.30 24.57
C ILE H 61 23.28 -5.90 24.81
N GLN H 62 22.35 -5.62 23.90
CA GLN H 62 20.94 -6.03 24.06
C GLN H 62 20.32 -6.36 22.71
N GLY H 63 19.68 -7.51 22.61
CA GLY H 63 18.83 -7.86 21.46
C GLY H 63 17.38 -7.75 21.85
N SER H 64 16.49 -7.69 20.86
CA SER H 64 15.02 -7.63 21.08
C SER H 64 14.30 -8.24 19.89
N GLY H 65 13.12 -8.77 20.11
CA GLY H 65 12.27 -9.23 19.00
C GLY H 65 12.53 -10.69 18.66
N PHE H 66 13.39 -11.38 19.41
CA PHE H 66 13.66 -12.82 19.14
C PHE H 66 12.36 -13.62 19.20
N GLU H 67 12.13 -14.57 18.30
CA GLU H 67 10.92 -15.45 18.35
C GLU H 67 11.16 -16.72 17.53
N LEU H 68 10.29 -17.72 17.69
CA LEU H 68 10.25 -18.97 16.87
C LEU H 68 8.93 -18.95 16.11
N ASN H 69 8.81 -19.55 14.94
CA ASN H 69 7.56 -19.40 14.16
C ASN H 69 7.47 -20.54 13.16
N GLY H 70 6.28 -20.93 12.76
CA GLY H 70 6.11 -22.05 11.82
C GLY H 70 5.79 -21.54 10.44
N LYS H 71 5.59 -20.23 10.28
CA LYS H 71 5.25 -19.64 8.97
C LYS H 71 6.18 -18.46 8.70
N GLY H 72 7.48 -18.72 8.67
CA GLY H 72 8.50 -17.70 8.34
C GLY H 72 9.14 -17.12 9.59
N THR H 73 9.47 -15.82 9.56
CA THR H 73 9.98 -15.08 10.73
C THR H 73 9.30 -13.72 10.86
N SER H 74 8.37 -13.37 9.96
CA SER H 74 7.53 -12.14 10.08
C SER H 74 8.43 -10.89 10.15
N THR H 75 8.95 -10.56 11.34
CA THR H 75 9.95 -9.48 11.57
C THR H 75 11.26 -10.08 12.13
N ARG H 76 12.42 -9.62 11.64
CA ARG H 76 13.76 -10.05 12.09
C ARG H 76 14.03 -9.52 13.49
N PRO H 77 14.81 -10.18 14.35
CA PRO H 77 15.18 -9.63 15.64
C PRO H 77 16.07 -8.44 15.37
N THR H 78 17.07 -8.20 16.22
CA THR H 78 17.85 -6.94 16.27
C THR H 78 18.85 -7.05 17.41
N LEU H 79 20.11 -6.75 17.18
CA LEU H 79 21.05 -6.72 18.31
C LEU H 79 21.72 -5.34 18.37
N THR H 80 21.59 -4.64 19.48
CA THR H 80 22.25 -3.33 19.72
C THR H 80 23.49 -3.49 20.59
N VAL H 81 24.62 -2.91 20.22
CA VAL H 81 25.89 -3.01 21.01
C VAL H 81 26.40 -1.60 21.25
N SER H 82 26.96 -1.32 22.42
CA SER H 82 27.54 0.02 22.75
C SER H 82 28.73 0.30 21.82
N ASN H 83 28.80 1.51 21.28
CA ASN H 83 29.86 1.94 20.35
C ASN H 83 30.76 2.98 21.03
N LEU H 84 30.55 3.29 22.31
CA LEU H 84 31.54 4.06 23.12
C LEU H 84 32.90 3.33 23.05
N TYR H 85 34.00 4.09 22.95
CA TYR H 85 35.38 3.58 22.75
C TYR H 85 35.48 2.89 21.37
N GLY H 86 34.47 3.08 20.51
CA GLY H 86 34.45 2.63 19.10
C GLY H 86 34.72 1.14 18.94
N MET H 87 34.08 0.29 19.75
CA MET H 87 34.21 -1.19 19.63
C MET H 87 33.70 -1.60 18.25
N VAL H 88 32.45 -1.26 17.95
CA VAL H 88 31.76 -1.67 16.69
C VAL H 88 32.44 -0.95 15.50
N THR H 89 32.86 0.31 15.67
CA THR H 89 33.57 1.11 14.64
C THR H 89 34.86 0.39 14.21
N GLY H 90 35.64 -0.11 15.18
CA GLY H 90 36.92 -0.82 14.97
C GLY H 90 36.73 -2.22 14.42
N MET H 91 35.57 -2.84 14.64
CA MET H 91 35.31 -4.27 14.31
C MET H 91 35.62 -4.55 12.83
N ALA H 92 35.10 -3.76 11.89
CA ALA H 92 35.22 -4.04 10.42
C ALA H 92 35.55 -2.80 9.57
N GLU H 93 35.51 -1.58 10.13
CA GLU H 93 35.88 -0.29 9.49
C GLU H 93 35.02 0.05 8.25
N ASP H 94 34.13 -0.86 7.79
CA ASP H 94 33.22 -0.66 6.62
C ASP H 94 31.75 -0.93 7.04
N MET H 95 31.57 -1.71 8.12
CA MET H 95 30.30 -1.97 8.86
C MET H 95 29.37 -2.86 8.04
N GLN H 96 29.77 -3.27 6.84
CA GLN H 96 28.93 -4.10 5.94
C GLN H 96 29.69 -5.34 5.45
N SER H 97 30.91 -5.58 5.99
CA SER H 97 31.61 -6.90 5.94
C SER H 97 31.21 -7.73 7.18
N LEU H 98 30.57 -7.12 8.19
CA LEU H 98 29.92 -7.82 9.34
C LEU H 98 28.76 -8.66 8.81
N VAL H 99 28.08 -8.18 7.79
CA VAL H 99 26.92 -8.90 7.23
C VAL H 99 27.37 -10.29 6.91
N GLY H 100 26.58 -11.31 7.24
CA GLY H 100 26.90 -12.73 7.06
C GLY H 100 27.63 -13.31 8.27
N GLY H 101 28.30 -12.46 9.08
CA GLY H 101 28.91 -12.83 10.38
C GLY H 101 27.85 -13.44 11.26
N THR H 102 28.24 -14.35 12.16
CA THR H 102 27.27 -15.15 12.95
C THR H 102 27.24 -14.61 14.37
N VAL H 103 26.09 -14.72 15.04
CA VAL H 103 25.89 -14.38 16.47
C VAL H 103 25.21 -15.53 17.20
N VAL H 104 25.79 -15.99 18.30
CA VAL H 104 25.20 -17.12 19.09
C VAL H 104 24.78 -16.60 20.46
N ARG H 105 23.53 -16.83 20.81
CA ARG H 105 22.94 -16.40 22.10
C ARG H 105 22.59 -17.62 22.95
N ARG H 106 23.23 -17.75 24.13
CA ARG H 106 23.04 -18.80 25.16
C ARG H 106 22.29 -18.23 26.37
N LYS H 107 21.07 -18.72 26.63
CA LYS H 107 20.18 -18.39 27.78
C LYS H 107 20.36 -19.46 28.86
N VAL H 108 21.04 -19.09 29.96
CA VAL H 108 21.36 -19.96 31.13
C VAL H 108 20.73 -19.33 32.37
N TYR H 109 20.61 -20.10 33.46
CA TYR H 109 20.17 -19.58 34.78
C TYR H 109 21.39 -19.34 35.67
N ALA H 110 21.31 -18.35 36.57
CA ALA H 110 22.43 -17.93 37.45
C ALA H 110 22.87 -19.10 38.35
N ARG H 111 21.97 -20.06 38.62
CA ARG H 111 22.25 -21.19 39.52
C ARG H 111 23.13 -22.22 38.82
N PHE H 112 23.19 -22.26 37.50
CA PHE H 112 24.02 -23.26 36.77
C PHE H 112 25.35 -22.64 36.33
N LEU H 113 25.62 -21.37 36.62
CA LEU H 113 26.90 -20.72 36.23
C LEU H 113 28.05 -21.39 37.00
N ASP H 114 29.30 -21.11 36.59
CA ASP H 114 30.54 -21.66 37.19
C ASP H 114 30.73 -21.16 38.62
N ALA H 115 31.48 -21.90 39.43
CA ALA H 115 31.74 -21.59 40.85
C ALA H 115 32.57 -20.31 40.99
N VAL H 116 33.38 -19.97 39.97
CA VAL H 116 34.35 -18.82 40.00
C VAL H 116 33.58 -17.50 40.12
N ASN H 117 32.38 -17.40 39.52
CA ASN H 117 31.57 -16.16 39.47
C ASN H 117 31.15 -15.69 40.87
N PHE H 118 30.95 -16.60 41.82
CA PHE H 118 30.34 -16.29 43.14
C PHE H 118 31.40 -16.33 44.24
N VAL H 119 31.22 -15.51 45.29
CA VAL H 119 32.07 -15.45 46.50
C VAL H 119 31.99 -16.79 47.25
N ASN H 120 30.76 -17.29 47.47
CA ASN H 120 30.46 -18.53 48.24
C ASN H 120 30.31 -19.72 47.30
N GLY H 121 31.07 -19.74 46.19
CA GLY H 121 31.07 -20.83 45.18
C GLY H 121 29.68 -21.17 44.67
N ASN H 122 29.48 -22.42 44.25
CA ASN H 122 28.16 -22.91 43.76
C ASN H 122 28.12 -24.45 43.82
N SER H 123 27.08 -24.98 44.45
CA SER H 123 26.82 -26.44 44.63
C SER H 123 26.03 -27.02 43.43
N TYR H 124 25.44 -26.17 42.57
CA TYR H 124 24.64 -26.62 41.39
C TYR H 124 25.35 -26.30 40.08
N ALA H 125 26.66 -25.96 40.11
CA ALA H 125 27.46 -25.59 38.92
C ALA H 125 27.38 -26.72 37.90
N ASP H 126 27.07 -26.42 36.63
CA ASP H 126 26.84 -27.42 35.55
C ASP H 126 27.16 -26.80 34.20
N PRO H 127 28.24 -27.20 33.50
CA PRO H 127 28.58 -26.61 32.20
C PRO H 127 27.71 -27.06 31.02
N GLU H 128 26.59 -27.73 31.26
CA GLU H 128 25.75 -28.33 30.18
C GLU H 128 24.31 -27.81 30.25
N GLN H 129 24.05 -26.73 30.96
CA GLN H 129 22.67 -26.16 31.14
C GLN H 129 22.55 -24.85 30.37
N GLU H 130 22.11 -24.90 29.11
CA GLU H 130 21.89 -23.68 28.29
C GLU H 130 20.84 -23.98 27.21
N VAL H 131 20.37 -22.92 26.56
CA VAL H 131 19.61 -22.96 25.28
C VAL H 131 20.39 -22.11 24.27
N ILE H 132 20.88 -22.71 23.20
CA ILE H 132 21.65 -21.94 22.18
C ILE H 132 20.69 -21.41 21.12
N SER H 133 20.98 -20.26 20.52
CA SER H 133 20.37 -19.75 19.27
C SER H 133 21.49 -19.18 18.39
N ARG H 134 21.54 -19.50 17.11
CA ARG H 134 22.51 -18.84 16.19
C ARG H 134 21.71 -17.91 15.27
N TRP H 135 22.20 -16.71 15.03
CA TRP H 135 21.67 -15.77 14.03
C TRP H 135 22.77 -15.37 13.06
N ARG H 136 22.41 -14.88 11.87
CA ARG H 136 23.39 -14.28 10.91
C ARG H 136 23.07 -12.81 10.78
N ILE H 137 24.07 -11.94 10.91
CA ILE H 137 23.82 -10.49 10.81
C ILE H 137 23.35 -10.19 9.39
N GLU H 138 22.31 -9.37 9.22
CA GLU H 138 21.72 -9.04 7.90
C GLU H 138 22.19 -7.66 7.47
N GLN H 139 22.29 -6.70 8.38
CA GLN H 139 22.92 -5.42 8.01
C GLN H 139 23.12 -4.59 9.25
N CYS H 140 24.14 -3.75 9.28
CA CYS H 140 24.20 -2.58 10.18
C CYS H 140 23.00 -1.67 9.87
N SER H 141 22.01 -1.64 10.75
CA SER H 141 20.80 -0.79 10.67
C SER H 141 21.21 0.68 10.83
N GLU H 142 22.10 0.99 11.76
CA GLU H 142 22.59 2.39 12.00
C GLU H 142 23.75 2.34 12.98
N LEU H 143 24.46 3.46 13.17
CA LEU H 143 25.72 3.51 13.97
C LEU H 143 25.95 4.92 14.50
N SER H 144 25.53 5.19 15.74
CA SER H 144 25.78 6.45 16.49
C SER H 144 27.19 6.38 17.11
N ALA H 145 27.65 7.50 17.67
CA ALA H 145 28.86 7.58 18.55
C ALA H 145 28.55 6.89 19.89
N VAL H 146 27.31 6.44 20.10
CA VAL H 146 26.82 5.77 21.33
C VAL H 146 26.68 4.27 21.05
N SER H 147 25.73 3.88 20.18
CA SER H 147 25.34 2.47 19.91
C SER H 147 25.33 2.18 18.41
N ALA H 148 25.41 0.90 18.03
CA ALA H 148 25.24 0.37 16.67
C ALA H 148 24.23 -0.79 16.71
N SER H 149 23.20 -0.76 15.86
CA SER H 149 22.21 -1.86 15.73
C SER H 149 22.52 -2.70 14.50
N PHE H 150 22.53 -4.02 14.63
CA PHE H 150 22.49 -5.00 13.52
C PHE H 150 21.11 -5.67 13.50
N VAL H 151 20.61 -5.97 12.32
CA VAL H 151 19.39 -6.80 12.18
C VAL H 151 19.87 -8.23 12.08
N LEU H 152 19.21 -9.21 12.70
CA LEU H 152 19.61 -10.62 12.67
C LEU H 152 18.59 -11.41 11.87
N SER H 153 18.76 -12.72 11.78
CA SER H 153 17.92 -13.63 10.96
C SER H 153 18.38 -15.06 11.19
N THR H 154 17.47 -16.01 11.21
CA THR H 154 17.89 -17.41 11.38
C THR H 154 18.71 -17.84 10.16
N PRO H 155 19.68 -18.78 10.31
CA PRO H 155 20.61 -19.07 9.21
C PRO H 155 19.89 -19.49 7.93
N THR H 156 18.74 -20.11 8.06
CA THR H 156 18.07 -20.68 6.89
C THR H 156 17.19 -19.66 6.16
N GLU H 157 16.64 -18.67 6.83
CA GLU H 157 15.94 -17.58 6.11
C GLU H 157 16.79 -16.33 6.28
N THR H 158 17.60 -15.99 5.29
CA THR H 158 18.65 -14.96 5.42
C THR H 158 18.75 -14.19 4.10
N ASP H 159 17.72 -14.29 3.25
CA ASP H 159 17.51 -13.53 1.98
C ASP H 159 18.73 -13.61 1.03
N GLY H 160 19.92 -14.01 1.52
CA GLY H 160 21.07 -14.45 0.70
C GLY H 160 21.09 -15.96 0.53
N ALA H 161 19.95 -16.65 0.63
CA ALA H 161 19.81 -18.13 0.57
C ALA H 161 18.65 -18.45 -0.36
N VAL H 162 18.84 -18.14 -1.63
CA VAL H 162 17.94 -18.57 -2.72
C VAL H 162 18.01 -20.08 -2.82
N PHE H 163 17.09 -20.76 -3.54
CA PHE H 163 17.21 -22.24 -3.61
C PHE H 163 18.14 -22.59 -4.74
N PRO H 164 17.75 -23.21 -5.88
CA PRO H 164 18.77 -24.01 -6.62
C PRO H 164 20.04 -23.11 -6.63
N GLY H 165 21.12 -23.49 -5.96
CA GLY H 165 22.14 -22.52 -5.49
C GLY H 165 22.96 -21.89 -6.61
N ARG H 166 23.57 -22.71 -7.47
CA ARG H 166 24.53 -22.32 -8.55
C ARG H 166 23.79 -21.53 -9.60
N ILE H 167 24.21 -20.29 -9.84
CA ILE H 167 23.62 -19.41 -10.92
C ILE H 167 24.55 -19.41 -12.14
N MET H 168 24.00 -19.72 -13.34
CA MET H 168 24.83 -19.88 -14.57
C MET H 168 25.41 -18.54 -14.93
N LEU H 169 26.66 -18.43 -15.32
CA LEU H 169 27.18 -17.16 -15.90
C LEU H 169 28.04 -17.44 -17.13
N ALA H 170 28.31 -16.44 -17.93
CA ALA H 170 29.36 -16.55 -18.94
C ALA H 170 30.52 -15.78 -18.37
N ASN H 171 31.71 -16.16 -18.75
CA ASN H 171 32.91 -15.38 -18.37
C ASN H 171 32.98 -15.16 -16.85
N THR H 172 32.55 -16.11 -16.01
CA THR H 172 32.72 -15.99 -14.52
C THR H 172 32.60 -17.34 -13.81
N CYS H 173 33.64 -17.66 -13.05
CA CYS H 173 33.81 -18.97 -12.40
C CYS H 173 33.20 -18.87 -11.01
N THR H 174 32.07 -19.52 -10.84
CA THR H 174 31.35 -19.70 -9.56
C THR H 174 32.35 -20.42 -8.63
N TRP H 175 32.94 -21.58 -9.03
CA TRP H 175 33.66 -22.57 -8.19
C TRP H 175 34.68 -21.84 -7.37
N THR H 176 34.99 -22.27 -6.13
CA THR H 176 36.03 -21.65 -5.22
C THR H 176 37.42 -21.99 -5.75
N TYR H 177 38.40 -21.10 -5.54
CA TYR H 177 39.71 -21.25 -6.22
C TYR H 177 40.50 -22.38 -5.59
N ARG H 178 41.17 -23.17 -6.41
CA ARG H 178 42.16 -24.19 -5.95
C ARG H 178 41.46 -25.25 -5.13
N GLY H 179 40.13 -25.19 -5.06
CA GLY H 179 39.27 -26.07 -4.24
C GLY H 179 38.97 -27.37 -4.96
N ASP H 180 38.10 -28.20 -4.38
CA ASP H 180 37.67 -29.49 -4.94
C ASP H 180 37.00 -29.29 -6.32
N GLU H 181 36.00 -28.43 -6.51
CA GLU H 181 35.38 -28.34 -7.86
C GLU H 181 36.38 -27.72 -8.83
N CYS H 182 37.06 -26.67 -8.43
CA CYS H 182 38.04 -26.00 -9.31
C CYS H 182 39.11 -27.01 -9.75
N GLY H 183 39.78 -27.68 -8.81
CA GLY H 183 40.57 -28.89 -9.11
C GLY H 183 42.03 -28.60 -9.33
N TYR H 184 42.35 -27.40 -9.82
CA TYR H 184 43.75 -27.02 -10.18
C TYR H 184 44.66 -27.19 -8.98
N SER H 185 45.90 -27.65 -9.18
CA SER H 185 46.87 -27.83 -8.08
C SER H 185 48.32 -27.69 -8.56
N GLY H 186 48.57 -26.85 -9.58
CA GLY H 186 49.93 -26.56 -10.08
C GLY H 186 50.66 -25.54 -9.20
N PRO H 187 51.76 -24.93 -9.68
CA PRO H 187 52.46 -23.91 -8.90
C PRO H 187 51.72 -22.57 -9.02
N ALA H 188 52.16 -21.54 -8.30
CA ALA H 188 51.60 -20.16 -8.40
C ALA H 188 51.85 -19.63 -9.82
N VAL H 189 50.81 -19.08 -10.47
CA VAL H 189 50.86 -18.67 -11.90
C VAL H 189 50.67 -17.15 -12.03
N ALA H 190 49.62 -16.56 -11.46
CA ALA H 190 49.24 -15.15 -11.70
C ALA H 190 48.29 -14.65 -10.61
N ASP H 191 48.15 -13.32 -10.47
CA ASP H 191 47.40 -12.61 -9.39
C ASP H 191 45.94 -12.38 -9.80
N GLU H 192 45.18 -11.68 -8.95
CA GLU H 192 43.79 -11.22 -9.20
C GLU H 192 43.68 -10.53 -10.57
N TYR H 193 44.52 -9.52 -10.84
CA TYR H 193 44.44 -8.61 -12.02
C TYR H 193 44.86 -9.33 -13.30
N ASP H 194 45.34 -10.57 -13.20
CA ASP H 194 45.84 -11.41 -14.33
C ASP H 194 47.21 -10.84 -14.79
N GLN H 195 48.19 -10.80 -13.88
CA GLN H 195 49.60 -10.40 -14.13
C GLN H 195 50.49 -11.65 -13.99
N PRO H 196 51.00 -12.17 -15.12
CA PRO H 196 51.87 -13.33 -15.11
C PRO H 196 52.82 -13.48 -13.91
N THR H 197 53.06 -14.73 -13.51
CA THR H 197 54.07 -15.20 -12.52
C THR H 197 53.72 -14.64 -11.14
N SER H 198 54.14 -15.34 -10.09
CA SER H 198 53.89 -14.92 -8.69
C SER H 198 54.70 -15.79 -7.73
N ASP H 199 54.44 -15.59 -6.43
CA ASP H 199 55.23 -16.07 -5.27
C ASP H 199 54.27 -16.71 -4.26
N ILE H 200 53.26 -17.42 -4.76
CA ILE H 200 52.30 -18.24 -3.96
C ILE H 200 51.39 -17.30 -3.16
N THR H 201 51.95 -16.44 -2.31
CA THR H 201 51.21 -15.49 -1.44
C THR H 201 50.31 -14.57 -2.27
N LYS H 202 50.63 -14.36 -3.55
CA LYS H 202 50.00 -13.33 -4.43
C LYS H 202 49.43 -14.00 -5.68
N ASP H 203 48.87 -15.19 -5.53
CA ASP H 203 48.34 -16.01 -6.65
C ASP H 203 46.84 -16.20 -6.45
N LYS H 204 46.03 -15.44 -7.17
CA LYS H 204 44.55 -15.60 -7.18
C LYS H 204 44.09 -15.73 -8.64
N CYS H 205 42.99 -16.42 -8.85
CA CYS H 205 42.41 -16.58 -10.20
C CYS H 205 41.34 -15.55 -10.43
N SER H 206 41.40 -14.84 -11.53
CA SER H 206 40.39 -13.81 -11.85
C SER H 206 39.04 -14.42 -12.18
N LYS H 207 38.93 -15.74 -12.27
CA LYS H 207 37.64 -16.47 -12.37
C LYS H 207 36.87 -16.04 -13.61
N CYS H 208 37.58 -15.54 -14.59
CA CYS H 208 37.05 -15.30 -15.95
C CYS H 208 37.97 -16.07 -16.89
N LEU H 209 37.55 -16.32 -18.12
CA LEU H 209 38.23 -17.33 -18.95
C LEU H 209 39.71 -17.00 -19.07
N SER H 210 40.09 -15.73 -19.17
CA SER H 210 41.51 -15.32 -19.25
C SER H 210 42.32 -16.06 -18.16
N GLY H 211 41.83 -16.05 -16.92
CA GLY H 211 42.55 -16.55 -15.73
C GLY H 211 42.55 -18.06 -15.63
N CYS H 212 41.46 -18.72 -15.95
CA CYS H 212 41.44 -20.19 -16.06
C CYS H 212 42.49 -20.59 -17.09
N LYS H 213 42.52 -19.92 -18.26
CA LYS H 213 43.44 -20.28 -19.38
C LYS H 213 44.87 -20.13 -18.88
N PHE H 214 45.11 -19.17 -18.00
CA PHE H 214 46.43 -18.92 -17.39
C PHE H 214 46.90 -20.14 -16.58
N ARG H 215 46.02 -20.68 -15.73
CA ARG H 215 46.24 -21.88 -14.88
C ARG H 215 46.01 -23.16 -15.67
N ASN H 216 45.57 -23.03 -16.93
CA ASN H 216 45.52 -24.15 -17.89
C ASN H 216 44.34 -25.09 -17.57
N ASN H 217 43.59 -24.85 -16.49
CA ASN H 217 42.56 -25.76 -15.92
C ASN H 217 41.25 -25.71 -16.74
N VAL H 218 41.29 -25.39 -18.02
CA VAL H 218 40.08 -24.78 -18.64
C VAL H 218 38.99 -25.83 -18.72
N GLY H 219 39.29 -27.12 -18.54
CA GLY H 219 38.22 -28.13 -18.54
C GLY H 219 37.25 -27.90 -17.39
N ASN H 220 37.80 -27.54 -16.23
CA ASN H 220 36.99 -27.35 -15.00
C ASN H 220 36.62 -25.88 -14.81
N PHE H 221 36.80 -25.00 -15.78
CA PHE H 221 36.18 -23.66 -15.66
C PHE H 221 34.73 -23.84 -15.24
N GLY H 222 34.27 -22.98 -14.33
CA GLY H 222 32.99 -23.18 -13.64
C GLY H 222 31.88 -22.37 -14.24
N GLY H 223 32.20 -21.61 -15.29
CA GLY H 223 31.19 -20.87 -16.08
C GLY H 223 30.44 -21.68 -17.14
N PHE H 224 29.84 -20.96 -18.07
CA PHE H 224 29.29 -21.48 -19.33
C PHE H 224 29.61 -20.46 -20.43
N LEU H 225 30.88 -20.07 -20.65
CA LEU H 225 31.34 -19.33 -21.87
C LEU H 225 30.25 -19.49 -22.93
N SER H 226 29.93 -18.42 -23.68
CA SER H 226 28.98 -18.46 -24.82
C SER H 226 27.55 -18.75 -24.34
N ILE H 227 27.04 -18.07 -23.33
CA ILE H 227 25.57 -17.91 -23.11
C ILE H 227 25.25 -16.42 -23.18
N ASN H 228 23.99 -16.07 -23.48
CA ASN H 228 23.57 -14.67 -23.73
C ASN H 228 24.01 -13.80 -22.53
N LYS H 229 24.80 -12.75 -22.77
CA LYS H 229 25.33 -11.93 -21.66
C LYS H 229 24.21 -11.13 -21.02
N LEU H 230 23.24 -10.61 -21.77
CA LEU H 230 22.15 -9.74 -21.23
C LEU H 230 21.08 -10.60 -20.56
N SER H 231 20.74 -10.27 -19.31
CA SER H 231 19.89 -11.10 -18.40
C SER H 231 18.43 -11.07 -18.84
N GLN H 232 18.02 -9.99 -19.52
CA GLN H 232 16.66 -9.79 -20.09
C GLN H 232 16.11 -11.12 -20.63
N ILE I 164 10.16 -30.51 -73.39
CA ILE I 164 10.39 -31.88 -73.96
C ILE I 164 11.36 -32.66 -73.03
N GLN I 165 12.50 -32.05 -72.67
CA GLN I 165 13.57 -32.65 -71.80
C GLN I 165 13.46 -32.12 -70.37
N THR I 166 12.81 -32.89 -69.48
CA THR I 166 12.59 -32.55 -68.04
C THR I 166 13.95 -32.38 -67.33
N THR I 167 14.03 -31.45 -66.37
CA THR I 167 15.21 -31.19 -65.50
C THR I 167 14.92 -31.74 -64.10
N ASP I 168 15.75 -32.68 -63.63
CA ASP I 168 15.63 -33.34 -62.29
C ASP I 168 15.84 -32.30 -61.18
N ASN I 169 16.56 -31.21 -61.48
CA ASN I 169 16.77 -30.05 -60.58
C ASN I 169 17.51 -30.51 -59.31
N GLY I 170 17.87 -31.80 -59.22
CA GLY I 170 18.65 -32.40 -58.12
C GLY I 170 17.95 -32.36 -56.78
N LYS I 171 18.74 -32.36 -55.69
CA LYS I 171 18.28 -32.31 -54.27
C LYS I 171 18.01 -30.86 -53.89
N GLN I 172 17.02 -30.63 -53.03
CA GLN I 172 16.80 -29.35 -52.32
C GLN I 172 17.71 -29.41 -51.09
N ASN I 173 17.52 -28.54 -50.10
CA ASN I 173 18.40 -28.48 -48.91
C ASN I 173 17.61 -27.80 -47.81
N THR I 174 17.65 -28.34 -46.60
CA THR I 174 16.91 -27.80 -45.43
C THR I 174 17.96 -27.23 -44.46
N TYR I 175 17.68 -26.13 -43.75
CA TYR I 175 18.77 -25.26 -43.21
C TYR I 175 18.61 -24.88 -41.72
N PHE I 176 17.82 -25.59 -40.94
CA PHE I 176 17.51 -25.25 -39.51
C PHE I 176 16.99 -23.83 -39.49
N SER I 177 15.83 -23.64 -40.09
CA SER I 177 15.20 -22.32 -40.28
C SER I 177 15.36 -21.50 -38.98
N SER I 178 14.56 -21.83 -37.95
CA SER I 178 14.51 -21.16 -36.63
C SER I 178 15.58 -21.80 -35.74
N LEU I 179 16.10 -21.08 -34.75
CA LEU I 179 17.01 -21.71 -33.74
C LEU I 179 16.50 -21.40 -32.35
N ASP I 180 16.59 -22.36 -31.44
CA ASP I 180 16.13 -22.19 -30.05
C ASP I 180 17.03 -21.18 -29.32
N ASN I 181 16.45 -20.27 -28.53
CA ASN I 181 17.17 -19.20 -27.76
C ASN I 181 18.19 -19.76 -26.77
N MET I 182 19.34 -19.10 -26.61
CA MET I 182 20.31 -19.52 -25.57
C MET I 182 19.89 -18.98 -24.21
N VAL I 183 20.68 -19.17 -23.16
CA VAL I 183 20.07 -19.35 -21.80
C VAL I 183 20.03 -18.02 -20.98
N ALA I 184 20.92 -17.05 -21.22
CA ALA I 184 20.95 -15.74 -20.51
C ALA I 184 21.62 -15.91 -19.15
N GLN I 185 22.73 -15.23 -18.89
CA GLN I 185 23.37 -15.12 -17.55
C GLN I 185 22.30 -14.94 -16.50
N GLY I 186 22.69 -15.07 -15.25
CA GLY I 186 21.83 -14.91 -14.07
C GLY I 186 20.75 -15.97 -13.96
N ASN I 187 20.75 -17.08 -14.70
CA ASN I 187 19.46 -17.78 -14.89
C ASN I 187 19.32 -19.03 -14.03
N VAL I 188 20.31 -19.44 -13.21
CA VAL I 188 20.28 -20.64 -12.29
C VAL I 188 20.01 -21.97 -13.03
N LEU I 189 20.87 -22.93 -12.69
CA LEU I 189 20.93 -24.30 -13.27
C LEU I 189 19.93 -25.18 -12.55
N PRO I 190 18.77 -25.61 -13.12
CA PRO I 190 17.72 -26.29 -12.37
C PRO I 190 18.21 -27.52 -11.60
N VAL I 191 17.39 -28.13 -10.75
CA VAL I 191 17.70 -29.42 -10.08
C VAL I 191 16.59 -30.40 -10.41
N LEU I 192 16.88 -31.62 -10.80
CA LEU I 192 15.76 -32.50 -11.19
C LEU I 192 15.62 -33.56 -10.12
N TYR I 193 14.43 -33.84 -9.58
CA TYR I 193 14.20 -34.85 -8.52
C TYR I 193 13.24 -35.97 -8.96
N GLY I 194 13.72 -37.10 -9.46
CA GLY I 194 12.89 -38.28 -9.82
C GLY I 194 11.98 -38.02 -11.00
N GLU I 195 12.09 -38.76 -12.10
CA GLU I 195 11.14 -38.67 -13.25
C GLU I 195 11.04 -37.23 -13.79
N MET I 196 9.85 -36.73 -14.14
CA MET I 196 9.66 -35.53 -15.03
C MET I 196 10.13 -35.76 -16.47
N ARG I 197 9.47 -35.17 -17.48
CA ARG I 197 10.00 -35.10 -18.87
C ARG I 197 10.32 -33.64 -19.17
N VAL I 198 11.56 -33.21 -19.04
CA VAL I 198 12.00 -31.79 -19.21
C VAL I 198 12.02 -31.34 -20.69
N GLY I 199 12.31 -30.05 -20.89
CA GLY I 199 12.72 -29.44 -22.18
C GLY I 199 14.19 -29.03 -22.14
N SER I 200 14.56 -28.00 -22.91
CA SER I 200 15.98 -27.71 -23.29
C SER I 200 16.44 -26.37 -22.71
N ARG I 201 17.59 -26.38 -22.02
CA ARG I 201 18.36 -25.16 -21.66
C ARG I 201 19.67 -25.20 -22.43
N VAL I 202 19.73 -24.47 -23.55
CA VAL I 202 20.82 -24.52 -24.54
C VAL I 202 21.98 -23.73 -23.95
N VAL I 203 23.20 -24.24 -24.04
CA VAL I 203 24.36 -23.52 -23.48
C VAL I 203 25.48 -23.53 -24.52
N SER I 204 25.15 -23.90 -25.74
CA SER I 204 26.14 -23.91 -26.83
C SER I 204 25.49 -24.50 -28.07
N GLN I 205 25.06 -23.65 -28.98
CA GLN I 205 24.28 -24.00 -30.17
C GLN I 205 25.08 -23.50 -31.34
N GLU I 206 25.46 -24.37 -32.26
CA GLU I 206 26.44 -23.98 -33.32
C GLU I 206 26.07 -24.68 -34.63
N ILE I 207 26.23 -23.96 -35.75
CA ILE I 207 25.83 -24.45 -37.10
C ILE I 207 27.05 -24.41 -38.02
N SER I 208 27.45 -25.58 -38.50
CA SER I 208 28.57 -25.76 -39.45
C SER I 208 27.94 -26.20 -40.78
N THR I 209 28.20 -25.41 -41.82
CA THR I 209 27.68 -25.61 -43.19
C THR I 209 28.82 -26.23 -44.01
N ALA I 210 28.53 -27.30 -44.75
CA ALA I 210 29.47 -27.94 -45.72
C ALA I 210 28.73 -28.20 -47.04
N ASP I 211 29.46 -28.32 -48.14
CA ASP I 211 28.92 -28.50 -49.53
C ASP I 211 29.30 -29.89 -50.05
N GLU I 212 28.46 -30.48 -50.91
CA GLU I 212 28.72 -31.80 -51.55
C GLU I 212 28.23 -31.76 -53.01
N GLY I 213 28.34 -30.58 -53.65
CA GLY I 213 27.95 -30.34 -55.06
C GLY I 213 28.84 -31.10 -56.02
N ASP I 214 29.30 -30.44 -57.09
CA ASP I 214 30.12 -31.06 -58.17
C ASP I 214 31.45 -30.28 -58.31
N GLY I 215 32.13 -30.05 -57.18
CA GLY I 215 33.38 -29.28 -57.11
C GLY I 215 33.28 -28.14 -56.11
N GLY I 216 34.09 -27.09 -56.30
CA GLY I 216 34.18 -25.94 -55.38
C GLY I 216 34.03 -24.61 -56.10
N GLN I 217 32.91 -24.40 -56.80
CA GLN I 217 32.56 -23.15 -57.53
C GLN I 217 32.13 -22.06 -56.51
N VAL I 218 32.99 -21.78 -55.52
CA VAL I 218 32.80 -20.84 -54.38
C VAL I 218 34.20 -20.43 -53.88
N VAL I 219 34.66 -19.23 -54.25
CA VAL I 219 36.11 -18.85 -54.19
C VAL I 219 36.31 -17.77 -53.10
N VAL I 220 37.26 -18.01 -52.18
CA VAL I 220 37.55 -17.18 -50.99
C VAL I 220 38.97 -16.63 -51.11
N ILE I 221 39.22 -15.37 -50.76
CA ILE I 221 40.58 -14.75 -50.86
C ILE I 221 40.94 -14.04 -49.54
N GLY I 222 42.19 -14.22 -49.09
CA GLY I 222 42.76 -13.61 -47.87
C GLY I 222 42.39 -14.38 -46.64
N MET J 1 -13.01 50.79 29.79
CA MET J 1 -12.46 52.14 29.46
C MET J 1 -10.94 52.03 29.25
N LYS J 2 -10.35 52.97 28.50
CA LYS J 2 -8.97 52.88 27.95
C LYS J 2 -7.88 52.85 29.05
N THR J 3 -8.18 53.17 30.32
CA THR J 3 -7.17 53.22 31.43
C THR J 3 -7.66 52.54 32.72
N PHE J 4 -6.73 52.08 33.57
CA PHE J 4 -6.98 51.43 34.89
C PHE J 4 -6.63 52.42 36.02
N ARG J 5 -7.60 52.70 36.91
CA ARG J 5 -7.57 53.82 37.90
C ARG J 5 -7.51 53.34 39.36
N TRP J 6 -7.64 52.04 39.64
CA TRP J 6 -7.53 51.47 41.02
C TRP J 6 -6.04 51.30 41.39
N LYS J 7 -5.71 51.20 42.68
CA LYS J 7 -4.30 51.12 43.18
C LYS J 7 -4.06 49.77 43.88
N VAL J 8 -2.93 49.12 43.57
CA VAL J 8 -2.49 47.82 44.18
C VAL J 8 -1.98 48.08 45.60
N LYS J 9 -2.68 47.55 46.62
CA LYS J 9 -2.43 47.82 48.06
C LYS J 9 -1.13 47.15 48.51
N PRO J 10 -1.02 45.80 48.49
CA PRO J 10 0.10 45.12 49.15
C PRO J 10 1.34 44.93 48.26
N GLY J 11 1.27 45.35 47.00
CA GLY J 11 2.28 45.02 45.96
C GLY J 11 1.88 43.80 45.15
N MET J 12 2.56 43.55 44.02
CA MET J 12 2.26 42.48 43.03
C MET J 12 3.53 41.70 42.69
N ASP J 13 3.39 40.46 42.22
CA ASP J 13 4.52 39.61 41.75
C ASP J 13 4.58 39.71 40.22
N VAL J 14 5.74 40.06 39.66
CA VAL J 14 5.96 40.15 38.17
C VAL J 14 6.85 38.98 37.73
N ALA J 15 6.43 38.23 36.72
CA ALA J 15 7.15 37.09 36.11
C ALA J 15 7.54 37.47 34.67
N SER J 16 8.83 37.44 34.34
CA SER J 16 9.39 37.94 33.06
C SER J 16 9.43 36.83 32.00
N VAL J 17 10.18 35.75 32.25
CA VAL J 17 10.29 34.53 31.40
C VAL J 17 10.31 34.92 29.91
N PRO J 18 11.37 35.60 29.41
CA PRO J 18 11.48 35.93 27.98
C PRO J 18 11.65 34.71 27.07
N SER J 19 11.29 34.88 25.79
CA SER J 19 11.53 33.91 24.68
C SER J 19 12.98 34.00 24.23
N VAL J 20 13.69 32.87 24.19
CA VAL J 20 15.04 32.75 23.54
C VAL J 20 15.03 31.53 22.63
N ARG J 21 15.45 31.71 21.38
CA ARG J 21 15.77 30.62 20.44
C ARG J 21 17.19 30.16 20.79
N LYS J 22 17.34 28.97 21.38
CA LYS J 22 18.59 28.48 22.02
C LYS J 22 18.94 27.11 21.41
N VAL J 23 20.21 26.92 21.04
CA VAL J 23 20.74 25.67 20.41
C VAL J 23 21.99 25.24 21.17
N ARG J 24 21.99 24.04 21.76
CA ARG J 24 23.16 23.50 22.52
C ARG J 24 24.01 22.60 21.61
N PHE J 25 25.23 23.03 21.30
CA PHE J 25 26.23 22.26 20.51
C PHE J 25 26.95 21.26 21.43
N GLY J 26 28.07 20.70 20.95
CA GLY J 26 28.82 19.62 21.63
C GLY J 26 29.47 20.09 22.92
N ASP J 27 30.76 20.44 22.85
CA ASP J 27 31.60 20.66 24.06
C ASP J 27 31.20 21.97 24.75
N GLY J 28 30.01 22.01 25.36
CA GLY J 28 29.51 23.13 26.17
C GLY J 28 28.98 24.30 25.35
N TYR J 29 29.54 24.56 24.17
CA TYR J 29 29.24 25.72 23.27
C TYR J 29 27.75 25.70 22.89
N SER J 30 27.19 26.86 22.54
CA SER J 30 25.76 27.00 22.21
C SER J 30 25.50 28.19 21.27
N GLN J 31 24.22 28.54 21.10
CA GLN J 31 23.71 29.68 20.28
C GLN J 31 22.41 30.18 20.90
N ARG J 32 22.27 31.49 21.11
CA ARG J 32 20.99 32.12 21.57
C ARG J 32 20.65 33.28 20.63
N ALA J 33 19.36 33.64 20.63
CA ALA J 33 18.77 34.82 19.95
C ALA J 33 17.52 35.22 20.72
N PRO J 34 17.09 36.50 20.66
CA PRO J 34 15.87 36.92 21.36
C PRO J 34 14.59 36.34 20.76
N ALA J 35 14.68 35.42 19.78
CA ALA J 35 13.53 34.71 19.18
C ALA J 35 12.56 35.72 18.54
N GLY J 36 11.51 36.15 19.26
CA GLY J 36 10.58 37.23 18.84
C GLY J 36 11.27 38.59 18.78
N LEU J 37 10.68 39.56 18.08
CA LEU J 37 11.30 40.91 17.89
C LEU J 37 11.32 41.64 19.23
N ASN J 38 10.25 41.48 20.02
CA ASN J 38 10.15 41.89 21.45
C ASN J 38 9.72 40.69 22.28
N ALA J 39 10.71 40.01 22.91
CA ALA J 39 10.56 38.73 23.62
C ALA J 39 9.88 38.95 24.98
N ASN J 40 10.60 39.56 25.94
CA ASN J 40 10.14 39.80 27.34
C ASN J 40 9.03 40.86 27.32
N LEU J 41 7.84 40.49 27.81
CA LEU J 41 6.65 41.39 27.95
C LEU J 41 6.20 41.44 29.42
N LYS J 42 6.36 40.32 30.16
CA LYS J 42 6.10 40.19 31.61
C LYS J 42 4.59 40.11 31.89
N THR J 43 4.22 39.42 32.99
CA THR J 43 2.84 39.37 33.54
C THR J 43 2.89 39.79 35.01
N TYR J 44 1.84 40.47 35.47
CA TYR J 44 1.69 41.01 36.85
C TYR J 44 0.56 40.26 37.56
N SER J 45 0.78 39.89 38.83
CA SER J 45 -0.26 39.31 39.74
C SER J 45 -0.83 40.44 40.62
N VAL J 46 -1.78 41.20 40.05
CA VAL J 46 -2.43 42.40 40.67
C VAL J 46 -3.49 41.92 41.67
N THR J 47 -3.36 42.34 42.93
CA THR J 47 -4.29 42.02 44.05
C THR J 47 -4.94 43.33 44.54
N LEU J 48 -6.28 43.40 44.54
CA LEU J 48 -7.07 44.58 44.95
C LEU J 48 -8.03 44.19 46.10
N SER J 49 -8.34 45.14 46.98
CA SER J 49 -9.31 45.01 48.10
C SER J 49 -10.34 46.14 47.99
N VAL J 50 -11.63 45.79 47.83
CA VAL J 50 -12.72 46.77 47.50
C VAL J 50 -13.92 46.54 48.43
N PRO J 51 -14.70 47.60 48.76
CA PRO J 51 -15.98 47.44 49.47
C PRO J 51 -16.98 46.58 48.67
N ARG J 52 -17.87 45.87 49.38
CA ARG J 52 -18.79 44.85 48.80
C ARG J 52 -19.81 45.52 47.86
N GLU J 53 -20.29 46.73 48.19
CA GLU J 53 -21.34 47.46 47.42
C GLU J 53 -20.72 48.16 46.19
N GLU J 54 -19.38 48.34 46.16
CA GLU J 54 -18.64 49.10 45.11
C GLU J 54 -18.05 48.15 44.05
N ALA J 55 -17.63 46.94 44.44
CA ALA J 55 -16.92 45.95 43.60
C ALA J 55 -17.58 45.80 42.21
N THR J 56 -18.89 46.12 42.08
CA THR J 56 -19.69 46.08 40.81
C THR J 56 -19.03 46.93 39.71
N VAL J 57 -18.58 48.16 40.03
CA VAL J 57 -17.97 49.12 39.07
C VAL J 57 -16.68 48.51 38.48
N LEU J 58 -15.81 47.98 39.34
CA LEU J 58 -14.52 47.34 38.93
C LEU J 58 -14.78 46.07 38.11
N GLU J 59 -15.75 45.24 38.53
CA GLU J 59 -16.18 44.00 37.81
C GLU J 59 -16.65 44.36 36.40
N SER J 60 -17.51 45.38 36.28
CA SER J 60 -18.11 45.88 35.02
C SER J 60 -16.99 46.36 34.08
N PHE J 61 -16.03 47.13 34.59
CA PHE J 61 -14.87 47.65 33.83
C PHE J 61 -14.02 46.49 33.29
N LEU J 62 -13.68 45.50 34.13
CA LEU J 62 -12.79 44.36 33.75
C LEU J 62 -13.50 43.45 32.73
N GLU J 63 -14.83 43.30 32.83
CA GLU J 63 -15.61 42.37 31.98
C GLU J 63 -15.84 43.01 30.59
N GLU J 64 -15.99 44.34 30.51
CA GLU J 64 -16.28 45.06 29.23
C GLU J 64 -15.11 44.85 28.25
N HIS J 65 -13.89 44.65 28.74
CA HIS J 65 -12.68 44.29 27.94
C HIS J 65 -12.80 42.85 27.43
N GLY J 66 -13.13 41.91 28.32
CA GLY J 66 -13.43 40.50 28.02
C GLY J 66 -12.27 39.79 27.34
N GLY J 67 -11.08 39.83 27.95
CA GLY J 67 -9.85 39.18 27.45
C GLY J 67 -9.11 40.07 26.45
N TRP J 68 -9.79 40.51 25.39
CA TRP J 68 -9.26 41.41 24.33
C TRP J 68 -9.37 42.88 24.78
N LYS J 69 -9.12 43.83 23.86
CA LYS J 69 -9.22 45.29 24.10
C LYS J 69 -8.30 45.65 25.27
N SER J 70 -6.97 45.61 25.05
CA SER J 70 -5.93 46.00 26.04
C SER J 70 -6.13 47.46 26.44
N PHE J 71 -5.93 47.76 27.74
CA PHE J 71 -6.10 49.11 28.34
C PHE J 71 -4.75 49.60 28.89
N LEU J 72 -4.53 50.91 28.88
CA LEU J 72 -3.34 51.56 29.50
C LEU J 72 -3.41 51.36 31.02
N TRP J 73 -2.26 51.06 31.65
CA TRP J 73 -2.12 50.91 33.12
C TRP J 73 -0.72 51.39 33.53
N THR J 74 -0.61 52.07 34.68
CA THR J 74 0.67 52.56 35.26
C THR J 74 1.00 51.72 36.50
N PRO J 75 1.87 50.69 36.38
CA PRO J 75 2.22 49.85 37.52
C PRO J 75 3.06 50.62 38.54
N PRO J 76 2.88 50.40 39.86
CA PRO J 76 3.78 50.96 40.87
C PRO J 76 5.14 50.23 40.93
N TYR J 77 5.72 49.95 39.76
CA TYR J 77 7.05 49.30 39.58
C TYR J 77 7.97 50.23 38.77
N GLU J 78 7.49 50.67 37.59
CA GLU J 78 8.29 51.44 36.58
C GLU J 78 7.72 52.84 36.35
N TRP J 79 6.42 53.05 36.65
CA TRP J 79 5.72 54.35 36.51
C TRP J 79 5.73 54.79 35.04
N ARG J 80 5.36 53.89 34.12
CA ARG J 80 5.17 54.17 32.67
C ARG J 80 3.86 53.51 32.22
N GLN J 81 3.06 54.22 31.41
CA GLN J 81 1.82 53.68 30.79
C GLN J 81 2.19 52.51 29.87
N ILE J 82 1.60 51.33 30.11
CA ILE J 82 1.77 50.11 29.25
C ILE J 82 0.38 49.46 29.07
N LYS J 83 0.08 49.04 27.84
CA LYS J 83 -1.23 48.41 27.49
C LYS J 83 -1.16 46.95 27.93
N VAL J 84 -2.07 46.54 28.82
CA VAL J 84 -2.15 45.17 29.40
C VAL J 84 -3.56 44.63 29.22
N THR J 85 -3.72 43.30 29.29
CA THR J 85 -5.00 42.56 29.10
C THR J 85 -5.31 41.74 30.35
N CYS J 86 -6.60 41.44 30.56
CA CYS J 86 -7.10 40.69 31.74
C CYS J 86 -7.95 39.51 31.26
N ALA J 87 -7.60 38.31 31.72
CA ALA J 87 -8.05 37.00 31.21
C ALA J 87 -8.96 36.27 32.22
N LYS J 88 -8.59 36.21 33.52
CA LYS J 88 -9.31 35.44 34.56
C LYS J 88 -9.95 36.35 35.62
N TRP J 89 -9.14 37.16 36.31
CA TRP J 89 -9.55 37.98 37.48
C TRP J 89 -10.47 37.17 38.41
N SER J 90 -9.91 36.18 39.09
CA SER J 90 -10.54 35.47 40.23
C SER J 90 -10.94 36.49 41.31
N SER J 91 -12.14 36.35 41.89
CA SER J 91 -12.69 37.24 42.96
C SER J 91 -13.03 36.41 44.21
N ARG J 92 -12.87 36.99 45.41
CA ARG J 92 -13.07 36.30 46.72
C ARG J 92 -13.93 37.18 47.65
N VAL J 93 -15.19 36.78 47.88
CA VAL J 93 -16.20 37.55 48.67
C VAL J 93 -16.04 37.20 50.16
N SER J 94 -16.26 38.18 51.05
CA SER J 94 -16.40 38.01 52.53
C SER J 94 -17.62 38.83 52.99
N MET J 95 -17.86 38.96 54.31
CA MET J 95 -19.06 39.67 54.84
C MET J 95 -18.88 41.19 54.75
N LEU J 96 -17.65 41.71 54.58
CA LEU J 96 -17.35 43.17 54.50
C LEU J 96 -16.69 43.52 53.15
N ARG J 97 -15.63 42.80 52.74
CA ARG J 97 -14.74 43.20 51.60
C ARG J 97 -14.69 42.10 50.53
N VAL J 98 -14.36 42.47 49.29
CA VAL J 98 -14.12 41.54 48.14
C VAL J 98 -12.65 41.71 47.70
N GLU J 99 -11.95 40.59 47.49
CA GLU J 99 -10.53 40.55 47.06
C GLU J 99 -10.45 40.12 45.58
N PHE J 100 -9.77 40.91 44.75
CA PHE J 100 -9.49 40.60 43.32
C PHE J 100 -8.05 40.09 43.19
N SER J 101 -7.89 38.88 42.69
CA SER J 101 -6.58 38.29 42.26
C SER J 101 -6.61 38.09 40.74
N ALA J 102 -5.99 39.01 39.99
CA ALA J 102 -6.07 39.10 38.51
C ALA J 102 -4.67 38.96 37.91
N GLU J 103 -4.61 38.52 36.65
CA GLU J 103 -3.36 38.49 35.86
C GLU J 103 -3.44 39.57 34.77
N PHE J 104 -2.44 40.47 34.76
CA PHE J 104 -2.26 41.55 33.75
C PHE J 104 -1.08 41.17 32.86
N GLU J 105 -1.36 40.80 31.60
CA GLU J 105 -0.34 40.40 30.61
C GLU J 105 -0.05 41.59 29.69
N GLN J 106 1.15 42.16 29.77
CA GLN J 106 1.57 43.33 28.94
C GLN J 106 1.65 42.89 27.47
N VAL J 107 1.09 43.69 26.57
CA VAL J 107 1.15 43.50 25.08
C VAL J 107 1.80 44.76 24.47
N VAL J 108 2.60 44.61 23.41
CA VAL J 108 3.34 45.74 22.75
C VAL J 108 2.34 46.72 22.13
N ASN J 109 1.23 46.20 21.57
CA ASN J 109 0.11 47.01 21.01
C ASN J 109 -1.03 47.07 22.02
N PRO K 11 -17.21 -17.41 -76.90
CA PRO K 11 -17.20 -16.13 -77.63
C PRO K 11 -16.10 -15.22 -77.07
N ARG K 12 -16.31 -13.89 -77.10
CA ARG K 12 -15.37 -12.88 -76.53
C ARG K 12 -15.32 -12.99 -75.00
N GLU K 13 -14.30 -12.34 -74.43
CA GLU K 13 -13.96 -12.32 -72.97
C GLU K 13 -14.05 -10.88 -72.46
N ALA K 14 -14.76 -10.01 -73.17
CA ALA K 14 -15.18 -8.65 -72.75
C ALA K 14 -13.99 -7.90 -72.11
N LYS K 15 -13.18 -7.23 -72.94
CA LYS K 15 -12.08 -6.31 -72.55
C LYS K 15 -12.42 -5.53 -71.26
N ASP K 16 -11.51 -5.51 -70.27
CA ASP K 16 -11.69 -4.87 -68.93
C ASP K 16 -12.11 -3.40 -69.07
N ASN K 17 -13.00 -2.92 -68.20
CA ASN K 17 -13.66 -1.61 -68.37
C ASN K 17 -13.06 -0.58 -67.38
N LEU K 18 -13.11 -0.89 -66.07
CA LEU K 18 -12.96 0.12 -64.99
C LEU K 18 -11.59 0.01 -64.30
N LYS K 19 -10.82 1.10 -64.36
CA LYS K 19 -9.48 1.24 -63.70
C LYS K 19 -9.46 2.57 -62.96
N SER K 20 -8.98 2.57 -61.71
CA SER K 20 -8.77 3.82 -60.93
C SER K 20 -7.50 3.71 -60.06
N THR K 21 -6.92 4.89 -59.81
CA THR K 21 -5.76 5.14 -58.91
C THR K 21 -6.27 5.87 -57.67
N GLN K 22 -5.47 5.85 -56.62
CA GLN K 22 -5.70 6.65 -55.39
C GLN K 22 -4.57 7.65 -55.25
N LEU K 23 -4.83 8.74 -54.55
CA LEU K 23 -3.77 9.59 -53.98
C LEU K 23 -3.90 9.50 -52.46
N LEU K 24 -2.77 9.56 -51.75
CA LEU K 24 -2.71 9.59 -50.28
C LEU K 24 -1.98 10.86 -49.90
N SER K 25 -2.60 11.72 -49.10
CA SER K 25 -2.04 13.03 -48.68
C SER K 25 -2.05 13.10 -47.14
N VAL K 26 -0.88 12.77 -46.53
CA VAL K 26 -0.70 12.59 -45.05
C VAL K 26 0.32 13.60 -44.53
N ILE K 27 0.01 14.22 -43.39
CA ILE K 27 0.88 15.22 -42.71
C ILE K 27 1.24 14.70 -41.33
N ASP K 28 2.54 14.54 -41.05
CA ASP K 28 3.07 14.11 -39.72
C ASP K 28 3.67 15.34 -39.05
N ALA K 29 3.18 15.66 -37.86
CA ALA K 29 3.80 16.66 -36.97
C ALA K 29 4.93 15.97 -36.19
N ILE K 30 6.07 16.62 -36.16
CA ILE K 30 7.28 16.19 -35.46
C ILE K 30 7.74 17.42 -34.70
N SER K 31 8.09 17.29 -33.43
CA SER K 31 8.80 18.39 -32.70
C SER K 31 8.08 19.75 -32.80
N GLU K 32 8.82 20.83 -32.78
CA GLU K 32 8.41 22.10 -32.21
C GLU K 32 9.19 23.12 -32.98
N GLY K 33 8.86 24.41 -32.89
CA GLY K 33 9.80 25.53 -33.14
C GLY K 33 10.81 25.19 -34.24
N PRO K 34 11.81 26.05 -34.49
CA PRO K 34 12.72 25.82 -35.61
C PRO K 34 13.55 24.53 -35.39
N ILE K 35 13.58 23.63 -36.35
CA ILE K 35 14.47 22.43 -36.34
C ILE K 35 15.33 22.51 -37.61
N GLU K 36 16.49 21.87 -37.62
CA GLU K 36 17.40 21.88 -38.79
C GLU K 36 16.77 21.11 -39.96
N GLY K 37 16.08 20.01 -39.65
CA GLY K 37 15.19 19.36 -40.62
C GLY K 37 15.76 18.03 -41.09
N PRO K 38 15.76 17.73 -42.41
CA PRO K 38 16.31 16.47 -42.91
C PRO K 38 17.86 16.49 -42.87
N VAL K 39 18.48 15.35 -42.55
CA VAL K 39 19.94 15.26 -42.24
C VAL K 39 20.74 15.88 -43.39
N ASP K 40 20.45 15.51 -44.64
CA ASP K 40 21.26 15.87 -45.84
C ASP K 40 20.39 16.42 -46.98
N GLY K 41 19.16 15.91 -47.14
CA GLY K 41 18.24 16.19 -48.27
C GLY K 41 17.16 15.13 -48.35
N LEU K 42 16.50 15.00 -49.50
CA LEU K 42 15.41 14.00 -49.69
C LEU K 42 15.88 12.60 -49.32
N LYS K 43 17.20 12.37 -49.26
CA LYS K 43 17.77 11.01 -49.04
C LYS K 43 17.32 10.48 -47.69
N SER K 44 16.94 11.36 -46.77
CA SER K 44 16.74 11.01 -45.34
C SER K 44 15.36 10.37 -45.11
N VAL K 45 14.49 10.32 -46.13
CA VAL K 45 13.04 9.97 -46.00
C VAL K 45 12.81 8.54 -46.50
N LEU K 46 12.48 7.60 -45.61
CA LEU K 46 12.35 6.16 -45.95
C LEU K 46 10.87 5.83 -46.04
N LEU K 47 10.36 5.63 -47.26
CA LEU K 47 8.89 5.57 -47.50
C LEU K 47 8.35 4.24 -47.01
N ASN K 48 8.91 3.11 -47.45
CA ASN K 48 8.54 1.80 -46.86
C ASN K 48 9.73 1.27 -46.09
N SER K 49 10.92 1.42 -46.62
CA SER K 49 12.16 1.20 -45.86
C SER K 49 13.33 1.85 -46.56
N THR K 50 13.10 2.37 -47.76
CA THR K 50 14.17 2.62 -48.76
C THR K 50 14.21 4.11 -49.04
N PRO K 51 15.38 4.77 -48.97
CA PRO K 51 15.43 6.21 -49.19
C PRO K 51 14.81 6.57 -50.56
N VAL K 52 14.20 7.75 -50.68
CA VAL K 52 13.59 8.21 -51.97
C VAL K 52 14.71 8.48 -52.98
N LEU K 53 15.92 8.82 -52.53
CA LEU K 53 17.12 8.89 -53.42
C LEU K 53 18.21 7.94 -52.90
N ASP K 54 18.92 7.26 -53.81
CA ASP K 54 20.17 6.51 -53.51
C ASP K 54 21.22 7.49 -53.00
N THR K 55 22.44 7.02 -52.72
CA THR K 55 23.57 7.87 -52.21
C THR K 55 23.97 8.91 -53.27
N GLU K 56 23.76 8.63 -54.58
CA GLU K 56 24.14 9.53 -55.71
C GLU K 56 22.99 10.48 -56.11
N GLY K 57 21.82 10.34 -55.50
CA GLY K 57 20.70 11.28 -55.68
C GLY K 57 19.83 10.98 -56.89
N ASN K 58 20.03 9.84 -57.56
CA ASN K 58 19.11 9.33 -58.61
C ASN K 58 17.82 8.85 -57.92
N THR K 59 16.67 8.97 -58.58
CA THR K 59 15.33 8.68 -58.00
C THR K 59 15.17 7.16 -57.76
N ASN K 60 15.24 6.74 -56.50
CA ASN K 60 15.05 5.34 -56.05
C ASN K 60 13.57 4.94 -56.22
N ILE K 61 12.64 5.81 -55.85
CA ILE K 61 11.16 5.61 -55.99
C ILE K 61 10.56 6.92 -56.52
N SER K 62 9.65 6.85 -57.50
CA SER K 62 8.89 8.00 -58.07
C SER K 62 7.39 7.77 -57.86
N GLY K 63 6.58 8.82 -58.05
CA GLY K 63 5.15 8.85 -57.66
C GLY K 63 4.97 9.23 -56.19
N VAL K 64 6.05 9.67 -55.52
CA VAL K 64 6.02 10.24 -54.15
C VAL K 64 6.61 11.65 -54.18
N THR K 65 5.90 12.59 -53.56
CA THR K 65 6.36 13.97 -53.30
C THR K 65 6.24 14.24 -51.81
N VAL K 66 7.09 15.10 -51.29
CA VAL K 66 7.08 15.52 -49.86
C VAL K 66 7.11 17.05 -49.85
N VAL K 67 6.56 17.65 -48.80
CA VAL K 67 6.95 19.02 -48.36
C VAL K 67 7.57 18.91 -46.96
N PHE K 68 8.65 19.63 -46.75
CA PHE K 68 9.24 19.78 -45.40
C PHE K 68 9.02 21.22 -44.93
N ARG K 69 8.37 21.39 -43.77
CA ARG K 69 8.18 22.70 -43.08
C ARG K 69 8.77 22.61 -41.69
N ALA K 70 9.86 23.34 -41.38
CA ALA K 70 10.41 23.55 -40.01
C ALA K 70 9.40 24.38 -39.19
N GLY K 71 9.69 24.71 -37.93
CA GLY K 71 8.70 25.30 -37.01
C GLY K 71 8.69 26.82 -36.94
N GLU K 72 9.07 27.52 -38.01
CA GLU K 72 9.12 29.01 -38.05
C GLU K 72 7.73 29.56 -37.75
N GLN K 73 7.63 30.60 -36.91
CA GLN K 73 6.32 31.20 -36.50
C GLN K 73 5.54 31.66 -37.75
N GLU K 74 6.19 32.36 -38.69
CA GLU K 74 5.59 32.85 -39.97
C GLU K 74 5.94 31.83 -41.06
N GLN K 75 5.03 30.89 -41.31
CA GLN K 75 5.27 29.63 -42.06
C GLN K 75 4.16 29.49 -43.11
N THR K 76 4.49 29.14 -44.36
CA THR K 76 3.50 28.97 -45.47
C THR K 76 2.80 27.61 -45.32
N PRO K 77 1.49 27.51 -45.63
CA PRO K 77 0.80 26.22 -45.58
C PRO K 77 1.44 25.28 -46.59
N PRO K 78 1.38 23.94 -46.38
CA PRO K 78 2.00 22.98 -47.28
C PRO K 78 1.41 22.97 -48.72
N GLU K 79 2.23 22.77 -49.75
CA GLU K 79 1.82 22.73 -51.19
C GLU K 79 1.00 21.48 -51.50
N GLY K 80 -0.11 21.63 -52.24
CA GLY K 80 -0.93 20.48 -52.69
C GLY K 80 -1.77 19.94 -51.55
N PHE K 81 -1.74 20.61 -50.40
CA PHE K 81 -2.64 20.37 -49.25
C PHE K 81 -3.44 21.65 -49.05
N GLU K 82 -4.68 21.72 -49.56
CA GLU K 82 -5.74 22.65 -49.08
C GLU K 82 -6.82 21.78 -48.41
N SER K 83 -7.29 22.16 -47.22
CA SER K 83 -8.21 21.33 -46.42
C SER K 83 -7.47 20.21 -45.67
N SER K 84 -7.59 20.17 -44.33
CA SER K 84 -7.41 18.96 -43.49
C SER K 84 -8.52 17.97 -43.83
N GLY K 85 -8.23 16.68 -43.72
CA GLY K 85 -9.24 15.60 -43.74
C GLY K 85 -9.07 14.73 -42.53
N SER K 86 -9.89 13.68 -42.42
CA SER K 86 -9.65 12.51 -41.53
C SER K 86 -10.32 11.26 -42.13
N GLU K 87 -9.54 10.21 -42.33
CA GLU K 87 -10.00 9.01 -43.05
C GLU K 87 -10.42 7.93 -42.07
N THR K 88 -11.48 7.23 -42.40
CA THR K 88 -11.92 5.99 -41.72
C THR K 88 -11.94 4.87 -42.76
N VAL K 89 -11.11 3.86 -42.57
CA VAL K 89 -11.07 2.66 -43.44
C VAL K 89 -11.90 1.56 -42.77
N LEU K 90 -13.07 1.21 -43.32
CA LEU K 90 -14.02 0.23 -42.72
C LEU K 90 -14.58 -0.71 -43.80
N GLY K 91 -13.74 -1.15 -44.74
CA GLY K 91 -14.15 -1.88 -45.97
C GLY K 91 -15.02 -3.09 -45.68
N THR K 92 -16.36 -2.94 -45.79
CA THR K 92 -17.37 -4.01 -45.57
C THR K 92 -18.43 -3.97 -46.67
N GLU K 93 -19.01 -5.13 -47.00
CA GLU K 93 -20.01 -5.29 -48.08
C GLU K 93 -21.35 -4.71 -47.61
N VAL K 94 -22.23 -4.41 -48.58
CA VAL K 94 -23.65 -4.03 -48.37
C VAL K 94 -24.50 -5.06 -49.14
N LYS K 95 -25.45 -5.71 -48.46
CA LYS K 95 -26.42 -6.66 -49.08
C LYS K 95 -27.71 -5.88 -49.42
N TYR K 96 -28.80 -6.56 -49.76
CA TYR K 96 -30.07 -5.89 -50.17
C TYR K 96 -30.78 -5.34 -48.93
N ASP K 97 -30.89 -6.16 -47.88
CA ASP K 97 -31.84 -5.94 -46.75
C ASP K 97 -31.26 -4.90 -45.78
N THR K 98 -29.96 -5.02 -45.51
CA THR K 98 -29.24 -4.39 -44.37
C THR K 98 -28.39 -3.23 -44.90
N PRO K 99 -28.76 -1.96 -44.67
CA PRO K 99 -27.88 -0.83 -45.01
C PRO K 99 -26.67 -0.84 -44.05
N ILE K 100 -25.96 0.29 -43.85
CA ILE K 100 -24.80 0.38 -42.90
C ILE K 100 -25.04 1.45 -41.81
N THR K 101 -24.96 2.76 -42.09
CA THR K 101 -25.14 3.92 -41.12
C THR K 101 -23.93 4.11 -40.19
N ARG K 102 -23.41 5.34 -40.04
CA ARG K 102 -22.15 5.62 -39.30
C ARG K 102 -22.23 6.88 -38.44
N THR K 103 -23.33 7.63 -38.47
CA THR K 103 -23.60 8.80 -37.58
C THR K 103 -22.34 9.64 -37.35
N ILE K 104 -22.00 10.55 -38.26
CA ILE K 104 -20.61 11.08 -38.41
C ILE K 104 -20.26 12.06 -37.30
N THR K 105 -21.22 12.80 -36.76
CA THR K 105 -21.06 13.43 -35.41
C THR K 105 -19.63 13.98 -35.16
N SER K 106 -19.00 14.64 -36.13
CA SER K 106 -17.78 15.46 -35.86
C SER K 106 -18.27 16.77 -35.21
N ALA K 107 -17.44 17.81 -35.19
CA ALA K 107 -17.86 19.16 -34.74
C ALA K 107 -17.44 20.20 -35.76
N ASN K 108 -16.71 19.83 -36.80
CA ASN K 108 -16.06 20.83 -37.69
C ASN K 108 -16.11 20.42 -39.15
N ILE K 109 -16.79 19.33 -39.48
CA ILE K 109 -16.82 18.76 -40.86
C ILE K 109 -17.51 19.75 -41.80
N ASP K 110 -17.02 19.85 -43.03
CA ASP K 110 -17.63 20.67 -44.10
C ASP K 110 -18.12 19.78 -45.25
N ARG K 111 -17.46 18.67 -45.55
CA ARG K 111 -17.76 17.80 -46.72
C ARG K 111 -17.50 16.36 -46.33
N LEU K 112 -18.21 15.42 -46.92
CA LEU K 112 -18.03 13.97 -46.68
C LEU K 112 -17.61 13.33 -47.99
N ARG K 113 -16.46 12.65 -48.06
CA ARG K 113 -16.06 11.96 -49.32
C ARG K 113 -16.16 10.44 -49.15
N PHE K 114 -17.19 9.81 -49.72
CA PHE K 114 -17.36 8.32 -49.67
C PHE K 114 -16.42 7.68 -50.68
N THR K 115 -15.82 6.56 -50.29
CA THR K 115 -15.12 5.64 -51.21
C THR K 115 -15.77 4.25 -51.06
N PHE K 116 -16.58 3.90 -52.05
CA PHE K 116 -17.37 2.66 -52.20
C PHE K 116 -16.95 2.05 -53.53
N GLY K 117 -17.29 0.80 -53.72
CA GLY K 117 -17.04 0.16 -55.01
C GLY K 117 -17.58 -1.25 -55.02
N VAL K 118 -16.89 -2.11 -55.75
CA VAL K 118 -17.31 -3.52 -55.97
C VAL K 118 -16.06 -4.39 -55.92
N GLN K 119 -16.15 -5.48 -55.14
CA GLN K 119 -15.19 -6.59 -55.16
C GLN K 119 -15.00 -7.06 -56.60
N ALA K 120 -16.07 -7.33 -57.36
CA ALA K 120 -16.06 -7.72 -58.79
C ALA K 120 -17.46 -7.63 -59.40
N LEU K 121 -17.57 -7.31 -60.68
CA LEU K 121 -18.87 -7.00 -61.35
C LEU K 121 -19.13 -7.93 -62.55
N VAL K 122 -18.13 -8.69 -63.01
CA VAL K 122 -18.26 -9.48 -64.27
C VAL K 122 -19.45 -10.44 -64.13
N GLU K 123 -20.20 -10.64 -65.22
CA GLU K 123 -21.25 -11.69 -65.34
C GLU K 123 -20.93 -12.55 -66.56
N THR K 124 -20.92 -13.88 -66.37
CA THR K 124 -20.73 -14.91 -67.42
C THR K 124 -22.10 -15.41 -67.88
N THR K 125 -22.34 -15.40 -69.20
CA THR K 125 -23.63 -15.80 -69.84
C THR K 125 -23.70 -17.34 -69.84
N SER K 126 -24.69 -17.92 -70.53
CA SER K 126 -24.83 -19.39 -70.73
C SER K 126 -23.58 -19.90 -71.49
N LYS K 127 -23.15 -21.13 -71.19
CA LYS K 127 -21.89 -21.76 -71.69
C LYS K 127 -20.70 -20.88 -71.27
N GLY K 128 -20.29 -19.93 -72.12
CA GLY K 128 -19.09 -19.08 -71.93
C GLY K 128 -19.44 -17.60 -71.95
N ASP K 129 -18.49 -16.77 -72.37
CA ASP K 129 -18.63 -15.30 -72.52
C ASP K 129 -18.54 -14.61 -71.15
N ARG K 130 -18.06 -13.36 -71.12
CA ARG K 130 -18.03 -12.46 -69.93
C ARG K 130 -18.69 -11.13 -70.32
N ASN K 131 -19.19 -10.37 -69.34
CA ASN K 131 -19.97 -9.14 -69.62
C ASN K 131 -19.86 -8.16 -68.45
N PRO K 132 -19.97 -6.84 -68.76
CA PRO K 132 -20.40 -5.85 -67.77
C PRO K 132 -21.78 -6.17 -67.20
N SER K 133 -22.04 -5.88 -65.92
CA SER K 133 -23.28 -6.28 -65.21
C SER K 133 -24.09 -5.05 -64.77
N GLU K 134 -23.43 -4.07 -64.15
CA GLU K 134 -24.08 -2.82 -63.67
C GLU K 134 -24.77 -3.07 -62.32
N VAL K 135 -24.54 -2.19 -61.32
CA VAL K 135 -25.16 -2.21 -59.95
C VAL K 135 -25.52 -0.79 -59.51
N ARG K 136 -26.44 -0.70 -58.52
CA ARG K 136 -27.09 0.53 -58.02
C ARG K 136 -26.97 0.59 -56.48
N LEU K 137 -26.25 1.60 -55.92
CA LEU K 137 -26.13 1.88 -54.45
C LEU K 137 -26.65 3.30 -54.15
N LEU K 138 -26.98 3.55 -52.89
CA LEU K 138 -27.54 4.84 -52.42
C LEU K 138 -26.79 5.30 -51.16
N VAL K 139 -26.48 6.60 -51.08
CA VAL K 139 -25.99 7.27 -49.84
C VAL K 139 -27.04 8.29 -49.43
N GLN K 140 -27.48 8.22 -48.17
CA GLN K 140 -28.64 8.98 -47.65
C GLN K 140 -28.33 9.57 -46.27
N ILE K 141 -29.09 10.62 -45.92
CA ILE K 141 -28.97 11.45 -44.69
C ILE K 141 -30.28 11.28 -43.92
N GLN K 142 -30.20 11.02 -42.61
CA GLN K 142 -31.38 11.01 -41.71
C GLN K 142 -31.78 12.45 -41.36
N ARG K 143 -32.53 13.13 -42.24
CA ARG K 143 -33.04 14.50 -41.98
C ARG K 143 -34.48 14.42 -41.46
N ASN K 144 -34.71 15.00 -40.28
CA ASN K 144 -36.06 15.24 -39.70
C ASN K 144 -36.84 13.92 -39.68
N GLY K 145 -36.19 12.83 -39.27
CA GLY K 145 -36.78 11.49 -39.07
C GLY K 145 -36.64 10.61 -40.30
N GLY K 146 -36.79 11.20 -41.50
CA GLY K 146 -36.88 10.48 -42.79
C GLY K 146 -35.53 10.33 -43.47
N TRP K 147 -35.27 9.17 -44.05
CA TRP K 147 -34.00 8.84 -44.74
C TRP K 147 -33.99 9.39 -46.17
N VAL K 148 -33.72 10.68 -46.34
CA VAL K 148 -33.64 11.40 -47.65
C VAL K 148 -32.37 10.96 -48.41
N THR K 149 -32.52 10.46 -49.65
CA THR K 149 -31.41 10.05 -50.55
C THR K 149 -30.66 11.30 -51.02
N GLU K 150 -29.33 11.28 -50.89
CA GLU K 150 -28.43 12.40 -51.28
C GLU K 150 -27.83 12.07 -52.64
N LYS K 151 -27.25 10.88 -52.77
CA LYS K 151 -26.70 10.39 -54.07
C LYS K 151 -27.17 8.95 -54.30
N ASP K 152 -27.54 8.65 -55.54
CA ASP K 152 -27.83 7.30 -56.07
C ASP K 152 -26.78 7.02 -57.14
N ILE K 153 -25.91 6.05 -56.86
CA ILE K 153 -24.73 5.76 -57.71
C ILE K 153 -25.03 4.45 -58.47
N THR K 154 -24.71 4.39 -59.77
CA THR K 154 -24.75 3.16 -60.61
C THR K 154 -23.41 3.03 -61.36
N ILE K 155 -22.88 1.80 -61.45
CA ILE K 155 -21.56 1.51 -62.09
C ILE K 155 -21.70 0.27 -62.97
N LYS K 156 -21.27 0.32 -64.24
CA LYS K 156 -21.23 -0.85 -65.18
C LYS K 156 -19.83 -1.00 -65.78
N GLY K 157 -19.43 -2.24 -66.07
CA GLY K 157 -18.09 -2.61 -66.57
C GLY K 157 -17.69 -4.00 -66.12
N LYS K 158 -16.51 -4.48 -66.54
CA LYS K 158 -16.05 -5.88 -66.28
C LYS K 158 -15.51 -5.98 -64.84
N THR K 159 -14.36 -5.37 -64.58
CA THR K 159 -13.73 -5.30 -63.24
C THR K 159 -13.53 -6.73 -62.70
N THR K 160 -12.56 -7.42 -63.28
CA THR K 160 -12.15 -8.81 -62.91
C THR K 160 -11.81 -8.90 -61.40
N SER K 161 -11.21 -7.84 -60.84
CA SER K 161 -10.79 -7.73 -59.42
C SER K 161 -11.40 -6.46 -58.82
N GLN K 162 -10.87 -5.98 -57.69
CA GLN K 162 -11.47 -4.85 -56.93
C GLN K 162 -11.44 -3.57 -57.77
N TYR K 163 -12.37 -2.66 -57.48
CA TYR K 163 -12.48 -1.32 -58.08
C TYR K 163 -13.13 -0.37 -57.07
N LEU K 164 -12.52 0.78 -56.79
CA LEU K 164 -13.11 1.81 -55.90
C LEU K 164 -13.35 3.10 -56.69
N ALA K 165 -14.41 3.82 -56.37
CA ALA K 165 -14.60 5.21 -56.84
C ALA K 165 -15.16 6.05 -55.71
N SER K 166 -15.10 7.37 -55.88
CA SER K 166 -15.34 8.37 -54.82
C SER K 166 -16.52 9.27 -55.18
N VAL K 167 -17.19 9.77 -54.15
CA VAL K 167 -18.22 10.85 -54.25
C VAL K 167 -18.00 11.78 -53.04
N VAL K 168 -17.84 13.08 -53.27
CA VAL K 168 -17.82 14.12 -52.21
C VAL K 168 -19.19 14.82 -52.17
N MET K 169 -19.68 15.31 -51.03
CA MET K 169 -20.87 16.19 -50.97
C MET K 169 -20.74 17.19 -49.84
N GLY K 170 -21.43 18.36 -49.97
CA GLY K 170 -21.38 19.52 -49.05
C GLY K 170 -22.70 19.76 -48.32
N ASN K 171 -22.87 20.99 -47.80
CA ASN K 171 -24.04 21.53 -47.05
C ASN K 171 -24.75 20.45 -46.19
N LEU K 172 -23.99 19.67 -45.43
CA LEU K 172 -24.48 18.69 -44.43
C LEU K 172 -25.26 19.45 -43.35
N PRO K 173 -26.18 18.81 -42.57
CA PRO K 173 -26.78 19.46 -41.40
C PRO K 173 -25.81 19.76 -40.24
N PRO K 174 -26.29 20.32 -39.10
CA PRO K 174 -25.54 20.29 -37.83
C PRO K 174 -25.24 18.84 -37.38
N ARG K 175 -24.28 18.60 -36.48
CA ARG K 175 -23.58 17.28 -36.48
C ARG K 175 -23.79 16.43 -35.22
N PRO K 176 -24.96 16.33 -34.59
CA PRO K 176 -25.41 15.03 -34.12
C PRO K 176 -26.17 14.38 -35.29
N PHE K 177 -25.42 13.91 -36.27
CA PHE K 177 -25.79 13.64 -37.70
C PHE K 177 -26.37 12.25 -37.91
N ASN K 178 -26.55 11.84 -39.16
CA ASN K 178 -26.62 10.38 -39.44
C ASN K 178 -26.55 10.09 -40.95
N ILE K 179 -25.61 9.27 -41.40
CA ILE K 179 -25.48 8.92 -42.84
C ILE K 179 -25.48 7.41 -42.99
N ARG K 180 -25.96 6.94 -44.14
CA ARG K 180 -26.31 5.53 -44.43
C ARG K 180 -26.04 5.18 -45.89
N MET K 181 -25.48 3.99 -46.09
CA MET K 181 -25.22 3.36 -47.40
C MET K 181 -26.11 2.13 -47.55
N ARG K 182 -26.71 1.90 -48.72
CA ARG K 182 -27.61 0.74 -48.99
C ARG K 182 -27.49 0.30 -50.46
N ARG K 183 -27.87 -0.96 -50.72
CA ARG K 183 -27.76 -1.60 -52.05
C ARG K 183 -29.17 -1.86 -52.62
N MET K 184 -29.42 -1.49 -53.88
CA MET K 184 -30.74 -1.67 -54.54
C MET K 184 -30.74 -2.91 -55.45
N THR K 185 -29.58 -3.26 -56.03
CA THR K 185 -29.44 -4.46 -56.90
C THR K 185 -29.87 -5.69 -56.12
N PRO K 186 -30.87 -6.45 -56.62
CA PRO K 186 -31.55 -7.49 -55.83
C PRO K 186 -30.58 -8.38 -55.06
N ASP K 187 -29.64 -9.02 -55.75
CA ASP K 187 -28.60 -9.85 -55.12
C ASP K 187 -27.78 -10.57 -56.20
N SER K 188 -26.89 -11.46 -55.74
CA SER K 188 -26.10 -12.41 -56.56
C SER K 188 -26.39 -13.83 -56.03
N THR K 189 -27.57 -14.38 -56.35
CA THR K 189 -28.01 -15.75 -55.95
C THR K 189 -27.23 -16.80 -56.76
N THR K 190 -26.81 -16.45 -57.98
CA THR K 190 -26.10 -17.33 -58.95
C THR K 190 -24.59 -17.14 -58.79
N ASP K 191 -23.83 -18.24 -58.75
CA ASP K 191 -22.35 -18.26 -58.61
C ASP K 191 -21.70 -17.51 -59.79
N GLN K 192 -22.21 -17.69 -61.01
CA GLN K 192 -21.60 -17.21 -62.29
C GLN K 192 -21.77 -15.70 -62.47
N LEU K 193 -22.68 -15.06 -61.71
CA LEU K 193 -22.86 -13.59 -61.69
C LEU K 193 -22.52 -13.07 -60.29
N GLN K 194 -21.46 -12.25 -60.16
CA GLN K 194 -21.01 -11.64 -58.86
C GLN K 194 -21.04 -10.10 -58.97
N ASN K 195 -21.81 -9.46 -58.07
CA ASN K 195 -22.01 -7.99 -57.98
C ASN K 195 -21.98 -7.57 -56.52
N LYS K 196 -21.11 -8.18 -55.72
CA LYS K 196 -20.87 -7.76 -54.31
C LYS K 196 -20.29 -6.33 -54.32
N THR K 197 -21.00 -5.42 -53.64
CA THR K 197 -20.64 -3.99 -53.49
C THR K 197 -20.20 -3.74 -52.03
N LEU K 198 -19.17 -2.92 -51.84
CA LEU K 198 -18.56 -2.68 -50.50
C LEU K 198 -18.27 -1.20 -50.31
N TRP K 199 -18.24 -0.79 -49.04
CA TRP K 199 -17.94 0.59 -48.60
C TRP K 199 -16.53 0.61 -48.01
N SER K 200 -15.53 1.05 -48.80
CA SER K 200 -14.09 0.92 -48.47
C SER K 200 -13.74 1.86 -47.32
N SER K 201 -14.11 3.12 -47.43
CA SER K 201 -13.62 4.22 -46.55
C SER K 201 -14.46 5.47 -46.76
N TYR K 202 -14.46 6.40 -45.79
CA TYR K 202 -15.06 7.73 -45.98
C TYR K 202 -14.17 8.76 -45.33
N THR K 203 -14.09 9.94 -45.92
CA THR K 203 -13.29 11.08 -45.39
C THR K 203 -14.25 12.14 -44.89
N GLU K 204 -13.92 12.74 -43.74
CA GLU K 204 -14.52 14.01 -43.27
C GLU K 204 -13.51 15.09 -43.62
N ILE K 205 -13.92 16.15 -44.30
CA ILE K 205 -13.01 17.16 -44.85
C ILE K 205 -13.38 18.48 -44.22
N ILE K 206 -12.39 19.21 -43.70
CA ILE K 206 -12.57 20.54 -43.08
C ILE K 206 -11.83 21.52 -43.96
N ASP K 207 -12.54 22.13 -44.88
CA ASP K 207 -11.86 22.93 -45.92
C ASP K 207 -11.63 24.32 -45.32
N VAL K 208 -10.43 24.54 -44.79
CA VAL K 208 -10.10 25.82 -44.09
C VAL K 208 -8.71 26.31 -44.45
N LYS K 209 -7.80 25.39 -44.81
CA LYS K 209 -6.33 25.61 -44.98
C LYS K 209 -5.68 24.96 -43.76
N GLN K 210 -4.67 25.61 -43.13
CA GLN K 210 -3.96 25.18 -41.88
C GLN K 210 -2.43 25.24 -42.11
N CYS K 211 -1.74 26.15 -41.43
CA CYS K 211 -0.25 26.22 -41.47
C CYS K 211 0.24 26.17 -40.03
N TYR K 212 -0.13 25.12 -39.29
CA TYR K 212 0.34 24.82 -37.92
C TYR K 212 1.59 25.63 -37.60
N PRO K 213 1.44 26.85 -37.00
CA PRO K 213 2.49 27.86 -36.98
C PRO K 213 3.76 27.46 -36.25
N ASN K 214 3.71 26.48 -35.35
CA ASN K 214 4.97 26.11 -34.67
C ASN K 214 5.12 24.61 -34.61
N THR K 215 5.14 23.94 -35.74
CA THR K 215 5.43 22.50 -35.75
C THR K 215 6.39 22.22 -36.92
N ALA K 216 7.08 21.09 -36.87
CA ALA K 216 7.83 20.55 -38.01
C ALA K 216 6.95 19.50 -38.71
N LEU K 217 6.41 19.86 -39.88
CA LEU K 217 5.55 18.96 -40.70
C LEU K 217 6.40 18.29 -41.74
N VAL K 218 6.19 17.01 -41.91
CA VAL K 218 6.56 16.29 -43.16
C VAL K 218 5.25 15.91 -43.84
N GLY K 219 4.87 16.66 -44.88
CA GLY K 219 3.70 16.36 -45.73
C GLY K 219 4.09 15.42 -46.88
N VAL K 220 3.33 14.35 -47.09
CA VAL K 220 3.67 13.31 -48.10
C VAL K 220 2.44 13.08 -49.00
N GLN K 221 2.63 13.08 -50.33
CA GLN K 221 1.60 12.77 -51.35
C GLN K 221 2.09 11.63 -52.24
N VAL K 222 1.50 10.44 -52.09
CA VAL K 222 1.89 9.23 -52.87
C VAL K 222 0.75 8.80 -53.80
N ASP K 223 1.10 8.45 -55.04
CA ASP K 223 0.21 7.88 -56.07
C ASP K 223 0.10 6.37 -55.84
N SER K 224 -0.94 5.74 -56.39
CA SER K 224 -1.27 4.30 -56.17
C SER K 224 -0.50 3.45 -57.18
N GLU K 225 -0.50 3.87 -58.45
CA GLU K 225 0.05 3.11 -59.60
C GLU K 225 1.57 3.34 -59.72
N GLN K 226 2.27 3.70 -58.64
CA GLN K 226 3.75 3.83 -58.61
C GLN K 226 4.30 3.28 -57.30
N PHE K 227 3.68 2.25 -56.71
CA PHE K 227 3.95 1.84 -55.31
C PHE K 227 3.31 0.49 -54.96
N GLY K 228 3.63 -0.01 -53.75
CA GLY K 228 3.04 -1.18 -53.07
C GLY K 228 1.78 -0.83 -52.28
N SER K 229 0.77 -1.70 -52.37
CA SER K 229 -0.66 -1.43 -52.01
C SER K 229 -0.77 -1.02 -50.54
N GLN K 230 -0.41 -1.97 -49.67
CA GLN K 230 -0.53 -1.91 -48.19
C GLN K 230 0.01 -0.57 -47.68
N GLN K 231 0.32 -0.52 -46.39
CA GLN K 231 0.72 0.72 -45.68
C GLN K 231 1.93 1.37 -46.37
N VAL K 232 1.94 2.69 -46.43
CA VAL K 232 3.13 3.52 -46.75
C VAL K 232 3.80 3.98 -45.43
N SER K 233 4.64 3.12 -44.84
CA SER K 233 5.13 3.23 -43.44
C SER K 233 6.38 4.11 -43.36
N ARG K 234 6.18 5.42 -43.10
CA ARG K 234 7.20 6.50 -43.26
C ARG K 234 8.14 6.58 -42.06
N ASN K 235 9.29 7.23 -42.23
CA ASN K 235 10.34 7.44 -41.19
C ASN K 235 11.27 8.50 -41.72
N TYR K 236 11.76 9.43 -40.91
CA TYR K 236 12.67 10.52 -41.36
C TYR K 236 13.88 10.57 -40.42
N HIS K 237 15.08 10.52 -40.99
CA HIS K 237 16.38 10.70 -40.29
C HIS K 237 16.60 12.20 -40.11
N LEU K 238 15.77 12.86 -39.29
CA LEU K 238 15.75 14.34 -39.08
C LEU K 238 16.94 14.81 -38.28
N ARG K 239 16.99 16.10 -37.98
CA ARG K 239 18.18 16.72 -37.37
C ARG K 239 17.86 17.35 -36.02
N GLY K 240 16.65 17.92 -35.82
CA GLY K 240 16.06 18.25 -34.50
C GLY K 240 16.06 19.75 -34.23
N ARG K 241 15.75 20.16 -33.00
CA ARG K 241 15.54 21.59 -32.60
C ARG K 241 16.80 22.43 -32.81
N ILE K 242 16.62 23.62 -33.39
CA ILE K 242 17.59 24.76 -33.47
C ILE K 242 17.41 25.58 -32.18
N LEU K 243 18.31 25.39 -31.22
CA LEU K 243 18.25 26.01 -29.86
C LEU K 243 19.13 27.26 -29.85
N GLN K 244 19.33 27.86 -28.68
CA GLN K 244 20.17 29.07 -28.48
C GLN K 244 21.48 28.69 -27.80
N VAL K 245 22.57 28.45 -28.54
CA VAL K 245 23.91 28.19 -27.92
C VAL K 245 24.53 29.52 -27.50
N PRO K 246 25.56 29.51 -26.63
CA PRO K 246 26.33 30.72 -26.33
C PRO K 246 27.01 31.22 -27.62
N SER K 247 26.92 32.53 -27.94
CA SER K 247 27.71 33.16 -29.03
C SER K 247 29.19 32.94 -28.73
N ASN K 248 30.04 32.78 -29.76
CA ASN K 248 31.46 32.41 -29.60
C ASN K 248 31.60 30.88 -29.68
N TYR K 249 30.51 30.11 -29.64
CA TYR K 249 30.56 28.62 -29.69
C TYR K 249 30.18 28.11 -31.07
N ASN K 250 31.17 27.67 -31.86
CA ASN K 250 30.91 27.02 -33.16
C ASN K 250 30.45 25.58 -32.88
N PRO K 251 29.19 25.22 -33.22
CA PRO K 251 28.67 23.88 -32.96
C PRO K 251 29.38 22.79 -33.78
N GLN K 252 29.77 23.08 -35.02
CA GLN K 252 30.43 22.13 -35.97
C GLN K 252 31.76 21.63 -35.39
N THR K 253 32.63 22.56 -35.00
CA THR K 253 34.02 22.33 -34.54
C THR K 253 34.03 22.12 -33.02
N ARG K 254 32.88 22.29 -32.34
CA ARG K 254 32.75 22.09 -30.86
C ARG K 254 33.76 23.00 -30.14
N GLN K 255 33.85 24.26 -30.58
CA GLN K 255 34.93 25.21 -30.21
C GLN K 255 34.34 26.53 -29.70
N TYR K 256 34.79 26.95 -28.53
CA TYR K 256 34.59 28.30 -27.95
C TYR K 256 35.74 29.19 -28.42
N SER K 257 35.45 30.39 -28.94
CA SER K 257 36.48 31.37 -29.41
C SER K 257 37.27 31.91 -28.21
N GLY K 258 36.62 32.65 -27.29
CA GLY K 258 37.24 33.20 -26.07
C GLY K 258 36.26 33.32 -24.93
N ILE K 259 36.30 34.46 -24.22
CA ILE K 259 35.41 34.82 -23.07
C ILE K 259 33.96 34.93 -23.58
N TRP K 260 33.00 34.28 -22.92
CA TRP K 260 31.63 34.09 -23.46
C TRP K 260 30.75 35.32 -23.23
N ASP K 261 30.63 35.81 -21.98
CA ASP K 261 29.82 37.01 -21.60
C ASP K 261 28.41 36.96 -22.20
N GLY K 262 27.71 35.83 -22.04
CA GLY K 262 26.27 35.64 -22.34
C GLY K 262 25.96 35.74 -23.82
N THR K 263 24.84 36.39 -24.16
CA THR K 263 24.46 36.74 -25.54
C THR K 263 24.34 35.44 -26.34
N PHE K 264 23.23 34.73 -26.18
CA PHE K 264 22.93 33.52 -26.97
C PHE K 264 22.71 33.90 -28.44
N LYS K 265 22.99 32.99 -29.37
CA LYS K 265 22.63 33.11 -30.82
C LYS K 265 21.92 31.83 -31.25
N PRO K 266 21.16 31.82 -32.38
CA PRO K 266 20.50 30.61 -32.85
C PRO K 266 21.46 29.71 -33.62
N ALA K 267 21.33 28.39 -33.45
CA ALA K 267 22.12 27.37 -34.17
C ALA K 267 21.58 25.98 -33.84
N TYR K 268 22.04 24.97 -34.57
CA TYR K 268 21.75 23.56 -34.23
C TYR K 268 23.04 22.88 -33.72
N SER K 269 23.00 22.33 -32.49
CA SER K 269 24.22 21.84 -31.79
C SER K 269 24.11 20.39 -31.36
N ASN K 270 23.05 19.95 -30.68
CA ASN K 270 23.11 18.56 -30.14
C ASN K 270 23.86 18.48 -28.78
N ASN K 271 24.47 19.57 -28.28
CA ASN K 271 25.13 19.66 -26.94
C ASN K 271 24.14 19.35 -25.83
N MET K 272 24.46 18.42 -24.94
CA MET K 272 23.51 18.09 -23.86
C MET K 272 23.18 19.38 -23.09
N ALA K 273 24.18 20.22 -22.81
CA ALA K 273 24.02 21.38 -21.91
C ALA K 273 22.98 22.36 -22.46
N TRP K 274 23.09 22.67 -23.73
CA TRP K 274 22.20 23.68 -24.31
C TRP K 274 20.81 23.08 -24.51
N CYS K 275 20.69 21.77 -24.72
CA CYS K 275 19.35 21.13 -24.78
C CYS K 275 18.62 21.36 -23.46
N LEU K 276 19.21 20.97 -22.35
CA LEU K 276 18.60 21.21 -21.03
C LEU K 276 18.23 22.69 -20.92
N TRP K 277 19.12 23.61 -21.33
CA TRP K 277 18.87 25.07 -21.21
C TRP K 277 17.58 25.38 -21.94
N ASP K 278 17.54 24.96 -23.19
CA ASP K 278 16.37 25.13 -24.08
C ASP K 278 15.09 24.73 -23.34
N MET K 279 15.07 23.54 -22.73
CA MET K 279 13.92 22.94 -22.01
C MET K 279 13.57 23.79 -20.79
N LEU K 280 14.52 24.19 -19.93
CA LEU K 280 14.25 25.01 -18.70
C LEU K 280 13.55 26.33 -19.02
N THR K 281 13.85 26.94 -20.17
CA THR K 281 13.51 28.35 -20.47
C THR K 281 13.15 28.49 -21.95
N HIS K 282 12.22 27.68 -22.44
CA HIS K 282 11.58 27.96 -23.74
C HIS K 282 10.20 28.55 -23.49
N PRO K 283 9.91 29.76 -24.04
CA PRO K 283 8.61 30.40 -23.87
C PRO K 283 7.42 29.48 -24.11
N ARG K 284 7.40 28.69 -25.18
CA ARG K 284 6.18 27.98 -25.62
C ARG K 284 6.01 26.68 -24.85
N TYR K 285 6.93 25.72 -24.98
CA TYR K 285 6.67 24.32 -24.59
C TYR K 285 7.52 23.90 -23.39
N GLY K 286 8.50 24.73 -23.00
CA GLY K 286 9.35 24.51 -21.81
C GLY K 286 8.88 25.31 -20.61
N MET K 287 9.76 25.64 -19.68
CA MET K 287 9.40 26.28 -18.38
C MET K 287 9.67 27.79 -18.44
N GLY K 288 9.55 28.43 -19.61
CA GLY K 288 9.64 29.90 -19.78
C GLY K 288 8.54 30.63 -19.00
N LYS K 289 7.34 30.05 -18.89
CA LYS K 289 6.14 30.67 -18.24
C LYS K 289 6.37 30.79 -16.71
N ARG K 290 7.00 29.79 -16.13
CA ARG K 290 7.53 29.80 -14.73
C ARG K 290 9.00 30.20 -14.85
N LEU K 291 9.78 30.27 -13.77
CA LEU K 291 11.26 30.40 -13.86
C LEU K 291 11.69 31.55 -14.80
N GLY K 292 12.04 31.24 -16.05
CA GLY K 292 12.63 32.17 -17.04
C GLY K 292 14.15 32.24 -16.93
N ALA K 293 14.82 32.96 -17.84
CA ALA K 293 16.25 33.33 -17.74
C ALA K 293 16.42 34.26 -16.53
N ALA K 294 17.66 34.47 -16.08
CA ALA K 294 17.97 35.17 -14.82
C ALA K 294 17.74 34.22 -13.64
N ASP K 295 16.93 33.17 -13.84
CA ASP K 295 16.54 32.21 -12.77
C ASP K 295 17.23 30.88 -12.99
N VAL K 296 18.02 30.75 -14.06
CA VAL K 296 18.87 29.57 -14.32
C VAL K 296 20.32 30.07 -14.43
N ASP K 297 21.27 29.31 -13.90
CA ASP K 297 22.71 29.65 -13.88
C ASP K 297 23.30 29.32 -15.26
N LYS K 298 23.21 30.27 -16.17
CA LYS K 298 23.77 30.10 -17.54
C LYS K 298 25.27 29.90 -17.41
N TRP K 299 25.94 30.49 -16.41
CA TRP K 299 27.41 30.38 -16.21
C TRP K 299 27.82 28.94 -15.88
N ALA K 300 27.14 28.35 -14.89
CA ALA K 300 27.30 26.94 -14.45
C ALA K 300 27.11 26.03 -15.67
N LEU K 301 25.96 26.16 -16.33
CA LEU K 301 25.62 25.42 -17.56
C LEU K 301 26.76 25.55 -18.58
N TYR K 302 27.38 26.71 -18.71
CA TYR K 302 28.41 26.97 -19.75
C TYR K 302 29.63 26.13 -19.42
N VAL K 303 30.02 26.16 -18.16
CA VAL K 303 31.10 25.26 -17.68
C VAL K 303 30.75 23.82 -18.05
N ILE K 304 29.54 23.37 -17.69
CA ILE K 304 29.08 21.95 -17.82
C ILE K 304 29.20 21.60 -19.28
N GLY K 305 28.70 22.47 -20.15
CA GLY K 305 28.72 22.24 -21.61
C GLY K 305 30.15 22.01 -22.12
N GLN K 306 31.08 22.86 -21.67
CA GLN K 306 32.50 22.84 -22.07
C GLN K 306 33.08 21.48 -21.74
N TYR K 307 32.82 21.01 -20.51
CA TYR K 307 33.16 19.66 -19.99
C TYR K 307 32.63 18.56 -20.90
N CYS K 308 31.33 18.49 -21.16
CA CYS K 308 30.73 17.38 -21.92
C CYS K 308 31.00 17.54 -23.42
N ASP K 309 31.71 18.60 -23.83
CA ASP K 309 32.19 18.78 -25.24
C ASP K 309 33.62 18.25 -25.36
N GLN K 310 34.28 17.90 -24.25
CA GLN K 310 35.65 17.30 -24.20
C GLN K 310 35.72 16.12 -25.17
N SER K 311 36.89 15.88 -25.77
CA SER K 311 37.16 14.72 -26.65
C SER K 311 37.60 13.55 -25.78
N VAL K 312 36.93 12.41 -25.90
CA VAL K 312 37.23 11.16 -25.11
C VAL K 312 37.39 9.99 -26.07
N PRO K 313 38.23 8.96 -25.72
CA PRO K 313 38.35 7.73 -26.52
C PRO K 313 36.98 7.09 -26.81
N ASP K 314 36.73 6.74 -28.06
CA ASP K 314 35.41 6.30 -28.54
C ASP K 314 35.11 4.89 -28.03
N GLY K 315 36.06 3.95 -28.08
CA GLY K 315 35.82 2.52 -27.78
C GLY K 315 36.08 1.63 -28.99
N PHE K 316 36.01 2.18 -30.21
CA PHE K 316 36.40 1.51 -31.48
C PHE K 316 37.66 2.19 -32.02
N GLY K 317 38.47 2.82 -31.17
CA GLY K 317 39.80 3.37 -31.51
C GLY K 317 39.82 4.82 -32.00
N GLY K 318 38.67 5.46 -32.23
CA GLY K 318 38.54 6.90 -32.58
C GLY K 318 38.36 7.79 -31.35
N THR K 319 38.21 9.11 -31.55
CA THR K 319 37.82 10.09 -30.50
C THR K 319 36.35 10.45 -30.73
N GLU K 320 35.76 11.24 -29.82
CA GLU K 320 34.29 11.39 -29.70
C GLU K 320 34.03 12.49 -28.68
N PRO K 321 32.96 13.31 -28.83
CA PRO K 321 32.56 14.26 -27.78
C PRO K 321 31.99 13.51 -26.57
N ARG K 322 32.33 13.93 -25.34
CA ARG K 322 32.10 13.17 -24.07
C ARG K 322 30.64 12.81 -23.91
N ILE K 323 29.77 13.82 -23.85
CA ILE K 323 28.30 13.67 -23.81
C ILE K 323 27.71 14.55 -24.88
N THR K 324 26.64 14.07 -25.47
CA THR K 324 25.81 14.79 -26.47
C THR K 324 24.37 14.34 -26.29
N CYS K 325 23.39 15.11 -26.77
CA CYS K 325 21.98 14.74 -26.61
C CYS K 325 21.54 13.71 -27.66
N ASN K 326 20.65 14.02 -28.61
CA ASN K 326 20.03 13.01 -29.50
C ASN K 326 18.99 12.26 -28.67
N ALA K 327 18.02 12.99 -28.11
CA ALA K 327 16.73 12.44 -27.61
C ALA K 327 15.62 12.82 -28.57
N TYR K 328 14.48 12.12 -28.51
CA TYR K 328 13.20 12.55 -29.13
C TYR K 328 12.06 12.27 -28.17
N LEU K 329 11.95 13.16 -27.15
CA LEU K 329 11.03 13.12 -25.98
C LEU K 329 9.60 13.16 -26.48
N THR K 330 8.90 12.03 -26.42
CA THR K 330 7.64 11.83 -27.18
C THR K 330 6.52 11.45 -26.22
N THR K 331 6.64 11.80 -24.93
CA THR K 331 5.51 11.81 -23.95
C THR K 331 5.62 13.01 -22.99
N GLN K 332 4.46 13.40 -22.48
CA GLN K 332 4.31 14.27 -21.29
C GLN K 332 4.96 13.58 -20.08
N ARG K 333 6.12 14.05 -19.60
CA ARG K 333 6.76 13.58 -18.33
C ARG K 333 6.76 14.75 -17.36
N LYS K 334 6.90 14.50 -16.06
CA LYS K 334 6.89 15.61 -15.06
C LYS K 334 8.17 16.44 -15.22
N ALA K 335 8.06 17.77 -15.14
CA ALA K 335 9.16 18.70 -15.53
C ALA K 335 10.41 18.36 -14.75
N TRP K 336 10.28 18.11 -13.45
CA TRP K 336 11.42 17.83 -12.54
C TRP K 336 12.08 16.51 -12.91
N ASP K 337 11.30 15.47 -13.24
CA ASP K 337 11.84 14.12 -13.57
C ASP K 337 12.71 14.22 -14.82
N VAL K 338 12.23 14.94 -15.84
CA VAL K 338 12.95 15.22 -17.11
C VAL K 338 14.25 15.95 -16.80
N LEU K 339 14.18 17.00 -15.99
CA LEU K 339 15.31 17.89 -15.64
C LEU K 339 16.36 17.08 -14.91
N SER K 340 15.92 16.14 -14.09
CA SER K 340 16.82 15.26 -13.32
C SER K 340 17.55 14.28 -14.26
N ASP K 341 16.86 13.71 -15.25
CA ASP K 341 17.44 12.76 -16.25
C ASP K 341 18.51 13.46 -17.10
N PHE K 342 18.26 14.70 -17.53
CA PHE K 342 19.29 15.56 -18.16
C PHE K 342 20.48 15.65 -17.22
N CYS K 343 20.26 16.13 -16.01
CA CYS K 343 21.38 16.46 -15.09
C CYS K 343 21.89 15.16 -14.47
N SER K 344 21.39 13.98 -14.83
CA SER K 344 22.00 12.69 -14.38
C SER K 344 22.94 12.20 -15.48
N ALA K 345 22.48 12.25 -16.72
CA ALA K 345 23.22 11.77 -17.93
C ALA K 345 24.51 12.57 -18.07
N MET K 346 24.48 13.88 -17.88
CA MET K 346 25.71 14.65 -17.64
C MET K 346 25.92 14.64 -16.14
N ARG K 347 27.10 14.28 -15.65
CA ARG K 347 27.31 14.17 -14.18
C ARG K 347 27.18 15.57 -13.58
N CYS K 348 26.07 15.79 -12.86
CA CYS K 348 25.78 16.94 -11.95
C CYS K 348 24.60 16.56 -11.04
N MET K 349 24.13 17.48 -10.19
CA MET K 349 22.79 17.37 -9.58
C MET K 349 22.15 18.75 -9.58
N PRO K 350 20.83 18.82 -9.86
CA PRO K 350 20.12 20.10 -10.00
C PRO K 350 19.89 20.66 -8.60
N VAL K 351 20.26 21.92 -8.39
CA VAL K 351 20.08 22.57 -7.07
C VAL K 351 19.13 23.76 -7.20
N TRP K 352 17.89 23.60 -6.72
CA TRP K 352 16.95 24.71 -6.51
C TRP K 352 17.44 25.50 -5.30
N ASN K 353 18.28 26.48 -5.60
CA ASN K 353 18.83 27.45 -4.63
C ASN K 353 17.70 27.91 -3.69
N GLY K 354 16.49 28.02 -4.20
CA GLY K 354 15.39 28.75 -3.54
C GLY K 354 15.11 30.01 -4.32
N GLN K 355 16.17 30.60 -4.85
CA GLN K 355 16.09 31.88 -5.59
C GLN K 355 16.10 31.55 -7.08
N THR K 356 17.13 30.81 -7.48
CA THR K 356 17.42 30.40 -8.88
C THR K 356 17.51 28.88 -8.90
N LEU K 357 17.91 28.32 -10.04
CA LEU K 357 18.26 26.89 -10.23
C LEU K 357 19.66 26.83 -10.84
N THR K 358 20.60 26.09 -10.24
CA THR K 358 21.97 25.89 -10.79
C THR K 358 22.24 24.40 -10.93
N PHE K 359 23.44 24.04 -11.38
CA PHE K 359 23.94 22.64 -11.47
C PHE K 359 25.28 22.53 -10.77
N VAL K 360 25.32 21.71 -9.73
CA VAL K 360 26.59 21.40 -9.02
C VAL K 360 27.10 20.10 -9.63
N GLN K 361 28.23 20.21 -10.31
CA GLN K 361 28.82 19.12 -11.09
C GLN K 361 29.55 18.21 -10.13
N ASP K 362 29.34 16.88 -10.24
CA ASP K 362 29.89 15.84 -9.32
C ASP K 362 31.40 15.66 -9.54
N ARG K 363 32.20 16.55 -8.96
CA ARG K 363 33.65 16.65 -9.20
C ARG K 363 34.35 16.92 -7.88
N PRO K 364 35.68 16.73 -7.79
CA PRO K 364 36.47 17.27 -6.68
C PRO K 364 36.31 18.79 -6.72
N SER K 365 35.51 19.33 -5.79
CA SER K 365 35.33 20.78 -5.61
C SER K 365 36.17 21.23 -4.40
N ASP K 366 36.77 22.42 -4.47
CA ASP K 366 37.38 23.11 -3.29
C ASP K 366 36.23 23.66 -2.44
N LYS K 367 36.52 24.53 -1.45
CA LYS K 367 35.51 25.14 -0.54
C LYS K 367 34.74 24.00 0.16
N THR K 368 35.44 23.26 1.01
CA THR K 368 34.89 22.15 1.85
C THR K 368 34.60 22.71 3.25
N TRP K 369 33.32 22.79 3.65
CA TRP K 369 32.88 23.15 5.03
C TRP K 369 33.35 22.06 5.99
N THR K 370 33.45 22.39 7.28
CA THR K 370 33.97 21.48 8.34
C THR K 370 32.95 21.42 9.47
N TYR K 371 32.70 20.23 10.00
CA TYR K 371 31.75 19.95 11.11
C TYR K 371 32.40 18.97 12.10
N ASN K 372 32.39 19.32 13.38
CA ASN K 372 32.94 18.45 14.47
C ASN K 372 31.94 18.47 15.62
N ARG K 373 32.35 17.98 16.79
CA ARG K 373 31.48 17.81 17.99
C ARG K 373 30.91 19.19 18.39
N SER K 374 31.71 20.25 18.28
CA SER K 374 31.46 21.61 18.85
C SER K 374 30.56 22.46 17.93
N ASN K 375 29.95 21.86 16.92
CA ASN K 375 29.40 22.63 15.77
C ASN K 375 27.94 22.23 15.53
N VAL K 376 27.66 20.92 15.50
CA VAL K 376 26.32 20.30 15.28
C VAL K 376 25.62 20.17 16.63
N VAL K 377 24.29 20.17 16.66
CA VAL K 377 23.50 20.08 17.93
C VAL K 377 23.83 18.74 18.60
N MET K 378 23.88 18.73 19.93
CA MET K 378 24.08 17.51 20.75
C MET K 378 22.74 17.14 21.37
N PRO K 379 22.06 16.04 20.94
CA PRO K 379 20.77 15.66 21.54
C PRO K 379 21.01 15.10 22.95
N ASP K 380 19.96 14.67 23.64
CA ASP K 380 20.02 14.15 25.03
C ASP K 380 20.96 12.94 25.07
N ASP K 381 20.71 11.94 24.20
CA ASP K 381 21.64 10.81 23.93
C ASP K 381 22.84 11.36 23.15
N GLY K 382 24.06 10.98 23.54
CA GLY K 382 25.30 11.60 23.05
C GLY K 382 25.67 11.17 21.64
N ALA K 383 24.78 11.40 20.67
CA ALA K 383 24.92 10.99 19.26
C ALA K 383 24.80 12.20 18.35
N PRO K 384 25.88 12.99 18.13
CA PRO K 384 25.80 14.15 17.22
C PRO K 384 25.46 13.68 15.79
N PHE K 385 26.22 12.73 15.24
CA PHE K 385 26.09 12.20 13.86
C PHE K 385 25.57 10.77 13.86
N ARG K 386 24.50 10.48 13.11
CA ARG K 386 24.03 9.10 12.82
C ARG K 386 24.42 8.70 11.40
N TYR K 387 25.18 7.61 11.22
CA TYR K 387 25.49 6.97 9.90
C TYR K 387 24.53 5.81 9.67
N SER K 388 24.38 5.45 8.40
CA SER K 388 23.51 4.36 7.89
C SER K 388 24.04 3.95 6.52
N PHE K 389 24.16 2.65 6.27
CA PHE K 389 24.91 2.09 5.12
C PHE K 389 23.90 1.51 4.13
N SER K 390 24.17 1.62 2.82
CA SER K 390 23.38 0.95 1.76
C SER K 390 23.53 -0.57 1.94
N ALA K 391 22.50 -1.35 1.60
CA ALA K 391 22.49 -2.83 1.78
C ALA K 391 23.43 -3.46 0.75
N LEU K 392 24.07 -4.60 1.06
CA LEU K 392 24.96 -5.26 0.07
C LEU K 392 24.14 -5.61 -1.19
N LYS K 393 22.94 -6.14 -1.04
CA LYS K 393 22.07 -6.48 -2.17
C LYS K 393 21.70 -5.22 -2.99
N ASP K 394 22.10 -4.02 -2.57
CA ASP K 394 21.82 -2.75 -3.32
C ASP K 394 23.09 -2.18 -3.96
N ARG K 395 24.27 -2.63 -3.57
CA ARG K 395 25.56 -2.29 -4.24
C ARG K 395 25.68 -3.16 -5.49
N HIS K 396 25.78 -2.57 -6.68
CA HIS K 396 25.82 -3.31 -7.97
C HIS K 396 27.21 -3.22 -8.56
N ASN K 397 27.58 -4.27 -9.29
CA ASN K 397 28.91 -4.41 -9.93
C ASN K 397 28.69 -4.80 -11.40
N ALA K 398 27.45 -4.78 -11.90
CA ALA K 398 27.12 -5.00 -13.33
C ALA K 398 25.87 -4.20 -13.67
N VAL K 399 25.83 -3.60 -14.84
CA VAL K 399 24.65 -2.83 -15.24
C VAL K 399 24.41 -3.06 -16.73
N GLU K 400 23.15 -3.08 -17.12
CA GLU K 400 22.73 -3.08 -18.54
C GLU K 400 22.28 -1.65 -18.88
N VAL K 401 23.08 -0.90 -19.62
CA VAL K 401 22.72 0.46 -20.07
C VAL K 401 21.98 0.39 -21.40
N ASN K 402 20.77 0.94 -21.53
CA ASN K 402 19.98 1.02 -22.79
C ASN K 402 20.19 2.36 -23.49
N TRP K 403 20.50 2.29 -24.77
CA TRP K 403 20.77 3.43 -25.67
C TRP K 403 20.12 3.14 -27.03
N ILE K 404 20.09 4.07 -27.97
CA ILE K 404 19.40 3.84 -29.27
C ILE K 404 20.49 3.82 -30.34
N ASP K 405 20.80 2.65 -30.86
CA ASP K 405 21.91 2.44 -31.82
C ASP K 405 21.40 2.81 -33.22
N PRO K 406 21.99 3.84 -33.88
CA PRO K 406 21.61 4.15 -35.26
C PRO K 406 22.12 3.10 -36.25
N ASN K 407 23.22 2.44 -35.92
CA ASN K 407 24.01 1.64 -36.89
C ASN K 407 23.30 0.33 -37.18
N ASN K 408 22.54 -0.21 -36.24
CA ASN K 408 21.75 -1.44 -36.51
C ASN K 408 20.28 -1.06 -36.72
N GLY K 409 20.00 0.15 -37.23
CA GLY K 409 18.63 0.68 -37.36
C GLY K 409 18.16 1.19 -36.01
N TRP K 410 17.57 2.38 -35.94
CA TRP K 410 17.50 3.14 -34.67
C TRP K 410 16.59 2.42 -33.69
N GLU K 411 17.04 1.31 -33.11
CA GLU K 411 16.25 0.59 -32.08
C GLU K 411 17.10 0.55 -30.81
N THR K 412 16.42 0.40 -29.67
CA THR K 412 17.04 0.16 -28.34
C THR K 412 18.15 -0.90 -28.47
N ALA K 413 19.24 -0.72 -27.75
CA ALA K 413 20.34 -1.70 -27.61
C ALA K 413 20.86 -1.60 -26.19
N THR K 414 21.53 -2.63 -25.71
CA THR K 414 22.00 -2.73 -24.32
C THR K 414 23.49 -2.97 -24.38
N GLU K 415 24.28 -2.14 -23.74
CA GLU K 415 25.68 -2.49 -23.47
C GLU K 415 25.80 -2.82 -21.97
N LEU K 416 26.29 -4.00 -21.68
CA LEU K 416 26.54 -4.49 -20.32
C LEU K 416 27.93 -4.00 -19.88
N VAL K 417 28.06 -3.39 -18.71
CA VAL K 417 29.36 -2.92 -18.18
C VAL K 417 29.56 -3.59 -16.84
N GLU K 418 30.66 -4.29 -16.59
CA GLU K 418 30.87 -4.89 -15.25
C GLU K 418 32.26 -4.59 -14.72
N ASP K 419 32.39 -4.76 -13.42
CA ASP K 419 33.63 -4.56 -12.63
C ASP K 419 34.10 -5.94 -12.19
N THR K 420 35.04 -6.51 -12.92
CA THR K 420 35.40 -7.93 -12.78
C THR K 420 35.94 -8.16 -11.36
N GLN K 421 36.85 -7.30 -10.86
CA GLN K 421 37.54 -7.51 -9.53
C GLN K 421 36.47 -7.57 -8.45
N ALA K 422 35.47 -6.70 -8.55
CA ALA K 422 34.33 -6.67 -7.62
C ALA K 422 33.49 -7.95 -7.77
N ILE K 423 33.14 -8.36 -8.99
CA ILE K 423 32.35 -9.61 -9.19
C ILE K 423 33.11 -10.78 -8.57
N ALA K 424 34.43 -10.78 -8.72
CA ALA K 424 35.33 -11.88 -8.32
C ALA K 424 35.04 -12.26 -6.86
N ARG K 425 34.87 -11.26 -5.97
CA ARG K 425 34.79 -11.52 -4.53
C ARG K 425 33.39 -11.22 -3.97
N TYR K 426 32.69 -10.19 -4.39
CA TYR K 426 31.40 -9.87 -3.75
C TYR K 426 30.26 -10.43 -4.57
N GLY K 427 30.34 -11.67 -5.07
CA GLY K 427 29.24 -12.25 -5.86
C GLY K 427 29.07 -11.50 -7.19
N ARG K 428 27.85 -11.24 -7.66
CA ARG K 428 27.64 -10.57 -8.96
C ARG K 428 26.21 -10.06 -9.07
N ASN K 429 26.01 -8.77 -8.79
CA ASN K 429 24.69 -8.05 -8.82
C ASN K 429 24.54 -7.23 -10.11
N VAL K 430 23.50 -7.48 -10.88
CA VAL K 430 23.31 -6.71 -12.13
C VAL K 430 22.09 -5.82 -11.93
N THR K 431 22.06 -4.62 -12.53
CA THR K 431 20.83 -3.77 -12.62
C THR K 431 20.59 -3.28 -14.06
N LYS K 432 19.57 -2.45 -14.26
CA LYS K 432 19.36 -1.79 -15.56
C LYS K 432 19.51 -0.29 -15.36
N MET K 433 19.47 0.45 -16.47
CA MET K 433 19.54 1.93 -16.54
C MET K 433 19.22 2.31 -17.98
N ASP K 434 18.73 3.52 -18.23
CA ASP K 434 18.72 4.11 -19.59
C ASP K 434 19.56 5.39 -19.55
N ALA K 435 20.70 5.44 -20.25
CA ALA K 435 21.41 6.73 -20.48
C ALA K 435 20.46 7.64 -21.27
N PHE K 436 20.41 8.93 -20.98
CA PHE K 436 19.24 9.74 -21.41
C PHE K 436 19.33 10.06 -22.90
N GLY K 437 20.36 10.79 -23.33
CA GLY K 437 20.49 11.21 -24.74
C GLY K 437 21.51 10.35 -25.48
N CYS K 438 21.49 9.03 -25.28
CA CYS K 438 22.62 8.18 -25.71
C CYS K 438 22.30 7.55 -27.04
N THR K 439 23.19 7.73 -28.03
CA THR K 439 23.19 7.01 -29.33
C THR K 439 24.61 6.56 -29.70
N SER K 440 25.52 6.47 -28.73
CA SER K 440 26.92 6.01 -28.91
C SER K 440 27.22 4.92 -27.88
N ARG K 441 27.78 3.78 -28.27
CA ARG K 441 28.34 2.83 -27.29
C ARG K 441 29.26 3.54 -26.28
N GLY K 442 30.17 4.43 -26.71
CA GLY K 442 31.11 5.11 -25.79
C GLY K 442 30.37 5.74 -24.64
N GLN K 443 29.30 6.43 -24.97
CA GLN K 443 28.51 7.26 -24.03
C GLN K 443 27.77 6.29 -23.12
N ALA K 444 27.25 5.18 -23.64
CA ALA K 444 26.57 4.13 -22.83
C ALA K 444 27.56 3.60 -21.80
N HIS K 445 28.74 3.18 -22.24
CA HIS K 445 29.80 2.52 -21.42
C HIS K 445 30.23 3.47 -20.32
N ARG K 446 30.44 4.74 -20.63
CA ARG K 446 30.86 5.71 -19.62
C ARG K 446 29.74 5.93 -18.59
N ALA K 447 28.48 6.12 -18.99
CA ALA K 447 27.34 6.38 -18.07
C ALA K 447 27.13 5.17 -17.16
N GLY K 448 27.26 3.96 -17.74
CA GLY K 448 27.25 2.63 -17.05
C GLY K 448 28.31 2.53 -15.95
N LEU K 449 29.57 2.71 -16.32
CA LEU K 449 30.73 2.67 -15.40
C LEU K 449 30.56 3.66 -14.24
N TRP K 450 30.01 4.86 -14.51
CA TRP K 450 29.79 5.93 -13.52
C TRP K 450 28.82 5.44 -12.45
N LEU K 451 27.67 4.89 -12.87
CA LEU K 451 26.66 4.37 -11.93
C LEU K 451 27.27 3.26 -11.06
N ILE K 452 28.04 2.36 -11.66
CA ILE K 452 28.67 1.21 -10.93
C ILE K 452 29.66 1.74 -9.88
N LYS K 453 30.59 2.64 -10.25
CA LYS K 453 31.67 3.11 -9.35
C LYS K 453 31.08 3.89 -8.17
N THR K 454 30.04 4.70 -8.41
CA THR K 454 29.29 5.42 -7.33
C THR K 454 28.73 4.40 -6.33
N GLU K 455 28.09 3.33 -6.78
CA GLU K 455 27.42 2.36 -5.88
C GLU K 455 28.45 1.50 -5.13
N LEU K 456 29.69 1.37 -5.64
CA LEU K 456 30.76 0.55 -5.00
C LEU K 456 31.54 1.40 -3.97
N LEU K 457 31.72 2.70 -4.20
CA LEU K 457 32.61 3.55 -3.36
C LEU K 457 31.83 4.43 -2.39
N GLU K 458 30.65 4.95 -2.75
CA GLU K 458 29.79 5.77 -1.84
C GLU K 458 28.75 4.87 -1.14
N THR K 459 28.87 4.69 0.17
CA THR K 459 28.13 3.65 0.94
C THR K 459 27.34 4.28 2.11
N GLN K 460 27.95 5.19 2.86
CA GLN K 460 27.46 5.68 4.17
C GLN K 460 26.96 7.12 4.04
N THR K 461 25.75 7.38 4.54
CA THR K 461 25.11 8.71 4.68
C THR K 461 25.13 9.10 6.16
N VAL K 462 25.17 10.38 6.46
CA VAL K 462 25.21 10.90 7.86
C VAL K 462 24.14 12.00 7.99
N ASP K 463 23.30 11.88 9.02
CA ASP K 463 22.22 12.85 9.39
C ASP K 463 22.65 13.54 10.67
N PHE K 464 22.88 14.87 10.64
CA PHE K 464 23.60 15.59 11.72
C PHE K 464 23.01 16.99 11.94
N SER K 465 21.69 17.07 12.14
CA SER K 465 20.97 18.36 12.31
C SER K 465 21.88 19.42 12.98
N VAL K 466 22.09 20.56 12.32
CA VAL K 466 22.96 21.69 12.77
C VAL K 466 22.07 22.89 13.13
N GLY K 467 22.68 23.98 13.59
CA GLY K 467 22.02 25.17 14.18
C GLY K 467 21.64 26.20 13.12
N ALA K 468 21.89 27.50 13.37
CA ALA K 468 21.40 28.65 12.58
C ALA K 468 22.29 28.94 11.35
N GLU K 469 23.47 28.31 11.25
CA GLU K 469 24.33 28.34 10.03
C GLU K 469 23.66 27.52 8.91
N GLY K 470 22.45 27.01 9.13
CA GLY K 470 21.75 26.09 8.22
C GLY K 470 21.10 26.81 7.04
N LEU K 471 21.06 28.16 7.05
CA LEU K 471 20.71 28.95 5.84
C LEU K 471 21.97 29.29 5.02
N ARG K 472 23.16 28.91 5.50
CA ARG K 472 24.40 28.98 4.70
C ARG K 472 24.44 27.87 3.65
N HIS K 473 23.85 26.70 3.84
CA HIS K 473 23.95 25.55 2.88
C HIS K 473 22.81 25.46 1.87
N VAL K 474 23.06 24.79 0.73
CA VAL K 474 22.08 24.28 -0.27
C VAL K 474 22.57 22.94 -0.78
N PRO K 475 21.70 22.00 -1.18
CA PRO K 475 22.14 20.71 -1.71
C PRO K 475 23.41 20.87 -2.58
N GLY K 476 24.30 19.88 -2.56
CA GLY K 476 25.47 19.82 -3.46
C GLY K 476 26.72 20.21 -2.71
N ASP K 477 26.58 21.05 -1.68
CA ASP K 477 27.69 21.52 -0.81
C ASP K 477 28.48 20.34 -0.25
N VAL K 478 29.81 20.48 -0.25
CA VAL K 478 30.78 19.43 0.18
C VAL K 478 31.21 19.73 1.62
N ILE K 479 31.11 18.75 2.52
CA ILE K 479 31.41 18.90 3.99
C ILE K 479 32.41 17.83 4.45
N GLU K 480 33.12 18.08 5.54
CA GLU K 480 34.10 17.13 6.16
C GLU K 480 33.66 16.88 7.60
N ILE K 481 33.30 15.64 7.93
CA ILE K 481 32.77 15.24 9.27
C ILE K 481 33.95 14.72 10.10
N CYS K 482 34.57 15.59 10.90
CA CYS K 482 35.68 15.28 11.84
C CYS K 482 35.12 14.80 13.18
N ASP K 483 34.64 13.55 13.20
CA ASP K 483 33.97 12.93 14.38
C ASP K 483 35.04 12.57 15.42
N ASP K 484 34.80 12.95 16.69
CA ASP K 484 35.68 12.69 17.85
C ASP K 484 35.61 11.21 18.23
N ASP K 485 34.52 10.51 17.85
CA ASP K 485 34.34 9.04 17.98
C ASP K 485 35.43 8.30 17.18
N TYR K 486 35.79 8.81 15.99
CA TYR K 486 36.76 8.20 15.03
C TYR K 486 38.20 8.67 15.32
N ALA K 487 38.38 9.60 16.27
CA ALA K 487 39.69 10.21 16.63
C ALA K 487 40.12 9.74 18.02
N GLY K 488 39.35 10.08 19.06
CA GLY K 488 39.68 9.82 20.47
C GLY K 488 40.65 10.86 21.03
N ILE K 489 41.11 11.81 20.20
CA ILE K 489 42.08 12.90 20.53
C ILE K 489 41.40 14.27 20.39
N SER K 490 40.27 14.36 19.68
CA SER K 490 39.44 15.58 19.50
C SER K 490 40.30 16.75 18.99
N THR K 491 40.71 16.70 17.72
CA THR K 491 41.66 17.66 17.11
C THR K 491 40.93 18.89 16.52
N GLY K 492 39.73 19.23 17.00
CA GLY K 492 38.93 20.37 16.50
C GLY K 492 37.97 20.92 17.54
N GLY K 493 37.65 22.21 17.45
CA GLY K 493 36.75 22.92 18.40
C GLY K 493 36.50 24.36 17.98
N ARG K 494 36.58 25.30 18.92
CA ARG K 494 36.37 26.76 18.68
C ARG K 494 37.65 27.52 19.04
N VAL K 495 37.87 28.69 18.42
CA VAL K 495 39.07 29.56 18.62
C VAL K 495 38.81 30.51 19.80
N LEU K 496 39.73 30.58 20.77
CA LEU K 496 39.59 31.42 21.99
C LEU K 496 40.13 32.85 21.74
N ALA K 497 41.29 32.99 21.09
CA ALA K 497 41.90 34.31 20.77
C ALA K 497 42.83 34.18 19.55
N VAL K 498 42.96 35.26 18.77
CA VAL K 498 43.83 35.34 17.56
C VAL K 498 44.77 36.54 17.70
N ASN K 499 46.08 36.30 17.57
CA ASN K 499 47.15 37.35 17.59
C ASN K 499 47.66 37.51 16.15
N SER K 500 47.36 38.64 15.49
CA SER K 500 47.68 38.93 14.06
C SER K 500 49.18 39.06 13.85
N GLN K 501 49.81 40.09 14.44
CA GLN K 501 51.28 40.28 14.49
C GLN K 501 51.90 39.11 15.29
N THR K 502 53.01 38.54 14.80
CA THR K 502 53.62 37.28 15.30
C THR K 502 52.52 36.20 15.31
N ARG K 503 51.89 35.99 14.15
CA ARG K 503 50.68 35.14 13.92
C ARG K 503 50.70 33.92 14.85
N THR K 504 49.68 33.82 15.72
CA THR K 504 49.51 32.75 16.75
C THR K 504 48.02 32.62 17.07
N LEU K 505 47.55 31.38 17.27
CA LEU K 505 46.15 31.05 17.64
C LEU K 505 46.14 30.44 19.05
N THR K 506 45.31 30.99 19.94
CA THR K 506 45.00 30.44 21.28
C THR K 506 43.70 29.64 21.16
N LEU K 507 43.79 28.30 21.23
CA LEU K 507 42.67 27.32 21.09
C LEU K 507 42.25 26.79 22.47
N ASP K 508 41.25 25.90 22.46
CA ASP K 508 40.92 24.97 23.57
C ASP K 508 41.67 23.66 23.31
N ARG K 509 41.53 22.66 24.19
CA ARG K 509 42.13 21.31 24.00
C ARG K 509 43.65 21.44 23.80
N GLU K 510 44.26 20.42 23.21
CA GLU K 510 45.73 20.30 23.02
C GLU K 510 46.03 19.93 21.57
N ILE K 511 47.14 20.42 21.05
CA ILE K 511 47.64 20.09 19.68
C ILE K 511 49.06 19.54 19.84
N THR K 512 49.29 18.33 19.33
CA THR K 512 50.62 17.66 19.26
C THR K 512 50.98 17.51 17.77
N LEU K 513 51.92 18.33 17.28
CA LEU K 513 52.38 18.37 15.87
C LEU K 513 52.89 16.98 15.47
N PRO K 514 52.63 16.53 14.22
CA PRO K 514 53.19 15.26 13.75
C PRO K 514 54.73 15.37 13.67
N SER K 515 55.44 14.29 14.00
CA SER K 515 56.92 14.23 14.04
C SER K 515 57.52 14.48 12.64
N SER K 516 56.93 13.88 11.61
CA SER K 516 57.29 14.08 10.17
C SER K 516 56.06 14.51 9.37
N GLY K 517 56.28 15.31 8.30
CA GLY K 517 55.21 15.94 7.49
C GLY K 517 54.68 17.20 8.14
N THR K 518 54.03 18.07 7.37
CA THR K 518 53.39 19.32 7.88
C THR K 518 51.86 19.15 7.86
N ALA K 519 51.22 19.32 9.01
CA ALA K 519 49.75 19.28 9.19
C ALA K 519 49.15 20.61 8.71
N LEU K 520 47.83 20.65 8.54
CA LEU K 520 47.08 21.88 8.17
C LEU K 520 46.09 22.21 9.30
N ILE K 521 45.71 23.49 9.40
CA ILE K 521 44.60 23.97 10.27
C ILE K 521 43.56 24.67 9.37
N SER K 522 42.30 24.23 9.45
CA SER K 522 41.15 24.74 8.66
C SER K 522 40.29 25.67 9.54
N LEU K 523 40.08 26.91 9.08
CA LEU K 523 39.42 28.00 9.85
C LEU K 523 38.17 28.48 9.09
N VAL K 524 37.50 29.50 9.62
CA VAL K 524 36.48 30.32 8.90
C VAL K 524 37.05 31.74 8.74
N ASP K 525 37.13 32.21 7.49
CA ASP K 525 37.78 33.48 7.08
C ASP K 525 36.89 34.67 7.48
N GLY K 526 37.32 35.89 7.16
CA GLY K 526 36.54 37.12 7.37
C GLY K 526 35.31 37.17 6.49
N SER K 527 35.36 36.48 5.32
CA SER K 527 34.27 36.39 4.32
C SER K 527 33.33 35.21 4.64
N GLY K 528 33.48 34.58 5.81
CA GLY K 528 32.71 33.40 6.25
C GLY K 528 32.94 32.19 5.36
N ASN K 529 34.18 31.97 4.91
CA ASN K 529 34.56 30.92 3.91
C ASN K 529 35.56 29.94 4.52
N PRO K 530 35.56 28.66 4.08
CA PRO K 530 36.49 27.67 4.62
C PRO K 530 37.88 27.75 3.94
N VAL K 531 38.75 28.63 4.43
CA VAL K 531 40.19 28.72 4.05
C VAL K 531 40.99 27.84 5.01
N SER K 532 42.15 27.34 4.57
CA SER K 532 43.05 26.47 5.37
C SER K 532 44.50 26.92 5.18
N VAL K 533 45.31 26.81 6.23
CA VAL K 533 46.71 27.31 6.29
C VAL K 533 47.56 26.25 7.00
N GLU K 534 48.88 26.47 7.12
CA GLU K 534 49.84 25.51 7.71
C GLU K 534 50.08 25.82 9.19
N VAL K 535 50.68 24.86 9.91
CA VAL K 535 51.13 24.99 11.32
C VAL K 535 52.64 24.71 11.35
N GLN K 536 53.40 25.44 12.19
CA GLN K 536 54.89 25.39 12.25
C GLN K 536 55.34 24.88 13.63
N SER K 537 55.00 25.60 14.70
CA SER K 537 55.45 25.32 16.10
C SER K 537 54.29 25.54 17.08
N VAL K 538 54.35 24.88 18.25
CA VAL K 538 53.33 24.97 19.33
C VAL K 538 54.02 25.35 20.64
N THR K 539 53.66 26.50 21.22
CA THR K 539 54.04 26.95 22.60
C THR K 539 53.03 26.37 23.59
N ASP K 540 53.53 25.73 24.65
CA ASP K 540 52.66 25.01 25.63
C ASP K 540 51.97 23.87 24.85
N GLY K 541 50.63 23.83 24.84
CA GLY K 541 49.82 22.94 23.99
C GLY K 541 48.58 23.62 23.45
N VAL K 542 48.53 24.96 23.54
CA VAL K 542 47.36 25.79 23.12
C VAL K 542 47.83 26.82 22.09
N LYS K 543 48.89 27.59 22.38
CA LYS K 543 49.41 28.67 21.49
C LYS K 543 50.13 28.02 20.30
N VAL K 544 49.39 27.76 19.19
CA VAL K 544 49.93 27.19 17.92
C VAL K 544 50.38 28.36 17.03
N LYS K 545 51.40 28.13 16.20
CA LYS K 545 51.95 29.15 15.25
C LYS K 545 51.61 28.72 13.82
N VAL K 546 51.04 29.64 13.04
CA VAL K 546 50.56 29.41 11.63
C VAL K 546 51.46 30.17 10.65
N SER K 547 51.43 29.80 9.37
CA SER K 547 52.18 30.46 8.26
C SER K 547 51.71 31.91 8.07
N ARG K 548 50.38 32.13 8.03
CA ARG K 548 49.72 33.47 7.99
C ARG K 548 48.28 33.33 8.50
N VAL K 549 47.79 34.31 9.27
CA VAL K 549 46.39 34.35 9.80
C VAL K 549 45.49 34.95 8.72
N PRO K 550 44.45 34.22 8.24
CA PRO K 550 43.47 34.80 7.31
C PRO K 550 42.82 36.06 7.91
N ASP K 551 42.40 36.98 7.05
CA ASP K 551 41.93 38.33 7.43
C ASP K 551 40.62 38.22 8.23
N GLY K 552 40.59 38.78 9.44
CA GLY K 552 39.41 38.87 10.33
C GLY K 552 38.87 37.51 10.73
N VAL K 553 39.72 36.58 11.17
CA VAL K 553 39.33 35.23 11.72
C VAL K 553 38.62 35.47 13.07
N ALA K 554 37.29 35.40 13.08
CA ALA K 554 36.41 35.63 14.26
C ALA K 554 36.79 34.63 15.37
N GLU K 555 36.83 35.09 16.63
CA GLU K 555 37.03 34.21 17.81
C GLU K 555 35.72 33.43 18.03
N TYR K 556 35.81 32.27 18.70
CA TYR K 556 34.74 31.25 18.86
C TYR K 556 34.22 30.82 17.47
N SER K 557 35.10 30.69 16.49
CA SER K 557 34.84 30.09 15.15
C SER K 557 35.47 28.69 15.10
N VAL K 558 34.97 27.81 14.22
CA VAL K 558 35.35 26.38 14.17
C VAL K 558 36.77 26.25 13.58
N TRP K 559 37.63 25.46 14.23
CA TRP K 559 39.01 25.11 13.78
C TRP K 559 39.16 23.59 13.77
N GLU K 560 39.91 23.03 12.81
CA GLU K 560 40.13 21.57 12.69
C GLU K 560 41.56 21.31 12.18
N LEU K 561 42.30 20.43 12.86
CA LEU K 561 43.66 19.97 12.45
C LEU K 561 43.52 18.71 11.60
N LYS K 562 44.03 18.75 10.36
CA LYS K 562 44.11 17.57 9.45
C LYS K 562 45.59 17.18 9.29
N LEU K 563 45.96 15.99 9.77
CA LEU K 563 47.32 15.40 9.64
C LEU K 563 47.55 15.03 8.17
N PRO K 564 48.80 15.12 7.65
CA PRO K 564 49.06 14.86 6.23
C PRO K 564 48.72 13.43 5.81
N THR K 565 49.04 12.44 6.65
CA THR K 565 48.79 10.99 6.44
C THR K 565 47.54 10.56 7.23
N LEU K 566 46.35 10.78 6.64
CA LEU K 566 45.02 10.48 7.24
C LEU K 566 43.94 10.64 6.15
N ARG K 567 43.00 9.70 6.07
CA ARG K 567 41.83 9.74 5.15
C ARG K 567 40.92 10.91 5.56
N GLN K 568 40.62 11.82 4.65
CA GLN K 568 39.97 13.12 4.98
C GLN K 568 38.47 12.90 5.27
N ARG K 569 37.82 11.92 4.64
CA ARG K 569 36.44 11.47 4.98
C ARG K 569 35.40 12.55 4.62
N LEU K 570 35.19 12.78 3.31
CA LEU K 570 34.29 13.83 2.75
C LEU K 570 32.86 13.28 2.54
N PHE K 571 31.85 14.14 2.69
CA PHE K 571 30.41 13.91 2.33
C PHE K 571 29.91 15.04 1.42
N ARG K 572 28.84 14.83 0.67
CA ARG K 572 28.22 15.89 -0.16
C ARG K 572 26.74 15.96 0.20
N CYS K 573 26.23 17.14 0.56
CA CYS K 573 24.84 17.36 1.06
C CYS K 573 23.81 16.93 0.03
N VAL K 574 22.65 16.51 0.49
CA VAL K 574 21.57 16.06 -0.42
C VAL K 574 20.35 16.90 -0.09
N SER K 575 20.02 17.00 1.20
CA SER K 575 18.84 17.75 1.72
C SER K 575 19.22 18.54 2.97
N ILE K 576 18.59 19.70 3.14
CA ILE K 576 18.60 20.50 4.39
C ILE K 576 17.12 20.73 4.73
N ARG K 577 16.64 20.33 5.90
CA ARG K 577 15.25 20.61 6.37
C ARG K 577 15.29 21.68 7.48
N GLU K 578 14.28 22.56 7.53
CA GLU K 578 14.08 23.50 8.66
C GLU K 578 13.19 22.83 9.71
N ASN K 579 13.54 22.95 11.00
CA ASN K 579 12.79 22.33 12.11
C ASN K 579 11.96 23.39 12.84
N ASP K 580 11.88 24.60 12.28
CA ASP K 580 11.16 25.79 12.83
C ASP K 580 11.57 26.03 14.30
N ASP K 581 12.79 25.66 14.67
CA ASP K 581 13.42 25.97 15.99
C ASP K 581 14.78 26.61 15.72
N GLY K 582 14.99 27.13 14.51
CA GLY K 582 16.26 27.69 14.02
C GLY K 582 17.34 26.63 13.87
N THR K 583 16.97 25.35 13.83
CA THR K 583 17.88 24.21 13.54
C THR K 583 17.50 23.65 12.18
N TYR K 584 18.48 23.08 11.47
CA TYR K 584 18.31 22.48 10.13
C TYR K 584 18.88 21.07 10.15
N ALA K 585 18.04 20.05 9.90
CA ALA K 585 18.44 18.63 9.73
C ALA K 585 19.14 18.45 8.38
N ILE K 586 20.40 18.02 8.38
CA ILE K 586 21.20 17.86 7.12
C ILE K 586 21.38 16.38 6.88
N THR K 587 21.21 15.92 5.64
CA THR K 587 21.66 14.59 5.14
C THR K 587 22.75 14.81 4.08
N ALA K 588 23.84 14.07 4.19
CA ALA K 588 24.93 14.06 3.20
C ALA K 588 25.28 12.61 2.90
N VAL K 589 25.75 12.33 1.69
CA VAL K 589 26.20 10.98 1.27
C VAL K 589 27.73 11.05 1.11
N GLN K 590 28.42 9.92 1.31
CA GLN K 590 29.89 9.78 1.17
C GLN K 590 30.32 10.44 -0.15
N HIS K 591 31.44 11.17 -0.17
CA HIS K 591 31.86 11.98 -1.34
C HIS K 591 32.91 11.24 -2.19
N VAL K 592 33.96 10.66 -1.57
CA VAL K 592 35.12 9.99 -2.23
C VAL K 592 35.55 10.79 -3.47
N PRO K 593 36.33 11.89 -3.29
CA PRO K 593 36.70 12.79 -4.38
C PRO K 593 37.34 12.12 -5.61
N GLU K 594 38.30 11.21 -5.40
CA GLU K 594 39.07 10.54 -6.50
C GLU K 594 38.16 9.48 -7.15
N LYS K 595 37.03 9.89 -7.71
CA LYS K 595 36.07 8.97 -8.38
C LYS K 595 36.00 9.31 -9.87
N GLU K 596 36.05 10.59 -10.22
CA GLU K 596 36.13 11.04 -11.63
C GLU K 596 37.35 10.39 -12.30
N ALA K 597 38.50 10.40 -11.60
CA ALA K 597 39.76 9.70 -11.97
C ALA K 597 39.50 8.22 -12.28
N ILE K 598 38.89 7.49 -11.35
CA ILE K 598 38.64 6.02 -11.43
C ILE K 598 37.75 5.67 -12.63
N VAL K 599 36.77 6.50 -12.98
CA VAL K 599 35.75 6.17 -14.03
C VAL K 599 36.35 6.43 -15.41
N ASP K 600 36.81 7.66 -15.67
CA ASP K 600 37.19 8.11 -17.04
C ASP K 600 38.73 8.10 -17.21
N ASN K 601 39.49 7.45 -16.32
CA ASN K 601 40.96 7.27 -16.47
C ASN K 601 41.38 5.82 -16.19
N GLY K 602 40.48 4.98 -15.68
CA GLY K 602 40.78 3.60 -15.24
C GLY K 602 41.82 3.57 -14.14
N ALA K 603 42.07 4.69 -13.43
CA ALA K 603 43.13 4.86 -12.41
C ALA K 603 42.94 3.85 -11.27
N HIS K 604 43.97 3.64 -10.44
CA HIS K 604 43.97 2.62 -9.35
C HIS K 604 43.74 3.30 -7.99
N PHE K 605 42.67 2.91 -7.30
CA PHE K 605 42.31 3.27 -5.91
C PHE K 605 41.93 1.99 -5.17
N ASP K 606 42.33 1.86 -3.90
CA ASP K 606 42.38 0.56 -3.17
C ASP K 606 41.33 0.55 -2.04
N GLY K 607 40.51 -0.52 -2.00
CA GLY K 607 39.41 -0.70 -1.03
C GLY K 607 39.84 -1.56 0.14
N MET L 1 -37.79 22.22 43.35
CA MET L 1 -38.43 23.49 42.89
C MET L 1 -37.48 24.21 41.90
N LYS L 2 -37.88 25.37 41.37
CA LYS L 2 -37.13 26.07 40.29
C LYS L 2 -36.27 27.21 40.86
N THR L 3 -36.22 27.40 42.19
CA THR L 3 -35.48 28.52 42.86
C THR L 3 -34.65 28.01 44.06
N PHE L 4 -33.47 28.61 44.26
CA PHE L 4 -32.53 28.34 45.39
C PHE L 4 -32.70 29.45 46.43
N ARG L 5 -33.06 29.08 47.67
CA ARG L 5 -33.50 30.03 48.73
C ARG L 5 -32.56 30.04 49.95
N TRP L 6 -31.73 29.00 50.15
CA TRP L 6 -30.92 28.82 51.39
C TRP L 6 -29.71 29.78 51.34
N LYS L 7 -29.45 30.51 52.43
CA LYS L 7 -28.38 31.56 52.52
C LYS L 7 -27.00 30.86 52.47
N VAL L 8 -25.97 31.55 51.95
CA VAL L 8 -24.60 31.00 51.72
C VAL L 8 -23.61 31.65 52.69
N LYS L 9 -22.54 30.92 53.03
CA LYS L 9 -21.47 31.35 53.97
C LYS L 9 -20.66 32.48 53.35
N PRO L 10 -19.88 33.26 54.14
CA PRO L 10 -18.98 34.28 53.60
C PRO L 10 -17.98 33.71 52.59
N GLY L 11 -17.52 32.47 52.80
CA GLY L 11 -16.70 31.71 51.85
C GLY L 11 -17.41 31.54 50.51
N MET L 12 -17.06 32.36 49.50
CA MET L 12 -17.63 32.30 48.13
C MET L 12 -16.60 32.83 47.12
N ASP L 13 -16.13 31.96 46.23
CA ASP L 13 -15.09 32.23 45.20
C ASP L 13 -15.78 32.46 43.86
N VAL L 14 -15.30 33.41 43.04
CA VAL L 14 -15.88 33.77 41.70
C VAL L 14 -14.75 33.91 40.66
N ALA L 15 -14.61 32.93 39.77
CA ALA L 15 -13.65 32.92 38.63
C ALA L 15 -14.42 33.19 37.34
N SER L 16 -13.83 33.96 36.43
CA SER L 16 -14.54 34.65 35.30
C SER L 16 -14.19 34.02 33.96
N VAL L 17 -12.90 34.03 33.58
CA VAL L 17 -12.33 33.42 32.33
C VAL L 17 -13.35 33.50 31.19
N PRO L 18 -13.63 34.70 30.64
CA PRO L 18 -14.50 34.85 29.46
C PRO L 18 -13.91 34.18 28.21
N SER L 19 -14.79 33.66 27.34
CA SER L 19 -14.45 33.02 26.04
C SER L 19 -13.89 34.08 25.07
N VAL L 20 -12.75 33.79 24.44
CA VAL L 20 -12.07 34.68 23.45
C VAL L 20 -11.65 33.85 22.22
N ARG L 21 -11.62 34.47 21.04
CA ARG L 21 -11.03 33.93 19.80
C ARG L 21 -9.60 34.39 19.70
N LYS L 22 -8.68 33.57 20.20
CA LYS L 22 -7.22 33.86 20.31
C LYS L 22 -6.55 33.22 19.09
N VAL L 23 -5.91 34.02 18.24
CA VAL L 23 -5.08 33.53 17.09
C VAL L 23 -3.68 34.12 17.20
N ARG L 24 -2.68 33.25 17.38
CA ARG L 24 -1.25 33.59 17.27
C ARG L 24 -0.53 32.32 16.81
N PHE L 25 0.57 32.46 16.08
CA PHE L 25 1.52 31.36 15.78
C PHE L 25 2.87 31.77 16.38
N GLY L 26 3.49 30.87 17.16
CA GLY L 26 4.72 31.15 17.91
C GLY L 26 4.51 32.30 18.89
N ASP L 27 5.55 33.12 19.08
CA ASP L 27 5.59 34.25 20.07
C ASP L 27 5.38 35.58 19.34
N GLY L 28 4.59 35.56 18.25
CA GLY L 28 4.40 36.72 17.36
C GLY L 28 3.14 37.49 17.71
N TYR L 29 2.71 38.35 16.78
CA TYR L 29 1.48 39.17 16.85
C TYR L 29 0.27 38.25 17.07
N SER L 30 -0.67 38.67 17.91
CA SER L 30 -1.85 37.89 18.34
C SER L 30 -3.14 38.70 18.16
N GLN L 31 -4.15 38.11 17.52
CA GLN L 31 -5.47 38.72 17.25
C GLN L 31 -6.50 38.12 18.20
N ARG L 32 -7.21 38.96 18.95
CA ARG L 32 -8.21 38.56 19.98
C ARG L 32 -9.57 39.18 19.65
N ALA L 33 -10.64 38.40 19.77
CA ALA L 33 -12.04 38.78 19.41
C ALA L 33 -13.00 38.28 20.50
N PRO L 34 -14.21 38.88 20.61
CA PRO L 34 -15.17 38.51 21.64
C PRO L 34 -15.90 37.16 21.47
N ALA L 35 -15.42 36.25 20.62
CA ALA L 35 -15.97 34.88 20.40
C ALA L 35 -17.48 34.93 20.10
N GLY L 36 -18.32 34.68 21.11
CA GLY L 36 -19.80 34.69 21.01
C GLY L 36 -20.40 36.00 21.52
N LEU L 37 -21.52 35.93 22.24
CA LEU L 37 -22.20 37.08 22.91
C LEU L 37 -21.97 37.01 24.42
N ASN L 38 -22.40 35.89 25.03
CA ASN L 38 -22.39 35.69 26.50
C ASN L 38 -20.97 35.32 26.93
N ALA L 39 -20.03 36.27 26.77
CA ALA L 39 -18.56 36.07 26.85
C ALA L 39 -18.16 35.50 28.22
N ASN L 40 -18.64 36.12 29.31
CA ASN L 40 -18.32 35.74 30.72
C ASN L 40 -19.57 35.13 31.36
N LEU L 41 -19.42 33.98 32.02
CA LEU L 41 -20.52 33.24 32.68
C LEU L 41 -20.23 33.01 34.17
N LYS L 42 -18.96 32.90 34.54
CA LYS L 42 -18.47 32.91 35.96
C LYS L 42 -18.87 31.62 36.68
N THR L 43 -17.91 31.01 37.39
CA THR L 43 -18.12 29.84 38.27
C THR L 43 -18.00 30.29 39.71
N TYR L 44 -18.99 29.95 40.54
CA TYR L 44 -19.07 30.28 41.99
C TYR L 44 -18.77 29.01 42.81
N SER L 45 -17.60 28.95 43.45
CA SER L 45 -17.26 27.97 44.52
C SER L 45 -17.92 28.44 45.82
N VAL L 46 -19.12 27.92 46.11
CA VAL L 46 -19.96 28.33 47.27
C VAL L 46 -19.86 27.24 48.34
N THR L 47 -20.03 27.60 49.62
CA THR L 47 -20.05 26.67 50.79
C THR L 47 -21.25 27.02 51.69
N LEU L 48 -22.08 26.02 52.03
CA LEU L 48 -23.29 26.16 52.89
C LEU L 48 -23.10 25.35 54.17
N SER L 49 -23.73 25.77 55.27
CA SER L 49 -23.72 25.08 56.60
C SER L 49 -25.15 25.03 57.15
N VAL L 50 -25.71 23.82 57.31
CA VAL L 50 -27.12 23.61 57.78
C VAL L 50 -27.14 22.55 58.88
N PRO L 51 -28.09 22.63 59.86
CA PRO L 51 -28.33 21.54 60.80
C PRO L 51 -28.72 20.22 60.12
N ARG L 52 -28.73 19.13 60.90
CA ARG L 52 -28.85 17.72 60.40
C ARG L 52 -30.24 17.42 59.82
N GLU L 53 -31.24 18.25 60.09
CA GLU L 53 -32.67 17.99 59.78
C GLU L 53 -32.96 18.20 58.28
N GLU L 54 -32.73 19.42 57.78
CA GLU L 54 -33.12 19.87 56.40
C GLU L 54 -31.92 19.72 55.44
N ALA L 55 -30.82 19.13 55.89
CA ALA L 55 -29.71 18.63 55.04
C ALA L 55 -30.30 17.70 53.97
N THR L 56 -31.29 16.88 54.33
CA THR L 56 -32.01 15.94 53.43
C THR L 56 -32.78 16.74 52.37
N VAL L 57 -33.47 17.84 52.76
CA VAL L 57 -34.23 18.75 51.85
C VAL L 57 -33.25 19.36 50.82
N LEU L 58 -32.10 19.88 51.28
CA LEU L 58 -31.05 20.51 50.43
C LEU L 58 -30.50 19.48 49.43
N GLU L 59 -30.15 18.28 49.87
CA GLU L 59 -29.61 17.19 49.01
C GLU L 59 -30.64 16.78 47.96
N SER L 60 -31.92 16.63 48.35
CA SER L 60 -33.03 16.26 47.44
C SER L 60 -33.22 17.37 46.38
N PHE L 61 -33.09 18.65 46.75
CA PHE L 61 -33.18 19.81 45.82
C PHE L 61 -32.04 19.75 44.77
N LEU L 62 -30.81 19.50 45.21
CA LEU L 62 -29.61 19.42 44.32
C LEU L 62 -29.74 18.17 43.43
N GLU L 63 -30.18 17.05 44.02
CA GLU L 63 -30.34 15.73 43.34
C GLU L 63 -31.48 15.80 42.31
N GLU L 64 -32.55 16.55 42.59
CA GLU L 64 -33.71 16.78 41.66
C GLU L 64 -33.17 17.24 40.29
N HIS L 65 -32.24 18.20 40.29
CA HIS L 65 -31.61 18.80 39.07
C HIS L 65 -30.53 17.84 38.55
N GLY L 66 -29.62 17.41 39.42
CA GLY L 66 -28.63 16.34 39.16
C GLY L 66 -27.76 16.63 37.95
N GLY L 67 -27.14 17.82 37.92
CA GLY L 67 -26.21 18.26 36.85
C GLY L 67 -26.90 19.10 35.80
N TRP L 68 -27.90 18.54 35.12
CA TRP L 68 -28.78 19.24 34.15
C TRP L 68 -29.85 20.05 34.89
N LYS L 69 -30.84 20.58 34.17
CA LYS L 69 -32.00 21.35 34.72
C LYS L 69 -31.50 22.52 35.57
N SER L 70 -31.00 23.58 34.92
CA SER L 70 -30.60 24.85 35.55
C SER L 70 -31.80 25.47 36.28
N PHE L 71 -31.55 26.02 37.47
CA PHE L 71 -32.54 26.63 38.39
C PHE L 71 -32.22 28.13 38.55
N LEU L 72 -33.23 28.91 38.96
CA LEU L 72 -33.10 30.36 39.28
C LEU L 72 -32.31 30.51 40.60
N TRP L 73 -31.36 31.44 40.65
CA TRP L 73 -30.58 31.79 41.87
C TRP L 73 -30.16 33.26 41.82
N THR L 74 -30.13 33.95 42.98
CA THR L 74 -29.63 35.34 43.13
C THR L 74 -28.38 35.32 44.00
N PRO L 75 -27.16 35.37 43.40
CA PRO L 75 -25.94 35.33 44.20
C PRO L 75 -25.72 36.60 45.02
N PRO L 76 -24.94 36.55 46.14
CA PRO L 76 -24.63 37.74 46.94
C PRO L 76 -23.57 38.68 46.34
N TYR L 77 -23.26 38.52 45.03
CA TYR L 77 -22.27 39.34 44.29
C TYR L 77 -22.98 40.49 43.58
N GLU L 78 -23.93 40.17 42.68
CA GLU L 78 -24.57 41.12 41.73
C GLU L 78 -26.05 41.36 42.07
N TRP L 79 -26.67 40.50 42.88
CA TRP L 79 -28.09 40.65 43.33
C TRP L 79 -29.02 40.65 42.12
N ARG L 80 -28.74 39.83 41.11
CA ARG L 80 -29.54 39.72 39.85
C ARG L 80 -29.89 38.25 39.62
N GLN L 81 -31.17 37.96 39.35
CA GLN L 81 -31.71 36.59 39.12
C GLN L 81 -31.08 36.00 37.85
N ILE L 82 -30.42 34.84 37.97
CA ILE L 82 -29.72 34.11 36.87
C ILE L 82 -30.11 32.63 36.96
N LYS L 83 -30.04 31.93 35.83
CA LYS L 83 -30.12 30.44 35.79
C LYS L 83 -28.69 29.90 35.95
N VAL L 84 -28.47 29.07 36.98
CA VAL L 84 -27.18 28.35 37.23
C VAL L 84 -27.48 26.84 37.31
N THR L 85 -26.42 26.02 37.31
CA THR L 85 -26.51 24.54 37.49
C THR L 85 -25.42 24.07 38.47
N CYS L 86 -25.65 22.93 39.12
CA CYS L 86 -24.73 22.33 40.12
C CYS L 86 -24.09 21.06 39.52
N ALA L 87 -22.75 20.96 39.64
CA ALA L 87 -21.89 19.92 39.03
C ALA L 87 -21.68 18.75 40.00
N LYS L 88 -21.24 19.02 41.24
CA LYS L 88 -20.78 17.98 42.18
C LYS L 88 -21.54 18.01 43.52
N TRP L 89 -21.51 19.16 44.22
CA TRP L 89 -21.98 19.29 45.63
C TRP L 89 -21.38 18.17 46.50
N SER L 90 -20.05 18.20 46.69
CA SER L 90 -19.32 17.44 47.75
C SER L 90 -19.88 17.86 49.12
N SER L 91 -20.18 16.91 50.00
CA SER L 91 -20.86 17.13 51.31
C SER L 91 -20.01 16.58 52.46
N ARG L 92 -19.90 17.33 53.55
CA ARG L 92 -19.21 16.92 54.81
C ARG L 92 -20.25 16.81 55.93
N VAL L 93 -20.27 15.68 56.65
CA VAL L 93 -21.17 15.48 57.83
C VAL L 93 -20.32 15.55 59.10
N SER L 94 -20.68 16.48 60.00
CA SER L 94 -20.07 16.69 61.35
C SER L 94 -21.07 16.24 62.43
N MET L 95 -20.76 16.46 63.71
CA MET L 95 -21.50 15.88 64.86
C MET L 95 -22.90 16.50 64.99
N LEU L 96 -23.04 17.82 64.81
CA LEU L 96 -24.31 18.59 65.03
C LEU L 96 -24.86 19.21 63.74
N ARG L 97 -23.99 19.56 62.78
CA ARG L 97 -24.34 20.23 61.49
C ARG L 97 -23.67 19.49 60.32
N VAL L 98 -23.97 19.90 59.07
CA VAL L 98 -23.31 19.40 57.82
C VAL L 98 -22.88 20.60 56.96
N GLU L 99 -21.88 20.39 56.09
CA GLU L 99 -21.30 21.41 55.17
C GLU L 99 -21.48 20.96 53.72
N PHE L 100 -21.69 21.89 52.78
CA PHE L 100 -21.85 21.62 51.33
C PHE L 100 -20.92 22.55 50.52
N SER L 101 -19.86 22.00 49.91
CA SER L 101 -18.98 22.68 48.92
C SER L 101 -19.46 22.34 47.49
N ALA L 102 -20.03 23.32 46.80
CA ALA L 102 -20.74 23.15 45.50
C ALA L 102 -20.12 24.08 44.44
N GLU L 103 -20.25 23.69 43.16
CA GLU L 103 -19.81 24.50 41.98
C GLU L 103 -21.05 24.97 41.22
N PHE L 104 -21.26 26.28 41.14
CA PHE L 104 -22.42 26.92 40.47
C PHE L 104 -21.93 27.59 39.19
N GLU L 105 -22.44 27.14 38.05
CA GLU L 105 -22.06 27.62 36.69
C GLU L 105 -23.34 28.14 36.02
N GLN L 106 -23.39 29.43 35.69
CA GLN L 106 -24.60 30.09 35.13
C GLN L 106 -24.66 29.77 33.63
N VAL L 107 -25.87 29.48 33.13
CA VAL L 107 -26.12 29.12 31.70
C VAL L 107 -27.16 30.10 31.13
N VAL L 108 -26.95 30.60 29.92
CA VAL L 108 -27.93 31.51 29.22
C VAL L 108 -29.20 30.70 28.94
N ASN L 109 -29.05 29.41 28.58
CA ASN L 109 -30.19 28.49 28.31
C ASN L 109 -30.65 27.86 29.64
N MET M 1 26.63 26.39 -1.61
CA MET M 1 26.62 27.61 -0.77
C MET M 1 25.48 28.49 -1.26
N GLN M 2 24.57 28.86 -0.36
CA GLN M 2 23.41 29.74 -0.59
C GLN M 2 23.86 31.12 -1.07
N ASP M 3 23.09 31.75 -1.96
CA ASP M 3 23.29 33.16 -2.39
C ASP M 3 23.05 34.06 -1.17
N ILE M 4 24.07 34.29 -0.35
CA ILE M 4 23.98 35.24 0.80
C ILE M 4 25.19 36.17 0.82
N ARG M 5 25.07 37.26 1.58
CA ARG M 5 26.10 38.32 1.72
C ARG M 5 27.04 37.98 2.88
N GLN M 6 28.18 38.68 2.94
CA GLN M 6 29.25 38.46 3.94
C GLN M 6 28.71 38.67 5.38
N GLU M 7 27.90 39.71 5.63
CA GLU M 7 27.43 40.07 6.99
C GLU M 7 26.48 38.99 7.51
N THR M 8 25.56 38.50 6.68
CA THR M 8 24.63 37.38 7.02
C THR M 8 25.46 36.13 7.33
N LEU M 9 26.49 35.87 6.53
CA LEU M 9 27.38 34.68 6.71
C LEU M 9 28.11 34.77 8.06
N ASN M 10 28.62 35.96 8.43
CA ASN M 10 29.30 36.24 9.72
C ASN M 10 28.31 36.09 10.88
N GLU M 11 27.05 36.52 10.68
CA GLU M 11 25.98 36.51 11.71
C GLU M 11 25.54 35.07 12.02
N CYS M 12 25.34 34.24 11.00
CA CYS M 12 24.97 32.79 11.10
C CYS M 12 25.73 32.05 12.20
N THR M 13 27.05 32.32 12.35
CA THR M 13 28.04 31.52 13.15
C THR M 13 28.38 32.19 14.50
N ARG M 14 27.73 33.30 14.86
CA ARG M 14 27.96 34.02 16.14
C ARG M 14 27.25 33.28 17.28
N ALA M 15 27.89 33.24 18.46
CA ALA M 15 27.39 32.57 19.69
C ALA M 15 26.07 33.19 20.18
N GLU M 16 25.93 34.52 20.13
CA GLU M 16 24.69 35.29 20.43
C GLU M 16 24.40 36.23 19.27
N GLN M 17 23.19 36.17 18.72
CA GLN M 17 22.79 36.88 17.47
C GLN M 17 21.54 37.71 17.72
N SER M 18 21.06 38.39 16.67
CA SER M 18 19.78 39.14 16.63
C SER M 18 18.63 38.17 16.27
N ALA M 19 17.39 38.65 16.35
CA ALA M 19 16.17 37.88 16.01
C ALA M 19 16.23 37.45 14.54
N SER M 20 15.79 36.22 14.27
CA SER M 20 15.43 35.73 12.91
C SER M 20 14.02 36.22 12.59
N VAL M 21 13.88 37.12 11.60
CA VAL M 21 12.57 37.67 11.14
C VAL M 21 12.26 37.06 9.77
N VAL M 22 11.03 36.60 9.58
CA VAL M 22 10.52 36.08 8.28
C VAL M 22 9.42 37.01 7.75
N LEU M 23 9.59 37.54 6.53
CA LEU M 23 8.67 38.51 5.87
C LEU M 23 8.08 37.86 4.62
N TRP M 24 6.77 37.57 4.64
CA TRP M 24 6.10 36.89 3.51
C TRP M 24 5.54 37.93 2.54
N GLU M 25 5.33 37.52 1.30
CA GLU M 25 4.72 38.36 0.24
C GLU M 25 3.88 37.44 -0.66
N ILE M 26 2.56 37.52 -0.57
CA ILE M 26 1.64 36.72 -1.42
C ILE M 26 1.24 37.59 -2.61
N ASP M 27 1.65 37.24 -3.82
CA ASP M 27 1.24 37.98 -5.04
C ASP M 27 0.24 37.15 -5.85
N LEU M 28 -0.87 37.77 -6.23
CA LEU M 28 -1.98 37.12 -6.97
C LEU M 28 -2.28 37.94 -8.24
N THR M 29 -1.35 38.82 -8.64
CA THR M 29 -1.50 39.69 -9.84
C THR M 29 -1.72 38.76 -11.04
N GLU M 30 -0.99 37.64 -11.09
CA GLU M 30 -1.01 36.71 -12.26
C GLU M 30 -2.29 35.84 -12.23
N VAL M 31 -3.04 35.89 -11.13
CA VAL M 31 -4.22 35.00 -10.92
C VAL M 31 -5.52 35.83 -10.79
N GLY M 32 -5.43 37.17 -10.82
CA GLY M 32 -6.59 38.08 -10.82
C GLY M 32 -6.83 38.75 -9.47
N GLY M 33 -6.04 38.42 -8.45
CA GLY M 33 -6.09 39.03 -7.10
C GLY M 33 -5.10 40.19 -6.97
N GLU M 34 -4.65 40.46 -5.73
CA GLU M 34 -3.78 41.61 -5.35
C GLU M 34 -2.44 41.12 -4.77
N ARG M 35 -1.55 42.05 -4.40
CA ARG M 35 -0.29 41.77 -3.67
C ARG M 35 -0.50 42.06 -2.18
N TYR M 36 0.00 41.18 -1.30
CA TYR M 36 -0.07 41.31 0.18
C TYR M 36 1.32 41.11 0.78
N PHE M 37 1.66 41.96 1.75
CA PHE M 37 2.91 41.89 2.53
C PHE M 37 2.53 41.59 3.99
N PHE M 38 3.11 40.52 4.55
CA PHE M 38 2.84 40.08 5.95
C PHE M 38 4.17 39.83 6.67
N CYS M 39 4.10 39.93 8.01
CA CYS M 39 5.11 39.46 8.98
C CYS M 39 4.35 39.04 10.25
N ASN M 40 4.90 38.09 11.01
CA ASN M 40 4.23 37.53 12.22
C ASN M 40 4.48 38.43 13.43
N GLU M 41 5.12 39.59 13.28
CA GLU M 41 5.54 40.47 14.39
C GLU M 41 5.32 41.95 14.08
N GLN M 42 5.43 42.78 15.12
CA GLN M 42 5.46 44.26 15.07
C GLN M 42 6.77 44.72 15.71
N ASN M 43 7.37 45.78 15.18
CA ASN M 43 8.67 46.34 15.63
C ASN M 43 8.56 46.75 17.11
N GLU M 44 9.64 47.27 17.69
CA GLU M 44 9.73 47.71 19.12
C GLU M 44 8.63 48.72 19.46
N LYS M 45 8.13 49.48 18.46
CA LYS M 45 7.11 50.56 18.63
C LYS M 45 5.69 50.03 18.43
N GLY M 46 5.53 48.74 18.05
CA GLY M 46 4.20 48.17 17.70
C GLY M 46 3.62 48.80 16.45
N GLU M 47 4.41 48.84 15.37
CA GLU M 47 4.02 49.33 14.02
C GLU M 47 4.39 48.26 12.98
N PRO M 48 3.81 48.29 11.75
CA PRO M 48 4.22 47.38 10.68
C PRO M 48 5.74 47.44 10.39
N VAL M 49 6.37 46.27 10.19
CA VAL M 49 7.85 46.12 10.02
C VAL M 49 8.27 46.65 8.64
N THR M 50 9.19 47.61 8.61
CA THR M 50 9.72 48.27 7.38
C THR M 50 10.99 47.53 6.94
N TRP M 51 11.05 47.11 5.67
CA TRP M 51 12.24 46.45 5.07
C TRP M 51 12.40 46.90 3.60
N GLN M 52 13.56 47.49 3.25
CA GLN M 52 13.82 48.17 1.95
C GLN M 52 12.73 49.22 1.66
N GLY M 53 12.19 49.89 2.70
CA GLY M 53 11.13 50.90 2.60
C GLY M 53 9.74 50.30 2.39
N ARG M 54 9.59 48.98 2.52
CA ARG M 54 8.32 48.22 2.35
C ARG M 54 7.73 47.90 3.73
N GLN M 55 6.44 48.18 3.93
CA GLN M 55 5.71 47.99 5.22
C GLN M 55 4.92 46.67 5.21
N TYR M 56 5.56 45.57 5.64
CA TYR M 56 4.95 44.23 5.88
C TYR M 56 4.05 44.33 7.11
N GLN M 57 2.73 44.22 6.91
CA GLN M 57 1.68 44.36 7.97
C GLN M 57 1.93 43.35 9.09
N PRO M 58 1.64 43.68 10.36
CA PRO M 58 1.50 42.67 11.40
C PRO M 58 0.28 41.80 11.08
N TYR M 59 0.45 40.48 11.05
CA TYR M 59 -0.63 39.50 10.80
C TYR M 59 -0.15 38.10 11.17
N PRO M 60 -1.00 37.25 11.81
CA PRO M 60 -0.59 35.88 12.16
C PRO M 60 -0.46 35.03 10.89
N ILE M 61 0.79 34.78 10.50
CA ILE M 61 1.21 33.98 9.32
C ILE M 61 2.42 33.15 9.72
N GLN M 62 2.44 31.87 9.36
CA GLN M 62 3.63 31.03 9.57
C GLN M 62 3.63 29.86 8.59
N GLY M 63 4.81 29.26 8.44
CA GLY M 63 5.03 28.14 7.52
C GLY M 63 5.85 27.07 8.18
N SER M 64 5.63 25.83 7.76
CA SER M 64 6.28 24.63 8.32
C SER M 64 6.71 23.71 7.17
N GLY M 65 7.90 23.13 7.28
CA GLY M 65 8.33 22.00 6.42
C GLY M 65 9.01 22.49 5.16
N PHE M 66 9.56 23.70 5.21
CA PHE M 66 10.49 24.20 4.18
C PHE M 66 11.79 23.38 4.23
N GLU M 67 12.33 23.12 3.05
CA GLU M 67 13.54 22.34 2.83
C GLU M 67 14.08 22.73 1.45
N LEU M 68 15.37 22.53 1.24
CA LEU M 68 16.02 22.46 -0.08
C LEU M 68 16.38 21.00 -0.25
N ASN M 69 15.97 20.39 -1.35
CA ASN M 69 16.35 19.00 -1.64
C ASN M 69 16.93 18.93 -3.05
N GLY M 70 18.11 18.33 -3.18
CA GLY M 70 18.78 18.12 -4.48
C GLY M 70 18.45 16.74 -5.05
N LYS M 71 17.21 16.28 -4.85
CA LYS M 71 16.64 15.14 -5.61
C LYS M 71 15.12 15.10 -5.45
N GLY M 72 14.45 16.25 -5.38
CA GLY M 72 12.98 16.35 -5.30
C GLY M 72 12.57 17.39 -4.28
N THR M 73 11.31 17.38 -3.84
CA THR M 73 10.83 18.18 -2.68
C THR M 73 9.74 17.44 -1.93
N SER M 74 9.71 16.11 -2.01
CA SER M 74 8.71 15.23 -1.33
C SER M 74 8.31 15.85 0.02
N THR M 75 6.99 15.92 0.29
CA THR M 75 6.33 16.64 1.43
C THR M 75 6.48 18.16 1.23
N ARG M 76 5.59 18.73 0.42
CA ARG M 76 5.45 20.17 0.12
C ARG M 76 5.36 21.00 1.40
N PRO M 77 5.97 22.21 1.46
CA PRO M 77 5.80 23.17 2.55
C PRO M 77 4.37 23.64 2.73
N THR M 78 3.98 24.10 3.91
CA THR M 78 2.57 24.46 4.29
C THR M 78 2.52 25.80 4.98
N LEU M 79 1.88 26.78 4.34
CA LEU M 79 1.83 28.16 4.87
C LEU M 79 0.42 28.44 5.32
N THR M 80 0.29 29.06 6.49
CA THR M 80 -1.02 29.28 7.17
C THR M 80 -1.20 30.77 7.44
N VAL M 81 -2.42 31.28 7.21
CA VAL M 81 -2.79 32.68 7.52
C VAL M 81 -4.11 32.69 8.29
N SER M 82 -4.17 33.46 9.37
CA SER M 82 -5.37 33.61 10.25
C SER M 82 -6.57 34.09 9.43
N ASN M 83 -7.69 33.39 9.54
CA ASN M 83 -8.94 33.69 8.79
C ASN M 83 -9.87 34.54 9.68
N LEU M 84 -9.37 35.06 10.80
CA LEU M 84 -10.16 35.96 11.68
C LEU M 84 -10.44 37.25 10.89
N TYR M 85 -11.67 37.77 11.00
CA TYR M 85 -12.22 38.91 10.22
C TYR M 85 -12.58 38.47 8.79
N GLY M 86 -12.08 37.30 8.36
CA GLY M 86 -12.45 36.65 7.08
C GLY M 86 -11.85 37.36 5.88
N MET M 87 -10.67 37.96 6.03
CA MET M 87 -9.99 38.65 4.89
C MET M 87 -9.41 37.60 3.93
N VAL M 88 -9.11 36.39 4.42
CA VAL M 88 -8.68 35.23 3.56
C VAL M 88 -9.87 34.79 2.68
N THR M 89 -11.08 34.71 3.22
CA THR M 89 -12.32 34.40 2.44
C THR M 89 -12.57 35.55 1.44
N GLY M 90 -12.27 36.79 1.84
CA GLY M 90 -12.41 38.02 1.05
C GLY M 90 -11.35 38.19 -0.04
N MET M 91 -10.26 37.40 0.02
CA MET M 91 -9.17 37.43 -1.00
C MET M 91 -9.74 37.13 -2.39
N ALA M 92 -10.63 36.14 -2.53
CA ALA M 92 -11.28 35.73 -3.81
C ALA M 92 -12.63 35.04 -3.55
N GLU M 93 -13.55 35.12 -4.53
CA GLU M 93 -14.91 34.49 -4.49
C GLU M 93 -14.75 32.99 -4.19
N ASP M 94 -13.96 32.27 -5.02
CA ASP M 94 -13.65 30.84 -4.83
C ASP M 94 -12.18 30.74 -4.44
N MET M 95 -11.89 29.96 -3.39
CA MET M 95 -10.53 29.83 -2.78
C MET M 95 -9.56 29.18 -3.77
N GLN M 96 -10.05 28.39 -4.71
CA GLN M 96 -9.19 27.67 -5.69
C GLN M 96 -8.91 28.58 -6.91
N SER M 97 -9.50 29.77 -6.96
CA SER M 97 -9.06 30.83 -7.92
C SER M 97 -7.69 31.40 -7.50
N LEU M 98 -7.24 31.13 -6.26
CA LEU M 98 -5.95 31.62 -5.67
C LEU M 98 -4.77 30.69 -5.97
N VAL M 99 -5.02 29.49 -6.49
CA VAL M 99 -3.96 28.51 -6.89
C VAL M 99 -3.11 29.14 -8.00
N GLY M 100 -1.82 28.84 -8.06
CA GLY M 100 -0.88 29.47 -9.02
C GLY M 100 -0.35 30.81 -8.53
N GLY M 101 -0.93 31.39 -7.46
CA GLY M 101 -0.41 32.59 -6.76
C GLY M 101 0.98 32.35 -6.21
N THR M 102 1.85 33.37 -6.28
CA THR M 102 3.29 33.35 -5.90
C THR M 102 3.51 33.75 -4.43
N VAL M 103 4.45 33.10 -3.76
CA VAL M 103 4.85 33.43 -2.35
C VAL M 103 6.35 33.70 -2.35
N VAL M 104 6.73 34.90 -1.94
CA VAL M 104 8.16 35.28 -1.74
C VAL M 104 8.34 35.39 -0.24
N ARG M 105 9.20 34.52 0.30
CA ARG M 105 9.52 34.45 1.74
C ARG M 105 10.95 34.93 1.95
N ARG M 106 11.14 35.93 2.82
CA ARG M 106 12.43 36.63 3.06
C ARG M 106 12.86 36.40 4.50
N LYS M 107 13.95 35.66 4.72
CA LYS M 107 14.51 35.45 6.08
C LYS M 107 15.67 36.39 6.25
N VAL M 108 15.67 37.16 7.34
CA VAL M 108 16.61 38.29 7.58
C VAL M 108 16.73 38.53 9.07
N TYR M 109 17.96 38.60 9.56
CA TYR M 109 18.27 38.93 10.97
C TYR M 109 17.76 40.36 11.24
N ALA M 110 17.32 40.60 12.48
CA ALA M 110 16.72 41.88 12.92
C ALA M 110 17.75 43.02 12.91
N ARG M 111 19.06 42.71 12.97
CA ARG M 111 20.12 43.75 13.03
C ARG M 111 20.22 44.46 11.68
N PHE M 112 19.80 43.81 10.59
CA PHE M 112 19.93 44.37 9.21
C PHE M 112 18.69 45.19 8.83
N LEU M 113 17.60 45.14 9.60
CA LEU M 113 16.32 45.84 9.29
C LEU M 113 16.53 47.36 9.27
N ASP M 114 15.54 48.10 8.74
CA ASP M 114 15.58 49.58 8.55
C ASP M 114 15.66 50.27 9.93
N ALA M 115 16.32 51.43 9.98
CA ALA M 115 16.57 52.24 11.22
C ALA M 115 15.24 52.78 11.80
N VAL M 116 14.18 52.85 10.98
CA VAL M 116 12.83 53.38 11.36
C VAL M 116 12.09 52.44 12.32
N ASN M 117 12.50 51.16 12.47
CA ASN M 117 11.83 50.13 13.32
C ASN M 117 12.32 50.21 14.78
N PHE M 118 13.38 50.97 15.06
CA PHE M 118 14.03 51.06 16.39
C PHE M 118 13.92 52.48 16.95
N VAL M 119 13.51 52.57 18.23
CA VAL M 119 13.32 53.83 19.00
C VAL M 119 14.65 54.60 19.04
N ASN M 120 15.76 53.85 19.08
CA ASN M 120 17.14 54.39 19.20
C ASN M 120 17.76 54.60 17.81
N GLY M 121 17.51 53.69 16.86
CA GLY M 121 18.06 53.72 15.49
C GLY M 121 19.09 52.62 15.26
N ASN M 122 19.36 52.27 14.01
CA ASN M 122 20.24 51.13 13.62
C ASN M 122 21.47 51.68 12.89
N SER M 123 22.68 51.24 13.29
CA SER M 123 23.99 51.56 12.65
C SER M 123 24.42 50.45 11.67
N TYR M 124 23.69 49.32 11.63
CA TYR M 124 23.99 48.14 10.77
C TYR M 124 22.91 47.93 9.70
N ALA M 125 21.93 48.84 9.60
CA ALA M 125 20.80 48.75 8.63
C ALA M 125 21.37 48.58 7.21
N ASP M 126 20.94 47.54 6.49
CA ASP M 126 21.37 47.22 5.10
C ASP M 126 20.27 46.43 4.39
N PRO M 127 19.55 47.04 3.39
CA PRO M 127 18.46 46.35 2.70
C PRO M 127 18.90 45.19 1.75
N GLU M 128 20.19 44.89 1.70
CA GLU M 128 20.79 43.87 0.79
C GLU M 128 20.82 42.48 1.47
N GLN M 129 20.89 42.42 2.81
CA GLN M 129 21.22 41.20 3.60
C GLN M 129 19.96 40.40 3.94
N GLU M 130 19.49 39.54 3.04
CA GLU M 130 18.31 38.67 3.27
C GLU M 130 18.37 37.48 2.33
N VAL M 131 17.68 36.40 2.69
CA VAL M 131 17.57 35.16 1.87
C VAL M 131 16.18 35.15 1.27
N ILE M 132 16.07 34.88 -0.02
CA ILE M 132 14.74 34.88 -0.70
C ILE M 132 14.47 33.47 -1.20
N SER M 133 13.20 33.08 -1.21
CA SER M 133 12.63 31.83 -1.76
C SER M 133 11.32 32.17 -2.48
N ARG M 134 11.02 31.54 -3.63
CA ARG M 134 9.72 31.76 -4.34
C ARG M 134 8.97 30.42 -4.42
N TRP M 135 7.68 30.42 -4.09
CA TRP M 135 6.80 29.22 -4.08
C TRP M 135 5.50 29.53 -4.83
N ARG M 136 4.88 28.50 -5.38
CA ARG M 136 3.54 28.59 -5.98
C ARG M 136 2.55 28.07 -4.94
N ILE M 137 1.38 28.69 -4.78
CA ILE M 137 0.23 28.01 -4.13
C ILE M 137 -0.17 26.82 -5.02
N GLU M 138 -0.49 25.68 -4.42
CA GLU M 138 -0.99 24.50 -5.17
C GLU M 138 -2.40 24.15 -4.72
N GLN M 139 -2.78 24.51 -3.51
CA GLN M 139 -4.09 24.14 -2.97
C GLN M 139 -4.31 24.83 -1.64
N CYS M 140 -5.35 25.65 -1.53
CA CYS M 140 -6.00 25.95 -0.23
C CYS M 140 -6.39 24.63 0.43
N SER M 141 -5.49 24.08 1.26
CA SER M 141 -5.66 22.80 1.99
C SER M 141 -7.01 22.80 2.72
N GLU M 142 -7.18 23.75 3.66
CA GLU M 142 -8.44 23.91 4.43
C GLU M 142 -8.60 25.38 4.87
N LEU M 143 -9.83 25.77 5.17
CA LEU M 143 -10.22 27.11 5.64
C LEU M 143 -11.31 26.94 6.70
N SER M 144 -11.11 27.53 7.88
CA SER M 144 -12.08 27.60 9.01
C SER M 144 -12.26 29.07 9.38
N ALA M 145 -13.05 29.38 10.41
CA ALA M 145 -13.30 30.78 10.83
C ALA M 145 -12.11 31.33 11.67
N VAL M 146 -11.04 30.56 11.81
CA VAL M 146 -9.85 30.87 12.67
C VAL M 146 -8.56 30.89 11.83
N SER M 147 -8.45 30.07 10.78
CA SER M 147 -7.19 29.85 10.02
C SER M 147 -7.45 29.18 8.65
N ALA M 148 -6.55 29.44 7.68
CA ALA M 148 -6.56 28.88 6.32
C ALA M 148 -5.12 28.59 5.88
N SER M 149 -4.82 27.32 5.56
CA SER M 149 -3.48 26.79 5.24
C SER M 149 -3.39 26.45 3.76
N PHE M 150 -2.36 26.94 3.10
CA PHE M 150 -2.07 26.61 1.68
C PHE M 150 -0.93 25.60 1.66
N VAL M 151 -0.86 24.85 0.58
CA VAL M 151 0.28 23.97 0.20
C VAL M 151 1.14 24.77 -0.79
N LEU M 152 2.44 24.71 -0.66
CA LEU M 152 3.36 25.46 -1.54
C LEU M 152 4.29 24.44 -2.21
N SER M 153 5.15 24.88 -3.13
CA SER M 153 5.98 24.06 -4.03
C SER M 153 6.76 25.00 -4.92
N THR M 154 8.02 24.67 -5.20
CA THR M 154 8.95 25.52 -5.99
C THR M 154 8.44 25.56 -7.42
N PRO M 155 8.61 26.68 -8.16
CA PRO M 155 8.10 26.76 -9.53
C PRO M 155 8.66 25.67 -10.45
N THR M 156 9.82 25.12 -10.14
CA THR M 156 10.41 24.00 -10.93
C THR M 156 9.48 22.78 -10.89
N GLU M 157 8.90 22.45 -9.73
CA GLU M 157 8.06 21.24 -9.52
C GLU M 157 6.61 21.58 -9.77
N THR M 158 6.02 22.47 -8.98
CA THR M 158 4.55 22.73 -8.96
C THR M 158 3.83 21.46 -9.48
N ASP M 159 2.81 21.61 -10.33
CA ASP M 159 1.99 20.45 -10.79
C ASP M 159 1.66 20.58 -12.28
N GLY M 160 1.35 21.82 -12.71
CA GLY M 160 1.10 22.21 -14.11
C GLY M 160 2.36 22.17 -14.97
N ALA M 161 3.54 22.08 -14.33
CA ALA M 161 4.89 22.06 -14.95
C ALA M 161 5.24 20.64 -15.39
N VAL M 162 5.13 20.40 -16.69
CA VAL M 162 5.40 19.10 -17.35
C VAL M 162 6.15 19.42 -18.63
N PHE M 163 7.07 18.54 -19.02
CA PHE M 163 7.80 18.73 -20.30
C PHE M 163 7.03 17.99 -21.37
N PRO M 164 7.56 17.84 -22.59
CA PRO M 164 7.21 18.68 -23.72
C PRO M 164 5.89 19.42 -23.46
N GLY M 165 5.89 20.74 -23.39
CA GLY M 165 4.80 21.53 -22.77
C GLY M 165 3.42 21.38 -23.43
N ARG M 166 3.33 21.25 -24.76
CA ARG M 166 2.10 21.62 -25.53
C ARG M 166 1.31 20.37 -25.89
N ILE M 167 0.18 20.19 -25.21
CA ILE M 167 -0.84 19.12 -25.47
C ILE M 167 -1.48 19.37 -26.84
N MET M 168 -1.57 18.36 -27.71
CA MET M 168 -2.24 18.49 -29.05
C MET M 168 -3.74 18.30 -28.89
N LEU M 169 -4.52 19.34 -29.15
CA LEU M 169 -6.01 19.33 -29.09
C LEU M 169 -6.62 19.38 -30.49
N ALA M 170 -7.84 18.87 -30.65
CA ALA M 170 -8.70 19.02 -31.85
C ALA M 170 -9.76 20.06 -31.55
N ASN M 171 -9.92 21.04 -32.42
CA ASN M 171 -10.94 22.09 -32.18
C ASN M 171 -10.71 22.73 -30.80
N THR M 172 -9.47 23.03 -30.40
CA THR M 172 -9.22 23.96 -29.26
C THR M 172 -7.84 24.58 -29.36
N CYS M 173 -7.81 25.91 -29.53
CA CYS M 173 -6.57 26.70 -29.72
C CYS M 173 -5.94 26.97 -28.36
N THR M 174 -4.60 27.02 -28.32
CA THR M 174 -3.79 27.19 -27.09
C THR M 174 -2.95 28.46 -27.17
N TRP M 175 -2.85 29.11 -28.32
CA TRP M 175 -2.14 30.40 -28.36
C TRP M 175 -2.92 31.33 -27.46
N THR M 176 -2.29 32.32 -26.82
CA THR M 176 -3.00 33.40 -26.08
C THR M 176 -3.63 34.31 -27.14
N TYR M 177 -4.87 34.75 -26.88
CA TYR M 177 -5.69 35.52 -27.83
C TYR M 177 -5.01 36.88 -28.02
N ARG M 178 -4.88 37.34 -29.27
CA ARG M 178 -4.15 38.57 -29.65
C ARG M 178 -2.66 38.48 -29.25
N GLY M 179 -2.24 37.34 -28.70
CA GLY M 179 -0.83 37.11 -28.34
C GLY M 179 0.05 36.97 -29.57
N ASP M 180 1.31 36.63 -29.33
CA ASP M 180 2.36 36.59 -30.37
C ASP M 180 2.01 35.50 -31.39
N GLU M 181 1.65 34.29 -30.93
CA GLU M 181 1.48 33.11 -31.84
C GLU M 181 0.12 33.20 -32.52
N CYS M 182 -0.91 33.68 -31.82
CA CYS M 182 -2.27 33.92 -32.40
C CYS M 182 -2.13 34.86 -33.59
N GLY M 183 -1.42 35.98 -33.37
CA GLY M 183 -1.00 36.94 -34.41
C GLY M 183 -2.18 37.61 -35.07
N TYR M 184 -3.28 37.79 -34.33
CA TYR M 184 -4.47 38.55 -34.78
C TYR M 184 -4.41 39.94 -34.14
N SER M 185 -4.65 40.98 -34.93
CA SER M 185 -4.54 42.41 -34.51
C SER M 185 -5.73 43.24 -35.02
N GLY M 186 -6.79 42.60 -35.52
CA GLY M 186 -7.97 43.27 -36.10
C GLY M 186 -8.88 43.87 -35.03
N PRO M 187 -9.99 44.54 -35.41
CA PRO M 187 -10.92 45.13 -34.45
C PRO M 187 -11.80 44.05 -33.83
N ALA M 188 -12.58 44.40 -32.81
CA ALA M 188 -13.45 43.45 -32.05
C ALA M 188 -14.45 42.75 -32.99
N VAL M 189 -14.56 41.41 -32.91
CA VAL M 189 -15.46 40.60 -33.78
C VAL M 189 -16.53 39.91 -32.91
N ALA M 190 -16.13 39.10 -31.93
CA ALA M 190 -17.07 38.29 -31.12
C ALA M 190 -16.51 37.98 -29.72
N ASP M 191 -17.40 37.58 -28.81
CA ASP M 191 -17.10 37.12 -27.42
C ASP M 191 -16.80 35.61 -27.44
N GLU M 192 -16.72 34.98 -26.26
CA GLU M 192 -16.46 33.52 -26.11
C GLU M 192 -17.73 32.70 -26.36
N TYR M 193 -18.91 33.32 -26.52
CA TYR M 193 -20.17 32.64 -26.88
C TYR M 193 -20.43 32.74 -28.38
N ASP M 194 -19.46 33.27 -29.15
CA ASP M 194 -19.47 33.42 -30.63
C ASP M 194 -20.44 34.52 -31.07
N GLN M 195 -21.22 35.12 -30.15
CA GLN M 195 -22.19 36.22 -30.44
C GLN M 195 -21.45 37.39 -31.06
N PRO M 196 -21.79 37.84 -32.29
CA PRO M 196 -21.10 38.95 -32.93
C PRO M 196 -21.17 40.20 -32.03
N THR M 197 -20.06 40.94 -31.94
CA THR M 197 -19.85 42.01 -30.94
C THR M 197 -18.80 42.97 -31.49
N SER M 198 -19.18 44.24 -31.67
CA SER M 198 -18.26 45.35 -31.99
C SER M 198 -17.97 46.16 -30.71
N ASP M 199 -17.68 45.46 -29.60
CA ASP M 199 -17.25 46.02 -28.29
C ASP M 199 -15.87 45.46 -27.93
N ILE M 200 -14.87 46.34 -27.79
CA ILE M 200 -13.43 45.96 -27.65
C ILE M 200 -13.19 45.31 -26.29
N THR M 201 -13.95 45.72 -25.27
CA THR M 201 -13.79 45.26 -23.86
C THR M 201 -14.39 43.86 -23.70
N LYS M 202 -15.32 43.44 -24.57
CA LYS M 202 -16.09 42.16 -24.43
C LYS M 202 -15.78 41.23 -25.61
N ASP M 203 -14.68 41.49 -26.32
CA ASP M 203 -14.17 40.66 -27.43
C ASP M 203 -13.10 39.71 -26.90
N LYS M 204 -13.40 38.41 -26.88
CA LYS M 204 -12.51 37.31 -26.40
C LYS M 204 -12.78 36.07 -27.25
N CYS M 205 -11.73 35.33 -27.60
CA CYS M 205 -11.76 34.20 -28.56
C CYS M 205 -12.21 32.91 -27.88
N SER M 206 -13.21 32.23 -28.43
CA SER M 206 -13.71 30.91 -27.96
C SER M 206 -12.65 29.82 -28.20
N LYS M 207 -11.53 30.15 -28.86
CA LYS M 207 -10.37 29.24 -29.08
C LYS M 207 -10.80 28.01 -29.87
N CYS M 208 -12.04 27.96 -30.37
CA CYS M 208 -12.57 26.87 -31.23
C CYS M 208 -12.58 27.35 -32.67
N LEU M 209 -12.79 26.44 -33.62
CA LEU M 209 -12.62 26.82 -35.03
C LEU M 209 -13.57 27.97 -35.38
N SER M 210 -14.80 27.93 -34.83
CA SER M 210 -15.90 28.91 -35.07
C SER M 210 -15.41 30.30 -34.69
N GLY M 211 -14.86 30.41 -33.49
CA GLY M 211 -14.22 31.64 -33.01
C GLY M 211 -13.07 32.06 -33.91
N CYS M 212 -12.21 31.11 -34.28
CA CYS M 212 -11.02 31.41 -35.11
C CYS M 212 -11.52 32.03 -36.42
N LYS M 213 -12.60 31.46 -36.99
CA LYS M 213 -13.19 31.88 -38.29
C LYS M 213 -13.73 33.30 -38.14
N PHE M 214 -14.39 33.59 -37.02
CA PHE M 214 -14.89 34.95 -36.71
C PHE M 214 -13.75 35.96 -36.87
N ARG M 215 -12.62 35.71 -36.20
CA ARG M 215 -11.41 36.57 -36.24
C ARG M 215 -10.84 36.54 -37.66
N ASN M 216 -11.14 35.48 -38.41
CA ASN M 216 -10.72 35.35 -39.84
C ASN M 216 -9.23 35.06 -39.87
N ASN M 217 -8.80 33.99 -39.21
CA ASN M 217 -7.37 33.76 -38.93
C ASN M 217 -7.07 32.27 -38.94
N VAL M 218 -7.85 31.49 -39.67
CA VAL M 218 -7.86 30.02 -39.46
C VAL M 218 -6.51 29.41 -39.84
N GLY M 219 -5.64 30.16 -40.51
CA GLY M 219 -4.26 29.72 -40.82
C GLY M 219 -3.53 29.36 -39.52
N ASN M 220 -3.57 30.28 -38.55
CA ASN M 220 -2.72 30.24 -37.33
C ASN M 220 -3.51 29.62 -36.19
N PHE M 221 -4.38 28.64 -36.46
CA PHE M 221 -5.10 27.91 -35.39
C PHE M 221 -4.10 27.13 -34.57
N GLY M 222 -4.18 27.16 -33.24
CA GLY M 222 -3.19 26.47 -32.38
C GLY M 222 -3.63 25.06 -32.07
N GLY M 223 -4.56 24.52 -32.88
CA GLY M 223 -5.09 23.15 -32.80
C GLY M 223 -4.74 22.33 -34.04
N PHE M 224 -5.21 21.10 -34.07
CA PHE M 224 -4.87 20.12 -35.12
C PHE M 224 -6.15 19.50 -35.63
N LEU M 225 -6.90 20.15 -36.53
CA LEU M 225 -8.39 20.05 -36.54
C LEU M 225 -8.91 18.70 -37.02
N SER M 226 -8.16 17.62 -36.94
CA SER M 226 -8.55 16.38 -37.64
C SER M 226 -8.38 15.14 -36.76
N ILE M 227 -7.84 15.26 -35.55
CA ILE M 227 -6.98 14.16 -35.02
C ILE M 227 -7.81 13.06 -34.34
N ASN M 228 -8.93 13.32 -33.70
CA ASN M 228 -9.68 12.26 -32.97
C ASN M 228 -10.38 12.86 -31.75
N LYS M 229 -11.70 13.00 -31.81
CA LYS M 229 -12.43 13.64 -30.69
C LYS M 229 -12.02 12.90 -29.39
N LEU M 230 -11.98 11.56 -29.45
CA LEU M 230 -11.68 10.66 -28.30
C LEU M 230 -10.17 10.64 -28.10
N SER M 231 -9.69 9.94 -27.07
CA SER M 231 -8.25 9.83 -26.73
C SER M 231 -7.81 8.38 -26.91
N GLN M 232 -6.67 8.00 -26.33
CA GLN M 232 -6.06 6.64 -26.43
C GLN M 232 -5.22 6.57 -27.72
N GLN N 165 -8.70 -16.83 -73.13
CA GLN N 165 -7.69 -15.74 -73.01
C GLN N 165 -7.48 -15.05 -74.37
N THR N 166 -8.51 -14.35 -74.87
CA THR N 166 -8.43 -13.50 -76.09
C THR N 166 -8.04 -12.07 -75.66
N THR N 167 -8.85 -11.44 -74.79
CA THR N 167 -8.59 -10.08 -74.21
C THR N 167 -9.16 -9.97 -72.79
N ASP N 168 -8.29 -9.67 -71.81
CA ASP N 168 -8.64 -9.10 -70.47
C ASP N 168 -7.48 -8.20 -70.00
N ASN N 169 -6.77 -7.54 -70.94
CA ASN N 169 -5.60 -6.67 -70.67
C ASN N 169 -6.04 -5.55 -69.73
N GLY N 170 -5.24 -5.25 -68.71
CA GLY N 170 -5.48 -4.12 -67.80
C GLY N 170 -4.58 -4.14 -66.57
N LYS N 171 -3.90 -3.03 -66.30
CA LYS N 171 -3.06 -2.80 -65.09
C LYS N 171 -3.93 -3.06 -63.85
N GLN N 172 -3.63 -4.12 -63.11
CA GLN N 172 -4.30 -4.45 -61.83
C GLN N 172 -4.19 -3.22 -60.92
N ASN N 173 -5.27 -2.45 -60.79
CA ASN N 173 -5.37 -1.23 -59.94
C ASN N 173 -5.07 -1.58 -58.47
N THR N 174 -4.18 -0.83 -57.82
CA THR N 174 -3.78 -1.06 -56.40
C THR N 174 -4.29 0.09 -55.52
N TYR N 175 -4.62 -0.21 -54.26
CA TYR N 175 -5.41 0.66 -53.32
C TYR N 175 -4.81 0.60 -51.92
N PHE N 176 -4.65 1.74 -51.23
CA PHE N 176 -4.10 1.81 -49.85
C PHE N 176 -5.16 1.28 -48.89
N SER N 177 -4.99 0.02 -48.48
CA SER N 177 -5.92 -0.74 -47.63
C SER N 177 -5.77 -0.27 -46.18
N SER N 178 -4.66 -0.62 -45.53
CA SER N 178 -4.36 -0.23 -44.14
C SER N 178 -3.92 1.24 -44.13
N LEU N 179 -4.13 1.91 -43.01
CA LEU N 179 -3.78 3.34 -42.82
C LEU N 179 -3.43 3.61 -41.36
N ASP N 180 -2.46 4.50 -41.14
CA ASP N 180 -2.04 4.95 -39.79
C ASP N 180 -3.24 5.60 -39.12
N ASN N 181 -3.42 5.31 -37.83
CA ASN N 181 -4.46 5.95 -37.01
C ASN N 181 -3.95 7.37 -36.74
N MET N 182 -4.88 8.29 -36.60
CA MET N 182 -4.61 9.71 -36.31
C MET N 182 -4.19 9.88 -34.85
N VAL N 183 -3.62 11.02 -34.47
CA VAL N 183 -2.72 11.09 -33.27
C VAL N 183 -3.48 11.16 -31.95
N ALA N 184 -4.81 11.14 -31.90
CA ALA N 184 -5.51 11.19 -30.60
C ALA N 184 -5.33 12.57 -29.96
N GLN N 185 -6.38 13.14 -29.38
CA GLN N 185 -6.28 14.37 -28.56
C GLN N 185 -5.43 14.13 -27.30
N GLY N 186 -4.84 15.21 -26.81
CA GLY N 186 -4.08 15.30 -25.54
C GLY N 186 -2.82 14.48 -25.60
N ASN N 187 -2.06 14.56 -26.68
CA ASN N 187 -0.94 13.62 -26.89
C ASN N 187 0.41 14.27 -26.86
N VAL N 188 0.53 15.59 -26.63
CA VAL N 188 1.86 16.27 -26.52
C VAL N 188 2.57 16.26 -27.88
N LEU N 189 2.74 17.44 -28.47
CA LEU N 189 3.59 17.60 -29.67
C LEU N 189 5.04 17.45 -29.25
N PRO N 190 5.75 16.34 -29.62
CA PRO N 190 7.07 16.00 -29.07
C PRO N 190 8.17 17.04 -29.35
N VAL N 191 9.34 16.90 -28.71
CA VAL N 191 10.59 17.70 -28.99
C VAL N 191 11.71 16.76 -29.48
N LEU N 192 12.41 17.14 -30.54
CA LEU N 192 13.50 16.30 -31.07
C LEU N 192 14.78 17.08 -30.85
N TYR N 193 15.76 16.49 -30.20
CA TYR N 193 16.97 17.21 -29.76
C TYR N 193 18.22 16.62 -30.42
N GLY N 194 18.68 17.16 -31.55
CA GLY N 194 19.78 16.56 -32.35
C GLY N 194 19.45 15.21 -33.00
N GLU N 195 19.82 14.99 -34.26
CA GLU N 195 19.87 13.67 -34.97
C GLU N 195 18.72 12.76 -34.57
N MET N 196 18.77 11.47 -34.85
CA MET N 196 17.65 10.55 -34.53
C MET N 196 16.65 10.50 -35.69
N ARG N 197 16.37 9.32 -36.25
CA ARG N 197 15.18 9.13 -37.11
C ARG N 197 13.94 9.06 -36.21
N VAL N 198 12.78 9.50 -36.71
CA VAL N 198 11.47 9.50 -35.98
C VAL N 198 10.46 8.70 -36.79
N GLY N 199 9.45 8.13 -36.15
CA GLY N 199 8.32 7.51 -36.86
C GLY N 199 7.44 8.57 -37.50
N SER N 200 6.11 8.41 -37.36
CA SER N 200 5.08 9.34 -37.91
C SER N 200 4.05 9.63 -36.83
N ARG N 201 3.60 10.88 -36.72
CA ARG N 201 2.42 11.28 -35.90
C ARG N 201 1.49 12.06 -36.84
N VAL N 202 0.59 11.32 -37.46
CA VAL N 202 -0.21 11.78 -38.63
C VAL N 202 -1.31 12.73 -38.14
N VAL N 203 -1.42 13.93 -38.70
CA VAL N 203 -2.38 14.97 -38.19
C VAL N 203 -3.44 15.31 -39.23
N SER N 204 -3.36 14.75 -40.45
CA SER N 204 -4.25 15.06 -41.60
C SER N 204 -4.05 14.02 -42.70
N GLN N 205 -4.81 12.94 -42.71
CA GLN N 205 -4.62 11.86 -43.71
C GLN N 205 -5.89 11.79 -44.53
N GLU N 206 -5.72 11.91 -45.84
CA GLU N 206 -6.85 12.06 -46.80
C GLU N 206 -6.61 11.18 -48.02
N ILE N 207 -7.62 10.43 -48.44
CA ILE N 207 -7.57 9.66 -49.70
C ILE N 207 -8.50 10.36 -50.68
N SER N 208 -7.91 11.08 -51.64
CA SER N 208 -8.55 11.50 -52.91
C SER N 208 -8.40 10.33 -53.91
N THR N 209 -9.51 9.88 -54.49
CA THR N 209 -9.53 8.86 -55.59
C THR N 209 -9.98 9.57 -56.88
N ALA N 210 -9.47 9.12 -58.04
CA ALA N 210 -9.82 9.60 -59.40
C ALA N 210 -10.12 8.39 -60.27
N ASP N 211 -10.50 8.61 -61.53
CA ASP N 211 -10.60 7.52 -62.54
C ASP N 211 -9.99 8.00 -63.87
N GLU N 212 -9.25 7.14 -64.58
CA GLU N 212 -8.70 7.40 -65.94
C GLU N 212 -9.16 6.30 -66.91
N GLY N 213 -10.19 5.52 -66.55
CA GLY N 213 -10.79 4.45 -67.35
C GLY N 213 -11.47 4.99 -68.61
N ASP N 214 -11.77 4.08 -69.54
CA ASP N 214 -12.27 4.36 -70.91
C ASP N 214 -13.71 4.93 -70.87
N GLY N 215 -13.87 6.20 -70.45
CA GLY N 215 -15.16 6.92 -70.36
C GLY N 215 -15.67 7.02 -68.92
N GLY N 216 -16.91 7.50 -68.72
CA GLY N 216 -17.57 7.64 -67.40
C GLY N 216 -18.70 6.64 -67.20
N GLN N 217 -18.48 5.60 -66.37
CA GLN N 217 -19.44 4.50 -66.05
C GLN N 217 -19.96 4.62 -64.62
N VAL N 218 -19.95 5.84 -64.09
CA VAL N 218 -20.44 6.20 -62.73
C VAL N 218 -21.41 7.36 -62.91
N VAL N 219 -22.68 7.14 -62.56
CA VAL N 219 -23.76 8.15 -62.69
C VAL N 219 -24.26 8.45 -61.27
N VAL N 220 -24.36 9.73 -60.94
CA VAL N 220 -24.86 10.22 -59.63
C VAL N 220 -25.90 11.31 -59.90
N ILE N 221 -27.00 11.31 -59.15
CA ILE N 221 -28.10 12.31 -59.28
C ILE N 221 -28.23 13.03 -57.92
N GLY N 222 -28.32 14.36 -57.95
CA GLY N 222 -28.52 15.22 -56.76
C GLY N 222 -27.28 15.23 -55.89
N MET O 1 17.76 -18.13 56.08
CA MET O 1 16.73 -18.03 57.15
C MET O 1 15.40 -17.57 56.53
N LYS O 2 14.27 -17.85 57.19
CA LYS O 2 12.92 -17.66 56.63
C LYS O 2 11.92 -17.32 57.74
N THR O 3 12.22 -16.31 58.56
CA THR O 3 11.30 -15.80 59.61
C THR O 3 11.66 -14.36 59.96
N PHE O 4 10.64 -13.54 60.23
CA PHE O 4 10.73 -12.13 60.67
C PHE O 4 10.13 -12.00 62.08
N ARG O 5 10.89 -11.47 63.04
CA ARG O 5 10.55 -11.45 64.50
C ARG O 5 10.79 -10.08 65.15
N TRP O 6 11.12 -9.04 64.40
CA TRP O 6 11.43 -7.69 64.97
C TRP O 6 10.14 -6.99 65.43
N LYS O 7 10.28 -5.87 66.16
CA LYS O 7 9.16 -5.07 66.73
C LYS O 7 8.63 -4.12 65.66
N VAL O 8 7.33 -3.79 65.74
CA VAL O 8 6.64 -2.79 64.86
C VAL O 8 6.01 -1.71 65.75
N LYS O 9 6.17 -0.45 65.35
CA LYS O 9 5.64 0.75 66.05
C LYS O 9 4.14 0.84 65.78
N PRO O 10 3.38 1.73 66.48
CA PRO O 10 1.94 1.83 66.31
C PRO O 10 1.50 2.11 64.86
N GLY O 11 2.12 3.09 64.22
CA GLY O 11 1.76 3.57 62.86
C GLY O 11 2.18 2.58 61.79
N MET O 12 1.29 1.63 61.45
CA MET O 12 1.40 0.78 60.23
C MET O 12 0.02 0.68 59.55
N ASP O 13 0.02 0.56 58.23
CA ASP O 13 -1.18 0.60 57.36
C ASP O 13 -1.35 -0.76 56.67
N VAL O 14 -2.59 -1.23 56.57
CA VAL O 14 -2.94 -2.49 55.83
C VAL O 14 -3.97 -2.12 54.74
N ALA O 15 -3.45 -1.77 53.55
CA ALA O 15 -4.21 -1.60 52.28
C ALA O 15 -4.64 -2.99 51.80
N SER O 16 -5.92 -3.14 51.39
CA SER O 16 -6.51 -4.46 51.04
C SER O 16 -6.75 -4.56 49.54
N VAL O 17 -7.60 -3.67 48.98
CA VAL O 17 -7.89 -3.50 47.53
C VAL O 17 -8.00 -4.88 46.83
N PRO O 18 -9.05 -5.68 47.13
CA PRO O 18 -9.26 -6.99 46.47
C PRO O 18 -9.52 -6.94 44.97
N SER O 19 -9.07 -7.98 44.26
CA SER O 19 -9.21 -8.15 42.79
C SER O 19 -10.63 -8.64 42.47
N VAL O 20 -11.30 -7.94 41.55
CA VAL O 20 -12.69 -8.22 41.10
C VAL O 20 -12.74 -7.96 39.58
N ARG O 21 -13.27 -8.90 38.80
CA ARG O 21 -13.52 -8.70 37.35
C ARG O 21 -14.84 -7.95 37.19
N LYS O 22 -14.79 -6.62 37.20
CA LYS O 22 -15.96 -5.72 37.00
C LYS O 22 -16.09 -5.43 35.50
N VAL O 23 -17.25 -5.72 34.91
CA VAL O 23 -17.52 -5.49 33.47
C VAL O 23 -18.64 -4.46 33.33
N ARG O 24 -18.31 -3.25 32.86
CA ARG O 24 -19.29 -2.15 32.64
C ARG O 24 -18.83 -1.29 31.47
N PHE O 25 -19.79 -0.74 30.71
CA PHE O 25 -19.54 0.17 29.57
C PHE O 25 -20.15 1.53 29.90
N GLY O 26 -19.34 2.60 29.82
CA GLY O 26 -19.73 3.96 30.20
C GLY O 26 -20.19 4.00 31.64
N ASP O 27 -21.45 4.40 31.88
CA ASP O 27 -22.09 4.43 33.23
C ASP O 27 -23.38 3.62 33.17
N GLY O 28 -23.29 2.36 32.73
CA GLY O 28 -24.43 1.43 32.67
C GLY O 28 -24.38 0.42 33.80
N TYR O 29 -25.26 -0.59 33.73
CA TYR O 29 -25.27 -1.80 34.58
C TYR O 29 -23.86 -2.38 34.64
N SER O 30 -23.40 -2.73 35.86
CA SER O 30 -22.04 -3.26 36.15
C SER O 30 -22.16 -4.67 36.75
N GLN O 31 -21.53 -5.66 36.11
CA GLN O 31 -21.38 -7.04 36.63
C GLN O 31 -20.05 -7.15 37.37
N ARG O 32 -20.04 -7.74 38.56
CA ARG O 32 -18.80 -8.02 39.33
C ARG O 32 -18.68 -9.54 39.58
N ALA O 33 -17.45 -10.03 39.65
CA ALA O 33 -17.10 -11.43 39.98
C ALA O 33 -15.98 -11.43 41.01
N PRO O 34 -15.78 -12.55 41.75
CA PRO O 34 -14.71 -12.61 42.75
C PRO O 34 -13.28 -12.52 42.18
N ALA O 35 -13.14 -12.42 40.85
CA ALA O 35 -11.87 -12.62 40.12
C ALA O 35 -11.31 -14.01 40.42
N GLY O 36 -10.07 -14.11 40.93
CA GLY O 36 -9.39 -15.40 41.20
C GLY O 36 -9.78 -16.05 42.52
N LEU O 37 -8.92 -16.94 43.02
CA LEU O 37 -9.17 -17.75 44.23
C LEU O 37 -8.69 -16.98 45.47
N ASN O 38 -7.41 -16.59 45.52
CA ASN O 38 -6.85 -15.74 46.60
C ASN O 38 -7.23 -14.27 46.33
N ALA O 39 -8.49 -13.92 46.66
CA ALA O 39 -9.21 -12.67 46.27
C ALA O 39 -8.36 -11.44 46.56
N ASN O 40 -7.70 -11.38 47.74
CA ASN O 40 -6.80 -10.26 48.14
C ASN O 40 -5.62 -10.79 48.96
N LEU O 41 -4.46 -10.18 48.73
CA LEU O 41 -3.16 -10.57 49.34
C LEU O 41 -2.69 -9.44 50.28
N LYS O 42 -3.49 -8.40 50.52
CA LYS O 42 -3.15 -7.26 51.44
C LYS O 42 -1.73 -6.73 51.23
N THR O 43 -1.40 -5.59 51.83
CA THR O 43 -0.07 -4.94 51.76
C THR O 43 0.15 -4.09 53.01
N TYR O 44 1.14 -4.51 53.80
CA TYR O 44 1.49 -3.96 55.14
C TYR O 44 2.57 -2.91 54.94
N SER O 45 2.20 -1.62 55.04
CA SER O 45 3.14 -0.48 55.12
C SER O 45 3.61 -0.35 56.57
N VAL O 46 4.75 -0.97 56.89
CA VAL O 46 5.23 -1.12 58.30
C VAL O 46 6.43 -0.20 58.50
N THR O 47 6.76 0.03 59.78
CA THR O 47 7.99 0.73 60.23
C THR O 47 8.62 -0.06 61.40
N LEU O 48 9.94 0.10 61.57
CA LEU O 48 10.78 -0.74 62.44
C LEU O 48 11.97 0.12 62.93
N SER O 49 12.06 0.38 64.23
CA SER O 49 13.12 1.19 64.90
C SER O 49 14.11 0.24 65.58
N VAL O 50 15.42 0.39 65.34
CA VAL O 50 16.49 -0.53 65.84
C VAL O 50 17.80 0.23 65.98
N PRO O 51 18.61 -0.02 67.05
CA PRO O 51 19.95 0.58 67.17
C PRO O 51 20.94 0.14 66.08
N ARG O 52 22.09 0.82 65.98
CA ARG O 52 23.14 0.61 64.95
C ARG O 52 23.64 -0.85 64.94
N GLU O 53 23.57 -1.55 66.08
CA GLU O 53 24.14 -2.91 66.25
C GLU O 53 23.31 -3.90 65.40
N GLU O 54 21.99 -3.90 65.59
CA GLU O 54 21.04 -4.89 64.99
C GLU O 54 20.59 -4.41 63.60
N ALA O 55 20.89 -3.15 63.24
CA ALA O 55 20.60 -2.57 61.91
C ALA O 55 21.27 -3.40 60.81
N THR O 56 22.56 -3.74 60.98
CA THR O 56 23.35 -4.54 60.00
C THR O 56 22.66 -5.90 59.77
N VAL O 57 22.25 -6.59 60.84
CA VAL O 57 21.67 -7.97 60.80
C VAL O 57 20.33 -7.96 60.03
N LEU O 58 19.40 -7.06 60.39
CA LEU O 58 18.03 -7.01 59.78
C LEU O 58 18.14 -6.62 58.30
N GLU O 59 19.04 -5.68 57.96
CA GLU O 59 19.25 -5.21 56.57
C GLU O 59 19.89 -6.35 55.75
N SER O 60 20.88 -7.06 56.32
CA SER O 60 21.56 -8.22 55.68
C SER O 60 20.56 -9.31 55.34
N PHE O 61 19.59 -9.56 56.23
CA PHE O 61 18.44 -10.49 56.02
C PHE O 61 17.61 -10.02 54.82
N LEU O 62 17.23 -8.74 54.79
CA LEU O 62 16.37 -8.16 53.73
C LEU O 62 17.08 -8.24 52.37
N GLU O 63 18.41 -8.09 52.32
CA GLU O 63 19.23 -8.18 51.09
C GLU O 63 19.38 -9.64 50.64
N GLU O 64 19.57 -10.56 51.60
CA GLU O 64 19.59 -12.04 51.40
C GLU O 64 18.35 -12.46 50.60
N HIS O 65 17.20 -11.84 50.88
CA HIS O 65 15.90 -12.11 50.22
C HIS O 65 15.82 -11.34 48.90
N GLY O 66 15.74 -10.01 48.96
CA GLY O 66 15.89 -9.10 47.81
C GLY O 66 14.78 -9.23 46.79
N GLY O 67 13.53 -8.86 47.15
CA GLY O 67 12.38 -8.82 46.22
C GLY O 67 11.81 -10.20 45.89
N TRP O 68 12.64 -11.12 45.42
CA TRP O 68 12.27 -12.56 45.33
C TRP O 68 12.49 -13.20 46.71
N LYS O 69 12.34 -14.52 46.83
CA LYS O 69 12.60 -15.32 48.05
C LYS O 69 11.76 -14.78 49.22
N SER O 70 10.45 -15.07 49.22
CA SER O 70 9.51 -14.68 50.30
C SER O 70 9.93 -15.33 51.61
N PHE O 71 9.53 -14.73 52.74
CA PHE O 71 9.83 -15.18 54.12
C PHE O 71 8.54 -15.24 54.96
N LEU O 72 8.61 -15.97 56.07
CA LEU O 72 7.51 -16.09 57.08
C LEU O 72 7.47 -14.82 57.93
N TRP O 73 6.28 -14.48 58.43
CA TRP O 73 6.03 -13.30 59.31
C TRP O 73 4.61 -13.40 59.86
N THR O 74 4.45 -13.19 61.16
CA THR O 74 3.14 -13.10 61.85
C THR O 74 2.84 -11.63 62.11
N PRO O 75 1.82 -11.03 61.45
CA PRO O 75 1.55 -9.60 61.59
C PRO O 75 1.07 -9.28 63.01
N PRO O 76 1.43 -8.12 63.60
CA PRO O 76 0.92 -7.70 64.91
C PRO O 76 -0.55 -7.25 64.84
N TYR O 77 -1.23 -7.56 63.73
CA TYR O 77 -2.58 -7.05 63.37
C TYR O 77 -3.63 -8.16 63.44
N GLU O 78 -3.30 -9.39 63.04
CA GLU O 78 -4.29 -10.50 62.92
C GLU O 78 -3.83 -11.77 63.64
N TRP O 79 -2.51 -11.96 63.83
CA TRP O 79 -1.91 -13.12 64.55
C TRP O 79 -2.13 -14.41 63.75
N ARG O 80 -2.13 -14.33 62.41
CA ARG O 80 -2.00 -15.50 61.51
C ARG O 80 -0.71 -15.34 60.71
N GLN O 81 0.16 -16.37 60.74
CA GLN O 81 1.45 -16.39 60.02
C GLN O 81 1.21 -16.53 58.51
N ILE O 82 1.96 -15.76 57.71
CA ILE O 82 1.86 -15.70 56.21
C ILE O 82 3.25 -15.61 55.59
N LYS O 83 3.30 -15.81 54.27
CA LYS O 83 4.48 -15.66 53.40
C LYS O 83 4.41 -14.28 52.73
N VAL O 84 5.31 -13.36 53.06
CA VAL O 84 5.35 -12.00 52.46
C VAL O 84 6.72 -11.80 51.81
N THR O 85 6.81 -10.85 50.87
CA THR O 85 8.06 -10.42 50.20
C THR O 85 8.16 -8.89 50.23
N CYS O 86 9.39 -8.37 50.41
CA CYS O 86 9.64 -6.92 50.58
C CYS O 86 10.21 -6.34 49.29
N ALA O 87 9.65 -5.19 48.86
CA ALA O 87 9.91 -4.48 47.60
C ALA O 87 10.86 -3.31 47.82
N LYS O 88 10.74 -2.56 48.93
CA LYS O 88 11.41 -1.24 49.14
C LYS O 88 12.45 -1.27 50.28
N TRP O 89 11.99 -1.33 51.53
CA TRP O 89 12.80 -1.09 52.76
C TRP O 89 13.76 0.10 52.58
N SER O 90 13.20 1.30 52.48
CA SER O 90 13.90 2.58 52.75
C SER O 90 14.34 2.62 54.22
N SER O 91 15.49 3.22 54.53
CA SER O 91 15.99 3.44 55.92
C SER O 91 16.46 4.90 56.10
N ARG O 92 16.06 5.52 57.21
CA ARG O 92 16.53 6.87 57.67
C ARG O 92 17.42 6.63 58.89
N VAL O 93 18.72 6.97 58.82
CA VAL O 93 19.69 6.75 59.95
C VAL O 93 19.75 8.03 60.80
N SER O 94 19.75 7.86 62.12
CA SER O 94 20.01 8.91 63.14
C SER O 94 21.34 8.61 63.81
N MET O 95 21.76 9.42 64.79
CA MET O 95 23.11 9.28 65.40
C MET O 95 23.12 8.18 66.46
N LEU O 96 21.96 7.64 66.85
CA LEU O 96 21.84 6.52 67.84
C LEU O 96 21.17 5.27 67.21
N ARG O 97 19.96 5.42 66.66
CA ARG O 97 19.13 4.32 66.10
C ARG O 97 18.79 4.62 64.63
N VAL O 98 18.15 3.67 63.92
CA VAL O 98 17.71 3.81 62.49
C VAL O 98 16.25 3.39 62.36
N GLU O 99 15.49 4.04 61.45
CA GLU O 99 14.04 3.81 61.22
C GLU O 99 13.84 3.27 59.80
N PHE O 100 13.24 2.08 59.68
CA PHE O 100 12.97 1.40 58.38
C PHE O 100 11.50 1.55 58.02
N SER O 101 11.21 2.06 56.82
CA SER O 101 9.88 1.97 56.15
C SER O 101 9.94 0.83 55.14
N ALA O 102 9.26 -0.27 55.44
CA ALA O 102 9.24 -1.48 54.60
C ALA O 102 7.81 -1.70 54.09
N GLU O 103 7.67 -2.39 52.94
CA GLU O 103 6.36 -2.76 52.34
C GLU O 103 6.29 -4.28 52.17
N PHE O 104 5.36 -4.95 52.85
CA PHE O 104 5.19 -6.42 52.79
C PHE O 104 3.91 -6.74 52.04
N GLU O 105 4.03 -7.49 50.96
CA GLU O 105 2.92 -7.91 50.06
C GLU O 105 2.85 -9.44 50.11
N GLN O 106 1.92 -10.01 50.90
CA GLN O 106 1.87 -11.47 51.13
C GLN O 106 1.65 -12.17 49.79
N VAL O 107 2.30 -13.32 49.60
CA VAL O 107 2.26 -14.12 48.33
C VAL O 107 1.60 -15.48 48.64
N VAL O 108 0.99 -16.11 47.63
CA VAL O 108 0.34 -17.45 47.73
C VAL O 108 1.43 -18.50 48.00
N ASN O 109 2.62 -18.32 47.42
CA ASN O 109 3.79 -19.24 47.52
C ASN O 109 4.40 -19.17 48.93
#